data_5XTB
#
_entry.id   5XTB
#
_cell.length_a   1
_cell.length_b   1
_cell.length_c   1
_cell.angle_alpha   90
_cell.angle_beta   90
_cell.angle_gamma   90
#
_symmetry.space_group_name_H-M   'P 1'
#
loop_
_entity.id
_entity.type
_entity.pdbx_description
1 polymer 'NADH dehydrogenase [ubiquinone] flavoprotein 1, mitochondrial'
2 polymer 'NADH dehydrogenase [ubiquinone] iron-sulfur protein 8, mitochondrial'
3 polymer 'NADH dehydrogenase [ubiquinone] iron-sulfur protein 7, mitochondrial'
4 polymer 'NADH dehydrogenase [ubiquinone] 1 alpha subcomplex subunit 6'
5 polymer 'NADH dehydrogenase [ubiquinone] 1 alpha subcomplex subunit 2'
6 polymer 'Acyl carrier protein, mitochondrial'
7 polymer 'NADH dehydrogenase [ubiquinone] 1 alpha subcomplex subunit 5'
8 polymer 'NADH dehydrogenase [ubiquinone] 1 alpha subcomplex subunit 7'
9 polymer 'NADH dehydrogenase [ubiquinone] 1 alpha subcomplex subunit 9, mitochondrial'
10 polymer 'NADH dehydrogenase [ubiquinone] flavoprotein 3, mitochondrial'
11 polymer 'NADH dehydrogenase [ubiquinone] iron-sulfur protein 4, mitochondrial'
12 polymer 'NADH-ubiquinone oxidoreductase 75 kDa subunit, mitochondrial'
13 polymer 'NADH dehydrogenase [ubiquinone] 1 alpha subcomplex subunit 12'
14 polymer 'NADH dehydrogenase [ubiquinone] flavoprotein 2, mitochondrial'
15 polymer 'NADH dehydrogenase [ubiquinone] iron-sulfur protein 3, mitochondrial'
16 polymer 'NADH dehydrogenase [ubiquinone] iron-sulfur protein 2, mitochondrial'
17 polymer 'NADH dehydrogenase [ubiquinone] iron-sulfur protein 6, mitochondrial'
18 polymer 'NADH dehydrogenase [ubiquinone] 1 alpha subcomplex subunit 13'
19 non-polymer 'IRON/SULFUR CLUSTER'
20 non-polymer 'FLAVIN MONONUCLEOTIDE'
21 non-polymer 'S-[2-({N-[(2R)-2-hydroxy-3,3-dimethyl-4-(phosphonooxy)butanoyl]-beta-alanyl}amino)ethyl] dodecanethioate'
22 non-polymer 'NADPH DIHYDRO-NICOTINAMIDE-ADENINE-DINUCLEOTIDE PHOSPHATE'
23 non-polymer 'FE2/S2 (INORGANIC) CLUSTER'
#
loop_
_entity_poly.entity_id
_entity_poly.type
_entity_poly.pdbx_seq_one_letter_code
_entity_poly.pdbx_strand_id
1 'polypeptide(L)'
;PKKTSFGSLKDEDRIFTNLYGRHDWRLKGSLSRGDWYKTKEILLKGPDWILGEIKTSGLRGRGGAGFPTGLKWSFMNKPS
DGRPKYLVVNADEGEPGTCKDREILRHDPHKLLEGCLVGGRAMGARAAYIYIRGEFYNEASNLQVAIREAYEAGLIGKNA
CGSGYDFDVFVVRGAGAYICGEETALIESIEGKQGKPRLKPPFPADVGVFGCPTTVANVETVAVSPTICRRGGTWFAGFG
RERNSGTKLFNISGHVNHPCTVEEEMSVPLKELIEKHAGGVTGGWDNLLAVIPGGSSTPLIPKSVCETVLMDFDALVQAQ
TGLGTAAVIVMDRSTDIVKAIARLIEFYKHESCGQCTPCREGVDWMNKVMARFVRGDARPAEIDSLWEISKQIEGHTICA
LGDGAAWPVQGLIRHFRPELEERMQRFAQQH
;
A
2 'polypeptide(L)'
;TYKYVNMQDPEMDMKSVTDRAARTLLWTELFRGLGMTLSYLFREPATINYPFEKGPLSPRFRGEHALRRYPSGEERCIAC
KLCEAICPAQAITIEAEPRADGSRRTTRYDIDMTKCIYCGFCQEACPVDAIVEGPNFEFSTETHEELLYNKEKLLNNGDK
WEAEIAANIQADYLYR
;
B
3 'polypeptide(L)'
;SRGEYVVAKLDDLVNWARRSSLWPMTFGLACCAVEMMHMAAPRYDMDRFGVVFRASPRQSDVMIVAGTLTNKMAPALRKV
YDQMPEPRYVVSMGSCANGGGYYHYSYSVVRGCDRIVPVDIYIPGCPPTAEALLYGILQLQRKIKRERRLQIWYRR
;
C
4 'polypeptide(L)'
;FVKPIFSRDMNEAKRRVRELYRAWYREVPNTVHQFQLDITVKMGRDKVREMFMKNAHVTDPRVVDLLVIKGKIELEETIK
VWKQRTHVMRFFHETEAPRPKDFLSKFYVGHDP
;
E
5 'polypeptide(L)'
;LGLREIRIHLCQRSPGSQGVRDFIEKRYVELKKANPDLPILIRECSDVQPKLWARYAFGQETNVPLNNFSADQVTRALEN
VLS
;
F
6 'polypeptide(L)'
;PPLTLEGIQDRVLYVLKLYDKIDPEKLSVNSHFMKDLGLDSLDQVEIIMAMEDEFGFEIPDIDAEKLMCPQEIVDYIADK
KDVYE
;
G
7 'polypeptide(L)'
;LKKTTGLVGLAVCNTPHERLRILYTKILDVLEEIPKNAAYRKYTEQITNEKLAMVKAEPDVKKLEDQLQGGQLEEVILQA
EHELNLARKMREWKLWEPLVEEPPADQWKWPI
;
H
8 'polypeptide(L)'
;ATRLIQRLRNWASGHDLQGKLQLRYQEISKRTQPPPKLPVGPSHKLSNNYYCTRDGRRESVPPSIIMSSQKALVSGKPAE
SSAVAATEKKAVTPAPPIKRWELSSDQPYL
;
I
9 'polypeptide(L)'
;LMPHGKGGRSSVSGIVATVFGATGFLGRYVVNHLGRMGSQVIIPYRCDKYDIMHLRPMGDLGQLLFLEWDARDKDSIRRV
VQHSNVVINLIGRDWETKNFDFEDVFVKIPQAIAQLSKEAGVEKFIHVSHLNANIKSSSRYLRNKAVGEKVVRDAFPEAI
IVKPSDIFGREDRFLNSFASMHRFGPIPLGSLGWKTVKQPVYVVDVSKGIVNAVKDPDANGKSFAFVGPSRYLLFHLVKY
IFAVAHRLFLPFPLPLFAYRWVARVFEISPFEPWITRDKVERMHITDMKLPHLPGLEDLGIQATPLELKAIEVLRRHRTY
RWLSAEIEDVKPAKTVN
;
J
10 'polypeptide(L)' LQHHDYSTYTFLDLNLELSKFRMPQPSSGRESP K
11 'polypeptide(L)'
;KLDITTLTGVPEEHIKTRKVRIFVPARNNMQSGVNNTKKWKMEFDTRERWENPLMGWASTADPLSNMVLTFSTKEDAVSF
AEKNGWSYDIEERKVPKPKSKSYGANFSWNKRTRVSTK
;
L
12 'polypeptide(L)'
;NLIEVFVDGQSVMVEPGTTVLQACEKVGMQIPRFCYHERLSVAGNCRMCLVEIEKAPKVVAACAMPVMKGWNILTNSEKS
KKAREGVMEFLLANHPLDCPICDQGGECDLQDQSMMFGNDRSRFLEGKRAVEDKNIGPLVKTIMTRCIQCTRCIRFASEI
AGVDDLGTTGRGNDMQVGTYIEKMFMSELSGNIIDICPVGALTSKPYAFTARPWETRKTESIDVMDAVGSNIVVSTRTGE
VMRILPRMHEDINEEWISDKTRFAYDGLKRQRLTEPMVRNEKGLLTYTSWEDALSRVAGMLQSFQGKDVAAIAGGLVDAE
ALVALKDLLNRVDSDTLCTEEVFPTAGAGTDLRSNYLLNTTIAGVEEADVVLLVGTNPRFEAPLFNARIRKSWLHNDLKV
ALIGSPVDLTYTYDHLGDSPKILQDIASGSHPFSQVLKEAKKPMVVLGSSALQRNDGAAILAAVSSIAQKIRMTSGVTGD
WKVMNILHRIASQVAALDLGYKPGVEAIRKNPPKVLFLLGADGGCITRQDLPKDCFIIYQGHHGDVGAPIADVILPGAAY
TEKSATYVNTEGRAQQTKVAVTPPGLAREDWKIIRALSEIAGMTLPYDTLDQVRNRLEEVSPNLVRYDDIEGANYFQQAN
ELSKLVNQQLLADPLVPPQLTIKDFYMTDSISRASQTMAKCVKAVTE
;
M
13 'polypeptide(L)'
;ELVQVLKRGLQQITGHGGLRGYLRVFFRTNDAKVGTLVGEDKYGNKYYEDNKQFFGRHRWVVYTTEMNGKNTFWDVDGSM
VPPEWHRWLHSMTDDPPTTKPLTARKFIWTNHKFNVTGTPEQYVPYSTTRKKIQEWIPPSTPY
;
N
14 'polypeptide(L)'
;GALFVHRDTPENNPDTPFDFTPENYKRIEAIVKNYPEGHKAAAVLPVLDLAQRQNGWLPISAMNKVAEVLQVPPMRVYEV
ATFYTMYNRKPVGKYHIQVCTTTPCMLRNSDSILEAIQKKLGIKVGETTPDKLFTLIEVECLGACVNAPMVQINDNYYED
LTAKDIEEIIDELKAGKIPKPGPRSGRFSCEPAGGLTSLTEPPKGPGFGVQA
;
O
15 'polypeptide(L)'
;TRPTVRPRNDVAHKQLSAFGEYVAEILPKYVQQVQVSCFNELEVCIHPDGVIPVLTFLRDHTNAQFKSLVDLTAVDVPTR
QNRFEIVYNLLSLRFNSRIRVKTYTDELTPIESAVSVFKAANWYEREIWDMFGVFFANHPDLRRILTDYGFEGHPFRKDF
PLSGYVELRYDDEVKRVVAEPVELAQEFRKFDLNSPWEAFPVYRQPPE
;
P
16 'polypeptide(L)'
;NITLNFGPQHPAAHGVLRLVMELSGEMVRKCDPHIGLLHRGTEKLIEYKTYLQALPYFDRLDYVSMMCNEQAYSLAVEKL
LNIRPPPRAQWIRVLFGEITRLLNHIMAVTTHALDLGAMTPFFWLFEEREKMFEFYERVSGARMHAAYIRPGGVHQDLPL
GLMDDIYQFSKNFSLRLDELEELLTNNRIWRNRTIDIGVVTAEEALNYGFSGVMLRGSGIQWDLRKTQPYDVYDQVEFDV
PVGSRGDCYDRYLCRVEEMRQSLRIIAQCLNKMPPGEIKVDDAKVSPPKRAEMKTSMESLIHHFKLYTEGYQVPPGATYT
AIEAPKGEFGVYLVSDGSSRPYRCKIKAPGFAHLAGLDKMSKGHMLADVVAIIGTQDIVFGEVDR
;
Q
17 'polypeptide(L)'
;GVRVSPTGEKVTHTGQVYDDKDYRRIRFVGRQKEVNENFAIDLIAEQPVSEVETRVIACDGGGGALGHPKVYINLDKETK
TGTCGYCGLQFRQHH
;
T
18 'polypeptide(L)' KQDMPPPGGYGPIDYKRNLPRR W
#
# COMPACT_ATOMS: atom_id res chain seq x y z
N PRO A 1 -34.32 -59.67 -31.84
CA PRO A 1 -34.60 -59.62 -30.41
C PRO A 1 -33.36 -59.96 -29.57
N LYS A 2 -33.36 -61.14 -28.97
CA LYS A 2 -32.18 -61.63 -28.27
C LYS A 2 -31.07 -61.90 -29.27
N LYS A 3 -31.46 -62.20 -30.50
CA LYS A 3 -30.51 -62.45 -31.58
C LYS A 3 -30.06 -61.15 -32.26
N THR A 4 -29.02 -61.26 -33.08
CA THR A 4 -28.51 -60.13 -33.83
C THR A 4 -29.54 -59.61 -34.83
N SER A 5 -30.52 -60.45 -35.15
CA SER A 5 -31.61 -60.03 -36.03
C SER A 5 -32.39 -58.87 -35.43
N PHE A 6 -32.63 -57.86 -36.25
CA PHE A 6 -33.41 -56.69 -35.85
C PHE A 6 -34.02 -55.99 -37.06
N GLY A 7 -34.84 -54.97 -36.78
CA GLY A 7 -35.59 -54.29 -37.81
C GLY A 7 -37.01 -54.82 -37.82
N SER A 8 -37.21 -55.93 -37.15
CA SER A 8 -38.54 -56.50 -36.95
C SER A 8 -39.35 -55.68 -35.94
N LEU A 9 -40.65 -55.58 -36.18
CA LEU A 9 -41.59 -54.98 -35.23
C LEU A 9 -43.03 -55.14 -35.69
N LYS A 10 -43.83 -55.87 -34.91
CA LYS A 10 -45.25 -55.98 -35.20
C LYS A 10 -45.96 -54.64 -34.99
N ASP A 11 -46.94 -54.35 -35.83
CA ASP A 11 -47.72 -53.12 -35.69
C ASP A 11 -48.50 -53.14 -34.38
N GLU A 12 -48.96 -54.32 -33.97
CA GLU A 12 -49.74 -54.41 -32.75
C GLU A 12 -48.84 -54.46 -31.52
N ASP A 13 -47.54 -54.64 -31.75
CA ASP A 13 -46.56 -54.42 -30.69
C ASP A 13 -46.51 -52.94 -30.33
N ARG A 14 -46.84 -52.10 -31.29
CA ARG A 14 -46.84 -50.66 -31.05
C ARG A 14 -47.90 -50.31 -30.02
N ILE A 15 -47.53 -49.50 -29.04
CA ILE A 15 -48.49 -48.93 -28.13
C ILE A 15 -49.25 -47.82 -28.84
N PHE A 16 -48.63 -47.29 -29.90
CA PHE A 16 -49.13 -46.09 -30.54
C PHE A 16 -49.66 -46.34 -31.95
N THR A 17 -50.96 -46.58 -32.03
CA THR A 17 -51.66 -46.48 -33.30
C THR A 17 -52.18 -45.06 -33.42
N ASN A 18 -52.64 -44.69 -34.60
CA ASN A 18 -53.04 -43.33 -34.91
C ASN A 18 -51.83 -42.41 -34.70
N LEU A 19 -50.65 -42.98 -34.91
CA LEU A 19 -49.41 -42.23 -34.84
C LEU A 19 -49.34 -41.22 -35.97
N TYR A 20 -49.95 -41.58 -37.09
CA TYR A 20 -49.87 -40.75 -38.29
C TYR A 20 -51.15 -39.97 -38.56
N GLY A 21 -52.09 -40.01 -37.61
CA GLY A 21 -53.30 -39.23 -37.74
C GLY A 21 -54.52 -39.93 -38.30
N ARG A 22 -54.32 -41.13 -38.85
CA ARG A 22 -55.42 -41.92 -39.38
C ARG A 22 -56.23 -42.55 -38.26
N HIS A 23 -57.48 -42.88 -38.57
CA HIS A 23 -58.41 -43.50 -37.63
C HIS A 23 -58.73 -42.61 -36.43
N ASP A 24 -58.95 -41.33 -36.72
CA ASP A 24 -59.59 -40.40 -35.78
C ASP A 24 -58.83 -40.15 -34.49
N TRP A 25 -58.23 -38.97 -34.38
CA TRP A 25 -57.56 -38.55 -33.16
C TRP A 25 -58.59 -38.11 -32.14
N ARG A 26 -59.83 -37.98 -32.58
CA ARG A 26 -60.94 -37.59 -31.71
C ARG A 26 -61.21 -38.70 -30.71
N LEU A 27 -61.78 -38.35 -29.56
CA LEU A 27 -61.93 -39.26 -28.43
C LEU A 27 -62.73 -40.49 -28.84
N LYS A 28 -63.62 -40.30 -29.83
CA LYS A 28 -64.35 -41.42 -30.40
C LYS A 28 -63.38 -42.39 -31.06
N GLY A 29 -62.29 -41.87 -31.60
CA GLY A 29 -61.27 -42.70 -32.20
C GLY A 29 -60.50 -43.45 -31.14
N SER A 30 -60.32 -42.83 -29.98
CA SER A 30 -59.70 -43.50 -28.85
C SER A 30 -60.57 -44.64 -28.37
N LEU A 31 -61.89 -44.43 -28.44
CA LEU A 31 -62.85 -45.46 -28.08
C LEU A 31 -62.89 -46.59 -29.10
N SER A 32 -62.65 -46.25 -30.36
CA SER A 32 -62.55 -47.25 -31.41
C SER A 32 -61.34 -48.11 -31.14
N ARG A 33 -60.35 -47.49 -30.52
CA ARG A 33 -59.15 -48.18 -30.08
C ARG A 33 -59.38 -48.81 -28.71
N GLY A 34 -60.51 -48.45 -28.09
CA GLY A 34 -60.89 -49.01 -26.82
C GLY A 34 -59.92 -48.62 -25.74
N ASP A 35 -59.40 -47.40 -25.87
CA ASP A 35 -58.29 -46.95 -25.04
C ASP A 35 -58.61 -46.88 -23.55
N TRP A 36 -59.88 -46.67 -23.22
CA TRP A 36 -60.27 -46.54 -21.82
C TRP A 36 -60.44 -47.91 -21.16
N TYR A 37 -60.38 -48.95 -22.00
CA TYR A 37 -60.27 -50.36 -21.64
C TYR A 37 -60.53 -50.67 -20.15
N LYS A 38 -59.49 -50.88 -19.35
CA LYS A 38 -59.72 -51.11 -17.93
C LYS A 38 -59.19 -49.94 -17.12
N THR A 39 -59.20 -48.75 -17.71
CA THR A 39 -58.52 -47.60 -17.13
C THR A 39 -59.06 -47.23 -15.75
N LYS A 40 -60.36 -47.44 -15.55
CA LYS A 40 -60.96 -47.23 -14.24
C LYS A 40 -60.46 -48.23 -13.19
N GLU A 41 -60.18 -49.45 -13.64
CA GLU A 41 -59.84 -50.53 -12.72
C GLU A 41 -58.38 -50.50 -12.33
N ILE A 42 -57.59 -49.75 -13.08
CA ILE A 42 -56.18 -49.59 -12.77
C ILE A 42 -56.06 -48.86 -11.44
N LEU A 43 -57.06 -48.04 -11.15
CA LEU A 43 -57.08 -47.23 -9.95
C LEU A 43 -57.59 -48.03 -8.75
N LEU A 44 -56.76 -48.94 -8.27
CA LEU A 44 -57.11 -49.77 -7.12
C LEU A 44 -56.68 -49.13 -5.81
N LYS A 45 -56.46 -47.82 -5.86
CA LYS A 45 -56.14 -47.02 -4.69
C LYS A 45 -54.87 -47.49 -3.98
N GLY A 46 -53.82 -47.72 -4.76
CA GLY A 46 -52.53 -48.12 -4.24
C GLY A 46 -51.55 -48.34 -5.36
N PRO A 47 -50.51 -47.51 -5.43
CA PRO A 47 -49.51 -47.52 -6.50
C PRO A 47 -48.81 -48.87 -6.62
N ASP A 48 -47.60 -48.94 -6.07
CA ASP A 48 -46.93 -50.21 -5.83
C ASP A 48 -46.88 -51.10 -7.06
N TRP A 49 -47.92 -51.90 -7.22
CA TRP A 49 -47.98 -52.93 -8.25
C TRP A 49 -47.98 -52.35 -9.65
N ILE A 50 -48.51 -51.14 -9.80
CA ILE A 50 -48.41 -50.43 -11.06
C ILE A 50 -47.03 -49.80 -11.16
N LEU A 51 -46.58 -49.23 -10.06
CA LEU A 51 -45.25 -48.65 -9.97
C LEU A 51 -44.19 -49.73 -10.12
N GLY A 52 -44.50 -50.92 -9.59
CA GLY A 52 -43.63 -52.06 -9.74
C GLY A 52 -43.75 -52.65 -11.13
N GLU A 53 -44.92 -52.50 -11.72
CA GLU A 53 -45.15 -52.93 -13.09
C GLU A 53 -44.24 -52.14 -14.01
N ILE A 54 -44.04 -50.88 -13.65
CA ILE A 54 -43.17 -50.01 -14.42
C ILE A 54 -41.70 -50.27 -14.08
N LYS A 55 -41.43 -50.59 -12.81
CA LYS A 55 -40.07 -51.00 -12.43
C LYS A 55 -39.65 -52.27 -13.16
N THR A 56 -40.61 -53.16 -13.35
CA THR A 56 -40.38 -54.41 -14.06
C THR A 56 -40.46 -54.21 -15.57
N SER A 57 -40.99 -53.07 -15.97
CA SER A 57 -41.14 -52.77 -17.39
C SER A 57 -39.79 -52.61 -18.06
N GLY A 58 -38.79 -52.25 -17.25
CA GLY A 58 -37.44 -52.04 -17.75
C GLY A 58 -37.33 -50.66 -18.36
N LEU A 59 -38.41 -49.90 -18.23
CA LEU A 59 -38.51 -48.58 -18.83
C LEU A 59 -37.56 -47.57 -18.20
N ARG A 60 -36.95 -46.76 -19.05
CA ARG A 60 -36.03 -45.71 -18.61
C ARG A 60 -36.39 -44.39 -19.27
N GLY A 61 -35.63 -43.35 -18.97
CA GLY A 61 -35.97 -42.00 -19.39
C GLY A 61 -36.12 -41.78 -20.89
N ARG A 62 -37.25 -41.23 -21.29
CA ARG A 62 -37.50 -40.91 -22.68
C ARG A 62 -37.25 -39.43 -22.95
N GLY A 63 -36.69 -38.74 -21.97
CA GLY A 63 -36.30 -37.35 -22.13
C GLY A 63 -34.92 -37.24 -22.75
N GLY A 64 -34.36 -38.40 -23.06
CA GLY A 64 -33.01 -38.49 -23.60
C GLY A 64 -32.04 -38.74 -22.48
N ALA A 65 -32.51 -38.53 -21.25
CA ALA A 65 -31.71 -38.84 -20.07
C ALA A 65 -31.48 -40.34 -19.94
N GLY A 66 -32.50 -41.13 -20.30
CA GLY A 66 -32.39 -42.57 -20.25
C GLY A 66 -32.47 -43.08 -18.83
N PHE A 67 -32.87 -42.21 -17.90
CA PHE A 67 -32.95 -42.57 -16.49
C PHE A 67 -34.20 -43.41 -16.17
N PRO A 68 -34.01 -44.54 -15.47
CA PRO A 68 -35.09 -45.49 -15.14
C PRO A 68 -36.30 -44.82 -14.52
N THR A 69 -37.34 -44.68 -15.34
CA THR A 69 -38.54 -43.94 -14.97
C THR A 69 -39.34 -44.60 -13.86
N GLY A 70 -39.19 -45.90 -13.70
CA GLY A 70 -39.87 -46.59 -12.62
C GLY A 70 -39.29 -46.16 -11.29
N LEU A 71 -37.97 -46.15 -11.21
CA LEU A 71 -37.31 -45.62 -10.03
C LEU A 71 -37.53 -44.12 -9.92
N LYS A 72 -37.57 -43.42 -11.04
CA LYS A 72 -37.77 -42.00 -10.95
C LYS A 72 -39.13 -41.72 -10.32
N TRP A 73 -40.12 -42.54 -10.63
CA TRP A 73 -41.46 -42.28 -10.17
C TRP A 73 -41.69 -42.92 -8.82
N SER A 74 -40.76 -43.78 -8.42
CA SER A 74 -40.83 -44.45 -7.14
C SER A 74 -40.72 -43.43 -6.01
N PHE A 75 -40.13 -42.28 -6.34
CA PHE A 75 -39.78 -41.28 -5.34
C PHE A 75 -40.99 -40.69 -4.62
N MET A 76 -42.13 -40.66 -5.31
CA MET A 76 -43.31 -40.02 -4.73
C MET A 76 -44.32 -41.08 -4.28
N ASN A 77 -43.80 -42.13 -3.66
CA ASN A 77 -44.61 -42.99 -2.80
C ASN A 77 -44.62 -42.36 -1.41
N LYS A 78 -43.83 -41.31 -1.28
CA LYS A 78 -43.63 -40.57 -0.04
C LYS A 78 -44.91 -39.86 0.40
N PRO A 79 -45.08 -39.69 1.72
CA PRO A 79 -46.24 -38.95 2.24
C PRO A 79 -46.25 -37.51 1.75
N SER A 80 -47.43 -36.97 1.51
CA SER A 80 -47.58 -35.68 0.82
C SER A 80 -47.09 -34.49 1.64
N ASP A 81 -46.89 -34.71 2.94
CA ASP A 81 -46.33 -33.70 3.85
C ASP A 81 -47.31 -32.54 4.07
N GLY A 82 -48.53 -32.70 3.54
CA GLY A 82 -49.56 -31.69 3.72
C GLY A 82 -49.46 -30.60 2.67
N ARG A 83 -48.45 -30.70 1.83
CA ARG A 83 -48.35 -29.87 0.63
C ARG A 83 -48.78 -30.67 -0.58
N PRO A 84 -49.73 -30.14 -1.36
CA PRO A 84 -50.30 -30.91 -2.47
C PRO A 84 -49.25 -31.30 -3.49
N LYS A 85 -49.37 -32.49 -4.05
CA LYS A 85 -48.37 -33.00 -4.97
C LYS A 85 -48.92 -32.97 -6.38
N TYR A 86 -48.02 -32.66 -7.30
CA TYR A 86 -48.33 -32.47 -8.70
C TYR A 86 -47.37 -33.22 -9.60
N LEU A 87 -47.81 -33.44 -10.82
CA LEU A 87 -47.01 -34.10 -11.81
C LEU A 87 -46.89 -33.09 -12.93
N VAL A 88 -45.68 -32.83 -13.39
CA VAL A 88 -45.48 -31.88 -14.47
C VAL A 88 -45.04 -32.66 -15.69
N VAL A 89 -45.71 -32.45 -16.81
CA VAL A 89 -45.39 -33.17 -18.02
C VAL A 89 -44.56 -32.30 -18.94
N ASN A 90 -43.48 -32.86 -19.47
CA ASN A 90 -42.59 -32.11 -20.34
C ASN A 90 -43.03 -32.23 -21.78
N ALA A 91 -43.54 -31.13 -22.32
CA ALA A 91 -43.99 -31.10 -23.69
C ALA A 91 -43.33 -29.98 -24.46
N ASP A 92 -42.10 -29.62 -24.07
CA ASP A 92 -41.44 -28.50 -24.73
C ASP A 92 -41.21 -28.69 -26.22
N GLU A 93 -40.78 -29.87 -26.66
CA GLU A 93 -40.63 -30.06 -28.11
C GLU A 93 -40.01 -28.84 -28.80
N GLY A 94 -39.01 -28.24 -28.16
CA GLY A 94 -38.18 -27.25 -28.82
C GLY A 94 -36.86 -27.80 -29.34
N GLU A 95 -36.51 -29.01 -28.89
CA GLU A 95 -35.23 -29.62 -29.20
C GLU A 95 -35.08 -30.02 -30.67
N PRO A 96 -33.94 -29.70 -31.28
CA PRO A 96 -33.64 -30.02 -32.68
C PRO A 96 -33.59 -31.51 -32.98
N GLY A 97 -34.03 -31.90 -34.16
CA GLY A 97 -34.02 -33.29 -34.57
C GLY A 97 -35.23 -34.01 -34.05
N THR A 98 -36.07 -33.28 -33.34
CA THR A 98 -37.17 -33.85 -32.61
C THR A 98 -38.50 -33.27 -33.07
N CYS A 99 -39.23 -34.07 -33.88
CA CYS A 99 -40.60 -33.76 -34.25
C CYS A 99 -41.50 -34.85 -33.69
N LYS A 100 -40.92 -35.73 -32.88
CA LYS A 100 -41.60 -36.90 -32.35
C LYS A 100 -42.80 -36.60 -31.45
N ASP A 101 -42.70 -35.57 -30.62
CA ASP A 101 -43.74 -35.30 -29.65
C ASP A 101 -44.82 -34.42 -30.27
N ARG A 102 -44.59 -34.03 -31.52
CA ARG A 102 -45.49 -33.13 -32.22
C ARG A 102 -46.70 -33.88 -32.78
N GLU A 103 -46.45 -34.80 -33.71
CA GLU A 103 -47.54 -35.52 -34.35
C GLU A 103 -48.34 -36.36 -33.38
N ILE A 104 -47.72 -36.82 -32.30
CA ILE A 104 -48.43 -37.62 -31.32
C ILE A 104 -49.49 -36.80 -30.62
N LEU A 105 -49.13 -35.60 -30.21
CA LEU A 105 -50.09 -34.68 -29.63
C LEU A 105 -51.12 -34.30 -30.67
N ARG A 106 -50.68 -34.20 -31.93
CA ARG A 106 -51.59 -33.81 -33.01
C ARG A 106 -52.58 -34.91 -33.39
N HIS A 107 -52.27 -36.15 -33.00
CA HIS A 107 -53.04 -37.28 -33.49
C HIS A 107 -53.36 -38.34 -32.44
N ASP A 108 -52.90 -38.15 -31.21
CA ASP A 108 -53.19 -39.11 -30.16
C ASP A 108 -53.04 -38.53 -28.76
N PRO A 109 -53.78 -37.43 -28.47
CA PRO A 109 -53.72 -36.85 -27.12
C PRO A 109 -54.13 -37.83 -26.03
N HIS A 110 -55.05 -38.71 -26.38
CA HIS A 110 -55.82 -39.45 -25.39
C HIS A 110 -54.99 -40.46 -24.60
N LYS A 111 -54.09 -41.19 -25.27
CA LYS A 111 -53.27 -42.17 -24.56
C LYS A 111 -52.40 -41.44 -23.56
N LEU A 112 -51.97 -40.25 -23.96
CA LEU A 112 -51.20 -39.39 -23.08
C LEU A 112 -52.05 -38.94 -21.91
N LEU A 113 -53.34 -38.71 -22.15
CA LEU A 113 -54.22 -38.24 -21.10
C LEU A 113 -54.43 -39.33 -20.07
N GLU A 114 -54.58 -40.55 -20.57
CA GLU A 114 -54.70 -41.72 -19.72
C GLU A 114 -53.40 -41.91 -18.97
N GLY A 115 -52.30 -41.48 -19.59
CA GLY A 115 -51.01 -41.53 -18.94
C GLY A 115 -50.89 -40.52 -17.82
N CYS A 116 -51.51 -39.36 -18.02
CA CYS A 116 -51.56 -38.33 -16.99
C CYS A 116 -52.40 -38.81 -15.82
N LEU A 117 -53.41 -39.62 -16.14
CA LEU A 117 -54.32 -40.09 -15.12
C LEU A 117 -53.68 -41.20 -14.30
N VAL A 118 -53.07 -42.17 -14.98
CA VAL A 118 -52.42 -43.29 -14.32
C VAL A 118 -51.17 -42.85 -13.56
N GLY A 119 -50.32 -42.10 -14.24
CA GLY A 119 -49.07 -41.66 -13.66
C GLY A 119 -49.31 -40.58 -12.63
N GLY A 120 -50.36 -39.78 -12.84
CA GLY A 120 -50.72 -38.78 -11.88
C GLY A 120 -51.24 -39.44 -10.62
N ARG A 121 -51.97 -40.54 -10.79
CA ARG A 121 -52.39 -41.34 -9.65
C ARG A 121 -51.20 -41.96 -8.93
N ALA A 122 -50.21 -42.39 -9.70
CA ALA A 122 -49.06 -43.07 -9.12
C ALA A 122 -48.29 -42.12 -8.22
N MET A 123 -48.31 -40.85 -8.59
CA MET A 123 -47.66 -39.82 -7.79
C MET A 123 -48.53 -39.38 -6.63
N GLY A 124 -49.81 -39.74 -6.67
CA GLY A 124 -50.75 -39.24 -5.70
C GLY A 124 -51.01 -37.76 -5.98
N ALA A 125 -50.77 -37.38 -7.23
CA ALA A 125 -50.80 -35.97 -7.62
C ALA A 125 -52.17 -35.34 -7.44
N ARG A 126 -52.19 -34.12 -6.91
CA ARG A 126 -53.40 -33.35 -6.84
C ARG A 126 -53.91 -32.97 -8.22
N ALA A 127 -53.00 -32.82 -9.16
CA ALA A 127 -53.36 -32.38 -10.50
C ALA A 127 -52.52 -33.04 -11.58
N ALA A 128 -52.54 -32.46 -12.77
CA ALA A 128 -51.72 -32.94 -13.88
C ALA A 128 -51.28 -31.79 -14.79
N TYR A 129 -50.33 -30.99 -14.31
CA TYR A 129 -49.82 -29.86 -15.07
C TYR A 129 -49.09 -30.29 -16.33
N ILE A 130 -49.31 -29.56 -17.41
CA ILE A 130 -48.69 -29.86 -18.70
C ILE A 130 -48.26 -28.60 -19.43
N TYR A 131 -46.96 -28.51 -19.72
CA TYR A 131 -46.42 -27.38 -20.46
C TYR A 131 -46.75 -27.45 -21.95
N ILE A 132 -46.84 -26.29 -22.59
CA ILE A 132 -46.99 -26.18 -24.03
C ILE A 132 -46.09 -25.04 -24.56
N ARG A 133 -45.55 -25.18 -25.77
CA ARG A 133 -44.84 -24.07 -26.41
C ARG A 133 -45.75 -22.94 -26.82
N GLY A 134 -45.19 -21.73 -26.86
CA GLY A 134 -45.89 -20.59 -27.42
C GLY A 134 -45.93 -20.70 -28.92
N GLU A 135 -44.95 -21.41 -29.48
CA GLU A 135 -44.99 -21.78 -30.88
C GLU A 135 -46.13 -22.75 -31.09
N PHE A 136 -46.45 -23.49 -30.04
CA PHE A 136 -47.57 -24.43 -30.05
C PHE A 136 -48.84 -23.82 -29.48
N TYR A 137 -49.47 -22.92 -30.22
CA TYR A 137 -50.76 -22.38 -29.80
C TYR A 137 -51.92 -23.23 -30.29
N ASN A 138 -51.95 -23.44 -31.59
CA ASN A 138 -53.07 -24.12 -32.24
C ASN A 138 -53.20 -25.54 -31.72
N GLU A 139 -52.04 -26.18 -31.52
CA GLU A 139 -51.97 -27.52 -30.98
C GLU A 139 -52.42 -27.57 -29.52
N ALA A 140 -52.15 -26.50 -28.79
CA ALA A 140 -52.59 -26.39 -27.41
C ALA A 140 -54.10 -26.34 -27.37
N SER A 141 -54.68 -25.76 -28.41
CA SER A 141 -56.12 -25.69 -28.53
C SER A 141 -56.71 -27.03 -28.91
N ASN A 142 -56.03 -27.77 -29.78
CA ASN A 142 -56.47 -29.13 -30.11
C ASN A 142 -56.51 -30.00 -28.87
N LEU A 143 -55.41 -29.98 -28.13
CA LEU A 143 -55.35 -30.75 -26.90
C LEU A 143 -56.35 -30.25 -25.88
N GLN A 144 -56.60 -28.94 -25.87
CA GLN A 144 -57.57 -28.39 -24.92
C GLN A 144 -58.97 -28.90 -25.26
N VAL A 145 -59.22 -29.09 -26.55
CA VAL A 145 -60.49 -29.62 -27.02
C VAL A 145 -60.64 -31.07 -26.61
N ALA A 146 -59.61 -31.88 -26.86
CA ALA A 146 -59.68 -33.29 -26.51
C ALA A 146 -59.80 -33.46 -25.00
N ILE A 147 -59.15 -32.57 -24.25
CA ILE A 147 -59.24 -32.58 -22.80
C ILE A 147 -60.64 -32.18 -22.35
N ARG A 148 -61.27 -31.26 -23.08
CA ARG A 148 -62.65 -30.90 -22.80
C ARG A 148 -63.58 -32.08 -23.04
N GLU A 149 -63.28 -32.86 -24.07
CA GLU A 149 -64.03 -34.06 -24.34
C GLU A 149 -63.83 -35.05 -23.20
N ALA A 150 -62.64 -35.04 -22.62
CA ALA A 150 -62.38 -35.84 -21.42
C ALA A 150 -63.18 -35.33 -20.22
N TYR A 151 -63.43 -34.02 -20.16
CA TYR A 151 -64.24 -33.48 -19.08
C TYR A 151 -65.71 -33.86 -19.21
N GLU A 152 -66.25 -33.68 -20.41
CA GLU A 152 -67.68 -33.86 -20.62
C GLU A 152 -68.07 -35.30 -20.34
N ALA A 153 -67.15 -36.20 -20.67
CA ALA A 153 -67.38 -37.62 -20.43
C ALA A 153 -67.18 -37.96 -18.95
N GLY A 154 -66.57 -37.03 -18.21
CA GLY A 154 -66.39 -37.21 -16.78
C GLY A 154 -65.22 -38.14 -16.53
N LEU A 155 -64.54 -38.50 -17.62
CA LEU A 155 -63.40 -39.39 -17.56
C LEU A 155 -62.28 -38.73 -16.78
N ILE A 156 -62.28 -37.40 -16.80
CA ILE A 156 -61.44 -36.62 -15.91
C ILE A 156 -62.36 -35.79 -15.03
N GLY A 157 -61.86 -34.68 -14.51
CA GLY A 157 -62.63 -33.89 -13.57
C GLY A 157 -62.74 -34.63 -12.25
N LYS A 158 -63.80 -34.37 -11.51
CA LYS A 158 -63.99 -34.99 -10.21
C LYS A 158 -64.09 -36.51 -10.35
N ASN A 159 -63.43 -37.22 -9.42
CA ASN A 159 -63.38 -38.67 -9.42
C ASN A 159 -62.70 -39.28 -10.64
N ALA A 160 -62.96 -38.70 -11.81
CA ALA A 160 -62.31 -39.08 -13.06
C ALA A 160 -62.58 -40.53 -13.45
N CYS A 161 -63.52 -40.72 -14.37
CA CYS A 161 -63.93 -42.03 -14.89
C CYS A 161 -64.12 -43.06 -13.78
N GLY A 162 -64.82 -42.67 -12.73
CA GLY A 162 -65.03 -43.57 -11.60
C GLY A 162 -63.83 -43.62 -10.67
N SER A 163 -63.82 -44.63 -9.80
CA SER A 163 -62.76 -44.88 -8.83
C SER A 163 -62.72 -43.85 -7.69
N GLY A 164 -63.17 -42.64 -7.95
CA GLY A 164 -63.28 -41.62 -6.92
C GLY A 164 -62.02 -40.81 -6.64
N TYR A 165 -60.98 -41.04 -7.43
CA TYR A 165 -59.74 -40.28 -7.32
C TYR A 165 -59.83 -38.97 -8.09
N ASP A 166 -59.89 -37.85 -7.38
CA ASP A 166 -60.01 -36.55 -8.03
C ASP A 166 -58.81 -36.26 -8.92
N PHE A 167 -59.05 -35.66 -10.08
CA PHE A 167 -57.99 -35.50 -11.07
C PHE A 167 -58.31 -34.38 -12.06
N ASP A 168 -57.68 -33.24 -11.87
CA ASP A 168 -57.79 -32.13 -12.83
C ASP A 168 -56.44 -31.82 -13.49
N VAL A 169 -56.41 -31.92 -14.81
CA VAL A 169 -55.24 -31.50 -15.57
C VAL A 169 -55.18 -29.98 -15.61
N PHE A 170 -53.98 -29.44 -15.79
CA PHE A 170 -53.82 -28.01 -16.00
C PHE A 170 -52.84 -27.70 -17.11
N VAL A 171 -53.39 -27.37 -18.28
CA VAL A 171 -52.60 -26.98 -19.43
C VAL A 171 -51.84 -25.71 -19.12
N VAL A 172 -50.58 -25.65 -19.53
CA VAL A 172 -49.72 -24.50 -19.27
C VAL A 172 -48.91 -24.19 -20.51
N ARG A 173 -48.62 -22.91 -20.75
CA ARG A 173 -47.83 -22.51 -21.92
C ARG A 173 -46.68 -21.58 -21.55
N GLY A 174 -45.67 -21.52 -22.43
CA GLY A 174 -44.54 -20.63 -22.24
C GLY A 174 -44.36 -19.71 -23.44
N ALA A 175 -43.16 -19.19 -23.63
CA ALA A 175 -42.88 -18.30 -24.76
C ALA A 175 -41.39 -18.21 -25.10
N GLY A 176 -40.93 -19.06 -26.02
CA GLY A 176 -39.58 -18.96 -26.53
C GLY A 176 -38.55 -19.57 -25.61
N ALA A 177 -39.02 -20.17 -24.52
CA ALA A 177 -38.14 -20.75 -23.53
C ALA A 177 -37.73 -22.18 -23.87
N TYR A 178 -36.77 -22.31 -24.79
CA TYR A 178 -36.22 -23.59 -25.14
C TYR A 178 -35.54 -24.26 -23.95
N ILE A 179 -35.03 -23.44 -23.04
CA ILE A 179 -34.35 -23.96 -21.86
C ILE A 179 -35.35 -24.63 -20.91
N CYS A 180 -36.62 -24.27 -21.01
CA CYS A 180 -37.65 -24.95 -20.24
C CYS A 180 -37.80 -26.38 -20.74
N GLY A 181 -37.12 -26.70 -21.83
CA GLY A 181 -36.98 -28.06 -22.27
C GLY A 181 -36.27 -28.83 -21.17
N GLU A 182 -35.36 -28.16 -20.47
CA GLU A 182 -34.83 -28.72 -19.24
C GLU A 182 -35.96 -28.70 -18.24
N GLU A 183 -36.08 -29.77 -17.46
CA GLU A 183 -37.23 -29.93 -16.59
C GLU A 183 -37.35 -28.88 -15.48
N THR A 184 -36.26 -28.65 -14.74
CA THR A 184 -36.30 -27.74 -13.61
C THR A 184 -36.47 -26.29 -14.06
N ALA A 185 -36.03 -26.01 -15.28
CA ALA A 185 -36.26 -24.70 -15.86
C ALA A 185 -37.74 -24.48 -16.09
N LEU A 186 -38.44 -25.56 -16.39
CA LEU A 186 -39.86 -25.49 -16.65
C LEU A 186 -40.60 -25.41 -15.32
N ILE A 187 -40.08 -26.11 -14.33
CA ILE A 187 -40.64 -26.05 -12.98
C ILE A 187 -40.53 -24.62 -12.50
N GLU A 188 -39.43 -23.97 -12.87
CA GLU A 188 -39.26 -22.55 -12.61
C GLU A 188 -40.20 -21.71 -13.44
N SER A 189 -40.54 -22.20 -14.64
CA SER A 189 -41.45 -21.45 -15.50
C SER A 189 -42.84 -21.39 -14.90
N ILE A 190 -43.21 -22.43 -14.15
CA ILE A 190 -44.55 -22.47 -13.57
C ILE A 190 -44.81 -21.36 -12.53
N GLU A 191 -43.80 -20.96 -11.77
CA GLU A 191 -44.04 -19.96 -10.73
C GLU A 191 -44.13 -18.55 -11.29
N GLY A 192 -43.79 -18.39 -12.57
CA GLY A 192 -43.63 -17.07 -13.15
C GLY A 192 -42.20 -16.60 -12.97
N LYS A 193 -41.41 -17.44 -12.33
CA LYS A 193 -39.97 -17.25 -12.25
C LYS A 193 -39.36 -17.53 -13.63
N GLN A 194 -38.29 -16.84 -13.96
CA GLN A 194 -37.62 -17.08 -15.24
C GLN A 194 -37.01 -18.48 -15.28
N GLY A 195 -37.01 -19.08 -16.47
CA GLY A 195 -36.64 -20.48 -16.62
C GLY A 195 -35.15 -20.75 -16.58
N LYS A 196 -34.49 -20.24 -15.55
CA LYS A 196 -33.10 -20.55 -15.32
C LYS A 196 -33.03 -21.58 -14.20
N PRO A 197 -32.56 -22.79 -14.54
CA PRO A 197 -32.70 -23.97 -13.70
C PRO A 197 -32.04 -23.86 -12.34
N ARG A 198 -32.66 -24.47 -11.35
CA ARG A 198 -32.12 -24.51 -10.01
C ARG A 198 -30.90 -25.41 -9.90
N LEU A 199 -29.97 -25.02 -9.04
CA LEU A 199 -28.98 -25.95 -8.53
C LEU A 199 -29.75 -26.85 -7.57
N LYS A 200 -29.30 -28.08 -7.36
CA LYS A 200 -30.11 -28.99 -6.58
C LYS A 200 -29.41 -29.63 -5.41
N PRO A 201 -29.12 -28.84 -4.36
CA PRO A 201 -28.99 -29.45 -3.04
C PRO A 201 -30.31 -30.15 -2.64
N PRO A 202 -31.48 -29.58 -3.05
CA PRO A 202 -32.67 -30.42 -3.01
C PRO A 202 -33.19 -30.75 -4.41
N PHE A 203 -33.56 -32.01 -4.61
CA PHE A 203 -34.08 -32.50 -5.88
C PHE A 203 -35.51 -31.99 -6.09
N PRO A 204 -35.99 -31.96 -7.36
CA PRO A 204 -37.35 -31.50 -7.64
C PRO A 204 -38.38 -32.32 -6.88
N ALA A 205 -38.05 -33.58 -6.66
CA ALA A 205 -38.89 -34.48 -5.88
C ALA A 205 -39.07 -33.98 -4.45
N ASP A 206 -38.04 -33.33 -3.91
CA ASP A 206 -38.10 -32.84 -2.54
C ASP A 206 -38.90 -31.54 -2.47
N VAL A 207 -38.65 -30.65 -3.42
CA VAL A 207 -39.38 -29.39 -3.51
C VAL A 207 -39.77 -29.10 -4.96
N GLY A 208 -41.05 -28.80 -5.17
CA GLY A 208 -41.54 -28.53 -6.51
C GLY A 208 -42.02 -27.11 -6.69
N VAL A 209 -43.03 -26.95 -7.55
CA VAL A 209 -43.59 -25.64 -7.81
C VAL A 209 -44.23 -25.06 -6.56
N PHE A 210 -44.08 -23.75 -6.39
CA PHE A 210 -44.70 -23.02 -5.29
C PHE A 210 -44.24 -23.52 -3.92
N GLY A 211 -43.20 -24.34 -3.93
CA GLY A 211 -42.68 -24.94 -2.71
C GLY A 211 -43.35 -26.27 -2.40
N CYS A 212 -44.50 -26.49 -3.03
CA CYS A 212 -45.20 -27.76 -2.91
C CYS A 212 -44.58 -28.81 -3.81
N PRO A 213 -44.34 -30.02 -3.27
CA PRO A 213 -43.56 -31.05 -3.97
C PRO A 213 -44.17 -31.47 -5.29
N THR A 214 -43.33 -31.74 -6.28
CA THR A 214 -43.81 -32.14 -7.60
C THR A 214 -42.97 -33.23 -8.22
N THR A 215 -43.21 -33.45 -9.50
CA THR A 215 -42.49 -34.46 -10.27
C THR A 215 -42.63 -34.13 -11.74
N VAL A 216 -41.82 -34.78 -12.56
CA VAL A 216 -41.77 -34.49 -13.98
C VAL A 216 -41.57 -35.80 -14.74
N ALA A 217 -41.99 -35.85 -16.00
CA ALA A 217 -41.62 -36.96 -16.88
C ALA A 217 -41.78 -36.55 -18.33
N ASN A 218 -41.01 -37.16 -19.23
CA ASN A 218 -41.17 -36.88 -20.65
C ASN A 218 -42.48 -37.47 -21.14
N VAL A 219 -43.01 -36.90 -22.20
CA VAL A 219 -44.31 -37.28 -22.73
C VAL A 219 -44.37 -38.76 -23.11
N GLU A 220 -43.27 -39.29 -23.64
CA GLU A 220 -43.26 -40.66 -24.12
C GLU A 220 -43.46 -41.65 -22.98
N THR A 221 -42.70 -41.46 -21.92
CA THR A 221 -42.76 -42.36 -20.78
C THR A 221 -44.14 -42.39 -20.14
N VAL A 222 -44.64 -41.20 -19.82
CA VAL A 222 -45.91 -41.09 -19.13
C VAL A 222 -47.07 -41.53 -20.04
N ALA A 223 -46.92 -41.39 -21.35
CA ALA A 223 -47.96 -41.85 -22.28
C ALA A 223 -47.97 -43.37 -22.42
N VAL A 224 -46.79 -43.98 -22.45
CA VAL A 224 -46.70 -45.43 -22.51
C VAL A 224 -47.11 -46.09 -21.19
N SER A 225 -46.98 -45.34 -20.09
CA SER A 225 -47.18 -45.91 -18.75
C SER A 225 -48.55 -46.58 -18.52
N PRO A 226 -49.67 -45.95 -18.90
CA PRO A 226 -50.91 -46.69 -18.65
C PRO A 226 -50.96 -48.06 -19.32
N THR A 227 -50.41 -48.15 -20.52
CA THR A 227 -50.38 -49.42 -21.23
C THR A 227 -49.40 -50.38 -20.56
N ILE A 228 -48.39 -49.83 -19.91
CA ILE A 228 -47.51 -50.65 -19.09
C ILE A 228 -48.30 -51.23 -17.93
N CYS A 229 -49.20 -50.42 -17.39
CA CYS A 229 -50.01 -50.82 -16.25
C CYS A 229 -51.14 -51.77 -16.64
N ARG A 230 -51.45 -51.82 -17.94
CA ARG A 230 -52.47 -52.74 -18.44
C ARG A 230 -51.83 -53.94 -19.11
N ARG A 231 -51.39 -53.78 -20.35
CA ARG A 231 -50.61 -54.83 -20.99
C ARG A 231 -49.36 -55.03 -20.15
N GLY A 232 -48.87 -56.26 -20.06
CA GLY A 232 -47.74 -56.55 -19.20
C GLY A 232 -46.52 -55.71 -19.53
N GLY A 233 -45.91 -55.13 -18.50
CA GLY A 233 -44.73 -54.31 -18.69
C GLY A 233 -43.52 -55.17 -18.98
N THR A 234 -43.62 -56.45 -18.62
CA THR A 234 -42.61 -57.42 -19.00
C THR A 234 -42.61 -57.64 -20.50
N TRP A 235 -43.80 -57.54 -21.09
CA TRP A 235 -43.95 -57.63 -22.53
C TRP A 235 -43.25 -56.46 -23.21
N PHE A 236 -43.29 -55.31 -22.54
CA PHE A 236 -42.54 -54.14 -22.95
C PHE A 236 -41.05 -54.39 -22.75
N ALA A 237 -40.74 -55.17 -21.73
CA ALA A 237 -39.35 -55.42 -21.35
C ALA A 237 -38.70 -56.43 -22.28
N GLY A 238 -39.50 -57.14 -23.04
CA GLY A 238 -38.98 -58.16 -23.93
C GLY A 238 -38.21 -57.63 -25.13
N PHE A 239 -38.62 -56.48 -25.63
CA PHE A 239 -37.99 -55.89 -26.83
C PHE A 239 -36.59 -55.36 -26.59
N GLY A 240 -35.72 -55.58 -27.58
CA GLY A 240 -34.38 -55.01 -27.56
C GLY A 240 -33.48 -55.66 -26.54
N ARG A 241 -32.40 -54.97 -26.21
CA ARG A 241 -31.50 -55.41 -25.15
C ARG A 241 -32.15 -55.11 -23.80
N GLU A 242 -31.75 -55.85 -22.76
CA GLU A 242 -32.45 -55.81 -21.48
C GLU A 242 -32.46 -54.42 -20.85
N ARG A 243 -31.31 -53.77 -20.77
CA ARG A 243 -31.24 -52.42 -20.24
C ARG A 243 -31.95 -51.45 -21.16
N ASN A 244 -31.99 -51.80 -22.44
CA ASN A 244 -32.66 -50.99 -23.44
C ASN A 244 -34.02 -51.58 -23.76
N SER A 245 -34.78 -51.90 -22.71
CA SER A 245 -36.09 -52.54 -22.88
C SER A 245 -37.11 -51.60 -23.51
N GLY A 246 -37.94 -52.14 -24.40
CA GLY A 246 -39.02 -51.39 -24.98
C GLY A 246 -38.84 -50.97 -26.42
N THR A 247 -39.35 -49.78 -26.74
CA THR A 247 -39.26 -49.22 -28.08
C THR A 247 -39.00 -47.73 -28.01
N LYS A 248 -38.53 -47.16 -29.13
CA LYS A 248 -38.22 -45.74 -29.18
C LYS A 248 -38.57 -45.17 -30.54
N LEU A 249 -39.04 -43.92 -30.56
CA LEU A 249 -39.31 -43.25 -31.81
C LEU A 249 -37.98 -42.97 -32.49
N PHE A 250 -37.92 -43.20 -33.80
CA PHE A 250 -36.70 -42.95 -34.55
C PHE A 250 -36.98 -41.88 -35.59
N ASN A 251 -36.53 -40.67 -35.30
CA ASN A 251 -36.72 -39.54 -36.19
C ASN A 251 -35.58 -39.39 -37.18
N ILE A 252 -35.61 -40.21 -38.24
CA ILE A 252 -34.67 -40.05 -39.33
C ILE A 252 -34.97 -38.71 -40.04
N SER A 253 -33.91 -37.96 -40.33
CA SER A 253 -34.06 -36.57 -40.79
C SER A 253 -32.85 -36.09 -41.58
N GLY A 254 -32.95 -34.89 -42.16
CA GLY A 254 -31.88 -34.35 -42.96
C GLY A 254 -31.86 -34.94 -44.35
N HIS A 255 -30.69 -34.92 -44.99
CA HIS A 255 -30.56 -35.44 -46.34
C HIS A 255 -30.85 -36.93 -46.42
N VAL A 256 -32.07 -37.28 -46.81
CA VAL A 256 -32.46 -38.66 -47.07
C VAL A 256 -33.72 -38.65 -47.92
N ASN A 257 -33.94 -39.71 -48.70
CA ASN A 257 -35.06 -39.76 -49.62
C ASN A 257 -36.41 -39.65 -48.93
N HIS A 258 -36.54 -40.32 -47.79
CA HIS A 258 -37.80 -40.33 -47.06
C HIS A 258 -37.64 -40.15 -45.56
N PRO A 259 -37.35 -38.91 -45.10
CA PRO A 259 -37.23 -38.67 -43.66
C PRO A 259 -38.55 -38.94 -42.95
N CYS A 260 -38.50 -39.47 -41.74
CA CYS A 260 -39.72 -39.88 -41.04
C CYS A 260 -39.51 -40.17 -39.57
N THR A 261 -40.62 -40.28 -38.84
CA THR A 261 -40.59 -40.80 -37.48
C THR A 261 -41.13 -42.22 -37.46
N VAL A 262 -40.38 -43.14 -36.87
CA VAL A 262 -40.83 -44.52 -36.75
C VAL A 262 -40.49 -45.09 -35.38
N GLU A 263 -41.52 -45.29 -34.56
CA GLU A 263 -41.32 -46.01 -33.31
C GLU A 263 -40.90 -47.42 -33.67
N GLU A 264 -39.92 -47.95 -32.95
CA GLU A 264 -39.32 -49.22 -33.36
C GLU A 264 -38.61 -49.87 -32.18
N GLU A 265 -38.25 -51.14 -32.35
CA GLU A 265 -37.50 -51.88 -31.35
C GLU A 265 -36.23 -51.12 -31.02
N MET A 266 -35.85 -51.10 -29.74
CA MET A 266 -34.77 -50.24 -29.27
C MET A 266 -33.45 -50.49 -29.97
N SER A 267 -33.17 -51.75 -30.31
CA SER A 267 -31.84 -52.12 -30.73
C SER A 267 -31.74 -52.60 -32.18
N VAL A 268 -32.39 -51.89 -33.09
CA VAL A 268 -32.18 -52.15 -34.51
C VAL A 268 -30.85 -51.53 -34.92
N PRO A 269 -30.16 -52.14 -35.90
CA PRO A 269 -28.96 -51.46 -36.39
C PRO A 269 -29.33 -50.12 -37.01
N LEU A 270 -28.48 -49.11 -36.81
CA LEU A 270 -28.81 -47.76 -37.21
C LEU A 270 -28.91 -47.62 -38.73
N LYS A 271 -28.11 -48.40 -39.45
CA LYS A 271 -28.12 -48.35 -40.90
C LYS A 271 -29.42 -48.92 -41.48
N GLU A 272 -30.04 -49.83 -40.73
CA GLU A 272 -31.20 -50.55 -41.21
C GLU A 272 -32.38 -49.62 -41.50
N LEU A 273 -32.75 -48.81 -40.52
CA LEU A 273 -33.90 -47.93 -40.68
C LEU A 273 -33.64 -46.92 -41.79
N ILE A 274 -32.37 -46.61 -41.99
CA ILE A 274 -31.96 -45.75 -43.09
C ILE A 274 -32.23 -46.46 -44.41
N GLU A 275 -31.95 -47.75 -44.44
CA GLU A 275 -32.13 -48.55 -45.64
C GLU A 275 -33.58 -49.01 -45.78
N LYS A 276 -34.37 -48.78 -44.74
CA LYS A 276 -35.75 -49.20 -44.73
C LYS A 276 -36.71 -48.01 -44.63
N HIS A 277 -36.96 -47.57 -43.40
CA HIS A 277 -37.95 -46.54 -43.14
C HIS A 277 -37.58 -45.22 -43.82
N ALA A 278 -36.29 -44.96 -43.92
CA ALA A 278 -35.81 -43.72 -44.53
C ALA A 278 -35.71 -43.81 -46.04
N GLY A 279 -35.66 -45.03 -46.56
CA GLY A 279 -35.62 -45.24 -47.99
C GLY A 279 -34.23 -45.06 -48.57
N GLY A 280 -33.27 -44.80 -47.69
CA GLY A 280 -31.90 -44.57 -48.11
C GLY A 280 -31.69 -43.13 -48.50
N VAL A 281 -30.46 -42.64 -48.29
CA VAL A 281 -30.12 -41.27 -48.63
C VAL A 281 -29.89 -41.10 -50.14
N THR A 282 -30.12 -39.89 -50.64
CA THR A 282 -29.95 -39.61 -52.06
C THR A 282 -28.49 -39.80 -52.46
N GLY A 283 -28.26 -40.45 -53.59
CA GLY A 283 -26.92 -40.76 -54.04
C GLY A 283 -26.42 -42.05 -53.42
N GLY A 284 -27.26 -42.65 -52.58
CA GLY A 284 -26.95 -43.91 -51.94
C GLY A 284 -26.27 -43.77 -50.60
N TRP A 285 -26.29 -44.85 -49.82
CA TRP A 285 -25.77 -44.87 -48.45
C TRP A 285 -24.27 -44.61 -48.40
N ASP A 286 -23.59 -44.88 -49.50
CA ASP A 286 -22.15 -44.73 -49.59
C ASP A 286 -21.68 -43.30 -49.35
N ASN A 287 -22.53 -42.33 -49.69
CA ASN A 287 -22.21 -40.92 -49.49
C ASN A 287 -22.11 -40.56 -48.02
N LEU A 288 -22.77 -41.33 -47.15
CA LEU A 288 -22.79 -40.99 -45.74
C LEU A 288 -21.41 -41.07 -45.10
N LEU A 289 -21.08 -40.06 -44.31
CA LEU A 289 -19.84 -40.05 -43.54
C LEU A 289 -20.13 -39.52 -42.14
N ALA A 290 -21.15 -38.67 -42.05
CA ALA A 290 -21.53 -38.07 -40.78
C ALA A 290 -23.04 -38.05 -40.59
N VAL A 291 -23.51 -38.82 -39.61
CA VAL A 291 -24.92 -38.84 -39.24
C VAL A 291 -25.00 -38.88 -37.73
N ILE A 292 -25.76 -37.97 -37.13
CA ILE A 292 -25.78 -37.86 -35.68
C ILE A 292 -27.04 -38.45 -35.03
N PRO A 293 -26.82 -39.42 -34.15
CA PRO A 293 -27.76 -39.87 -33.10
C PRO A 293 -27.99 -38.77 -32.09
N GLY A 294 -29.18 -38.73 -31.50
CA GLY A 294 -29.49 -37.73 -30.49
C GLY A 294 -30.03 -36.46 -31.12
N GLY A 295 -30.59 -35.60 -30.28
CA GLY A 295 -31.24 -34.39 -30.76
C GLY A 295 -30.30 -33.23 -31.02
N SER A 296 -29.40 -33.41 -31.99
CA SER A 296 -28.40 -32.40 -32.34
C SER A 296 -27.62 -31.96 -31.11
N SER A 297 -27.30 -32.93 -30.26
CA SER A 297 -26.67 -32.66 -28.97
C SER A 297 -25.49 -33.60 -28.73
N THR A 298 -25.73 -34.88 -28.99
CA THR A 298 -24.72 -35.91 -28.81
C THR A 298 -23.69 -35.90 -29.94
N PRO A 299 -22.47 -36.41 -29.67
CA PRO A 299 -21.35 -36.39 -30.62
C PRO A 299 -21.59 -37.19 -31.90
N LEU A 300 -21.00 -36.69 -32.98
CA LEU A 300 -21.21 -37.22 -34.33
C LEU A 300 -20.73 -38.65 -34.48
N ILE A 301 -21.41 -39.39 -35.36
CA ILE A 301 -21.02 -40.74 -35.70
C ILE A 301 -20.57 -40.90 -37.16
N PRO A 302 -19.29 -41.23 -37.35
CA PRO A 302 -18.68 -41.62 -38.63
C PRO A 302 -19.26 -42.93 -39.15
N LYS A 303 -19.27 -43.10 -40.47
CA LYS A 303 -19.95 -44.23 -41.08
C LYS A 303 -19.38 -45.57 -40.64
N SER A 304 -18.11 -45.60 -40.26
CA SER A 304 -17.46 -46.84 -39.88
C SER A 304 -18.02 -47.41 -38.58
N VAL A 305 -18.12 -46.57 -37.56
CA VAL A 305 -18.75 -46.96 -36.31
C VAL A 305 -20.27 -47.02 -36.48
N CYS A 306 -20.77 -46.30 -37.48
CA CYS A 306 -22.21 -46.25 -37.74
C CYS A 306 -22.81 -47.58 -38.19
N GLU A 307 -22.04 -48.37 -38.92
CA GLU A 307 -22.52 -49.64 -39.42
C GLU A 307 -22.80 -50.62 -38.30
N THR A 308 -22.05 -50.50 -37.22
CA THR A 308 -22.10 -51.45 -36.12
C THR A 308 -23.14 -51.09 -35.06
N VAL A 309 -23.34 -49.79 -34.84
CA VAL A 309 -24.18 -49.35 -33.73
C VAL A 309 -25.63 -49.75 -33.89
N LEU A 310 -26.21 -50.18 -32.78
CA LEU A 310 -27.64 -50.44 -32.70
C LEU A 310 -28.30 -49.20 -32.12
N MET A 311 -29.56 -48.96 -32.49
CA MET A 311 -30.23 -47.71 -32.14
C MET A 311 -30.40 -47.49 -30.63
N ASP A 312 -30.38 -48.57 -29.87
CA ASP A 312 -30.45 -48.45 -28.41
C ASP A 312 -29.25 -47.67 -27.90
N PHE A 313 -29.47 -46.85 -26.88
CA PHE A 313 -28.48 -45.86 -26.48
C PHE A 313 -27.18 -46.42 -25.90
N ASP A 314 -27.21 -47.64 -25.37
CA ASP A 314 -25.98 -48.24 -24.85
C ASP A 314 -24.96 -48.47 -25.98
N ALA A 315 -25.46 -48.87 -27.15
CA ALA A 315 -24.59 -49.04 -28.30
C ALA A 315 -24.02 -47.70 -28.71
N LEU A 316 -24.80 -46.66 -28.48
CA LEU A 316 -24.34 -45.30 -28.72
C LEU A 316 -23.25 -44.89 -27.73
N VAL A 317 -23.38 -45.35 -26.48
CA VAL A 317 -22.40 -45.06 -25.45
C VAL A 317 -21.07 -45.74 -25.75
N GLN A 318 -21.14 -46.92 -26.34
CA GLN A 318 -19.92 -47.56 -26.86
C GLN A 318 -19.41 -46.84 -28.10
N ALA A 319 -20.31 -46.12 -28.77
CA ALA A 319 -19.93 -45.24 -29.86
C ALA A 319 -19.61 -43.87 -29.31
N GLN A 320 -19.59 -43.77 -27.98
CA GLN A 320 -19.40 -42.50 -27.27
C GLN A 320 -20.46 -41.48 -27.64
N THR A 321 -21.72 -41.91 -27.56
CA THR A 321 -22.86 -41.08 -27.90
C THR A 321 -23.96 -41.22 -26.85
N GLY A 322 -24.61 -40.11 -26.50
CA GLY A 322 -25.72 -40.15 -25.56
C GLY A 322 -27.03 -40.47 -26.25
N LEU A 323 -28.09 -40.68 -25.48
CA LEU A 323 -29.39 -41.04 -26.04
C LEU A 323 -30.00 -39.89 -26.86
N GLY A 324 -30.10 -38.72 -26.25
CA GLY A 324 -30.52 -37.53 -26.96
C GLY A 324 -31.90 -37.63 -27.56
N THR A 325 -32.77 -38.38 -26.88
CA THR A 325 -34.11 -38.72 -27.37
C THR A 325 -34.03 -39.39 -28.74
N ALA A 326 -32.88 -40.01 -29.01
CA ALA A 326 -32.66 -40.83 -30.20
C ALA A 326 -33.08 -40.16 -31.51
N ALA A 327 -33.01 -38.83 -31.54
CA ALA A 327 -33.25 -38.11 -32.78
C ALA A 327 -32.12 -38.42 -33.74
N VAL A 328 -32.42 -38.50 -35.04
CA VAL A 328 -31.37 -38.83 -35.99
C VAL A 328 -31.31 -37.84 -37.14
N ILE A 329 -30.23 -37.07 -37.20
CA ILE A 329 -30.02 -36.17 -38.33
C ILE A 329 -28.88 -36.66 -39.21
N VAL A 330 -29.27 -37.14 -40.39
CA VAL A 330 -28.35 -37.53 -41.44
C VAL A 330 -27.65 -36.30 -42.02
N MET A 331 -26.37 -36.42 -42.33
CA MET A 331 -25.68 -35.32 -42.99
C MET A 331 -24.81 -35.81 -44.16
N ASP A 332 -25.25 -35.47 -45.37
CA ASP A 332 -24.55 -35.89 -46.58
C ASP A 332 -23.18 -35.23 -46.72
N ARG A 333 -22.24 -35.99 -47.26
CA ARG A 333 -20.83 -35.59 -47.31
C ARG A 333 -20.56 -34.36 -48.16
N SER A 334 -21.39 -34.13 -49.17
CA SER A 334 -21.12 -33.05 -50.12
C SER A 334 -21.12 -31.68 -49.45
N THR A 335 -21.97 -31.53 -48.42
CA THR A 335 -22.00 -30.30 -47.63
C THR A 335 -20.86 -30.24 -46.62
N ASP A 336 -20.38 -29.04 -46.31
CA ASP A 336 -19.41 -28.89 -45.22
C ASP A 336 -20.07 -29.12 -43.86
N ILE A 337 -19.36 -29.83 -42.98
CA ILE A 337 -19.85 -30.11 -41.64
C ILE A 337 -19.59 -29.00 -40.64
N VAL A 338 -18.44 -28.35 -40.78
CA VAL A 338 -17.99 -27.40 -39.78
C VAL A 338 -18.95 -26.21 -39.69
N LYS A 339 -19.52 -25.82 -40.83
CA LYS A 339 -20.54 -24.79 -40.86
C LYS A 339 -21.80 -25.24 -40.12
N ALA A 340 -22.09 -26.53 -40.20
CA ALA A 340 -23.27 -27.08 -39.57
C ALA A 340 -23.11 -27.08 -38.05
N ILE A 341 -22.00 -27.62 -37.58
CA ILE A 341 -21.75 -27.68 -36.14
C ILE A 341 -21.62 -26.28 -35.56
N ALA A 342 -21.03 -25.38 -36.35
CA ALA A 342 -20.93 -23.99 -35.91
C ALA A 342 -22.32 -23.37 -35.80
N ARG A 343 -23.20 -23.76 -36.73
CA ARG A 343 -24.55 -23.26 -36.70
C ARG A 343 -25.28 -23.80 -35.47
N LEU A 344 -24.90 -25.02 -35.07
CA LEU A 344 -25.49 -25.67 -33.92
C LEU A 344 -25.07 -25.01 -32.63
N ILE A 345 -23.78 -24.76 -32.51
CA ILE A 345 -23.26 -24.10 -31.34
C ILE A 345 -23.83 -22.68 -31.28
N GLU A 346 -24.07 -22.10 -32.45
CA GLU A 346 -24.74 -20.80 -32.51
C GLU A 346 -26.13 -20.94 -31.93
N PHE A 347 -26.78 -22.06 -32.24
CA PHE A 347 -28.09 -22.37 -31.69
C PHE A 347 -28.03 -22.45 -30.19
N TYR A 348 -26.92 -22.95 -29.66
CA TYR A 348 -26.76 -22.94 -28.22
C TYR A 348 -26.59 -21.54 -27.67
N LYS A 349 -25.80 -20.72 -28.36
CA LYS A 349 -25.48 -19.39 -27.81
C LYS A 349 -26.73 -18.56 -27.74
N HIS A 350 -27.62 -18.75 -28.71
CA HIS A 350 -28.88 -18.04 -28.68
C HIS A 350 -29.74 -18.54 -27.53
N GLU A 351 -29.50 -19.78 -27.10
CA GLU A 351 -30.37 -20.39 -26.12
C GLU A 351 -29.57 -21.10 -25.03
N SER A 352 -29.19 -20.34 -24.00
CA SER A 352 -28.50 -20.91 -22.86
C SER A 352 -28.64 -19.98 -21.67
N CYS A 353 -29.62 -19.09 -21.76
CA CYS A 353 -29.81 -17.97 -20.84
C CYS A 353 -28.48 -17.42 -20.36
N GLY A 354 -27.92 -18.04 -19.34
CA GLY A 354 -26.63 -17.62 -18.83
C GLY A 354 -26.65 -17.26 -17.35
N GLN A 355 -27.09 -18.22 -16.54
CA GLN A 355 -27.04 -18.07 -15.09
C GLN A 355 -25.64 -18.33 -14.53
N CYS A 356 -25.24 -19.59 -14.43
CA CYS A 356 -23.87 -19.89 -14.05
C CYS A 356 -22.98 -19.39 -15.16
N THR A 357 -21.89 -18.75 -14.78
CA THR A 357 -20.95 -18.19 -15.74
C THR A 357 -20.31 -19.18 -16.73
N PRO A 358 -19.83 -20.37 -16.27
CA PRO A 358 -18.98 -21.13 -17.18
C PRO A 358 -19.61 -21.51 -18.50
N CYS A 359 -20.90 -21.77 -18.52
CA CYS A 359 -21.56 -22.19 -19.75
C CYS A 359 -21.94 -21.00 -20.61
N ARG A 360 -22.41 -19.93 -19.98
CA ARG A 360 -22.69 -18.71 -20.72
C ARG A 360 -21.47 -18.27 -21.46
N GLU A 361 -20.42 -18.00 -20.70
CA GLU A 361 -19.19 -17.53 -21.28
C GLU A 361 -18.61 -18.59 -22.20
N GLY A 362 -18.81 -19.85 -21.83
CA GLY A 362 -18.18 -20.93 -22.55
C GLY A 362 -18.73 -21.04 -23.96
N VAL A 363 -20.02 -20.79 -24.10
CA VAL A 363 -20.64 -20.88 -25.39
C VAL A 363 -20.46 -19.58 -26.16
N ASP A 364 -20.52 -18.46 -25.44
CA ASP A 364 -20.37 -17.15 -26.06
C ASP A 364 -19.01 -17.07 -26.71
N TRP A 365 -18.07 -17.77 -26.10
CA TRP A 365 -16.68 -17.81 -26.53
C TRP A 365 -16.48 -18.85 -27.62
N MET A 366 -16.96 -20.07 -27.36
CA MET A 366 -16.70 -21.18 -28.25
C MET A 366 -17.36 -20.93 -29.61
N ASN A 367 -18.45 -20.18 -29.59
CA ASN A 367 -19.10 -19.77 -30.83
C ASN A 367 -18.17 -18.94 -31.69
N LYS A 368 -17.59 -17.90 -31.10
CA LYS A 368 -16.75 -17.00 -31.86
C LYS A 368 -15.55 -17.74 -32.37
N VAL A 369 -15.07 -18.68 -31.56
CA VAL A 369 -13.95 -19.51 -31.95
C VAL A 369 -14.33 -20.33 -33.18
N MET A 370 -15.57 -20.80 -33.19
CA MET A 370 -16.07 -21.54 -34.34
C MET A 370 -16.20 -20.66 -35.57
N ALA A 371 -16.52 -19.39 -35.37
CA ALA A 371 -16.63 -18.48 -36.50
C ALA A 371 -15.25 -18.33 -37.13
N ARG A 372 -14.24 -18.26 -36.27
CA ARG A 372 -12.89 -18.17 -36.77
C ARG A 372 -12.49 -19.45 -37.49
N PHE A 373 -12.99 -20.59 -37.02
CA PHE A 373 -12.68 -21.85 -37.67
C PHE A 373 -13.31 -21.96 -39.04
N VAL A 374 -14.60 -21.66 -39.12
CA VAL A 374 -15.33 -21.81 -40.37
C VAL A 374 -14.82 -20.82 -41.40
N ARG A 375 -14.36 -19.66 -40.93
CA ARG A 375 -13.86 -18.69 -41.89
C ARG A 375 -12.51 -19.18 -42.44
N GLY A 376 -11.88 -20.08 -41.69
CA GLY A 376 -10.64 -20.70 -42.12
C GLY A 376 -9.43 -19.86 -41.77
N ASP A 377 -9.67 -18.70 -41.14
CA ASP A 377 -8.59 -17.80 -40.76
C ASP A 377 -7.72 -18.43 -39.70
N ALA A 378 -8.31 -19.36 -38.96
CA ALA A 378 -7.72 -19.91 -37.74
C ALA A 378 -6.43 -20.71 -37.92
N ARG A 379 -5.54 -20.61 -36.94
CA ARG A 379 -4.37 -21.49 -36.87
C ARG A 379 -4.77 -22.90 -36.45
N PRO A 380 -4.05 -23.91 -36.98
CA PRO A 380 -4.38 -25.31 -36.72
C PRO A 380 -4.38 -25.70 -35.24
N ALA A 381 -3.51 -25.11 -34.43
CA ALA A 381 -3.41 -25.49 -33.03
C ALA A 381 -4.61 -25.03 -32.22
N GLU A 382 -5.28 -24.00 -32.72
CA GLU A 382 -6.30 -23.32 -31.95
C GLU A 382 -7.42 -24.27 -31.56
N ILE A 383 -7.69 -25.23 -32.43
CA ILE A 383 -8.80 -26.15 -32.24
C ILE A 383 -8.57 -26.96 -30.98
N ASP A 384 -7.31 -27.28 -30.71
CA ASP A 384 -7.01 -28.07 -29.54
C ASP A 384 -7.35 -27.26 -28.30
N SER A 385 -7.16 -25.96 -28.40
CA SER A 385 -7.49 -25.10 -27.28
C SER A 385 -8.98 -25.13 -27.03
N LEU A 386 -9.76 -25.29 -28.09
CA LEU A 386 -11.20 -25.35 -27.94
C LEU A 386 -11.54 -26.55 -27.10
N TRP A 387 -10.76 -27.62 -27.27
CA TRP A 387 -11.00 -28.83 -26.52
C TRP A 387 -10.85 -28.53 -25.05
N GLU A 388 -9.88 -27.69 -24.72
CA GLU A 388 -9.66 -27.35 -23.33
C GLU A 388 -10.88 -26.65 -22.78
N ILE A 389 -11.48 -25.81 -23.61
CA ILE A 389 -12.62 -25.04 -23.18
C ILE A 389 -13.72 -26.03 -22.84
N SER A 390 -13.82 -27.07 -23.66
CA SER A 390 -14.87 -28.04 -23.51
C SER A 390 -14.71 -28.70 -22.16
N LYS A 391 -13.46 -28.96 -21.80
CA LYS A 391 -13.19 -29.65 -20.56
C LYS A 391 -13.59 -28.80 -19.37
N GLN A 392 -13.53 -27.49 -19.53
CA GLN A 392 -13.91 -26.62 -18.44
C GLN A 392 -15.41 -26.38 -18.42
N ILE A 393 -16.09 -26.75 -19.50
CA ILE A 393 -17.54 -26.56 -19.57
C ILE A 393 -18.32 -27.71 -18.94
N GLU A 394 -17.90 -28.93 -19.22
CA GLU A 394 -18.70 -30.13 -18.98
C GLU A 394 -19.18 -30.29 -17.55
N GLY A 395 -18.29 -30.69 -16.65
CA GLY A 395 -18.70 -31.05 -15.31
C GLY A 395 -18.94 -29.82 -14.45
N HIS A 396 -18.64 -28.66 -15.01
CA HIS A 396 -18.75 -27.41 -14.28
C HIS A 396 -20.12 -26.76 -14.44
N THR A 397 -20.67 -26.81 -15.66
CA THR A 397 -21.92 -26.15 -15.95
C THR A 397 -23.03 -26.75 -15.10
N ILE A 398 -23.94 -25.88 -14.66
CA ILE A 398 -25.00 -26.30 -13.74
C ILE A 398 -26.04 -27.16 -14.46
N CYS A 399 -26.06 -27.09 -15.79
CA CYS A 399 -27.05 -27.83 -16.56
C CYS A 399 -26.49 -28.39 -17.86
N ALA A 400 -27.21 -29.36 -18.41
CA ALA A 400 -26.69 -30.18 -19.49
C ALA A 400 -26.76 -29.51 -20.85
N LEU A 401 -27.33 -28.31 -20.91
CA LEU A 401 -27.38 -27.58 -22.17
C LEU A 401 -25.95 -27.33 -22.64
N GLY A 402 -25.05 -27.13 -21.68
CA GLY A 402 -23.66 -26.90 -22.00
C GLY A 402 -22.96 -28.16 -22.44
N ASP A 403 -23.48 -29.30 -22.00
CA ASP A 403 -22.86 -30.56 -22.34
C ASP A 403 -23.07 -30.84 -23.82
N GLY A 404 -24.30 -30.66 -24.27
CA GLY A 404 -24.62 -30.83 -25.66
C GLY A 404 -24.07 -29.65 -26.45
N ALA A 405 -23.84 -28.54 -25.76
CA ALA A 405 -23.18 -27.40 -26.39
C ALA A 405 -21.75 -27.73 -26.72
N ALA A 406 -21.16 -28.62 -25.93
CA ALA A 406 -19.74 -28.93 -26.07
C ALA A 406 -19.47 -30.13 -26.98
N TRP A 407 -20.29 -31.16 -26.87
CA TRP A 407 -19.99 -32.45 -27.48
C TRP A 407 -19.83 -32.52 -29.02
N PRO A 408 -20.76 -31.94 -29.79
CA PRO A 408 -20.66 -32.15 -31.24
C PRO A 408 -19.34 -31.66 -31.85
N VAL A 409 -18.81 -30.57 -31.30
CA VAL A 409 -17.57 -30.03 -31.81
C VAL A 409 -16.41 -30.85 -31.26
N GLN A 410 -16.64 -31.53 -30.14
CA GLN A 410 -15.64 -32.45 -29.63
C GLN A 410 -15.48 -33.58 -30.64
N GLY A 411 -16.61 -34.01 -31.19
CA GLY A 411 -16.56 -35.07 -32.18
C GLY A 411 -15.96 -34.56 -33.47
N LEU A 412 -16.26 -33.30 -33.80
CA LEU A 412 -15.71 -32.72 -35.01
C LEU A 412 -14.20 -32.58 -34.90
N ILE A 413 -13.69 -32.34 -33.69
CA ILE A 413 -12.25 -32.35 -33.49
C ILE A 413 -11.73 -33.75 -33.69
N ARG A 414 -12.33 -34.67 -32.94
CA ARG A 414 -11.81 -36.03 -32.78
C ARG A 414 -11.79 -36.81 -34.10
N HIS A 415 -12.70 -36.49 -35.01
CA HIS A 415 -12.73 -37.20 -36.27
C HIS A 415 -12.32 -36.32 -37.43
N PHE A 416 -12.73 -35.07 -37.41
CA PHE A 416 -12.54 -34.20 -38.56
C PHE A 416 -11.36 -33.25 -38.38
N ARG A 417 -10.48 -33.54 -37.42
CA ARG A 417 -9.27 -32.74 -37.25
C ARG A 417 -8.48 -32.63 -38.57
N PRO A 418 -8.18 -33.78 -39.23
CA PRO A 418 -7.48 -33.64 -40.51
C PRO A 418 -8.25 -32.80 -41.52
N GLU A 419 -9.58 -32.91 -41.47
CA GLU A 419 -10.43 -32.12 -42.32
C GLU A 419 -10.28 -30.64 -41.99
N LEU A 420 -10.14 -30.35 -40.71
CA LEU A 420 -10.01 -28.97 -40.26
C LEU A 420 -8.73 -28.37 -40.79
N GLU A 421 -7.64 -29.11 -40.62
CA GLU A 421 -6.34 -28.65 -41.04
C GLU A 421 -6.32 -28.48 -42.55
N GLU A 422 -7.02 -29.39 -43.23
CA GLU A 422 -7.12 -29.36 -44.69
C GLU A 422 -7.85 -28.11 -45.15
N ARG A 423 -8.84 -27.70 -44.36
CA ARG A 423 -9.57 -26.49 -44.66
C ARG A 423 -8.69 -25.26 -44.43
N MET A 424 -7.91 -25.30 -43.36
CA MET A 424 -7.06 -24.17 -43.01
C MET A 424 -5.95 -23.95 -44.03
N GLN A 425 -5.45 -25.04 -44.62
CA GLN A 425 -4.36 -24.92 -45.58
C GLN A 425 -4.79 -24.16 -46.83
N ARG A 426 -6.06 -24.31 -47.18
CA ARG A 426 -6.59 -23.63 -48.35
C ARG A 426 -6.62 -22.13 -48.14
N PHE A 427 -7.01 -21.72 -46.94
CA PHE A 427 -6.96 -20.31 -46.59
C PHE A 427 -5.51 -19.85 -46.52
N ALA A 428 -4.63 -20.75 -46.14
CA ALA A 428 -3.21 -20.43 -46.09
C ALA A 428 -2.65 -20.18 -47.49
N GLN A 429 -3.23 -20.82 -48.50
CA GLN A 429 -2.68 -20.74 -49.85
C GLN A 429 -3.08 -19.47 -50.62
N GLN A 430 -4.02 -18.70 -50.06
CA GLN A 430 -4.54 -17.55 -50.80
C GLN A 430 -3.49 -16.47 -51.02
N HIS A 431 -2.51 -16.41 -50.13
CA HIS A 431 -1.47 -15.38 -50.21
C HIS A 431 -0.33 -15.79 -51.15
N THR B 1 42.50 -26.69 -10.26
CA THR B 1 41.98 -25.50 -10.89
C THR B 1 42.74 -24.26 -10.43
N TYR B 2 43.46 -24.38 -9.32
CA TYR B 2 44.21 -23.24 -8.78
C TYR B 2 45.53 -23.00 -9.51
N LYS B 3 45.98 -21.75 -9.44
CA LYS B 3 47.28 -21.36 -9.96
C LYS B 3 48.11 -20.62 -8.92
N TYR B 4 49.34 -21.07 -8.72
CA TYR B 4 50.30 -20.30 -7.95
C TYR B 4 50.70 -19.04 -8.69
N VAL B 5 50.78 -17.94 -7.96
CA VAL B 5 51.43 -16.75 -8.48
C VAL B 5 52.91 -16.83 -8.10
N ASN B 6 53.76 -16.14 -8.85
CA ASN B 6 55.19 -16.09 -8.55
C ASN B 6 55.83 -17.46 -8.44
N MET B 7 56.31 -17.77 -7.24
CA MET B 7 56.85 -19.08 -6.90
C MET B 7 58.08 -19.48 -7.72
N GLN B 8 58.14 -19.05 -8.97
CA GLN B 8 59.22 -19.47 -9.87
C GLN B 8 60.58 -19.03 -9.35
N ASP B 9 61.57 -19.88 -9.55
CA ASP B 9 62.93 -19.64 -9.06
C ASP B 9 63.89 -19.21 -10.16
N PRO B 10 64.55 -18.06 -9.96
CA PRO B 10 65.50 -17.45 -10.90
C PRO B 10 66.76 -18.30 -11.13
N GLU B 11 67.28 -18.22 -12.35
CA GLU B 11 68.48 -18.97 -12.73
C GLU B 11 69.73 -18.49 -11.99
N MET B 12 70.60 -19.43 -11.65
CA MET B 12 71.90 -19.10 -11.09
C MET B 12 72.95 -18.88 -12.19
N ASP B 13 72.58 -19.13 -13.43
CA ASP B 13 73.55 -19.07 -14.53
C ASP B 13 74.20 -17.70 -14.65
N MET B 14 75.50 -17.70 -14.88
CA MET B 14 76.29 -16.49 -14.73
C MET B 14 75.90 -15.36 -15.68
N LYS B 15 75.50 -15.70 -16.90
CA LYS B 15 75.04 -14.67 -17.82
C LYS B 15 73.82 -13.99 -17.22
N SER B 16 72.88 -14.81 -16.79
CA SER B 16 71.62 -14.30 -16.27
C SER B 16 71.85 -13.53 -14.99
N VAL B 17 72.81 -13.99 -14.21
CA VAL B 17 73.10 -13.35 -12.95
C VAL B 17 73.66 -11.97 -13.16
N THR B 18 74.69 -11.88 -13.99
CA THR B 18 75.32 -10.60 -14.23
C THR B 18 74.32 -9.67 -14.91
N ASP B 19 73.38 -10.25 -15.65
CA ASP B 19 72.31 -9.43 -16.21
C ASP B 19 71.43 -8.86 -15.11
N ARG B 20 71.09 -9.66 -14.11
CA ARG B 20 70.25 -9.15 -13.03
C ARG B 20 70.98 -8.10 -12.20
N ALA B 21 72.26 -8.30 -11.97
CA ALA B 21 73.03 -7.28 -11.26
C ALA B 21 73.14 -6.03 -12.10
N ALA B 22 73.15 -6.21 -13.42
CA ALA B 22 73.15 -5.07 -14.33
C ALA B 22 71.82 -4.33 -14.24
N ARG B 23 70.75 -5.03 -13.89
CA ARG B 23 69.49 -4.34 -13.61
C ARG B 23 69.57 -3.64 -12.28
N THR B 24 70.27 -4.27 -11.34
CA THR B 24 70.43 -3.71 -10.01
C THR B 24 71.24 -2.43 -10.06
N LEU B 25 72.10 -2.31 -11.05
CA LEU B 25 72.92 -1.13 -11.18
C LEU B 25 72.33 -0.17 -12.19
N LEU B 26 72.43 -0.56 -13.45
CA LEU B 26 72.15 0.35 -14.54
C LEU B 26 70.67 0.51 -14.80
N TRP B 27 69.86 -0.17 -13.98
CA TRP B 27 68.41 0.06 -13.91
C TRP B 27 67.64 -0.46 -15.12
N THR B 28 68.26 -0.39 -16.29
CA THR B 28 67.77 -1.02 -17.50
C THR B 28 66.25 -0.92 -17.66
N GLU B 29 65.53 -1.81 -16.97
CA GLU B 29 64.10 -1.98 -17.19
C GLU B 29 63.32 -0.75 -16.81
N LEU B 30 63.83 0.02 -15.85
CA LEU B 30 63.13 1.24 -15.46
C LEU B 30 63.01 2.02 -16.73
N PHE B 31 64.13 2.20 -17.41
CA PHE B 31 64.14 2.98 -18.63
C PHE B 31 63.24 2.36 -19.66
N ARG B 32 63.24 1.03 -19.69
CA ARG B 32 62.37 0.32 -20.62
C ARG B 32 60.94 0.65 -20.28
N GLY B 33 60.61 0.51 -18.99
CA GLY B 33 59.29 0.86 -18.54
C GLY B 33 59.14 2.34 -18.74
N LEU B 34 60.21 3.07 -18.51
CA LEU B 34 60.13 4.51 -18.63
C LEU B 34 59.82 4.82 -20.07
N GLY B 35 60.41 4.04 -20.97
CA GLY B 35 60.31 4.35 -22.36
C GLY B 35 58.85 4.26 -22.73
N MET B 36 58.14 3.38 -22.05
CA MET B 36 56.78 3.10 -22.43
C MET B 36 55.91 4.32 -22.25
N THR B 37 56.20 5.13 -21.23
CA THR B 37 55.30 6.23 -20.98
C THR B 37 55.46 7.23 -22.12
N LEU B 38 56.63 7.22 -22.74
CA LEU B 38 56.88 8.09 -23.86
C LEU B 38 55.93 7.81 -25.00
N SER B 39 55.51 6.54 -25.10
CA SER B 39 54.64 6.14 -26.17
C SER B 39 53.33 6.91 -26.10
N TYR B 40 52.93 7.27 -24.89
CA TYR B 40 51.71 8.05 -24.72
C TYR B 40 51.81 9.45 -25.28
N LEU B 41 53.00 10.04 -25.31
CA LEU B 41 53.13 11.41 -25.76
C LEU B 41 52.77 11.46 -27.22
N PHE B 42 53.01 10.35 -27.91
CA PHE B 42 52.82 10.32 -29.33
C PHE B 42 51.42 9.88 -29.73
N ARG B 43 50.67 9.32 -28.78
CA ARG B 43 49.26 9.03 -29.02
C ARG B 43 48.42 10.31 -28.99
N GLU B 44 47.28 10.28 -29.66
CA GLU B 44 46.31 11.37 -29.58
C GLU B 44 45.51 11.32 -28.28
N PRO B 45 45.40 12.46 -27.59
CA PRO B 45 44.68 12.63 -26.33
C PRO B 45 43.19 12.36 -26.43
N ALA B 46 42.60 11.82 -25.36
CA ALA B 46 41.23 11.32 -25.40
C ALA B 46 40.14 12.30 -25.00
N THR B 47 40.46 13.53 -24.63
CA THR B 47 39.40 14.42 -24.15
C THR B 47 38.35 14.72 -25.19
N ILE B 48 37.08 14.66 -24.83
CA ILE B 48 36.05 15.25 -25.67
C ILE B 48 36.14 16.75 -25.46
N ASN B 49 35.85 17.53 -26.49
CA ASN B 49 35.93 18.97 -26.30
C ASN B 49 34.61 19.50 -25.80
N TYR B 50 34.30 19.23 -24.55
CA TYR B 50 33.07 19.71 -23.97
C TYR B 50 33.14 21.22 -23.91
N PRO B 51 32.01 21.91 -24.07
CA PRO B 51 30.65 21.44 -24.38
C PRO B 51 30.33 21.54 -25.86
N PHE B 52 31.34 21.83 -26.66
CA PHE B 52 31.17 21.98 -28.09
C PHE B 52 31.18 20.62 -28.74
N GLU B 53 31.36 19.60 -27.90
CA GLU B 53 31.24 18.22 -28.30
C GLU B 53 30.62 17.53 -27.10
N LYS B 54 29.90 16.43 -27.31
CA LYS B 54 29.32 15.74 -26.16
C LYS B 54 29.38 14.23 -26.25
N GLY B 55 29.44 13.61 -25.08
CA GLY B 55 29.66 12.18 -24.97
C GLY B 55 28.51 11.40 -25.53
N PRO B 56 28.80 10.23 -26.11
CA PRO B 56 27.78 9.34 -26.66
C PRO B 56 26.82 8.83 -25.60
N LEU B 57 25.56 8.70 -25.97
CA LEU B 57 24.53 8.21 -25.08
C LEU B 57 23.58 7.29 -25.84
N SER B 58 23.19 6.20 -25.21
CA SER B 58 22.22 5.29 -25.80
C SER B 58 20.84 5.91 -25.72
N PRO B 59 19.93 5.54 -26.64
CA PRO B 59 18.57 6.07 -26.64
C PRO B 59 17.84 5.76 -25.34
N ARG B 60 18.21 4.65 -24.70
CA ARG B 60 17.63 4.26 -23.43
C ARG B 60 17.84 5.27 -22.31
N PHE B 61 18.80 6.16 -22.49
CA PHE B 61 19.35 6.91 -21.36
C PHE B 61 18.33 7.65 -20.54
N ARG B 62 18.49 7.58 -19.22
CA ARG B 62 17.53 8.15 -18.31
C ARG B 62 17.95 9.55 -17.86
N GLY B 63 17.00 10.45 -17.65
CA GLY B 63 17.31 11.80 -17.24
C GLY B 63 16.17 12.58 -16.60
N GLU B 64 15.95 13.81 -17.06
CA GLU B 64 14.86 14.63 -16.55
C GLU B 64 13.49 14.08 -16.90
N HIS B 65 12.57 14.09 -15.93
CA HIS B 65 11.21 13.60 -16.16
C HIS B 65 10.38 14.56 -16.99
N ALA B 66 9.38 14.04 -17.67
CA ALA B 66 8.42 14.88 -18.39
C ALA B 66 7.11 14.15 -18.61
N LEU B 67 5.99 14.76 -18.23
CA LEU B 67 4.69 14.21 -18.60
C LEU B 67 4.45 14.49 -20.07
N ARG B 68 3.70 13.63 -20.76
CA ARG B 68 3.51 13.88 -22.16
C ARG B 68 2.10 13.56 -22.66
N ARG B 69 1.77 14.14 -23.81
CA ARG B 69 0.42 14.12 -24.35
C ARG B 69 0.12 13.01 -25.35
N TYR B 70 -1.18 12.85 -25.62
CA TYR B 70 -1.64 12.11 -26.77
C TYR B 70 -1.34 12.88 -28.04
N PRO B 71 -1.30 12.18 -29.18
CA PRO B 71 -1.09 12.88 -30.44
C PRO B 71 -2.14 13.95 -30.64
N SER B 72 -3.34 13.66 -30.14
CA SER B 72 -4.45 14.60 -30.16
C SER B 72 -4.14 15.85 -29.37
N GLY B 73 -3.26 15.73 -28.38
CA GLY B 73 -2.94 16.87 -27.55
C GLY B 73 -3.56 16.80 -26.17
N GLU B 74 -4.29 15.73 -25.88
CA GLU B 74 -4.64 15.43 -24.50
C GLU B 74 -3.46 14.82 -23.75
N GLU B 75 -3.33 15.13 -22.47
CA GLU B 75 -2.29 14.52 -21.64
C GLU B 75 -2.53 13.04 -21.48
N ARG B 76 -1.46 12.24 -21.53
CA ARG B 76 -1.62 10.80 -21.41
C ARG B 76 -2.02 10.34 -20.03
N CYS B 77 -1.74 11.14 -19.01
CA CYS B 77 -1.94 10.69 -17.65
C CYS B 77 -3.38 10.38 -17.31
N ILE B 78 -3.59 9.26 -16.62
CA ILE B 78 -4.91 8.89 -16.14
C ILE B 78 -4.92 8.79 -14.64
N ALA B 79 -3.82 9.18 -14.02
CA ALA B 79 -3.69 9.12 -12.56
C ALA B 79 -3.89 7.72 -12.01
N CYS B 80 -3.29 6.71 -12.64
CA CYS B 80 -3.50 5.34 -12.21
C CYS B 80 -2.81 5.10 -10.89
N LYS B 81 -1.90 5.99 -10.52
CA LYS B 81 -1.33 6.00 -9.18
C LYS B 81 -0.65 4.71 -8.80
N LEU B 82 -0.08 4.01 -9.77
CA LEU B 82 0.77 2.87 -9.45
C LEU B 82 2.23 3.33 -9.51
N CYS B 83 2.48 4.33 -10.34
CA CYS B 83 3.80 4.92 -10.40
C CYS B 83 4.09 5.58 -9.07
N GLU B 84 3.04 5.99 -8.37
CA GLU B 84 3.18 6.40 -6.98
C GLU B 84 3.47 5.22 -6.07
N ALA B 85 3.07 4.03 -6.48
CA ALA B 85 3.26 2.86 -5.64
C ALA B 85 4.61 2.22 -5.85
N ILE B 86 5.37 2.73 -6.82
CA ILE B 86 6.63 2.10 -7.19
C ILE B 86 7.87 2.92 -6.91
N CYS B 87 7.82 4.23 -7.19
CA CYS B 87 8.95 5.12 -6.93
C CYS B 87 9.58 4.74 -5.62
N PRO B 88 10.72 4.08 -5.70
CA PRO B 88 11.36 3.44 -4.55
C PRO B 88 11.67 4.43 -3.45
N ALA B 89 11.99 5.67 -3.82
CA ALA B 89 12.20 6.72 -2.84
C ALA B 89 10.89 7.44 -2.51
N GLN B 90 9.82 7.07 -3.21
CA GLN B 90 8.50 7.67 -3.03
C GLN B 90 8.54 9.19 -3.26
N ALA B 91 9.23 9.63 -4.29
CA ALA B 91 9.27 11.05 -4.60
C ALA B 91 7.92 11.58 -5.06
N ILE B 92 7.18 10.73 -5.74
CA ILE B 92 5.93 11.13 -6.40
C ILE B 92 4.77 11.39 -5.44
N THR B 93 3.92 12.36 -5.76
CA THR B 93 2.69 12.59 -5.03
C THR B 93 1.57 12.96 -5.97
N ILE B 94 0.43 12.27 -5.83
CA ILE B 94 -0.67 12.41 -6.79
C ILE B 94 -2.03 12.55 -6.12
N GLU B 95 -2.78 13.58 -6.49
CA GLU B 95 -4.20 13.65 -6.14
C GLU B 95 -5.08 13.61 -7.37
N ALA B 96 -5.47 12.41 -7.75
CA ALA B 96 -6.42 12.21 -8.82
C ALA B 96 -7.77 12.78 -8.45
N GLU B 97 -8.37 13.54 -9.37
CA GLU B 97 -9.72 14.05 -9.22
C GLU B 97 -10.43 14.04 -10.57
N PRO B 98 -11.76 13.97 -10.55
CA PRO B 98 -12.54 14.00 -11.79
C PRO B 98 -12.37 15.30 -12.57
N ARG B 99 -12.36 15.17 -13.89
CA ARG B 99 -12.43 16.32 -14.78
C ARG B 99 -13.86 16.80 -14.82
N ALA B 100 -14.09 18.06 -15.19
CA ALA B 100 -15.44 18.55 -15.45
C ALA B 100 -16.01 17.78 -16.64
N ASP B 101 -15.13 17.35 -17.53
CA ASP B 101 -15.48 16.48 -18.64
C ASP B 101 -15.71 15.07 -18.08
N GLY B 102 -15.27 14.86 -16.84
CA GLY B 102 -15.52 13.61 -16.15
C GLY B 102 -14.34 12.65 -16.14
N SER B 103 -13.34 12.90 -16.97
CA SER B 103 -12.19 12.02 -17.05
C SER B 103 -11.34 12.09 -15.78
N ARG B 104 -10.72 10.97 -15.41
CA ARG B 104 -9.78 10.97 -14.31
C ARG B 104 -8.62 11.87 -14.68
N ARG B 105 -8.23 12.77 -13.78
CA ARG B 105 -7.07 13.63 -14.04
C ARG B 105 -6.39 14.05 -12.76
N THR B 106 -5.07 14.03 -12.76
CA THR B 106 -4.32 14.54 -11.63
C THR B 106 -4.54 16.03 -11.49
N THR B 107 -4.74 16.49 -10.26
CA THR B 107 -4.81 17.91 -10.02
C THR B 107 -3.47 18.45 -9.55
N ARG B 108 -2.71 17.60 -8.87
CA ARG B 108 -1.38 17.99 -8.44
C ARG B 108 -0.40 16.83 -8.52
N TYR B 109 -0.02 16.48 -9.73
CA TYR B 109 1.11 15.59 -9.91
C TYR B 109 2.35 16.40 -9.53
N ASP B 110 3.30 15.78 -8.86
CA ASP B 110 4.55 16.48 -8.55
C ASP B 110 5.63 15.50 -8.15
N ILE B 111 6.88 15.91 -8.32
CA ILE B 111 7.99 15.05 -7.96
C ILE B 111 9.18 15.91 -7.65
N ASP B 112 9.97 15.51 -6.66
CA ASP B 112 11.17 16.26 -6.36
C ASP B 112 12.40 15.49 -6.80
N MET B 113 13.29 16.17 -7.49
CA MET B 113 14.47 15.52 -8.00
C MET B 113 15.44 15.26 -6.87
N THR B 114 15.18 15.90 -5.74
CA THR B 114 15.94 15.66 -4.54
C THR B 114 15.82 14.21 -4.04
N LYS B 115 14.67 13.59 -4.26
CA LYS B 115 14.50 12.22 -3.77
C LYS B 115 14.42 11.23 -4.89
N CYS B 116 14.21 11.69 -6.12
CA CYS B 116 14.24 10.80 -7.26
C CYS B 116 15.57 10.09 -7.39
N ILE B 117 15.56 8.79 -7.64
CA ILE B 117 16.83 8.06 -7.78
C ILE B 117 17.06 7.63 -9.21
N TYR B 118 16.21 8.10 -10.10
CA TYR B 118 16.42 7.91 -11.51
C TYR B 118 16.61 6.46 -11.88
N CYS B 119 15.97 5.57 -11.13
CA CYS B 119 15.92 4.18 -11.51
C CYS B 119 15.09 4.04 -12.77
N GLY B 120 14.17 4.97 -12.97
CA GLY B 120 13.38 4.97 -14.17
C GLY B 120 12.34 3.88 -14.19
N PHE B 121 11.96 3.41 -13.01
CA PHE B 121 10.82 2.51 -12.90
C PHE B 121 9.59 3.06 -13.57
N CYS B 122 9.26 4.31 -13.28
CA CYS B 122 7.99 4.86 -13.71
C CYS B 122 7.87 4.95 -15.21
N GLN B 123 8.99 5.00 -15.89
CA GLN B 123 8.97 4.99 -17.34
C GLN B 123 8.42 3.67 -17.82
N GLU B 124 8.66 2.62 -17.04
CA GLU B 124 8.22 1.28 -17.39
C GLU B 124 6.82 0.98 -16.87
N ALA B 125 6.58 1.41 -15.64
CA ALA B 125 5.39 1.04 -14.89
C ALA B 125 4.08 1.58 -15.44
N CYS B 126 4.11 2.75 -16.08
CA CYS B 126 2.86 3.40 -16.46
C CYS B 126 2.17 2.68 -17.60
N PRO B 127 0.93 2.23 -17.34
CA PRO B 127 0.04 1.57 -18.31
C PRO B 127 -0.29 2.43 -19.51
N VAL B 128 -0.40 3.73 -19.32
CA VAL B 128 -0.76 4.62 -20.42
C VAL B 128 0.47 5.27 -20.97
N ASP B 129 1.63 4.91 -20.43
CA ASP B 129 2.89 5.46 -20.89
C ASP B 129 2.85 6.97 -20.74
N ALA B 130 2.38 7.42 -19.58
CA ALA B 130 2.21 8.84 -19.32
C ALA B 130 3.55 9.54 -19.12
N ILE B 131 4.10 9.40 -17.92
CA ILE B 131 5.37 10.01 -17.56
C ILE B 131 6.57 9.36 -18.26
N VAL B 132 7.55 10.16 -18.63
CA VAL B 132 8.73 9.64 -19.30
C VAL B 132 10.04 10.23 -18.79
N GLU B 133 11.00 9.35 -18.56
CA GLU B 133 12.32 9.72 -18.13
C GLU B 133 13.07 10.25 -19.35
N GLY B 134 13.08 11.55 -19.55
CA GLY B 134 13.58 12.12 -20.79
C GLY B 134 15.08 12.13 -20.94
N PRO B 135 15.57 12.47 -22.15
CA PRO B 135 16.99 12.56 -22.51
C PRO B 135 17.77 13.56 -21.70
N ASN B 136 17.13 14.65 -21.29
CA ASN B 136 17.85 15.76 -20.68
C ASN B 136 18.42 15.41 -19.33
N PHE B 137 19.59 15.97 -19.06
CA PHE B 137 20.38 15.61 -17.90
C PHE B 137 21.01 16.84 -17.27
N GLU B 138 21.27 17.84 -18.09
CA GLU B 138 21.88 19.07 -17.62
C GLU B 138 20.82 20.08 -17.18
N PHE B 139 20.64 20.21 -15.87
CA PHE B 139 19.66 21.14 -15.34
C PHE B 139 19.88 21.43 -13.86
N SER B 140 21.14 21.57 -13.49
CA SER B 140 21.49 21.94 -12.13
C SER B 140 20.97 23.32 -11.82
N THR B 141 20.55 23.55 -10.59
CA THR B 141 19.91 24.80 -10.23
C THR B 141 20.65 25.58 -9.17
N GLU B 142 20.39 26.88 -9.11
CA GLU B 142 20.94 27.73 -8.08
C GLU B 142 20.37 27.45 -6.70
N THR B 143 19.17 26.89 -6.64
CA THR B 143 18.48 26.74 -5.37
C THR B 143 17.73 25.43 -5.29
N HIS B 144 17.47 24.98 -4.06
CA HIS B 144 16.82 23.70 -3.84
C HIS B 144 15.39 23.70 -4.36
N GLU B 145 14.74 24.86 -4.24
CA GLU B 145 13.33 24.94 -4.56
C GLU B 145 13.07 24.60 -6.01
N GLU B 146 14.03 24.88 -6.88
CA GLU B 146 13.79 24.72 -8.30
C GLU B 146 13.76 23.24 -8.64
N LEU B 147 14.13 22.41 -7.68
CA LEU B 147 14.09 20.97 -7.87
C LEU B 147 12.74 20.35 -7.61
N LEU B 148 11.98 20.92 -6.69
CA LEU B 148 10.71 20.31 -6.31
C LEU B 148 9.61 20.58 -7.33
N TYR B 149 9.62 19.81 -8.42
CA TYR B 149 8.72 20.04 -9.53
C TYR B 149 7.24 19.82 -9.26
N ASN B 150 6.43 20.75 -9.77
CA ASN B 150 4.99 20.58 -9.92
C ASN B 150 4.69 19.80 -11.17
N LYS B 151 3.43 19.41 -11.34
CA LYS B 151 2.99 18.81 -12.58
C LYS B 151 3.24 19.79 -13.69
N GLU B 152 3.17 21.06 -13.35
CA GLU B 152 3.32 22.10 -14.31
C GLU B 152 4.65 22.05 -15.05
N LYS B 153 5.73 22.04 -14.26
CA LYS B 153 7.06 22.05 -14.84
C LYS B 153 7.28 20.78 -15.63
N LEU B 154 6.71 19.68 -15.16
CA LEU B 154 6.90 18.43 -15.84
C LEU B 154 6.20 18.46 -17.19
N LEU B 155 5.06 19.14 -17.23
CA LEU B 155 4.34 19.28 -18.47
C LEU B 155 5.13 20.13 -19.42
N ASN B 156 5.77 21.17 -18.90
CA ASN B 156 6.58 22.02 -19.74
C ASN B 156 7.75 21.24 -20.32
N ASN B 157 8.28 20.34 -19.50
CA ASN B 157 9.38 19.51 -19.91
C ASN B 157 8.94 18.55 -20.98
N GLY B 158 7.68 18.17 -20.93
CA GLY B 158 7.14 17.29 -21.93
C GLY B 158 6.84 18.10 -23.17
N ASP B 159 6.77 19.41 -23.00
CA ASP B 159 6.48 20.27 -24.12
C ASP B 159 7.74 20.49 -24.93
N LYS B 160 8.84 20.80 -24.26
CA LYS B 160 10.07 21.11 -24.99
C LYS B 160 10.69 19.90 -25.68
N TRP B 161 10.49 18.72 -25.12
CA TRP B 161 11.24 17.55 -25.54
C TRP B 161 10.42 16.48 -26.25
N GLU B 162 9.16 16.78 -26.51
CA GLU B 162 8.23 15.74 -26.93
C GLU B 162 8.66 15.12 -28.26
N ALA B 163 9.22 15.95 -29.13
CA ALA B 163 9.73 15.47 -30.40
C ALA B 163 10.80 14.43 -30.11
N GLU B 164 11.71 14.83 -29.25
CA GLU B 164 12.83 13.98 -28.86
C GLU B 164 12.41 12.73 -28.15
N ILE B 165 11.55 12.88 -27.15
CA ILE B 165 11.15 11.76 -26.35
C ILE B 165 10.43 10.73 -27.19
N ALA B 166 9.49 11.21 -27.98
CA ALA B 166 8.71 10.31 -28.81
C ALA B 166 9.65 9.64 -29.80
N ALA B 167 10.69 10.36 -30.20
CA ALA B 167 11.64 9.81 -31.14
C ALA B 167 12.39 8.63 -30.51
N ASN B 168 12.89 8.81 -29.30
CA ASN B 168 13.59 7.71 -28.64
C ASN B 168 12.68 6.53 -28.38
N ILE B 169 11.44 6.80 -28.03
CA ILE B 169 10.51 5.71 -27.78
C ILE B 169 10.26 4.97 -29.08
N GLN B 170 10.30 5.72 -30.17
CA GLN B 170 10.15 5.16 -31.49
C GLN B 170 11.31 4.24 -31.76
N ALA B 171 12.46 4.55 -31.18
CA ALA B 171 13.61 3.66 -31.30
C ALA B 171 13.54 2.44 -30.39
N ASP B 172 12.94 2.59 -29.21
CA ASP B 172 13.11 1.59 -28.16
C ASP B 172 11.94 0.63 -27.93
N TYR B 173 10.77 0.96 -28.41
CA TYR B 173 9.56 0.39 -27.83
C TYR B 173 9.45 -1.13 -27.91
N LEU B 174 10.09 -1.77 -28.88
CA LEU B 174 9.96 -3.22 -29.01
C LEU B 174 10.50 -3.99 -27.82
N TYR B 175 11.56 -3.48 -27.21
CA TYR B 175 12.26 -4.22 -26.18
C TYR B 175 11.44 -4.45 -24.94
N ARG B 176 10.54 -3.52 -24.65
CA ARG B 176 9.81 -3.54 -23.39
C ARG B 176 8.73 -4.59 -23.38
N SER C 1 37.18 55.14 -19.20
CA SER C 1 38.29 55.96 -18.74
C SER C 1 37.84 56.95 -17.67
N ARG C 2 36.67 56.70 -17.11
CA ARG C 2 36.15 57.56 -16.05
C ARG C 2 36.30 56.87 -14.69
N GLY C 3 35.71 57.44 -13.65
CA GLY C 3 35.90 56.84 -12.33
C GLY C 3 35.31 55.50 -11.95
N GLU C 4 34.02 55.30 -12.22
CA GLU C 4 33.34 54.06 -11.90
C GLU C 4 33.75 52.87 -12.75
N TYR C 5 33.91 53.18 -14.01
CA TYR C 5 34.19 52.26 -15.09
C TYR C 5 35.44 51.46 -14.83
N VAL C 6 36.44 52.13 -14.27
CA VAL C 6 37.69 51.48 -13.94
C VAL C 6 37.46 50.45 -12.85
N VAL C 7 36.59 50.76 -11.90
CA VAL C 7 36.26 49.80 -10.86
C VAL C 7 35.57 48.57 -11.44
N ALA C 8 34.77 48.79 -12.48
CA ALA C 8 34.09 47.68 -13.11
C ALA C 8 35.08 46.76 -13.80
N LYS C 9 35.93 47.34 -14.64
CA LYS C 9 36.91 46.52 -15.35
C LYS C 9 37.87 45.86 -14.39
N LEU C 10 38.17 46.53 -13.29
CA LEU C 10 39.03 45.95 -12.28
C LEU C 10 38.34 44.77 -11.60
N ASP C 11 37.03 44.86 -11.42
CA ASP C 11 36.29 43.76 -10.82
C ASP C 11 36.30 42.56 -11.75
N ASP C 12 36.27 42.85 -13.06
CA ASP C 12 36.25 41.79 -14.04
C ASP C 12 37.50 40.96 -13.88
N LEU C 13 38.59 41.63 -13.53
CA LEU C 13 39.87 40.98 -13.38
C LEU C 13 39.85 39.98 -12.25
N VAL C 14 39.26 40.34 -11.12
CA VAL C 14 39.33 39.44 -9.99
C VAL C 14 38.33 38.30 -10.15
N ASN C 15 37.11 38.58 -10.59
CA ASN C 15 36.18 37.48 -10.75
C ASN C 15 36.66 36.52 -11.81
N TRP C 16 37.30 37.06 -12.84
CA TRP C 16 37.89 36.20 -13.85
C TRP C 16 39.05 35.42 -13.27
N ALA C 17 39.75 36.05 -12.35
CA ALA C 17 40.90 35.40 -11.75
C ALA C 17 40.48 34.20 -10.94
N ARG C 18 39.31 34.29 -10.33
CA ARG C 18 38.87 33.22 -9.46
C ARG C 18 38.11 32.13 -10.19
N ARG C 19 37.27 32.53 -11.13
CA ARG C 19 36.48 31.55 -11.85
C ARG C 19 37.37 30.72 -12.75
N SER C 20 38.52 31.27 -13.10
CA SER C 20 39.38 30.62 -14.07
C SER C 20 40.23 29.51 -13.46
N SER C 21 40.19 29.35 -12.15
CA SER C 21 41.01 28.32 -11.53
C SER C 21 40.52 27.86 -10.17
N LEU C 22 39.38 27.19 -10.12
CA LEU C 22 38.88 26.63 -8.87
C LEU C 22 39.73 25.45 -8.46
N TRP C 23 39.77 25.14 -7.17
CA TRP C 23 40.46 23.95 -6.70
C TRP C 23 39.62 23.10 -5.79
N PRO C 24 38.67 22.36 -6.37
CA PRO C 24 37.70 21.58 -5.61
C PRO C 24 38.39 20.54 -4.78
N MET C 25 37.89 20.26 -3.59
CA MET C 25 38.58 19.34 -2.71
C MET C 25 37.99 17.95 -2.73
N THR C 26 38.85 16.95 -2.79
CA THR C 26 38.41 15.56 -2.77
C THR C 26 37.74 15.20 -1.45
N PHE C 27 36.60 14.51 -1.52
CA PHE C 27 35.78 14.34 -0.33
C PHE C 27 34.58 13.40 -0.53
N GLY C 28 34.59 12.67 -1.63
CA GLY C 28 33.46 11.81 -1.98
C GLY C 28 33.09 10.82 -0.90
N LEU C 29 31.80 10.72 -0.61
CA LEU C 29 31.33 9.89 0.48
C LEU C 29 30.64 8.62 0.02
N ALA C 30 30.48 8.45 -1.28
CA ALA C 30 29.78 7.29 -1.83
C ALA C 30 30.08 7.12 -3.30
N CYS C 31 29.13 6.58 -4.04
CA CYS C 31 29.40 6.26 -5.43
C CYS C 31 29.17 7.44 -6.35
N CYS C 32 28.84 8.60 -5.79
CA CYS C 32 28.88 9.82 -6.59
C CYS C 32 30.30 9.98 -7.06
N ALA C 33 31.22 9.55 -6.20
CA ALA C 33 32.64 9.84 -6.33
C ALA C 33 33.27 9.25 -7.57
N VAL C 34 32.78 8.09 -7.96
CA VAL C 34 33.38 7.39 -9.09
C VAL C 34 32.90 7.97 -10.40
N GLU C 35 31.99 8.93 -10.29
CA GLU C 35 31.70 9.79 -11.42
C GLU C 35 32.66 10.95 -11.40
N MET C 36 32.96 11.40 -10.18
CA MET C 36 33.82 12.55 -10.02
C MET C 36 35.21 12.25 -10.57
N MET C 37 35.63 11.00 -10.41
CA MET C 37 36.89 10.59 -10.97
C MET C 37 36.82 10.67 -12.47
N HIS C 38 35.66 10.38 -13.01
CA HIS C 38 35.50 10.36 -14.45
C HIS C 38 35.33 11.75 -14.99
N MET C 39 35.05 12.70 -14.11
CA MET C 39 35.10 14.10 -14.49
C MET C 39 36.55 14.44 -14.75
N ALA C 40 37.43 13.75 -14.05
CA ALA C 40 38.86 14.01 -14.15
C ALA C 40 39.58 12.91 -14.90
N ALA C 41 38.83 12.00 -15.49
CA ALA C 41 39.39 11.00 -16.39
C ALA C 41 39.65 11.64 -17.74
N PRO C 42 40.59 11.09 -18.53
CA PRO C 42 41.01 11.78 -19.75
C PRO C 42 39.88 12.04 -20.74
N ARG C 43 38.87 11.18 -20.80
CA ARG C 43 37.81 11.35 -21.77
C ARG C 43 37.07 12.67 -21.58
N TYR C 44 36.97 13.10 -20.33
CA TYR C 44 36.33 14.35 -19.99
C TYR C 44 37.36 15.36 -19.54
N ASP C 45 38.06 15.01 -18.46
CA ASP C 45 39.20 15.76 -17.96
C ASP C 45 38.83 17.18 -17.55
N MET C 46 38.54 17.35 -16.27
CA MET C 46 38.21 18.65 -15.72
C MET C 46 39.36 19.64 -15.84
N ASP C 47 40.56 19.11 -15.89
CA ASP C 47 41.78 19.92 -15.73
C ASP C 47 41.98 21.00 -16.78
N ARG C 48 41.37 20.83 -17.95
CA ARG C 48 41.51 21.83 -18.98
C ARG C 48 41.01 23.15 -18.48
N PHE C 49 40.05 23.07 -17.57
CA PHE C 49 39.34 24.22 -17.08
C PHE C 49 40.16 24.95 -16.05
N GLY C 50 41.30 24.36 -15.70
CA GLY C 50 42.21 24.94 -14.73
C GLY C 50 41.92 24.41 -13.35
N VAL C 51 40.78 23.76 -13.21
CA VAL C 51 40.41 23.17 -11.94
C VAL C 51 41.20 21.90 -11.66
N VAL C 52 41.47 21.66 -10.38
CA VAL C 52 42.34 20.56 -9.97
C VAL C 52 41.87 19.96 -8.63
N PHE C 53 42.05 18.65 -8.48
CA PHE C 53 41.82 18.00 -7.19
C PHE C 53 42.90 18.27 -6.16
N ARG C 54 42.80 19.39 -5.46
CA ARG C 54 43.65 19.58 -4.33
C ARG C 54 43.18 18.82 -3.10
N ALA C 55 44.15 18.45 -2.26
CA ALA C 55 43.88 17.89 -0.96
C ALA C 55 43.77 19.02 0.05
N SER C 56 43.40 18.67 1.28
CA SER C 56 43.35 19.58 2.42
C SER C 56 42.22 20.56 2.33
N PRO C 57 41.72 21.01 3.48
CA PRO C 57 40.64 21.98 3.56
C PRO C 57 41.08 23.43 3.50
N ARG C 58 42.27 23.73 3.00
CA ARG C 58 42.71 25.11 3.01
C ARG C 58 43.16 25.67 1.68
N GLN C 59 44.08 25.01 1.02
CA GLN C 59 44.48 25.46 -0.30
C GLN C 59 43.31 25.38 -1.26
N SER C 60 42.43 24.41 -1.01
CA SER C 60 41.25 24.21 -1.83
C SER C 60 40.19 25.25 -1.54
N ASP C 61 39.42 25.62 -2.56
CA ASP C 61 38.35 26.60 -2.38
C ASP C 61 36.95 26.00 -2.46
N VAL C 62 36.48 25.65 -3.65
CA VAL C 62 35.16 25.04 -3.76
C VAL C 62 35.12 23.64 -3.16
N MET C 63 34.03 23.33 -2.48
CA MET C 63 33.88 22.06 -1.79
C MET C 63 32.83 21.18 -2.44
N ILE C 64 33.24 20.34 -3.39
CA ILE C 64 32.27 19.48 -4.03
C ILE C 64 31.93 18.29 -3.16
N VAL C 65 30.75 18.36 -2.54
CA VAL C 65 30.22 17.27 -1.74
C VAL C 65 29.76 16.14 -2.64
N ALA C 66 29.87 14.90 -2.19
CA ALA C 66 29.39 13.79 -2.97
C ALA C 66 28.97 12.64 -2.08
N GLY C 67 27.87 11.98 -2.41
CA GLY C 67 27.44 10.81 -1.66
C GLY C 67 26.62 11.07 -0.42
N THR C 68 26.24 9.97 0.23
CA THR C 68 25.36 9.98 1.40
C THR C 68 25.98 10.73 2.59
N LEU C 69 25.15 11.44 3.34
CA LEU C 69 25.66 12.22 4.47
C LEU C 69 25.01 11.76 5.78
N THR C 70 25.65 10.82 6.45
CA THR C 70 25.07 10.19 7.63
C THR C 70 25.02 11.10 8.82
N ASN C 71 24.40 10.62 9.89
CA ASN C 71 24.34 11.35 11.14
C ASN C 71 25.72 11.69 11.67
N LYS C 72 26.57 10.67 11.77
CA LYS C 72 27.85 10.80 12.44
C LYS C 72 28.79 11.74 11.69
N MET C 73 28.84 11.56 10.38
CA MET C 73 29.79 12.26 9.53
C MET C 73 29.59 13.76 9.49
N ALA C 74 28.36 14.20 9.67
CA ALA C 74 27.98 15.57 9.34
C ALA C 74 28.78 16.68 10.02
N PRO C 75 28.95 16.60 11.35
CA PRO C 75 29.66 17.71 11.98
C PRO C 75 31.07 17.90 11.42
N ALA C 76 31.69 16.79 11.04
CA ALA C 76 33.02 16.85 10.45
C ALA C 76 32.96 17.65 9.18
N LEU C 77 31.95 17.40 8.37
CA LEU C 77 31.78 18.14 7.14
C LEU C 77 31.54 19.60 7.44
N ARG C 78 30.86 19.89 8.54
CA ARG C 78 30.61 21.27 8.89
C ARG C 78 31.91 21.97 9.16
N LYS C 79 32.73 21.30 9.96
CA LYS C 79 33.96 21.91 10.40
C LYS C 79 34.80 22.15 9.19
N VAL C 80 34.87 21.16 8.32
CA VAL C 80 35.69 21.28 7.14
C VAL C 80 35.23 22.45 6.31
N TYR C 81 33.92 22.68 6.26
CA TYR C 81 33.44 23.82 5.53
C TYR C 81 33.90 25.10 6.17
N ASP C 82 33.99 25.11 7.49
CA ASP C 82 34.47 26.30 8.16
C ASP C 82 35.95 26.50 7.87
N GLN C 83 36.64 25.39 7.64
CA GLN C 83 38.09 25.40 7.56
C GLN C 83 38.61 26.18 6.37
N MET C 84 37.91 26.13 5.26
CA MET C 84 38.40 26.77 4.06
C MET C 84 38.17 28.26 4.06
N PRO C 85 39.20 29.01 3.65
CA PRO C 85 39.25 30.46 3.56
C PRO C 85 38.29 31.01 2.54
N GLU C 86 37.83 32.24 2.76
CA GLU C 86 36.96 32.91 1.83
C GLU C 86 37.71 33.08 0.53
N PRO C 87 37.01 33.13 -0.60
CA PRO C 87 35.56 33.00 -0.79
C PRO C 87 35.12 31.58 -1.09
N ARG C 88 34.87 30.79 -0.06
CA ARG C 88 34.49 29.40 -0.24
C ARG C 88 33.15 29.20 -0.90
N TYR C 89 33.08 28.18 -1.74
CA TYR C 89 31.87 27.80 -2.43
C TYR C 89 31.64 26.33 -2.21
N VAL C 90 30.40 25.89 -2.33
CA VAL C 90 30.11 24.47 -2.22
C VAL C 90 29.17 24.03 -3.31
N VAL C 91 29.38 22.82 -3.80
CA VAL C 91 28.57 22.28 -4.88
C VAL C 91 27.97 20.97 -4.44
N SER C 92 26.66 20.95 -4.26
CA SER C 92 26.02 19.71 -3.88
C SER C 92 25.96 18.80 -5.06
N MET C 93 26.00 17.50 -4.81
CA MET C 93 26.03 16.53 -5.88
C MET C 93 25.37 15.26 -5.43
N GLY C 94 24.65 14.61 -6.33
CA GLY C 94 24.00 13.37 -5.98
C GLY C 94 22.69 13.60 -5.28
N SER C 95 21.75 12.70 -5.52
CA SER C 95 20.45 12.82 -4.91
C SER C 95 20.52 12.71 -3.40
N CYS C 96 21.46 11.92 -2.88
CA CYS C 96 21.61 11.78 -1.44
C CYS C 96 21.99 13.08 -0.78
N ALA C 97 23.04 13.73 -1.27
CA ALA C 97 23.45 14.98 -0.67
C ALA C 97 22.46 16.08 -0.99
N ASN C 98 21.66 15.91 -2.05
CA ASN C 98 20.65 16.90 -2.38
C ASN C 98 19.60 17.07 -1.29
N GLY C 99 19.31 16.00 -0.56
CA GLY C 99 18.31 16.06 0.48
C GLY C 99 17.97 14.73 1.08
N GLY C 100 18.94 13.84 1.14
CA GLY C 100 18.73 12.55 1.76
C GLY C 100 18.40 11.49 0.73
N GLY C 101 18.10 11.91 -0.49
CA GLY C 101 18.03 11.00 -1.62
C GLY C 101 17.17 9.76 -1.42
N TYR C 102 17.73 8.63 -1.81
CA TYR C 102 17.05 7.35 -1.76
C TYR C 102 16.67 7.06 -0.33
N TYR C 103 17.48 7.59 0.56
CA TYR C 103 17.49 7.22 1.95
C TYR C 103 16.77 8.24 2.80
N HIS C 104 16.02 9.12 2.14
CA HIS C 104 15.58 10.36 2.77
C HIS C 104 14.86 10.10 4.05
N TYR C 105 14.19 8.98 4.09
CA TYR C 105 13.57 8.52 5.31
C TYR C 105 14.46 7.50 5.94
N SER C 106 15.31 7.94 6.85
CA SER C 106 15.94 7.04 7.79
C SER C 106 16.55 7.83 8.92
N TYR C 107 16.79 7.15 10.02
CA TYR C 107 17.52 7.76 11.13
C TYR C 107 18.95 7.98 10.68
N SER C 108 19.36 7.21 9.68
CA SER C 108 20.69 7.31 9.09
C SER C 108 21.00 8.69 8.56
N VAL C 109 20.55 8.97 7.35
CA VAL C 109 21.04 10.14 6.64
C VAL C 109 20.57 11.44 7.25
N VAL C 110 21.35 12.48 7.01
CA VAL C 110 21.01 13.82 7.43
C VAL C 110 20.46 14.56 6.23
N ARG C 111 19.39 14.00 5.67
CA ARG C 111 18.47 14.71 4.80
C ARG C 111 19.18 15.66 3.85
N GLY C 112 18.78 16.91 3.85
CA GLY C 112 19.44 17.92 3.06
C GLY C 112 20.82 18.30 3.56
N CYS C 113 21.80 18.28 2.66
CA CYS C 113 23.14 18.75 3.01
C CYS C 113 23.11 20.24 3.29
N ASP C 114 22.08 20.90 2.78
CA ASP C 114 21.94 22.33 2.97
C ASP C 114 21.65 22.62 4.44
N ARG C 115 21.24 21.59 5.18
CA ARG C 115 21.03 21.76 6.62
C ARG C 115 22.32 22.06 7.34
N ILE C 116 23.45 21.62 6.79
CA ILE C 116 24.74 21.83 7.43
C ILE C 116 25.49 23.00 6.81
N VAL C 117 25.72 22.93 5.50
CA VAL C 117 26.46 24.00 4.85
C VAL C 117 25.59 24.65 3.80
N PRO C 118 25.76 25.95 3.62
CA PRO C 118 24.96 26.70 2.65
C PRO C 118 25.35 26.37 1.22
N VAL C 119 24.81 25.29 0.69
CA VAL C 119 25.12 24.87 -0.66
C VAL C 119 24.74 25.93 -1.67
N ASP C 120 25.50 25.99 -2.76
CA ASP C 120 25.38 27.08 -3.69
C ASP C 120 24.71 26.64 -4.98
N ILE C 121 25.12 25.51 -5.53
CA ILE C 121 24.35 24.94 -6.61
C ILE C 121 24.08 23.47 -6.34
N TYR C 122 22.90 23.02 -6.74
CA TYR C 122 22.54 21.62 -6.60
C TYR C 122 22.75 20.91 -7.92
N ILE C 123 23.24 19.69 -7.87
CA ILE C 123 23.33 18.87 -9.06
C ILE C 123 22.51 17.61 -8.87
N PRO C 124 21.36 17.55 -9.52
CA PRO C 124 20.50 16.38 -9.48
C PRO C 124 21.19 15.17 -10.10
N GLY C 125 20.94 13.99 -9.57
CA GLY C 125 21.49 12.78 -10.15
C GLY C 125 21.66 11.67 -9.13
N CYS C 126 21.57 10.44 -9.59
CA CYS C 126 21.83 9.29 -8.74
C CYS C 126 22.71 8.26 -9.42
N PRO C 127 24.01 8.56 -9.56
CA PRO C 127 24.70 9.83 -9.48
C PRO C 127 24.47 10.57 -10.77
N PRO C 128 24.71 11.89 -10.81
CA PRO C 128 24.62 12.57 -12.09
C PRO C 128 25.64 12.04 -13.07
N THR C 129 25.32 12.01 -14.35
CA THR C 129 26.32 11.70 -15.35
C THR C 129 27.45 12.68 -15.15
N ALA C 130 28.68 12.23 -15.33
CA ALA C 130 29.85 13.05 -14.98
C ALA C 130 29.82 14.34 -15.78
N GLU C 131 29.31 14.27 -16.99
CA GLU C 131 29.18 15.44 -17.82
C GLU C 131 28.15 16.42 -17.26
N ALA C 132 27.12 15.89 -16.62
CA ALA C 132 26.14 16.77 -16.00
C ALA C 132 26.81 17.53 -14.87
N LEU C 133 27.72 16.84 -14.22
CA LEU C 133 28.50 17.43 -13.15
C LEU C 133 29.36 18.55 -13.70
N LEU C 134 29.96 18.28 -14.85
CA LEU C 134 30.87 19.22 -15.42
C LEU C 134 30.10 20.48 -15.77
N TYR C 135 28.91 20.26 -16.33
CA TYR C 135 28.06 21.38 -16.68
C TYR C 135 27.64 22.16 -15.45
N GLY C 136 27.46 21.47 -14.33
CA GLY C 136 27.10 22.16 -13.11
C GLY C 136 28.23 23.06 -12.68
N ILE C 137 29.46 22.59 -12.87
CA ILE C 137 30.60 23.46 -12.56
C ILE C 137 30.68 24.66 -13.49
N LEU C 138 30.36 24.46 -14.77
CA LEU C 138 30.35 25.60 -15.66
C LEU C 138 29.35 26.61 -15.16
N GLN C 139 28.26 26.10 -14.61
CA GLN C 139 27.30 26.97 -13.98
C GLN C 139 27.89 27.70 -12.80
N LEU C 140 28.76 27.04 -12.04
CA LEU C 140 29.32 27.74 -10.90
C LEU C 140 30.20 28.88 -11.36
N GLN C 141 30.91 28.65 -12.47
CA GLN C 141 31.76 29.72 -13.00
C GLN C 141 30.95 30.87 -13.52
N ARG C 142 29.86 30.59 -14.22
CA ARG C 142 29.04 31.70 -14.69
C ARG C 142 28.47 32.44 -13.50
N LYS C 143 28.18 31.70 -12.43
CA LYS C 143 27.65 32.31 -11.22
C LYS C 143 28.63 33.25 -10.56
N ILE C 144 29.90 32.88 -10.58
CA ILE C 144 30.92 33.78 -10.08
C ILE C 144 31.08 34.97 -10.99
N LYS C 145 30.95 34.72 -12.29
CA LYS C 145 31.17 35.78 -13.27
C LYS C 145 30.18 36.90 -13.13
N ARG C 146 28.96 36.57 -12.71
CA ARG C 146 27.94 37.59 -12.53
C ARG C 146 28.05 38.26 -11.18
N GLU C 147 28.87 37.70 -10.30
CA GLU C 147 29.05 38.30 -8.98
C GLU C 147 29.90 39.55 -9.12
N ARG C 148 29.64 40.57 -8.32
CA ARG C 148 30.39 41.82 -8.47
C ARG C 148 30.56 42.54 -7.14
N ARG C 149 31.44 42.02 -6.29
CA ARG C 149 31.66 42.63 -5.00
C ARG C 149 32.24 44.03 -5.07
N LEU C 150 33.17 44.25 -5.98
CA LEU C 150 33.81 45.56 -6.09
C LEU C 150 32.85 46.69 -6.48
N GLN C 151 31.96 46.45 -7.42
CA GLN C 151 31.03 47.47 -7.86
C GLN C 151 30.11 47.89 -6.73
N ILE C 152 29.65 46.94 -5.93
CA ILE C 152 28.80 47.28 -4.80
C ILE C 152 29.56 48.13 -3.79
N TRP C 153 30.83 47.80 -3.56
CA TRP C 153 31.65 48.54 -2.61
C TRP C 153 31.81 49.99 -3.01
N TYR C 154 31.98 50.25 -4.30
CA TYR C 154 32.14 51.61 -4.77
C TYR C 154 30.92 52.45 -4.46
N ARG C 155 29.74 51.85 -4.61
CA ARG C 155 28.48 52.53 -4.35
C ARG C 155 27.93 52.21 -2.98
N ARG C 156 28.72 51.48 -2.19
CA ARG C 156 28.30 51.09 -0.84
C ARG C 156 28.10 52.30 0.05
N PHE D 1 14.82 -14.52 40.24
CA PHE D 1 14.43 -15.49 39.23
C PHE D 1 15.52 -15.68 38.19
N VAL D 2 15.39 -14.96 37.09
CA VAL D 2 16.33 -14.98 35.98
C VAL D 2 17.69 -14.44 36.40
N LYS D 3 18.74 -14.99 35.82
CA LYS D 3 20.12 -14.65 36.19
C LYS D 3 20.47 -13.19 35.89
N PRO D 4 21.00 -12.49 36.89
CA PRO D 4 21.41 -11.08 36.93
C PRO D 4 22.56 -10.74 35.99
N ILE D 5 22.60 -9.51 35.48
CA ILE D 5 23.75 -8.99 34.76
C ILE D 5 25.00 -9.09 35.64
N PHE D 6 25.17 -8.11 36.53
CA PHE D 6 26.26 -8.16 37.50
C PHE D 6 25.78 -8.11 38.95
N SER D 7 25.32 -6.94 39.36
CA SER D 7 24.90 -6.74 40.74
C SER D 7 23.59 -7.46 41.07
N ARG D 8 23.49 -7.95 42.30
CA ARG D 8 22.30 -8.61 42.80
C ARG D 8 21.90 -7.87 44.05
N ASP D 9 20.65 -7.42 44.10
CA ASP D 9 20.16 -6.46 45.10
C ASP D 9 20.82 -5.09 44.88
N MET D 10 20.21 -4.04 45.41
CA MET D 10 20.60 -2.67 45.06
C MET D 10 22.00 -2.24 45.48
N ASN D 11 22.48 -2.72 46.62
CA ASN D 11 23.77 -2.25 47.15
C ASN D 11 24.97 -2.67 46.32
N GLU D 12 24.90 -3.83 45.69
CA GLU D 12 25.95 -4.25 44.77
C GLU D 12 25.94 -3.28 43.59
N ALA D 13 24.76 -2.74 43.32
CA ALA D 13 24.58 -1.79 42.23
C ALA D 13 24.83 -0.33 42.64
N LYS D 14 24.35 0.00 43.83
CA LYS D 14 24.48 1.32 44.39
C LYS D 14 25.95 1.63 44.50
N ARG D 15 26.77 0.63 44.80
CA ARG D 15 28.21 0.81 44.88
C ARG D 15 28.77 1.28 43.55
N ARG D 16 28.28 0.69 42.46
CA ARG D 16 28.73 1.04 41.13
C ARG D 16 28.41 2.48 40.68
N VAL D 17 27.22 2.98 41.01
CA VAL D 17 26.82 4.33 40.59
C VAL D 17 27.68 5.47 41.15
N ARG D 18 27.97 5.42 42.45
CA ARG D 18 28.81 6.37 43.14
C ARG D 18 30.17 6.37 42.45
N GLU D 19 30.61 5.18 42.07
CA GLU D 19 31.86 5.02 41.35
C GLU D 19 31.73 5.78 40.06
N LEU D 20 30.50 5.80 39.55
CA LEU D 20 30.23 6.49 38.31
C LEU D 20 30.24 8.00 38.54
N TYR D 21 29.63 8.45 39.63
CA TYR D 21 29.44 9.90 39.79
C TYR D 21 30.78 10.61 39.89
N ARG D 22 31.64 10.07 40.74
CA ARG D 22 32.97 10.60 40.88
C ARG D 22 33.70 10.49 39.56
N ALA D 23 33.43 9.41 38.83
CA ALA D 23 34.11 9.17 37.57
C ALA D 23 33.76 10.27 36.60
N TRP D 24 32.57 10.83 36.75
CA TRP D 24 32.20 12.02 36.01
C TRP D 24 32.69 13.25 36.73
N TYR D 25 32.47 13.28 38.04
CA TYR D 25 32.53 14.51 38.82
C TYR D 25 33.94 15.10 38.85
N ARG D 26 34.92 14.22 38.73
CA ARG D 26 36.30 14.63 38.61
C ARG D 26 36.63 14.94 37.16
N GLU D 27 36.01 14.18 36.26
CA GLU D 27 36.33 14.25 34.85
C GLU D 27 35.85 15.57 34.24
N VAL D 28 34.89 16.21 34.88
CA VAL D 28 34.21 17.34 34.26
C VAL D 28 35.11 18.48 33.81
N PRO D 29 35.98 19.03 34.70
CA PRO D 29 36.86 20.11 34.24
C PRO D 29 37.74 19.73 33.07
N ASN D 30 38.14 18.46 33.02
CA ASN D 30 39.00 17.95 31.96
C ASN D 30 38.29 18.15 30.63
N THR D 31 36.99 17.83 30.64
CA THR D 31 36.10 18.05 29.52
C THR D 31 35.86 19.52 29.25
N VAL D 32 35.79 20.31 30.31
CA VAL D 32 35.55 21.74 30.21
C VAL D 32 36.69 22.40 29.46
N HIS D 33 37.88 21.85 29.63
CA HIS D 33 39.04 22.44 29.00
C HIS D 33 39.41 21.81 27.66
N GLN D 34 39.18 20.51 27.51
CA GLN D 34 39.50 19.87 26.24
C GLN D 34 38.68 20.44 25.10
N PHE D 35 37.45 20.82 25.40
CA PHE D 35 36.55 21.22 24.35
C PHE D 35 36.31 22.71 24.48
N GLN D 36 36.93 23.30 25.49
CA GLN D 36 36.79 24.71 25.83
C GLN D 36 35.33 25.13 26.01
N LEU D 37 34.57 24.37 26.78
CA LEU D 37 33.18 24.67 27.00
C LEU D 37 33.03 26.06 27.61
N ASP D 38 32.08 26.84 27.09
CA ASP D 38 31.84 28.17 27.62
C ASP D 38 31.01 28.14 28.90
N ILE D 39 30.47 26.96 29.21
CA ILE D 39 29.72 26.77 30.44
C ILE D 39 30.63 26.94 31.65
N THR D 40 30.11 27.57 32.70
CA THR D 40 30.83 27.60 33.98
C THR D 40 30.84 26.18 34.51
N VAL D 41 31.93 25.76 35.15
CA VAL D 41 32.13 24.34 35.42
C VAL D 41 31.08 23.78 36.39
N LYS D 42 30.57 24.65 37.27
CA LYS D 42 29.55 24.22 38.20
C LYS D 42 28.28 23.84 37.47
N MET D 43 28.03 24.46 36.32
CA MET D 43 26.89 24.07 35.50
C MET D 43 27.11 22.66 35.00
N GLY D 44 28.36 22.33 34.73
CA GLY D 44 28.67 21.00 34.25
C GLY D 44 28.40 19.99 35.34
N ARG D 45 28.85 20.31 36.55
CA ARG D 45 28.64 19.40 37.66
C ARG D 45 27.17 19.26 37.97
N ASP D 46 26.43 20.34 37.76
CA ASP D 46 25.00 20.33 38.01
C ASP D 46 24.31 19.41 37.03
N LYS D 47 24.74 19.45 35.77
CA LYS D 47 24.17 18.57 34.77
C LYS D 47 24.52 17.13 35.12
N VAL D 48 25.71 16.98 35.70
CA VAL D 48 26.14 15.67 36.17
C VAL D 48 25.20 15.17 37.25
N ARG D 49 24.76 16.07 38.10
CA ARG D 49 23.81 15.69 39.14
C ARG D 49 22.43 15.41 38.54
N GLU D 50 22.10 16.10 37.46
CA GLU D 50 20.76 15.99 36.88
C GLU D 50 20.56 14.68 36.15
N MET D 51 21.51 14.29 35.33
CA MET D 51 21.34 13.04 34.59
C MET D 51 21.28 11.85 35.53
N PHE D 52 21.82 12.02 36.72
CA PHE D 52 21.72 11.01 37.76
C PHE D 52 20.38 11.08 38.45
N MET D 53 19.60 12.12 38.17
CA MET D 53 18.27 12.23 38.73
C MET D 53 17.16 11.68 37.82
N LYS D 54 17.37 11.72 36.51
CA LYS D 54 16.36 11.24 35.57
C LYS D 54 16.14 9.74 35.71
N ASN D 55 17.12 9.06 36.30
CA ASN D 55 17.05 7.62 36.42
C ASN D 55 16.59 7.18 37.80
N ALA D 56 15.85 8.08 38.47
CA ALA D 56 15.38 7.86 39.84
C ALA D 56 14.36 6.72 40.02
N HIS D 57 13.60 6.40 38.99
CA HIS D 57 12.53 5.41 39.15
C HIS D 57 13.04 3.99 38.96
N VAL D 58 14.33 3.85 38.67
CA VAL D 58 14.93 2.54 38.49
C VAL D 58 14.85 1.74 39.78
N THR D 59 14.54 0.45 39.66
CA THR D 59 14.39 -0.39 40.85
C THR D 59 14.98 -1.80 40.70
N ASP D 60 15.09 -2.30 39.48
CA ASP D 60 15.78 -3.57 39.24
C ASP D 60 17.27 -3.31 39.19
N PRO D 61 18.05 -4.04 40.00
CA PRO D 61 19.52 -3.92 39.96
C PRO D 61 20.10 -4.19 38.58
N ARG D 62 19.48 -5.06 37.79
CA ARG D 62 19.92 -5.23 36.41
C ARG D 62 19.71 -3.96 35.59
N VAL D 63 18.68 -3.18 35.93
CA VAL D 63 18.48 -1.92 35.23
C VAL D 63 19.52 -0.89 35.67
N VAL D 64 19.79 -0.84 36.97
CA VAL D 64 20.82 0.06 37.48
C VAL D 64 22.15 -0.26 36.83
N ASP D 65 22.57 -1.52 36.92
CA ASP D 65 23.90 -1.86 36.45
C ASP D 65 23.98 -1.76 34.94
N LEU D 66 22.89 -1.99 34.23
CA LEU D 66 22.96 -1.85 32.78
C LEU D 66 23.09 -0.38 32.45
N LEU D 67 22.41 0.47 33.22
CA LEU D 67 22.54 1.92 33.06
C LEU D 67 23.92 2.46 33.38
N VAL D 68 24.61 1.88 34.35
CA VAL D 68 25.96 2.34 34.61
C VAL D 68 26.92 1.74 33.59
N ILE D 69 26.55 0.60 33.01
CA ILE D 69 27.35 0.06 31.92
C ILE D 69 27.32 1.04 30.75
N LYS D 70 26.12 1.39 30.32
CA LYS D 70 25.98 2.33 29.21
C LYS D 70 26.51 3.71 29.56
N GLY D 71 26.38 4.11 30.82
CA GLY D 71 26.87 5.43 31.21
C GLY D 71 28.38 5.52 31.25
N LYS D 72 29.02 4.44 31.69
CA LYS D 72 30.47 4.38 31.65
C LYS D 72 30.93 4.30 30.20
N ILE D 73 30.15 3.64 29.36
CA ILE D 73 30.47 3.57 27.92
C ILE D 73 30.41 4.95 27.31
N GLU D 74 29.48 5.78 27.78
CA GLU D 74 29.45 7.16 27.34
C GLU D 74 30.66 7.91 27.88
N LEU D 75 31.07 7.56 29.09
CA LEU D 75 32.24 8.19 29.69
C LEU D 75 33.49 7.85 28.87
N GLU D 76 33.48 6.69 28.23
CA GLU D 76 34.58 6.27 27.38
C GLU D 76 34.77 7.28 26.26
N GLU D 77 33.68 7.52 25.55
CA GLU D 77 33.69 8.46 24.44
C GLU D 77 34.03 9.84 24.93
N THR D 78 33.67 10.15 26.18
CA THR D 78 33.98 11.47 26.70
C THR D 78 35.46 11.69 26.99
N ILE D 79 36.03 10.78 27.77
CA ILE D 79 37.41 10.92 28.23
C ILE D 79 38.44 10.80 27.11
N LYS D 80 38.12 10.01 26.10
CA LYS D 80 39.08 9.73 25.04
C LYS D 80 39.13 10.89 24.07
N VAL D 81 38.40 11.96 24.42
CA VAL D 81 38.34 13.18 23.63
C VAL D 81 37.82 12.79 22.25
N TRP D 82 36.87 11.87 22.28
CA TRP D 82 36.06 11.57 21.12
C TRP D 82 34.94 12.57 21.15
N LYS D 83 33.83 12.27 20.48
CA LYS D 83 32.74 13.23 20.37
C LYS D 83 33.27 14.54 19.81
N GLN D 84 32.51 15.59 20.01
CA GLN D 84 32.88 16.92 19.64
C GLN D 84 32.18 17.83 20.63
N ARG D 85 32.45 19.12 20.57
CA ARG D 85 31.82 20.03 21.52
C ARG D 85 30.30 19.95 21.39
N THR D 86 29.82 19.75 20.16
CA THR D 86 28.40 19.72 19.90
C THR D 86 27.74 18.57 20.63
N HIS D 87 28.41 17.41 20.61
CA HIS D 87 27.88 16.22 21.25
C HIS D 87 27.79 16.38 22.75
N VAL D 88 28.74 17.12 23.31
CA VAL D 88 28.69 17.46 24.72
C VAL D 88 27.52 18.38 24.99
N MET D 89 27.21 19.22 24.02
CA MET D 89 26.14 20.19 24.19
C MET D 89 24.77 19.59 23.87
N ARG D 90 24.74 18.37 23.35
CA ARG D 90 23.47 17.72 23.03
C ARG D 90 22.66 17.46 24.28
N PHE D 91 23.34 17.32 25.41
CA PHE D 91 22.67 17.12 26.68
C PHE D 91 21.88 18.34 27.12
N PHE D 92 22.26 19.51 26.60
CA PHE D 92 21.62 20.75 26.99
C PHE D 92 20.36 21.12 26.19
N HIS D 93 20.36 20.82 24.89
CA HIS D 93 19.23 21.16 23.99
C HIS D 93 18.88 22.64 23.99
N GLU D 94 19.89 23.48 24.15
CA GLU D 94 19.67 24.91 24.36
C GLU D 94 19.03 25.61 23.16
N THR D 95 19.21 25.05 21.97
CA THR D 95 18.56 25.58 20.79
C THR D 95 17.05 25.45 20.86
N GLU D 96 16.60 24.40 21.54
CA GLU D 96 15.18 24.09 21.67
C GLU D 96 14.41 25.04 22.58
N ALA D 97 13.15 25.28 22.25
CA ALA D 97 12.28 26.11 23.07
C ALA D 97 11.91 25.42 24.37
N PRO D 98 11.79 26.20 25.45
CA PRO D 98 11.34 25.64 26.73
C PRO D 98 9.93 25.08 26.65
N ARG D 99 9.67 23.99 27.37
CA ARG D 99 8.33 23.40 27.36
C ARG D 99 7.50 23.82 28.56
N PRO D 100 6.38 24.49 28.31
CA PRO D 100 5.43 24.86 29.37
C PRO D 100 4.52 23.69 29.75
N LYS D 101 4.81 23.09 30.91
CA LYS D 101 4.02 21.96 31.41
C LYS D 101 2.59 22.37 31.72
N ASP D 102 2.38 23.67 31.93
CA ASP D 102 1.06 24.19 32.26
C ASP D 102 0.08 23.82 31.16
N PHE D 103 -1.08 23.30 31.56
CA PHE D 103 -2.06 22.83 30.61
C PHE D 103 -2.71 23.95 29.81
N LEU D 104 -2.84 25.12 30.42
CA LEU D 104 -3.52 26.23 29.78
C LEU D 104 -2.77 26.70 28.53
N SER D 105 -1.45 26.77 28.67
CA SER D 105 -0.60 27.10 27.54
C SER D 105 -0.69 26.00 26.50
N LYS D 106 -0.83 24.77 26.95
CA LYS D 106 -0.94 23.62 26.06
C LYS D 106 -2.21 23.74 25.26
N PHE D 107 -3.22 24.35 25.86
CA PHE D 107 -4.45 24.68 25.16
C PHE D 107 -4.14 25.73 24.12
N TYR D 108 -3.42 26.76 24.53
CA TYR D 108 -3.15 27.89 23.65
C TYR D 108 -2.30 27.57 22.42
N VAL D 109 -1.45 26.55 22.52
CA VAL D 109 -0.50 26.27 21.45
C VAL D 109 -1.14 25.69 20.21
N GLY D 110 -1.59 24.43 20.30
CA GLY D 110 -2.10 23.74 19.13
C GLY D 110 -3.03 22.58 19.47
N HIS D 111 -3.28 21.74 18.48
CA HIS D 111 -4.18 20.61 18.64
C HIS D 111 -3.67 19.63 19.69
N ASP D 112 -2.40 19.27 19.60
CA ASP D 112 -1.73 18.56 20.70
C ASP D 112 -2.44 17.24 21.04
N PRO D 113 -2.08 16.59 22.17
CA PRO D 113 -3.01 15.52 22.56
C PRO D 113 -4.20 16.06 23.32
N LEU E 1 -28.85 24.03 49.79
CA LEU E 1 -27.56 23.52 50.26
C LEU E 1 -27.68 22.06 50.65
N GLY E 2 -28.88 21.65 51.02
CA GLY E 2 -29.10 20.30 51.52
C GLY E 2 -28.89 19.21 50.49
N LEU E 3 -29.19 19.50 49.23
CA LEU E 3 -29.00 18.56 48.13
C LEU E 3 -29.28 19.27 46.81
N ARG E 4 -28.80 18.71 45.71
CA ARG E 4 -29.22 19.15 44.39
C ARG E 4 -29.50 17.93 43.53
N GLU E 5 -28.59 16.97 43.59
CA GLU E 5 -28.73 15.69 42.91
C GLU E 5 -28.14 14.63 43.81
N ILE E 6 -28.75 13.46 43.84
CA ILE E 6 -28.17 12.37 44.62
C ILE E 6 -28.20 11.14 43.74
N ARG E 7 -27.26 10.22 43.93
CA ARG E 7 -27.21 9.06 43.06
C ARG E 7 -26.53 7.87 43.72
N ILE E 8 -26.84 6.67 43.23
CA ILE E 8 -26.29 5.45 43.81
C ILE E 8 -25.83 4.45 42.76
N HIS E 9 -24.93 3.56 43.17
CA HIS E 9 -24.37 2.56 42.28
C HIS E 9 -24.60 1.18 42.90
N LEU E 10 -24.66 0.16 42.05
CA LEU E 10 -25.12 -1.16 42.48
C LEU E 10 -24.64 -2.33 41.62
N CYS E 11 -23.99 -3.31 42.24
CA CYS E 11 -23.63 -4.54 41.53
C CYS E 11 -24.89 -5.28 41.14
N GLN E 12 -24.92 -5.79 39.91
CA GLN E 12 -26.12 -6.48 39.43
C GLN E 12 -26.39 -7.80 40.16
N ARG E 13 -25.36 -8.42 40.71
CA ARG E 13 -25.51 -9.78 41.22
C ARG E 13 -24.90 -9.98 42.62
N SER E 14 -23.98 -9.12 43.01
CA SER E 14 -23.22 -9.32 44.24
C SER E 14 -24.10 -9.30 45.48
N PRO E 15 -23.76 -10.17 46.46
CA PRO E 15 -24.48 -10.30 47.73
C PRO E 15 -24.55 -8.99 48.52
N GLY E 16 -23.51 -8.18 48.42
CA GLY E 16 -23.47 -6.92 49.14
C GLY E 16 -24.40 -5.90 48.51
N SER E 17 -24.82 -6.15 47.28
CA SER E 17 -25.77 -5.30 46.58
C SER E 17 -27.21 -5.77 46.67
N GLN E 18 -27.40 -7.04 47.05
CA GLN E 18 -28.70 -7.68 46.90
C GLN E 18 -29.82 -7.09 47.78
N GLY E 19 -29.49 -6.72 49.01
CA GLY E 19 -30.49 -6.15 49.90
C GLY E 19 -30.91 -4.80 49.38
N VAL E 20 -29.94 -4.09 48.83
CA VAL E 20 -30.20 -2.81 48.18
C VAL E 20 -31.06 -2.99 46.95
N ARG E 21 -30.87 -4.11 46.24
CA ARG E 21 -31.67 -4.40 45.05
C ARG E 21 -33.11 -4.61 45.46
N ASP E 22 -33.28 -5.34 46.55
CA ASP E 22 -34.60 -5.61 47.08
C ASP E 22 -35.24 -4.29 47.50
N PHE E 23 -34.41 -3.38 48.00
CA PHE E 23 -34.92 -2.09 48.45
C PHE E 23 -35.41 -1.25 47.29
N ILE E 24 -34.62 -1.18 46.22
CA ILE E 24 -35.00 -0.37 45.08
C ILE E 24 -36.24 -0.97 44.44
N GLU E 25 -36.35 -2.30 44.49
CA GLU E 25 -37.57 -2.95 44.02
C GLU E 25 -38.76 -2.65 44.92
N LYS E 26 -38.53 -2.31 46.18
CA LYS E 26 -39.66 -1.90 47.02
C LYS E 26 -39.76 -0.38 47.26
N ARG E 27 -39.12 0.12 48.32
CA ARG E 27 -39.45 1.40 48.92
C ARG E 27 -39.06 2.61 48.06
N TYR E 28 -38.30 2.35 47.01
CA TYR E 28 -37.81 3.43 46.17
C TYR E 28 -38.96 4.23 45.58
N VAL E 29 -40.09 3.57 45.37
CA VAL E 29 -41.27 4.27 44.90
C VAL E 29 -41.73 5.27 45.97
N GLU E 30 -41.57 4.90 47.23
CA GLU E 30 -41.94 5.78 48.32
C GLU E 30 -40.99 6.97 48.44
N LEU E 31 -39.69 6.68 48.46
CA LEU E 31 -38.73 7.77 48.60
C LEU E 31 -38.79 8.71 47.42
N LYS E 32 -38.98 8.14 46.23
CA LYS E 32 -39.10 8.93 45.02
C LYS E 32 -40.38 9.73 45.09
N LYS E 33 -41.39 9.17 45.75
CA LYS E 33 -42.64 9.88 45.97
C LYS E 33 -42.42 11.07 46.89
N ALA E 34 -41.49 10.93 47.82
CA ALA E 34 -41.20 11.99 48.78
C ALA E 34 -40.60 13.24 48.14
N ASN E 35 -39.87 13.06 47.05
CA ASN E 35 -39.09 14.16 46.48
C ASN E 35 -39.27 14.37 44.97
N PRO E 36 -40.33 15.08 44.58
CA PRO E 36 -40.55 15.46 43.18
C PRO E 36 -39.37 16.28 42.62
N ASP E 37 -38.73 17.07 43.47
CA ASP E 37 -37.61 17.91 43.05
C ASP E 37 -36.33 17.13 42.77
N LEU E 38 -35.62 16.78 43.84
CA LEU E 38 -34.25 16.31 43.75
C LEU E 38 -34.16 14.89 43.21
N PRO E 39 -33.45 14.71 42.08
CA PRO E 39 -33.28 13.39 41.49
C PRO E 39 -32.49 12.42 42.37
N ILE E 40 -32.88 11.15 42.32
CA ILE E 40 -32.14 10.08 42.96
C ILE E 40 -31.73 9.10 41.88
N LEU E 41 -30.72 9.49 41.09
CA LEU E 41 -30.25 8.69 39.98
C LEU E 41 -29.71 7.35 40.48
N ILE E 42 -29.94 6.28 39.73
CA ILE E 42 -29.50 4.98 40.18
C ILE E 42 -28.85 4.25 39.02
N ARG E 43 -27.75 3.54 39.30
CA ARG E 43 -27.04 2.87 38.23
C ARG E 43 -26.82 1.39 38.51
N GLU E 44 -26.85 0.63 37.43
CA GLU E 44 -26.78 -0.83 37.46
C GLU E 44 -25.35 -1.32 37.55
N CYS E 45 -24.39 -0.40 37.49
CA CYS E 45 -23.00 -0.75 37.22
C CYS E 45 -22.40 -1.71 38.23
N SER E 46 -21.72 -2.72 37.70
CA SER E 46 -21.10 -3.73 38.53
C SER E 46 -19.73 -3.24 38.98
N ASP E 47 -19.70 -1.99 39.41
CA ASP E 47 -18.54 -1.45 40.09
C ASP E 47 -18.35 -2.26 41.36
N VAL E 48 -17.12 -2.44 41.79
CA VAL E 48 -16.80 -3.45 42.81
C VAL E 48 -17.61 -3.22 44.09
N GLN E 49 -17.96 -1.96 44.35
CA GLN E 49 -18.77 -1.66 45.51
C GLN E 49 -19.99 -0.83 45.15
N PRO E 50 -21.12 -1.09 45.83
CA PRO E 50 -22.31 -0.23 45.72
C PRO E 50 -21.97 1.14 46.29
N LYS E 51 -22.55 2.21 45.75
CA LYS E 51 -22.04 3.54 46.05
C LYS E 51 -23.14 4.57 46.27
N LEU E 52 -22.81 5.67 46.95
CA LEU E 52 -23.76 6.73 47.23
C LEU E 52 -23.14 8.12 47.10
N TRP E 53 -23.25 8.70 45.91
CA TRP E 53 -22.97 10.12 45.72
C TRP E 53 -24.13 10.99 46.16
N ALA E 54 -23.81 12.19 46.63
CA ALA E 54 -24.83 13.16 47.00
C ALA E 54 -24.27 14.58 46.91
N ARG E 55 -24.62 15.27 45.83
CA ARG E 55 -24.15 16.64 45.64
C ARG E 55 -24.81 17.59 46.63
N TYR E 56 -24.06 18.57 47.11
CA TYR E 56 -24.63 19.64 47.92
C TYR E 56 -24.38 20.97 47.25
N ALA E 57 -24.14 22.00 48.06
CA ALA E 57 -23.88 23.34 47.55
C ALA E 57 -22.59 23.40 46.74
N PHE E 58 -22.64 24.13 45.63
CA PHE E 58 -21.48 24.33 44.76
C PHE E 58 -20.80 23.04 44.32
N GLY E 59 -21.59 21.99 44.11
CA GLY E 59 -21.11 20.81 43.44
C GLY E 59 -20.37 19.82 44.29
N GLN E 60 -20.16 20.14 45.57
CA GLN E 60 -19.47 19.23 46.47
C GLN E 60 -20.32 17.98 46.67
N GLU E 61 -19.69 16.82 46.76
CA GLU E 61 -20.45 15.58 46.80
C GLU E 61 -19.95 14.61 47.88
N THR E 62 -20.87 14.14 48.72
CA THR E 62 -20.56 13.04 49.62
C THR E 62 -20.55 11.73 48.84
N ASN E 63 -19.78 10.76 49.32
CA ASN E 63 -19.65 9.49 48.61
C ASN E 63 -19.46 8.30 49.55
N VAL E 64 -20.57 7.75 50.04
CA VAL E 64 -20.46 6.59 50.91
C VAL E 64 -20.64 5.30 50.13
N PRO E 65 -19.60 4.43 50.13
CA PRO E 65 -19.71 3.10 49.53
C PRO E 65 -20.76 2.26 50.26
N LEU E 66 -21.45 1.39 49.53
CA LEU E 66 -22.54 0.62 50.11
C LEU E 66 -22.22 -0.87 50.24
N ASN E 67 -20.94 -1.21 50.20
CA ASN E 67 -20.53 -2.61 50.33
C ASN E 67 -20.92 -3.18 51.69
N ASN E 68 -21.45 -4.39 51.68
CA ASN E 68 -21.87 -5.10 52.88
C ASN E 68 -22.79 -4.31 53.82
N PHE E 69 -23.76 -3.61 53.24
CA PHE E 69 -24.76 -2.90 54.03
C PHE E 69 -26.16 -3.41 53.72
N SER E 70 -26.96 -3.65 54.75
CA SER E 70 -28.36 -4.04 54.56
C SER E 70 -29.19 -2.84 54.13
N ALA E 71 -30.29 -3.10 53.46
CA ALA E 71 -31.13 -2.04 52.89
C ALA E 71 -31.66 -1.12 53.99
N ASP E 72 -31.86 -1.66 55.19
CA ASP E 72 -32.28 -0.84 56.32
C ASP E 72 -31.18 0.12 56.74
N GLN E 73 -29.93 -0.33 56.68
CA GLN E 73 -28.80 0.53 56.95
C GLN E 73 -28.65 1.54 55.83
N VAL E 74 -29.01 1.12 54.62
CA VAL E 74 -28.93 2.01 53.47
C VAL E 74 -29.87 3.17 53.68
N THR E 75 -31.10 2.84 54.05
CA THR E 75 -32.10 3.85 54.32
C THR E 75 -31.65 4.68 55.49
N ARG E 76 -30.97 4.02 56.43
CA ARG E 76 -30.48 4.66 57.64
C ARG E 76 -29.52 5.77 57.26
N ALA E 77 -28.75 5.54 56.22
CA ALA E 77 -27.94 6.60 55.66
C ALA E 77 -28.81 7.60 54.90
N LEU E 78 -29.89 7.10 54.30
CA LEU E 78 -30.69 7.92 53.40
C LEU E 78 -31.40 9.05 54.10
N GLU E 79 -31.93 8.84 55.31
CA GLU E 79 -32.59 9.97 55.97
C GLU E 79 -31.54 10.97 56.42
N ASN E 80 -30.33 10.49 56.67
CA ASN E 80 -29.25 11.33 57.19
C ASN E 80 -28.82 12.40 56.19
N VAL E 81 -28.99 12.07 54.92
CA VAL E 81 -28.55 12.95 53.84
C VAL E 81 -29.72 13.72 53.23
N LEU E 82 -30.82 13.85 53.96
CA LEU E 82 -31.95 14.63 53.47
C LEU E 82 -31.52 16.09 53.31
N SER E 83 -30.54 16.50 54.11
CA SER E 83 -30.00 17.85 54.05
C SER E 83 -28.48 17.85 53.94
N PRO F 1 52.37 18.05 58.79
CA PRO F 1 52.93 16.73 59.12
C PRO F 1 52.57 16.12 60.49
N PRO F 2 52.43 16.91 61.59
CA PRO F 2 52.09 16.20 62.83
C PRO F 2 50.76 15.43 62.73
N LEU F 3 49.82 15.96 61.97
CA LEU F 3 48.49 15.38 61.81
C LEU F 3 47.77 15.22 63.15
N THR F 4 47.71 16.30 63.92
CA THR F 4 46.96 16.32 65.16
C THR F 4 45.47 16.12 64.85
N LEU F 5 44.81 15.32 65.67
CA LEU F 5 43.48 14.79 65.37
C LEU F 5 42.37 15.85 65.35
N GLU F 6 42.39 16.70 66.36
CA GLU F 6 41.41 17.78 66.49
C GLU F 6 41.52 18.76 65.32
N GLY F 7 42.74 18.95 64.83
CA GLY F 7 42.97 19.84 63.71
C GLY F 7 42.51 19.15 62.44
N ILE F 8 42.52 17.82 62.46
CA ILE F 8 41.97 17.06 61.34
C ILE F 8 40.47 17.27 61.25
N GLN F 9 39.82 17.22 62.41
CA GLN F 9 38.39 17.51 62.44
C GLN F 9 38.12 18.96 62.07
N ASP F 10 39.05 19.85 62.42
CA ASP F 10 38.94 21.25 62.01
C ASP F 10 39.00 21.36 60.49
N ARG F 11 39.82 20.51 59.92
CA ARG F 11 40.03 20.50 58.49
C ARG F 11 38.77 20.04 57.79
N VAL F 12 38.21 18.95 58.30
CA VAL F 12 37.01 18.38 57.71
C VAL F 12 35.83 19.33 57.83
N LEU F 13 35.64 19.93 59.01
CA LEU F 13 34.55 20.89 59.18
C LEU F 13 34.74 22.13 58.33
N TYR F 14 35.98 22.57 58.16
CA TYR F 14 36.23 23.69 57.25
C TYR F 14 35.88 23.32 55.81
N VAL F 15 36.12 22.06 55.45
CA VAL F 15 35.71 21.57 54.15
C VAL F 15 34.20 21.60 54.07
N LEU F 16 33.53 21.33 55.18
CA LEU F 16 32.09 21.42 55.22
C LEU F 16 31.64 22.88 55.08
N LYS F 17 32.48 23.80 55.54
CA LYS F 17 32.19 25.22 55.39
C LYS F 17 32.21 25.58 53.92
N LEU F 18 33.28 25.16 53.25
CA LEU F 18 33.39 25.34 51.81
C LEU F 18 32.32 24.52 51.09
N TYR F 19 31.93 23.42 51.70
CA TYR F 19 30.88 22.56 51.15
C TYR F 19 29.55 23.29 51.17
N ASP F 20 28.74 23.07 50.14
CA ASP F 20 27.50 23.82 49.95
C ASP F 20 26.28 23.27 50.68
N LYS F 21 25.99 21.98 50.47
CA LYS F 21 24.67 21.43 50.76
C LYS F 21 24.29 21.49 52.24
N ILE F 22 25.27 21.38 53.13
CA ILE F 22 25.00 21.43 54.57
C ILE F 22 24.68 22.85 55.03
N ASP F 23 23.77 22.96 55.99
CA ASP F 23 23.56 24.21 56.71
C ASP F 23 24.68 24.39 57.73
N PRO F 24 25.20 25.62 57.88
CA PRO F 24 26.31 25.87 58.82
C PRO F 24 25.99 25.48 60.26
N GLU F 25 24.75 25.66 60.68
CA GLU F 25 24.31 25.19 61.99
C GLU F 25 24.24 23.66 62.04
N LYS F 26 23.87 23.06 60.92
CA LYS F 26 23.66 21.62 60.84
C LYS F 26 24.99 20.90 61.01
N LEU F 27 26.06 21.66 60.78
CA LEU F 27 27.41 21.19 61.01
C LEU F 27 27.58 20.82 62.48
N SER F 28 28.16 19.65 62.72
CA SER F 28 28.25 19.10 64.07
C SER F 28 29.22 17.93 64.16
N VAL F 29 29.64 17.64 65.39
CA VAL F 29 30.64 16.60 65.64
C VAL F 29 30.12 15.19 65.36
N ASN F 30 28.82 14.97 65.50
CA ASN F 30 28.27 13.62 65.40
C ASN F 30 27.19 13.35 64.36
N SER F 31 26.43 14.36 63.96
CA SER F 31 25.22 14.07 63.18
C SER F 31 25.55 13.37 61.87
N HIS F 32 24.83 12.29 61.61
CA HIS F 32 25.08 11.42 60.47
C HIS F 32 24.77 12.11 59.15
N PHE F 33 25.55 11.80 58.13
CA PHE F 33 25.33 12.36 56.80
C PHE F 33 24.33 11.58 55.98
N MET F 34 23.85 10.47 56.52
CA MET F 34 22.79 9.73 55.86
C MET F 34 21.57 9.63 56.77
N LYS F 35 21.81 9.37 58.05
CA LYS F 35 20.73 9.10 58.99
C LYS F 35 20.30 10.33 59.80
N ASP F 36 21.07 11.40 59.68
CA ASP F 36 20.72 12.61 60.38
C ASP F 36 20.59 13.78 59.40
N LEU F 37 21.68 14.11 58.71
CA LEU F 37 21.62 15.16 57.73
C LEU F 37 20.69 14.78 56.59
N GLY F 38 19.93 15.75 56.11
CA GLY F 38 18.93 15.52 55.10
C GLY F 38 19.51 15.47 53.70
N LEU F 39 20.81 15.74 53.60
CA LEU F 39 21.48 15.69 52.32
C LEU F 39 21.43 14.26 51.76
N ASP F 40 21.19 14.16 50.47
CA ASP F 40 21.02 12.87 49.81
C ASP F 40 22.37 12.20 49.55
N SER F 41 22.30 10.97 49.04
CA SER F 41 23.48 10.12 48.85
C SER F 41 24.51 10.75 47.95
N LEU F 42 24.05 11.44 46.93
CA LEU F 42 24.98 12.10 46.02
C LEU F 42 25.78 13.16 46.76
N ASP F 43 25.15 13.78 47.75
CA ASP F 43 25.87 14.67 48.66
C ASP F 43 26.83 13.89 49.55
N GLN F 44 26.48 12.64 49.85
CA GLN F 44 27.35 11.78 50.62
C GLN F 44 28.64 11.59 49.86
N VAL F 45 28.48 11.25 48.58
CA VAL F 45 29.60 11.08 47.69
C VAL F 45 30.36 12.38 47.58
N GLU F 46 29.60 13.47 47.62
CA GLU F 46 30.18 14.79 47.39
C GLU F 46 31.16 15.16 48.50
N ILE F 47 30.70 15.13 49.75
CA ILE F 47 31.60 15.38 50.85
C ILE F 47 32.68 14.32 51.02
N ILE F 48 32.35 13.05 50.76
CA ILE F 48 33.32 11.98 51.04
C ILE F 48 34.49 12.16 50.08
N MET F 49 34.19 12.64 48.88
CA MET F 49 35.24 12.77 47.89
C MET F 49 35.98 14.11 48.02
N ALA F 50 35.28 15.13 48.47
CA ALA F 50 35.96 16.38 48.73
C ALA F 50 36.96 16.18 49.86
N MET F 51 36.51 15.45 50.88
CA MET F 51 37.34 15.20 52.05
C MET F 51 38.53 14.35 51.67
N GLU F 52 38.29 13.26 50.95
CA GLU F 52 39.40 12.40 50.57
C GLU F 52 40.36 13.15 49.66
N ASP F 53 39.82 14.09 48.88
CA ASP F 53 40.66 14.94 48.06
C ASP F 53 41.53 15.83 48.93
N GLU F 54 41.02 16.20 50.10
CA GLU F 54 41.86 16.92 51.04
C GLU F 54 42.95 16.00 51.58
N PHE F 55 42.55 14.79 52.00
CA PHE F 55 43.48 13.84 52.62
C PHE F 55 44.33 13.15 51.57
N GLY F 56 43.95 13.29 50.30
CA GLY F 56 44.77 12.79 49.23
C GLY F 56 44.87 11.28 49.22
N PHE F 57 43.79 10.62 49.62
CA PHE F 57 43.75 9.17 49.49
C PHE F 57 42.35 8.68 49.23
N GLU F 58 42.24 7.60 48.47
CA GLU F 58 40.96 7.05 48.10
C GLU F 58 40.19 6.56 49.31
N ILE F 59 38.91 6.91 49.37
CA ILE F 59 38.03 6.34 50.37
C ILE F 59 37.04 5.42 49.69
N PRO F 60 37.20 4.11 49.91
CA PRO F 60 36.24 3.18 49.31
C PRO F 60 34.85 3.43 49.86
N ASP F 61 33.82 3.26 49.03
CA ASP F 61 32.46 3.59 49.44
C ASP F 61 31.96 2.57 50.46
N ILE F 62 32.76 1.54 50.70
CA ILE F 62 32.53 0.64 51.81
C ILE F 62 32.61 1.43 53.12
N ASP F 63 33.48 2.44 53.15
CA ASP F 63 33.51 3.35 54.29
C ASP F 63 32.26 4.21 54.32
N ALA F 64 31.66 4.46 53.15
CA ALA F 64 30.35 5.11 53.12
C ALA F 64 29.27 4.18 53.68
N GLU F 65 29.49 2.88 53.54
CA GLU F 65 28.67 1.88 54.24
C GLU F 65 28.92 1.98 55.74
N LYS F 66 30.14 2.38 56.10
CA LYS F 66 30.44 2.74 57.48
C LYS F 66 29.97 4.17 57.70
N LEU F 67 30.89 5.10 57.51
CA LEU F 67 30.62 6.54 57.66
C LEU F 67 29.96 6.84 59.00
N MET F 68 28.65 6.58 59.08
CA MET F 68 27.88 6.86 60.27
C MET F 68 28.09 8.32 60.69
N CYS F 69 28.65 8.50 61.89
CA CYS F 69 29.01 9.82 62.38
C CYS F 69 30.24 10.38 61.67
N PRO F 70 30.31 11.71 61.56
CA PRO F 70 31.52 12.43 61.15
C PRO F 70 32.62 12.09 62.15
N GLN F 71 32.20 11.81 63.36
CA GLN F 71 33.09 11.31 64.37
C GLN F 71 33.75 10.02 63.91
N GLU F 72 33.06 9.21 63.10
CA GLU F 72 33.71 8.04 62.52
C GLU F 72 34.52 8.39 61.29
N ILE F 73 34.31 9.59 60.74
CA ILE F 73 35.22 10.06 59.70
C ILE F 73 36.56 10.35 60.32
N VAL F 74 36.57 11.19 61.36
CA VAL F 74 37.81 11.55 62.03
C VAL F 74 38.39 10.30 62.69
N ASP F 75 37.51 9.39 63.08
CA ASP F 75 37.93 8.12 63.66
C ASP F 75 38.68 7.31 62.61
N TYR F 76 38.12 7.23 61.41
CA TYR F 76 38.77 6.49 60.36
C TYR F 76 40.09 7.15 60.03
N ILE F 77 40.13 8.47 60.11
CA ILE F 77 41.33 9.23 59.83
C ILE F 77 42.39 8.87 60.87
N ALA F 78 41.94 8.61 62.10
CA ALA F 78 42.83 8.11 63.13
C ALA F 78 43.30 6.71 62.79
N ASP F 79 42.47 5.94 62.09
CA ASP F 79 42.85 4.61 61.61
C ASP F 79 43.50 4.68 60.23
N LYS F 80 43.41 5.84 59.60
CA LYS F 80 43.98 6.03 58.27
C LYS F 80 45.34 6.70 58.38
N LYS F 81 45.35 7.90 58.95
CA LYS F 81 46.58 8.64 59.15
C LYS F 81 47.45 7.87 60.14
N ASP F 82 46.79 7.08 60.98
CA ASP F 82 47.47 6.17 61.89
C ASP F 82 48.47 6.88 62.79
N VAL F 83 48.24 8.17 63.03
CA VAL F 83 49.03 8.90 64.00
C VAL F 83 48.27 8.94 65.33
N TYR F 84 46.97 9.23 65.25
CA TYR F 84 46.01 9.08 66.35
C TYR F 84 46.49 9.57 67.71
N GLU F 85 47.23 10.68 67.73
CA GLU F 85 47.73 11.24 68.98
C GLU F 85 47.45 12.73 69.10
N LEU G 1 60.61 -35.63 -0.20
CA LEU G 1 59.52 -34.82 0.34
C LEU G 1 59.38 -33.51 -0.43
N LYS G 2 58.14 -33.09 -0.66
CA LYS G 2 57.88 -31.81 -1.31
C LYS G 2 58.40 -30.64 -0.48
N LYS G 3 59.09 -29.72 -1.13
CA LYS G 3 59.52 -28.48 -0.51
C LYS G 3 58.35 -27.50 -0.47
N THR G 4 58.32 -26.65 0.55
CA THR G 4 57.27 -25.65 0.78
C THR G 4 55.88 -26.26 1.00
N THR G 5 55.32 -25.98 2.17
CA THR G 5 53.96 -26.37 2.44
C THR G 5 52.95 -25.65 1.55
N GLY G 6 53.29 -24.42 1.12
CA GLY G 6 52.41 -23.62 0.29
C GLY G 6 51.60 -22.62 1.09
N LEU G 7 50.94 -23.11 2.15
CA LEU G 7 50.13 -22.29 3.03
C LEU G 7 50.97 -21.36 3.88
N VAL G 8 50.39 -20.25 4.32
CA VAL G 8 51.16 -19.28 5.10
C VAL G 8 51.35 -19.61 6.59
N GLY G 9 50.27 -19.95 7.30
CA GLY G 9 50.37 -20.13 8.73
C GLY G 9 50.96 -21.48 9.09
N LEU G 10 50.80 -22.43 8.18
CA LEU G 10 51.29 -23.78 8.38
C LEU G 10 52.81 -23.85 8.21
N ALA G 11 53.45 -24.76 8.94
CA ALA G 11 54.89 -24.97 8.83
C ALA G 11 55.18 -26.46 8.89
N VAL G 12 56.28 -26.88 8.27
CA VAL G 12 56.59 -28.29 8.17
C VAL G 12 57.00 -28.91 9.51
N CYS G 13 56.56 -30.15 9.73
CA CYS G 13 57.01 -30.94 10.87
C CYS G 13 57.35 -32.35 10.40
N ASN G 14 58.64 -32.58 10.19
CA ASN G 14 59.12 -33.82 9.59
C ASN G 14 58.86 -35.03 10.47
N THR G 15 58.74 -36.17 9.82
CA THR G 15 58.25 -37.40 10.44
C THR G 15 56.88 -37.16 11.05
N PRO G 16 55.90 -36.79 10.23
CA PRO G 16 54.55 -36.55 10.74
C PRO G 16 53.94 -37.78 11.42
N HIS G 17 54.28 -38.97 10.96
CA HIS G 17 53.59 -40.20 11.37
C HIS G 17 53.70 -40.42 12.86
N GLU G 18 54.90 -40.21 13.37
CA GLU G 18 55.20 -40.44 14.77
C GLU G 18 54.45 -39.43 15.62
N ARG G 19 54.47 -38.18 15.18
CA ARG G 19 53.84 -37.09 15.90
C ARG G 19 52.32 -37.29 15.94
N LEU G 20 51.81 -37.87 14.86
CA LEU G 20 50.42 -38.28 14.80
C LEU G 20 50.12 -39.42 15.76
N ARG G 21 51.01 -40.39 15.87
CA ARG G 21 50.77 -41.47 16.81
C ARG G 21 50.78 -40.93 18.23
N ILE G 22 51.57 -39.88 18.43
CA ILE G 22 51.55 -39.16 19.69
C ILE G 22 50.15 -38.63 19.91
N LEU G 23 49.61 -37.95 18.90
CA LEU G 23 48.29 -37.37 19.05
C LEU G 23 47.17 -38.41 19.23
N TYR G 24 47.29 -39.56 18.57
CA TYR G 24 46.28 -40.60 18.69
C TYR G 24 46.32 -41.15 20.09
N THR G 25 47.51 -41.47 20.58
CA THR G 25 47.62 -42.04 21.90
C THR G 25 47.17 -41.05 22.95
N LYS G 26 47.33 -39.76 22.67
CA LYS G 26 46.99 -38.77 23.69
C LYS G 26 45.51 -38.43 23.72
N ILE G 27 44.87 -38.27 22.57
CA ILE G 27 43.43 -38.05 22.56
C ILE G 27 42.71 -39.34 23.00
N LEU G 28 43.29 -40.50 22.71
CA LEU G 28 42.79 -41.71 23.32
C LEU G 28 42.97 -41.60 24.80
N ASP G 29 44.08 -41.00 25.22
CA ASP G 29 44.44 -40.96 26.63
C ASP G 29 43.44 -40.09 27.39
N VAL G 30 42.86 -39.11 26.71
CA VAL G 30 41.86 -38.27 27.36
C VAL G 30 40.44 -38.82 27.23
N LEU G 31 40.13 -39.49 26.13
CA LEU G 31 38.78 -40.03 25.97
C LEU G 31 38.51 -41.13 26.99
N GLU G 32 39.57 -41.80 27.42
CA GLU G 32 39.43 -42.92 28.34
C GLU G 32 38.86 -42.50 29.70
N GLU G 33 39.20 -41.30 30.13
CA GLU G 33 38.69 -40.80 31.39
C GLU G 33 37.33 -40.14 31.22
N ILE G 34 36.93 -39.92 29.98
CA ILE G 34 35.56 -39.56 29.68
C ILE G 34 34.72 -40.81 29.77
N PRO G 35 33.55 -40.73 30.42
CA PRO G 35 32.67 -41.90 30.52
C PRO G 35 32.17 -42.41 29.16
N LYS G 36 32.01 -43.73 29.06
CA LYS G 36 31.54 -44.40 27.84
C LYS G 36 30.17 -43.88 27.42
N ASN G 37 29.38 -43.49 28.41
CA ASN G 37 27.99 -43.09 28.18
C ASN G 37 27.82 -41.84 27.33
N ALA G 38 28.77 -40.92 27.40
CA ALA G 38 28.65 -39.68 26.63
C ALA G 38 28.65 -40.00 25.15
N ALA G 39 27.71 -39.41 24.42
CA ALA G 39 27.44 -39.82 23.04
C ALA G 39 28.63 -39.55 22.15
N TYR G 40 29.39 -38.52 22.49
CA TYR G 40 30.57 -38.14 21.72
C TYR G 40 31.65 -39.20 21.74
N ARG G 41 31.73 -39.90 22.87
CA ARG G 41 32.92 -40.68 23.12
C ARG G 41 33.06 -41.85 22.15
N LYS G 42 31.95 -42.50 21.82
CA LYS G 42 32.08 -43.64 20.93
C LYS G 42 32.54 -43.21 19.54
N TYR G 43 32.09 -42.04 19.11
CA TYR G 43 32.41 -41.61 17.76
C TYR G 43 33.82 -41.06 17.69
N THR G 44 34.26 -40.36 18.73
CA THR G 44 35.65 -39.90 18.74
C THR G 44 36.56 -41.13 18.83
N GLU G 45 36.07 -42.20 19.46
CA GLU G 45 36.79 -43.47 19.45
C GLU G 45 36.92 -43.97 18.04
N GLN G 46 35.80 -43.98 17.33
CA GLN G 46 35.78 -44.49 15.97
C GLN G 46 36.77 -43.70 15.11
N ILE G 47 36.82 -42.40 15.37
CA ILE G 47 37.66 -41.51 14.60
C ILE G 47 39.14 -41.77 14.84
N THR G 48 39.54 -41.71 16.11
CA THR G 48 40.95 -41.85 16.45
C THR G 48 41.45 -43.23 16.05
N ASN G 49 40.59 -44.23 16.20
CA ASN G 49 41.01 -45.59 15.90
C ASN G 49 41.13 -45.82 14.39
N GLU G 50 40.08 -45.46 13.65
CA GLU G 50 40.10 -45.68 12.21
C GLU G 50 41.17 -44.86 11.53
N LYS G 51 41.39 -43.65 12.02
CA LYS G 51 42.48 -42.81 11.52
C LYS G 51 43.86 -43.32 11.89
N LEU G 52 44.01 -43.90 13.07
CA LEU G 52 45.31 -44.42 13.46
C LEU G 52 45.69 -45.63 12.61
N ALA G 53 44.72 -46.52 12.45
CA ALA G 53 44.95 -47.68 11.59
C ALA G 53 45.18 -47.20 10.17
N MET G 54 44.50 -46.13 9.79
CA MET G 54 44.61 -45.62 8.43
C MET G 54 46.01 -45.05 8.18
N VAL G 55 46.60 -44.44 9.20
CA VAL G 55 48.00 -43.98 9.10
C VAL G 55 48.92 -45.18 9.00
N LYS G 56 48.56 -46.24 9.72
CA LYS G 56 49.33 -47.48 9.69
C LYS G 56 49.26 -48.20 8.35
N ALA G 57 48.22 -47.91 7.58
CA ALA G 57 47.99 -48.58 6.31
C ALA G 57 49.13 -48.36 5.32
N GLU G 58 49.73 -47.17 5.39
CA GLU G 58 50.82 -46.82 4.48
C GLU G 58 51.94 -46.09 5.23
N PRO G 59 53.20 -46.28 4.81
CA PRO G 59 54.37 -45.77 5.53
C PRO G 59 54.78 -44.34 5.18
N ASP G 60 55.09 -44.10 3.91
CA ASP G 60 55.61 -42.82 3.46
C ASP G 60 54.60 -41.70 3.64
N VAL G 61 55.11 -40.48 3.80
CA VAL G 61 54.26 -39.30 3.88
C VAL G 61 53.49 -39.15 2.58
N LYS G 62 54.06 -39.63 1.49
CA LYS G 62 53.56 -39.43 0.13
C LYS G 62 52.11 -39.87 -0.10
N LYS G 63 51.90 -41.19 -0.15
CA LYS G 63 50.56 -41.72 -0.42
C LYS G 63 49.67 -41.63 0.80
N LEU G 64 50.25 -41.25 1.92
CA LEU G 64 49.50 -41.15 3.17
C LEU G 64 48.37 -40.16 3.07
N GLU G 65 48.59 -39.10 2.29
CA GLU G 65 47.57 -38.08 2.08
C GLU G 65 46.55 -38.51 1.02
N ASP G 66 46.82 -39.63 0.36
CA ASP G 66 45.82 -40.29 -0.48
C ASP G 66 44.97 -41.25 0.33
N GLN G 67 45.61 -41.98 1.23
CA GLN G 67 44.93 -43.00 2.01
C GLN G 67 43.87 -42.39 2.89
N LEU G 68 44.12 -41.17 3.36
CA LEU G 68 43.14 -40.45 4.15
C LEU G 68 42.28 -39.58 3.24
N GLN G 69 42.58 -39.61 1.95
CA GLN G 69 41.87 -38.81 0.95
C GLN G 69 41.84 -37.33 1.26
N GLY G 70 42.96 -36.81 1.76
CA GLY G 70 43.06 -35.40 2.07
C GLY G 70 44.44 -34.85 1.76
N GLY G 71 44.48 -33.77 0.99
CA GLY G 71 45.75 -33.14 0.64
C GLY G 71 46.48 -32.61 1.85
N GLN G 72 47.75 -33.00 1.98
CA GLN G 72 48.64 -32.53 3.04
C GLN G 72 48.04 -32.64 4.43
N LEU G 73 48.23 -33.82 5.02
CA LEU G 73 47.68 -34.18 6.32
C LEU G 73 48.55 -33.56 7.39
N GLU G 74 49.55 -32.85 6.89
CA GLU G 74 50.47 -32.06 7.67
C GLU G 74 49.69 -31.00 8.45
N GLU G 75 48.52 -30.65 7.92
CA GLU G 75 47.54 -29.82 8.62
C GLU G 75 46.68 -30.60 9.61
N VAL G 76 46.41 -31.86 9.30
CA VAL G 76 45.42 -32.58 10.09
C VAL G 76 46.06 -33.01 11.39
N ILE G 77 47.37 -32.82 11.49
CA ILE G 77 48.02 -33.06 12.77
C ILE G 77 47.56 -31.91 13.67
N LEU G 78 47.46 -30.72 13.09
CA LEU G 78 46.97 -29.55 13.81
C LEU G 78 45.49 -29.68 14.11
N GLN G 79 44.73 -30.17 13.14
CA GLN G 79 43.32 -30.40 13.40
C GLN G 79 43.13 -31.44 14.48
N ALA G 80 44.03 -32.41 14.50
CA ALA G 80 44.00 -33.44 15.52
C ALA G 80 44.32 -32.80 16.85
N GLU G 81 45.14 -31.75 16.81
CA GLU G 81 45.46 -31.04 18.04
C GLU G 81 44.27 -30.22 18.56
N HIS G 82 43.49 -29.66 17.64
CA HIS G 82 42.23 -29.03 18.02
C HIS G 82 41.32 -30.09 18.60
N GLU G 83 41.42 -31.28 18.04
CA GLU G 83 40.60 -32.41 18.44
C GLU G 83 41.02 -32.83 19.84
N LEU G 84 42.28 -32.55 20.16
CA LEU G 84 42.89 -32.91 21.43
C LEU G 84 42.45 -31.95 22.52
N ASN G 85 42.51 -30.66 22.21
CA ASN G 85 41.99 -29.66 23.12
C ASN G 85 40.48 -29.81 23.29
N LEU G 86 39.81 -30.23 22.22
CA LEU G 86 38.38 -30.50 22.26
C LEU G 86 38.06 -31.63 23.21
N ALA G 87 38.78 -32.72 23.05
CA ALA G 87 38.58 -33.86 23.91
C ALA G 87 38.95 -33.49 25.34
N ARG G 88 39.89 -32.57 25.52
CA ARG G 88 40.14 -32.01 26.84
C ARG G 88 38.94 -31.21 27.35
N LYS G 89 38.20 -30.60 26.42
CA LYS G 89 37.03 -29.81 26.78
C LYS G 89 35.84 -30.69 27.13
N MET G 90 35.84 -31.91 26.62
CA MET G 90 34.70 -32.79 26.79
C MET G 90 34.48 -33.12 28.27
N ARG G 91 35.57 -33.11 29.03
CA ARG G 91 35.52 -33.48 30.44
C ARG G 91 34.69 -32.55 31.32
N GLU G 92 34.72 -31.26 31.01
CA GLU G 92 34.07 -30.28 31.86
C GLU G 92 32.62 -30.06 31.48
N TRP G 93 32.24 -30.63 30.33
CA TRP G 93 30.86 -30.67 29.87
C TRP G 93 30.14 -31.87 30.48
N LYS G 94 30.93 -32.74 31.09
CA LYS G 94 30.49 -34.00 31.68
C LYS G 94 29.77 -34.91 30.70
N LEU G 95 29.21 -36.00 31.23
CA LEU G 95 28.38 -36.88 30.42
C LEU G 95 27.14 -36.11 30.02
N TRP G 96 26.61 -36.41 28.84
CA TRP G 96 25.63 -35.54 28.23
C TRP G 96 24.18 -35.82 28.61
N GLU G 97 23.64 -34.98 29.49
CA GLU G 97 22.24 -35.04 29.85
C GLU G 97 21.41 -34.56 28.68
N PRO G 98 20.45 -35.38 28.23
CA PRO G 98 19.62 -34.97 27.09
C PRO G 98 18.76 -33.76 27.39
N LEU G 99 19.10 -32.62 26.78
CA LEU G 99 18.30 -31.39 26.85
C LEU G 99 18.21 -30.77 28.24
N VAL G 100 18.10 -29.45 28.28
CA VAL G 100 17.84 -28.73 29.52
C VAL G 100 17.11 -27.42 29.21
N GLU G 101 15.92 -27.28 29.80
CA GLU G 101 14.99 -26.18 29.53
C GLU G 101 14.53 -26.20 28.06
N GLU G 102 13.27 -25.86 27.84
CA GLU G 102 12.73 -25.90 26.49
C GLU G 102 11.98 -24.63 26.14
N PRO G 103 11.95 -24.29 24.84
CA PRO G 103 11.30 -23.07 24.37
C PRO G 103 9.82 -23.04 24.65
N PRO G 104 9.27 -21.84 24.91
CA PRO G 104 7.82 -21.72 24.78
C PRO G 104 7.48 -21.97 23.33
N ALA G 105 6.31 -22.56 23.06
CA ALA G 105 6.01 -23.08 21.74
C ALA G 105 6.07 -22.01 20.67
N ASP G 106 5.92 -20.75 21.09
CA ASP G 106 5.99 -19.62 20.17
C ASP G 106 7.35 -19.55 19.50
N GLN G 107 8.40 -19.96 20.23
CA GLN G 107 9.74 -20.03 19.67
C GLN G 107 9.75 -21.07 18.57
N TRP G 108 10.47 -20.80 17.49
CA TRP G 108 10.62 -21.75 16.39
C TRP G 108 9.31 -22.08 15.69
N LYS G 109 8.26 -21.34 16.04
CA LYS G 109 6.96 -21.55 15.44
C LYS G 109 6.88 -20.73 14.16
N TRP G 110 7.74 -21.06 13.21
CA TRP G 110 7.85 -20.31 11.96
C TRP G 110 6.87 -20.78 10.89
N PRO G 111 6.15 -19.85 10.24
CA PRO G 111 6.09 -18.37 10.31
C PRO G 111 5.63 -17.82 11.66
N ILE G 112 6.20 -16.66 12.05
CA ILE G 112 5.86 -15.96 13.28
C ILE G 112 5.47 -16.85 14.45
N ALA H 1 49.86 11.36 -36.19
CA ALA H 1 49.64 10.02 -36.74
C ALA H 1 50.68 9.71 -37.80
N THR H 2 51.66 10.60 -37.94
CA THR H 2 52.70 10.46 -38.95
C THR H 2 53.55 9.21 -38.73
N ARG H 3 53.89 8.55 -39.82
CA ARG H 3 54.45 7.20 -39.78
C ARG H 3 55.79 7.08 -39.08
N LEU H 4 56.65 8.09 -39.19
CA LEU H 4 57.92 8.03 -38.49
C LEU H 4 57.67 8.09 -36.99
N ILE H 5 56.70 8.92 -36.62
CA ILE H 5 56.30 9.05 -35.23
C ILE H 5 55.66 7.76 -34.75
N GLN H 6 54.98 7.06 -35.67
CA GLN H 6 54.42 5.76 -35.35
C GLN H 6 55.52 4.75 -35.10
N ARG H 7 56.58 4.85 -35.90
CA ARG H 7 57.69 3.93 -35.80
C ARG H 7 58.38 4.12 -34.48
N LEU H 8 58.68 5.37 -34.16
CA LEU H 8 59.38 5.71 -32.94
C LEU H 8 58.53 5.41 -31.69
N ARG H 9 57.22 5.57 -31.84
CA ARG H 9 56.29 5.29 -30.76
C ARG H 9 56.23 3.81 -30.47
N ASN H 10 56.03 3.01 -31.50
CA ASN H 10 55.98 1.57 -31.35
C ASN H 10 57.34 1.06 -30.94
N TRP H 11 58.37 1.81 -31.33
CA TRP H 11 59.75 1.55 -30.98
C TRP H 11 59.90 1.57 -29.48
N ALA H 12 59.44 2.65 -28.87
CA ALA H 12 59.50 2.78 -27.42
C ALA H 12 58.51 1.84 -26.77
N SER H 13 57.50 1.46 -27.53
CA SER H 13 56.43 0.65 -26.99
C SER H 13 56.91 -0.73 -26.62
N GLY H 14 57.67 -1.34 -27.53
CA GLY H 14 57.99 -2.74 -27.43
C GLY H 14 56.82 -3.53 -28.00
N HIS H 15 55.84 -2.79 -28.51
CA HIS H 15 54.61 -3.38 -29.02
C HIS H 15 54.08 -2.57 -30.18
N ASP H 16 53.43 -3.23 -31.13
CA ASP H 16 52.64 -2.51 -32.11
C ASP H 16 51.43 -1.93 -31.39
N LEU H 17 51.08 -0.70 -31.74
CA LEU H 17 49.88 -0.08 -31.17
C LEU H 17 48.83 -0.01 -32.26
N GLN H 18 49.32 0.02 -33.49
CA GLN H 18 48.48 0.05 -34.67
C GLN H 18 47.75 -1.27 -34.79
N GLY H 19 48.31 -2.32 -34.17
CA GLY H 19 47.71 -3.63 -34.21
C GLY H 19 46.57 -3.79 -33.24
N LYS H 20 46.50 -2.86 -32.29
CA LYS H 20 45.37 -2.80 -31.36
C LYS H 20 45.05 -1.34 -31.12
N LEU H 21 44.20 -0.78 -31.97
CA LEU H 21 43.92 0.65 -31.96
C LEU H 21 43.39 1.06 -30.61
N GLN H 22 43.90 2.16 -30.08
CA GLN H 22 43.64 2.49 -28.69
C GLN H 22 42.49 3.48 -28.56
N LEU H 23 42.23 4.22 -29.64
CA LEU H 23 41.36 5.38 -29.56
C LEU H 23 39.99 5.23 -30.21
N ARG H 24 39.71 4.06 -30.79
CA ARG H 24 38.39 3.79 -31.36
C ARG H 24 38.06 4.72 -32.51
N TYR H 25 38.40 4.30 -33.72
CA TYR H 25 38.12 5.10 -34.91
C TYR H 25 36.81 4.72 -35.59
N GLN H 26 36.91 4.48 -36.89
CA GLN H 26 35.76 4.36 -37.77
C GLN H 26 34.83 3.16 -37.54
N GLU H 27 35.38 2.04 -37.12
CA GLU H 27 34.62 0.79 -37.18
C GLU H 27 33.37 0.78 -36.29
N ILE H 28 33.53 1.13 -35.01
CA ILE H 28 32.44 1.15 -34.01
C ILE H 28 31.28 0.20 -34.33
N SER H 29 30.04 0.68 -34.20
CA SER H 29 28.89 -0.04 -34.72
C SER H 29 27.76 0.95 -34.98
N LYS H 30 26.86 0.58 -35.87
CA LYS H 30 25.73 1.44 -36.22
C LYS H 30 24.76 1.59 -35.05
N ARG H 31 24.33 2.82 -34.80
CA ARG H 31 23.37 3.12 -33.76
C ARG H 31 21.96 2.73 -34.17
N THR H 32 21.61 3.06 -35.41
CA THR H 32 20.29 2.83 -35.96
C THR H 32 20.18 1.42 -36.49
N GLN H 33 19.53 0.53 -35.75
CA GLN H 33 19.50 -0.86 -36.15
C GLN H 33 18.09 -1.39 -36.31
N PRO H 34 17.91 -2.35 -37.22
CA PRO H 34 16.61 -2.97 -37.52
C PRO H 34 16.06 -3.71 -36.31
N PRO H 35 14.72 -3.71 -36.17
CA PRO H 35 14.04 -4.15 -34.95
C PRO H 35 14.31 -5.59 -34.54
N PRO H 36 14.44 -5.80 -33.22
CA PRO H 36 14.76 -7.02 -32.47
C PRO H 36 13.82 -8.21 -32.63
N LYS H 37 12.52 -7.96 -32.83
CA LYS H 37 11.51 -9.02 -32.90
C LYS H 37 11.37 -9.88 -31.63
N LEU H 38 12.49 -10.20 -30.98
CA LEU H 38 12.49 -10.87 -29.67
C LEU H 38 12.04 -12.34 -29.74
N PRO H 39 12.57 -13.18 -28.83
CA PRO H 39 12.12 -14.56 -28.70
C PRO H 39 10.65 -14.66 -28.30
N VAL H 40 9.96 -15.65 -28.85
CA VAL H 40 8.53 -15.81 -28.63
C VAL H 40 8.14 -16.21 -27.21
N GLY H 41 9.04 -16.92 -26.52
CA GLY H 41 8.71 -17.43 -25.20
C GLY H 41 8.19 -18.85 -25.24
N PRO H 42 8.78 -19.74 -24.45
CA PRO H 42 8.48 -21.18 -24.44
C PRO H 42 7.03 -21.55 -24.12
N SER H 43 6.36 -20.81 -23.24
CA SER H 43 5.06 -21.27 -22.74
C SER H 43 3.90 -20.46 -23.27
N HIS H 44 4.03 -19.94 -24.48
CA HIS H 44 2.95 -19.19 -25.11
C HIS H 44 2.13 -20.09 -26.03
N LYS H 45 2.36 -21.40 -25.92
CA LYS H 45 1.51 -22.39 -26.59
C LYS H 45 0.11 -22.34 -26.00
N LEU H 46 -0.91 -22.53 -26.84
CA LEU H 46 -2.28 -22.41 -26.39
C LEU H 46 -2.92 -23.75 -25.99
N SER H 47 -2.34 -24.84 -26.47
CA SER H 47 -2.93 -26.16 -26.27
C SER H 47 -2.97 -26.56 -24.79
N ASN H 48 -1.96 -26.13 -24.04
CA ASN H 48 -1.92 -26.39 -22.61
C ASN H 48 -1.02 -25.40 -21.89
N ASN H 49 -1.43 -25.02 -20.69
CA ASN H 49 -0.74 -23.98 -19.95
C ASN H 49 -1.25 -23.95 -18.52
N TYR H 50 -1.74 -25.09 -18.05
CA TYR H 50 -2.27 -25.14 -16.69
C TYR H 50 -1.17 -24.77 -15.73
N TYR H 51 -1.56 -23.97 -14.75
CA TYR H 51 -0.63 -23.42 -13.79
C TYR H 51 -0.03 -24.51 -12.93
N CYS H 52 -0.70 -25.66 -12.89
CA CYS H 52 -0.35 -26.75 -11.99
C CYS H 52 1.06 -27.29 -12.24
N THR H 53 1.57 -27.11 -13.45
CA THR H 53 2.88 -27.64 -13.80
C THR H 53 3.97 -26.56 -13.87
N ARG H 54 3.68 -25.46 -14.56
CA ARG H 54 4.66 -24.38 -14.71
C ARG H 54 5.04 -23.75 -13.38
N ASP H 55 4.13 -23.84 -12.42
CA ASP H 55 4.33 -23.23 -11.12
C ASP H 55 5.57 -23.76 -10.40
N GLY H 56 6.28 -22.87 -9.73
CA GLY H 56 7.47 -23.25 -8.98
C GLY H 56 7.29 -22.92 -7.52
N ARG H 57 6.71 -21.76 -7.28
CA ARG H 57 6.48 -21.26 -5.93
C ARG H 57 5.49 -22.15 -5.18
N ARG H 58 4.65 -22.85 -5.94
CA ARG H 58 3.68 -23.78 -5.38
C ARG H 58 4.30 -25.03 -4.73
N GLU H 59 5.48 -25.42 -5.19
CA GLU H 59 6.13 -26.61 -4.67
C GLU H 59 6.81 -26.38 -3.33
N SER H 60 6.84 -25.13 -2.87
CA SER H 60 7.55 -24.80 -1.64
C SER H 60 6.95 -25.51 -0.43
N VAL H 61 7.83 -26.08 0.39
CA VAL H 61 7.45 -26.83 1.58
C VAL H 61 8.36 -26.44 2.74
N PRO H 62 7.78 -26.27 3.94
CA PRO H 62 8.58 -26.02 5.15
C PRO H 62 9.49 -27.21 5.48
N PRO H 63 10.66 -26.93 6.09
CA PRO H 63 11.74 -27.93 6.22
C PRO H 63 11.35 -29.18 7.01
N SER H 64 11.86 -30.33 6.57
CA SER H 64 11.63 -31.57 7.29
C SER H 64 12.21 -31.46 8.69
N ILE H 65 11.46 -31.90 9.69
CA ILE H 65 11.93 -31.79 11.06
C ILE H 65 12.52 -33.10 11.56
N ILE H 66 13.53 -33.00 12.42
CA ILE H 66 14.22 -34.14 12.99
C ILE H 66 14.55 -33.83 14.45
N MET H 67 14.51 -34.85 15.31
CA MET H 67 14.70 -34.70 16.74
C MET H 67 13.64 -33.79 17.35
N SER H 68 13.71 -32.51 16.99
CA SER H 68 12.71 -31.50 17.35
C SER H 68 12.60 -31.23 18.85
N SER H 69 12.04 -30.07 19.18
CA SER H 69 11.88 -29.66 20.56
C SER H 69 10.93 -30.57 21.31
N GLN H 70 9.98 -31.13 20.56
CA GLN H 70 8.97 -32.03 21.10
C GLN H 70 8.70 -33.17 20.13
N LYS H 71 8.61 -34.38 20.68
CA LYS H 71 8.42 -35.60 19.87
C LYS H 71 9.51 -35.74 18.82
N THR H 87 25.82 -50.81 17.84
CA THR H 87 26.26 -49.42 17.73
C THR H 87 27.18 -49.22 16.54
N GLU H 88 26.85 -49.88 15.44
CA GLU H 88 27.60 -49.70 14.19
C GLU H 88 27.07 -48.46 13.47
N LYS H 89 27.04 -47.34 14.19
CA LYS H 89 26.49 -46.11 13.66
C LYS H 89 27.29 -45.61 12.48
N LYS H 90 28.59 -45.88 12.50
CA LYS H 90 29.52 -45.42 11.48
C LYS H 90 29.49 -43.90 11.36
N ALA H 91 30.50 -43.24 11.88
CA ALA H 91 30.56 -41.80 11.84
C ALA H 91 30.47 -41.32 10.39
N VAL H 92 29.68 -40.30 10.13
CA VAL H 92 29.40 -39.89 8.76
C VAL H 92 29.63 -38.40 8.54
N THR H 93 30.10 -38.08 7.34
CA THR H 93 30.26 -36.70 6.89
C THR H 93 28.92 -36.06 6.48
N PRO H 94 28.75 -34.77 6.76
CA PRO H 94 27.58 -34.02 6.28
C PRO H 94 27.50 -34.04 4.78
N ALA H 95 28.68 -34.06 4.16
CA ALA H 95 28.83 -34.03 2.72
C ALA H 95 30.24 -34.50 2.44
N PRO H 96 30.51 -34.97 1.21
CA PRO H 96 31.91 -35.37 1.04
C PRO H 96 32.86 -34.18 1.24
N PRO H 97 34.01 -34.44 1.88
CA PRO H 97 35.04 -33.44 2.19
C PRO H 97 35.67 -32.88 0.92
N ILE H 98 36.13 -31.63 0.99
CA ILE H 98 36.61 -30.94 -0.20
C ILE H 98 37.77 -31.64 -0.91
N LYS H 99 37.64 -31.71 -2.24
CA LYS H 99 38.57 -32.40 -3.12
C LYS H 99 39.86 -31.62 -3.37
N ARG H 100 40.95 -32.31 -3.65
CA ARG H 100 42.16 -31.69 -4.17
C ARG H 100 41.91 -31.06 -5.55
N TRP H 101 42.36 -29.83 -5.75
CA TRP H 101 42.24 -29.18 -7.05
C TRP H 101 43.39 -29.57 -7.97
N GLU H 102 43.19 -29.33 -9.26
CA GLU H 102 44.28 -29.37 -10.22
C GLU H 102 45.23 -28.19 -9.97
N LEU H 103 46.48 -28.33 -10.37
CA LEU H 103 47.39 -27.17 -10.38
C LEU H 103 47.39 -26.49 -11.75
N SER H 104 46.43 -25.60 -11.98
CA SER H 104 46.43 -24.69 -13.14
C SER H 104 46.62 -25.34 -14.53
N SER H 105 47.43 -26.40 -14.60
CA SER H 105 47.64 -27.18 -15.82
C SER H 105 48.29 -26.41 -16.96
N ASP H 106 47.46 -25.82 -17.81
CA ASP H 106 47.94 -25.20 -19.04
C ASP H 106 48.85 -23.98 -18.84
N GLN H 107 48.71 -23.30 -17.71
CA GLN H 107 49.68 -22.30 -17.30
C GLN H 107 50.07 -22.56 -15.84
N PRO H 108 50.94 -23.56 -15.63
CA PRO H 108 51.24 -24.12 -14.31
C PRO H 108 51.76 -23.08 -13.33
N TYR H 109 52.48 -22.10 -13.86
CA TYR H 109 52.98 -21.00 -13.06
C TYR H 109 52.82 -19.68 -13.77
N LEU H 110 52.78 -18.61 -13.00
CA LEU H 110 52.60 -17.28 -13.55
C LEU H 110 53.87 -16.78 -14.21
N LEU I 1 -1.99 33.59 8.12
CA LEU I 1 -2.44 32.33 8.71
C LEU I 1 -2.13 32.30 10.21
N MET I 2 -2.29 31.12 10.81
CA MET I 2 -2.09 30.97 12.24
C MET I 2 -1.23 29.74 12.52
N PRO I 3 -0.56 29.71 13.69
CA PRO I 3 0.45 28.68 13.94
C PRO I 3 -0.07 27.24 13.91
N HIS I 4 0.79 26.35 13.42
CA HIS I 4 0.53 24.92 13.47
C HIS I 4 1.83 24.18 13.71
N GLY I 5 1.74 23.03 14.37
CA GLY I 5 2.90 22.20 14.63
C GLY I 5 3.61 22.63 15.90
N LYS I 6 4.51 21.78 16.38
CA LYS I 6 5.36 22.15 17.50
C LYS I 6 6.34 23.22 17.06
N GLY I 7 6.55 24.24 17.89
CA GLY I 7 7.35 25.38 17.50
C GLY I 7 8.77 24.99 17.09
N GLY I 8 9.00 24.96 15.78
CA GLY I 8 10.26 24.49 15.24
C GLY I 8 10.44 24.90 13.80
N ARG I 9 11.51 24.43 13.18
CA ARG I 9 11.88 24.85 11.83
C ARG I 9 10.89 24.47 10.73
N SER I 10 10.23 23.32 10.88
CA SER I 10 9.29 22.85 9.86
C SER I 10 7.83 23.22 10.14
N SER I 11 7.52 23.50 11.40
CA SER I 11 6.17 23.92 11.77
C SER I 11 5.90 25.34 11.29
N VAL I 12 4.64 25.65 11.03
CA VAL I 12 4.30 26.95 10.48
C VAL I 12 3.83 27.95 11.52
N SER I 13 3.89 29.22 11.13
CA SER I 13 3.32 30.33 11.87
C SER I 13 3.00 31.40 10.84
N GLY I 14 2.17 32.37 11.21
CA GLY I 14 1.62 33.28 10.23
C GLY I 14 2.55 34.44 9.90
N ILE I 15 3.71 34.46 10.54
CA ILE I 15 4.59 35.61 10.45
C ILE I 15 5.08 35.86 9.03
N VAL I 16 5.11 37.12 8.63
CA VAL I 16 5.63 37.51 7.32
C VAL I 16 6.51 38.73 7.51
N ALA I 17 7.68 38.52 8.08
CA ALA I 17 8.58 39.62 8.39
C ALA I 17 9.24 40.19 7.16
N THR I 18 9.57 41.47 7.21
CA THR I 18 10.45 42.07 6.22
C THR I 18 11.57 42.76 6.99
N VAL I 19 12.61 42.00 7.30
CA VAL I 19 13.67 42.53 8.14
C VAL I 19 14.68 43.32 7.33
N PHE I 20 14.51 44.64 7.34
CA PHE I 20 15.56 45.52 6.85
C PHE I 20 16.74 45.41 7.80
N GLY I 21 17.95 45.54 7.27
CA GLY I 21 19.15 45.44 8.09
C GLY I 21 19.56 44.01 8.43
N ALA I 22 19.01 43.05 7.70
CA ALA I 22 19.35 41.65 7.90
C ALA I 22 20.81 41.36 7.56
N THR I 23 21.37 42.18 6.68
CA THR I 23 22.75 42.01 6.24
C THR I 23 23.73 42.17 7.39
N GLY I 24 23.36 43.00 8.36
CA GLY I 24 24.27 43.36 9.43
C GLY I 24 24.28 42.43 10.61
N PHE I 25 24.92 42.88 11.70
CA PHE I 25 25.16 42.05 12.87
C PHE I 25 23.93 41.48 13.56
N LEU I 26 23.03 42.37 13.95
CA LEU I 26 21.83 41.95 14.65
C LEU I 26 20.89 41.18 13.74
N GLY I 27 20.91 41.52 12.46
CA GLY I 27 19.91 41.06 11.54
C GLY I 27 19.95 39.56 11.35
N ARG I 28 21.15 39.00 11.29
CA ARG I 28 21.28 37.57 11.12
C ARG I 28 20.72 36.84 12.35
N TYR I 29 20.81 37.50 13.50
CA TYR I 29 20.29 36.89 14.70
C TYR I 29 18.77 36.91 14.70
N VAL I 30 18.18 38.08 14.45
CA VAL I 30 16.73 38.16 14.50
C VAL I 30 16.11 37.27 13.43
N VAL I 31 16.77 37.16 12.28
CA VAL I 31 16.33 36.26 11.24
C VAL I 31 16.46 34.82 11.69
N ASN I 32 17.50 34.52 12.47
CA ASN I 32 17.62 33.18 13.00
C ASN I 32 16.50 32.83 13.94
N HIS I 33 16.04 33.82 14.68
CA HIS I 33 14.98 33.57 15.65
C HIS I 33 13.61 33.49 15.02
N LEU I 34 13.39 34.28 13.99
CA LEU I 34 12.13 34.14 13.26
C LEU I 34 12.11 32.81 12.51
N GLY I 35 13.26 32.41 12.01
CA GLY I 35 13.31 31.22 11.18
C GLY I 35 13.26 29.95 11.98
N ARG I 36 13.78 30.00 13.20
CA ARG I 36 13.81 28.82 14.05
C ARG I 36 12.40 28.38 14.42
N MET I 37 11.49 29.34 14.43
CA MET I 37 10.10 29.08 14.81
C MET I 37 9.28 28.57 13.65
N GLY I 38 9.90 28.51 12.48
CA GLY I 38 9.24 28.02 11.30
C GLY I 38 8.42 29.09 10.61
N SER I 39 8.46 30.29 11.15
CA SER I 39 7.87 31.43 10.47
C SER I 39 8.63 31.76 9.20
N GLN I 40 7.90 32.03 8.12
CA GLN I 40 8.52 32.50 6.90
C GLN I 40 9.04 33.91 7.07
N VAL I 41 10.17 34.21 6.45
CA VAL I 41 10.78 35.54 6.57
C VAL I 41 11.37 36.09 5.28
N ILE I 42 10.82 37.20 4.81
CA ILE I 42 11.43 37.94 3.72
C ILE I 42 12.75 38.54 4.20
N ILE I 43 13.76 38.54 3.34
CA ILE I 43 15.05 39.13 3.68
C ILE I 43 15.53 40.05 2.58
N PRO I 44 15.09 41.31 2.55
CA PRO I 44 15.54 42.21 1.46
C PRO I 44 16.99 42.63 1.62
N TYR I 45 17.80 42.53 0.56
CA TYR I 45 19.23 42.81 0.65
C TYR I 45 19.81 43.67 -0.46
N ARG I 46 20.83 44.46 -0.14
CA ARG I 46 21.49 45.30 -1.14
C ARG I 46 22.99 45.03 -1.37
N CYS I 47 23.68 44.47 -0.38
CA CYS I 47 25.12 44.27 -0.47
C CYS I 47 25.64 43.34 -1.57
N ASP I 48 25.00 42.20 -1.72
CA ASP I 48 25.35 41.21 -2.74
C ASP I 48 24.82 39.85 -2.34
N LYS I 49 24.66 38.94 -3.31
CA LYS I 49 24.16 37.60 -3.02
C LYS I 49 25.09 36.84 -2.10
N TYR I 50 26.38 36.97 -2.34
CA TYR I 50 27.38 36.25 -1.55
C TYR I 50 27.40 36.60 -0.08
N ASP I 51 27.24 37.88 0.23
CA ASP I 51 27.31 38.34 1.61
C ASP I 51 26.39 37.64 2.61
N ILE I 52 25.18 37.31 2.20
CA ILE I 52 24.23 36.68 3.11
C ILE I 52 24.08 35.20 2.85
N MET I 53 25.02 34.60 2.15
CA MET I 53 24.82 33.21 1.75
C MET I 53 24.67 32.31 2.96
N HIS I 54 25.35 32.70 4.03
CA HIS I 54 25.39 31.94 5.28
C HIS I 54 24.03 31.82 5.95
N LEU I 55 23.11 32.70 5.60
CA LEU I 55 21.75 32.63 6.14
C LEU I 55 20.92 31.50 5.58
N ARG I 56 21.32 30.93 4.45
CA ARG I 56 20.49 29.90 3.82
C ARG I 56 20.15 28.72 4.75
N PRO I 57 21.11 28.23 5.56
CA PRO I 57 20.73 27.18 6.50
C PRO I 57 19.59 27.56 7.42
N MET I 58 19.49 28.85 7.78
CA MET I 58 18.56 29.26 8.82
C MET I 58 17.12 28.94 8.50
N GLY I 59 16.76 29.00 7.22
CA GLY I 59 15.40 28.68 6.81
C GLY I 59 15.19 27.22 6.44
N ASP I 60 13.95 26.88 6.08
CA ASP I 60 13.65 25.54 5.60
C ASP I 60 12.87 25.61 4.28
N LEU I 61 13.59 25.35 3.19
CA LEU I 61 13.03 25.47 1.85
C LEU I 61 12.33 26.80 1.63
N GLY I 62 11.02 26.84 1.84
CA GLY I 62 10.26 28.02 1.50
C GLY I 62 10.31 29.13 2.53
N GLN I 63 10.85 28.83 3.70
CA GLN I 63 10.76 29.74 4.83
C GLN I 63 11.50 31.06 4.61
N LEU I 64 12.55 31.05 3.81
CA LEU I 64 13.26 32.30 3.55
C LEU I 64 13.07 32.85 2.16
N LEU I 65 13.23 34.16 2.02
CA LEU I 65 13.12 34.84 0.75
C LEU I 65 14.17 35.93 0.68
N PHE I 66 14.75 36.17 -0.49
CA PHE I 66 15.74 37.22 -0.64
C PHE I 66 15.29 38.23 -1.67
N LEU I 67 15.49 39.52 -1.39
CA LEU I 67 15.02 40.56 -2.28
C LEU I 67 15.96 41.76 -2.34
N GLU I 68 16.54 41.98 -3.53
CA GLU I 68 17.33 43.17 -3.78
C GLU I 68 16.45 44.40 -3.91
N TRP I 69 16.93 45.55 -3.45
CA TRP I 69 16.18 46.80 -3.54
C TRP I 69 17.07 48.01 -3.30
N ASP I 70 16.78 49.11 -3.98
CA ASP I 70 17.48 50.36 -3.73
C ASP I 70 16.87 51.11 -2.57
N ALA I 71 17.71 51.59 -1.66
CA ALA I 71 17.23 52.48 -0.62
C ALA I 71 16.76 53.78 -1.26
N ARG I 72 17.44 54.18 -2.32
CA ARG I 72 17.15 55.45 -2.96
C ARG I 72 15.77 55.48 -3.59
N ASP I 73 15.32 54.34 -4.12
CA ASP I 73 13.98 54.24 -4.67
C ASP I 73 12.97 53.96 -3.56
N LYS I 74 11.76 54.49 -3.73
CA LYS I 74 10.69 54.24 -2.77
C LYS I 74 9.86 53.04 -3.17
N ASP I 75 9.65 52.89 -4.49
CA ASP I 75 8.73 51.90 -5.01
C ASP I 75 9.20 50.48 -4.70
N SER I 76 10.52 50.29 -4.68
CA SER I 76 11.07 49.00 -4.36
C SER I 76 10.70 48.64 -2.94
N ILE I 77 10.75 49.64 -2.07
CA ILE I 77 10.42 49.44 -0.67
C ILE I 77 8.95 49.07 -0.57
N ARG I 78 8.16 49.61 -1.48
CA ARG I 78 6.73 49.30 -1.52
C ARG I 78 6.52 47.85 -1.89
N ARG I 79 7.30 47.39 -2.85
CA ARG I 79 7.17 46.01 -3.29
C ARG I 79 7.57 45.03 -2.22
N VAL I 80 8.68 45.31 -1.53
CA VAL I 80 9.19 44.38 -0.56
C VAL I 80 8.29 44.26 0.68
N VAL I 81 7.52 45.32 0.96
CA VAL I 81 6.70 45.32 2.16
C VAL I 81 5.25 44.89 1.92
N GLN I 82 4.92 44.56 0.67
CA GLN I 82 3.54 44.29 0.29
C GLN I 82 2.85 43.27 1.20
N HIS I 83 3.34 42.04 1.17
CA HIS I 83 2.67 40.97 1.89
C HIS I 83 3.10 40.91 3.33
N SER I 84 3.94 41.85 3.73
CA SER I 84 4.43 41.89 5.09
C SER I 84 3.27 42.03 6.07
N ASN I 85 3.28 41.23 7.12
CA ASN I 85 2.35 41.46 8.21
C ASN I 85 3.08 42.23 9.30
N VAL I 86 4.39 41.98 9.38
CA VAL I 86 5.26 42.71 10.30
C VAL I 86 6.47 43.19 9.55
N VAL I 87 7.02 44.32 9.97
CA VAL I 87 8.18 44.90 9.27
C VAL I 87 9.20 45.40 10.27
N ILE I 88 10.17 44.56 10.59
CA ILE I 88 11.23 44.95 11.49
C ILE I 88 12.23 45.85 10.75
N ASN I 89 12.82 46.80 11.46
CA ASN I 89 13.78 47.73 10.84
C ASN I 89 15.10 47.79 11.61
N LEU I 90 16.21 47.63 10.90
CA LEU I 90 17.53 47.62 11.51
C LEU I 90 18.59 48.38 10.72
N ILE I 91 18.18 49.19 9.75
CA ILE I 91 19.16 49.92 8.96
C ILE I 91 19.91 50.92 9.84
N GLY I 92 21.22 50.96 9.67
CA GLY I 92 22.09 51.83 10.46
C GLY I 92 23.52 51.67 10.03
N ARG I 93 24.39 52.53 10.56
CA ARG I 93 25.81 52.49 10.24
C ARG I 93 26.57 53.47 11.12
N ASP I 94 27.32 52.99 12.10
CA ASP I 94 27.93 53.90 13.08
C ASP I 94 28.88 54.91 12.46
N TRP I 95 29.65 54.47 11.47
CA TRP I 95 30.74 55.29 10.98
C TRP I 95 30.34 56.22 9.85
N GLU I 96 29.08 56.14 9.44
CA GLU I 96 28.54 57.00 8.39
C GLU I 96 29.23 56.85 7.03
N THR I 97 28.52 56.20 6.12
CA THR I 97 29.00 56.01 4.76
C THR I 97 29.08 57.33 4.02
N LYS I 98 30.10 57.48 3.18
CA LYS I 98 30.32 58.71 2.43
C LYS I 98 29.20 59.01 1.44
N ASN I 99 28.93 58.05 0.56
CA ASN I 99 27.98 58.26 -0.52
C ASN I 99 26.56 58.44 -0.03
N PHE I 100 26.24 57.81 1.09
CA PHE I 100 24.93 57.99 1.71
C PHE I 100 25.09 58.64 3.07
N ASP I 101 24.76 59.92 3.11
CA ASP I 101 24.92 60.75 4.29
C ASP I 101 24.13 60.17 5.45
N PHE I 102 24.66 60.35 6.65
CA PHE I 102 24.14 59.69 7.82
C PHE I 102 22.70 60.07 8.11
N GLU I 103 22.33 61.28 7.67
CA GLU I 103 21.00 61.82 7.89
C GLU I 103 19.90 60.91 7.37
N ASP I 104 20.09 60.41 6.16
CA ASP I 104 19.07 59.62 5.50
C ASP I 104 18.79 58.33 6.24
N VAL I 105 19.84 57.82 6.87
CA VAL I 105 19.78 56.51 7.51
C VAL I 105 18.80 56.50 8.68
N PHE I 106 18.60 57.65 9.28
CA PHE I 106 17.67 57.74 10.40
C PHE I 106 16.59 58.79 10.20
N VAL I 107 16.34 59.16 8.96
CA VAL I 107 15.32 60.17 8.67
C VAL I 107 14.44 59.78 7.50
N LYS I 108 14.96 59.95 6.29
CA LYS I 108 14.16 59.78 5.10
C LYS I 108 13.69 58.35 4.92
N ILE I 109 14.64 57.43 4.96
CA ILE I 109 14.33 56.02 4.81
C ILE I 109 13.39 55.48 5.89
N PRO I 110 13.68 55.73 7.19
CA PRO I 110 12.75 55.15 8.18
C PRO I 110 11.33 55.65 7.97
N GLN I 111 11.23 56.90 7.53
CA GLN I 111 9.93 57.52 7.31
C GLN I 111 9.19 56.89 6.15
N ALA I 112 9.91 56.68 5.04
CA ALA I 112 9.26 56.07 3.88
C ALA I 112 8.81 54.67 4.25
N ILE I 113 9.64 53.99 5.04
CA ILE I 113 9.30 52.64 5.47
C ILE I 113 8.06 52.69 6.32
N ALA I 114 7.93 53.76 7.09
CA ALA I 114 6.80 53.89 8.01
C ALA I 114 5.49 54.16 7.28
N GLN I 115 5.51 55.10 6.34
CA GLN I 115 4.30 55.43 5.60
C GLN I 115 3.86 54.24 4.77
N LEU I 116 4.81 53.66 4.04
CA LEU I 116 4.51 52.55 3.17
C LEU I 116 4.03 51.36 4.00
N SER I 117 4.57 51.24 5.22
CA SER I 117 4.11 50.21 6.13
C SER I 117 2.66 50.47 6.51
N LYS I 118 2.31 51.74 6.62
CA LYS I 118 0.95 52.08 6.97
C LYS I 118 0.02 51.74 5.81
N GLU I 119 0.45 52.04 4.60
CA GLU I 119 -0.31 51.71 3.41
C GLU I 119 -0.41 50.20 3.26
N ALA I 120 0.65 49.51 3.69
CA ALA I 120 0.72 48.07 3.60
C ALA I 120 -0.27 47.48 4.57
N GLY I 121 -0.68 48.28 5.54
CA GLY I 121 -1.57 47.80 6.57
C GLY I 121 -0.80 46.83 7.45
N VAL I 122 0.48 47.13 7.67
CA VAL I 122 1.32 46.27 8.47
C VAL I 122 0.75 46.13 9.87
N GLU I 123 0.69 44.90 10.35
CA GLU I 123 0.15 44.65 11.68
C GLU I 123 1.06 45.24 12.75
N LYS I 124 2.36 45.24 12.47
CA LYS I 124 3.34 45.68 13.47
C LYS I 124 4.63 46.19 12.84
N PHE I 125 4.63 47.43 12.37
CA PHE I 125 5.89 48.08 12.01
C PHE I 125 6.72 48.27 13.27
N ILE I 126 8.02 48.02 13.19
CA ILE I 126 8.86 48.08 14.39
C ILE I 126 10.18 48.79 14.07
N HIS I 127 10.69 49.54 15.03
CA HIS I 127 11.90 50.32 14.81
C HIS I 127 12.77 50.28 16.05
N VAL I 128 14.08 50.28 15.82
CA VAL I 128 15.05 50.07 16.89
C VAL I 128 16.02 51.24 17.00
N SER I 129 15.84 52.05 18.04
CA SER I 129 16.75 53.16 18.28
C SER I 129 17.77 52.76 19.34
N HIS I 130 17.84 53.53 20.43
CA HIS I 130 18.82 53.26 21.47
C HIS I 130 18.50 54.01 22.75
N LEU I 131 18.98 53.48 23.86
CA LEU I 131 18.79 54.06 25.18
C LEU I 131 19.37 55.46 25.31
N ASN I 132 20.44 55.71 24.57
CA ASN I 132 21.00 57.04 24.42
C ASN I 132 20.48 57.66 23.13
N ALA I 133 19.32 58.27 23.21
CA ALA I 133 18.70 58.88 22.04
C ALA I 133 18.25 60.30 22.33
N ASN I 134 18.03 60.61 23.61
CA ASN I 134 17.62 61.96 23.99
C ASN I 134 18.69 62.92 23.52
N ILE I 135 18.29 64.01 22.88
CA ILE I 135 19.21 64.77 22.05
C ILE I 135 20.43 65.24 22.83
N LYS I 136 21.59 65.07 22.21
CA LYS I 136 22.86 65.42 22.81
C LYS I 136 23.81 65.96 21.75
N SER I 137 24.60 66.96 22.14
CA SER I 137 25.56 67.56 21.22
C SER I 137 26.56 66.49 20.79
N SER I 138 26.83 65.59 21.72
CA SER I 138 27.63 64.42 21.45
C SER I 138 26.93 63.47 20.50
N SER I 139 27.70 62.81 19.63
CA SER I 139 27.21 61.74 18.75
C SER I 139 25.98 62.08 17.93
N ARG I 140 26.24 62.61 16.75
CA ARG I 140 25.21 63.05 15.81
C ARG I 140 24.37 61.85 15.44
N TYR I 141 25.01 60.69 15.34
CA TYR I 141 24.32 59.45 15.07
C TYR I 141 23.34 59.20 16.23
N LEU I 142 23.79 59.41 17.46
CA LEU I 142 22.91 59.29 18.61
C LEU I 142 21.83 60.38 18.54
N ARG I 143 22.22 61.58 18.13
CA ARG I 143 21.28 62.69 18.01
C ARG I 143 20.23 62.42 16.95
N ASN I 144 20.67 61.81 15.84
CA ASN I 144 19.80 61.46 14.72
C ASN I 144 18.74 60.44 15.06
N LYS I 145 19.04 59.56 16.01
CA LYS I 145 18.08 58.54 16.40
C LYS I 145 16.82 59.18 16.97
N ALA I 146 16.98 60.22 17.76
CA ALA I 146 15.85 60.93 18.33
C ALA I 146 14.93 61.46 17.23
N VAL I 147 15.51 61.93 16.12
CA VAL I 147 14.69 62.47 15.04
C VAL I 147 13.98 61.35 14.31
N GLY I 148 14.69 60.24 14.16
CA GLY I 148 14.11 59.07 13.53
C GLY I 148 13.05 58.51 14.44
N GLU I 149 13.29 58.56 15.75
CA GLU I 149 12.34 58.04 16.69
C GLU I 149 11.01 58.76 16.58
N LYS I 150 11.08 60.07 16.38
CA LYS I 150 9.87 60.87 16.29
C LYS I 150 9.18 60.77 14.94
N VAL I 151 9.96 60.81 13.86
CA VAL I 151 9.38 60.72 12.53
C VAL I 151 8.70 59.38 12.34
N VAL I 152 9.36 58.33 12.80
CA VAL I 152 8.76 57.00 12.82
C VAL I 152 7.54 56.98 13.76
N ARG I 153 7.63 57.75 14.83
CA ARG I 153 6.53 57.82 15.78
C ARG I 153 5.31 58.46 15.15
N ASP I 154 5.51 59.28 14.12
CA ASP I 154 4.40 60.00 13.50
C ASP I 154 3.86 59.35 12.24
N ALA I 155 4.73 59.05 11.28
CA ALA I 155 4.29 58.50 10.01
C ALA I 155 3.58 57.16 10.20
N PHE I 156 4.02 56.40 11.18
CA PHE I 156 3.34 55.17 11.55
C PHE I 156 3.21 55.17 13.07
N PRO I 157 2.18 55.87 13.57
CA PRO I 157 2.05 56.27 14.98
C PRO I 157 2.06 55.12 16.00
N GLU I 158 1.57 53.94 15.62
CA GLU I 158 1.55 52.83 16.55
C GLU I 158 2.81 51.98 16.48
N ALA I 159 3.85 52.50 15.84
CA ALA I 159 5.12 51.80 15.77
C ALA I 159 5.80 51.67 17.13
N ILE I 160 6.39 50.51 17.42
CA ILE I 160 7.20 50.32 18.61
C ILE I 160 8.54 51.01 18.42
N ILE I 161 9.12 51.54 19.49
CA ILE I 161 10.44 52.13 19.39
C ILE I 161 11.40 51.44 20.35
N VAL I 162 12.11 50.44 19.83
CA VAL I 162 13.10 49.69 20.58
C VAL I 162 14.32 50.55 20.91
N LYS I 163 14.81 50.45 22.15
CA LYS I 163 16.00 51.18 22.56
C LYS I 163 17.00 50.30 23.31
N PRO I 164 17.69 49.45 22.56
CA PRO I 164 18.72 48.56 23.10
C PRO I 164 19.98 49.34 23.43
N SER I 165 20.70 48.99 24.49
CA SER I 165 21.92 49.71 24.80
C SER I 165 23.17 48.86 24.79
N ASP I 166 24.10 49.17 23.89
CA ASP I 166 25.37 48.47 23.84
C ASP I 166 25.28 46.96 23.77
N ILE I 167 24.44 46.44 22.88
CA ILE I 167 24.30 45.01 22.80
C ILE I 167 25.64 44.40 22.46
N PHE I 168 26.00 43.32 23.15
CA PHE I 168 27.27 42.66 22.92
C PHE I 168 27.04 41.25 22.41
N GLY I 169 27.75 40.91 21.35
CA GLY I 169 27.64 39.62 20.71
C GLY I 169 28.97 39.19 20.11
N ARG I 170 28.98 38.05 19.44
CA ARG I 170 30.24 37.58 18.85
C ARG I 170 30.80 38.57 17.85
N GLU I 171 29.94 39.15 17.02
CA GLU I 171 30.38 40.10 16.02
C GLU I 171 30.14 41.57 16.40
N ASP I 172 29.79 41.82 17.65
CA ASP I 172 29.48 43.18 18.08
C ASP I 172 30.64 44.14 17.89
N ARG I 173 30.33 45.30 17.30
CA ARG I 173 31.31 46.34 17.08
C ARG I 173 31.82 46.89 18.40
N PHE I 174 30.90 47.07 19.34
CA PHE I 174 31.26 47.63 20.64
C PHE I 174 32.20 46.79 21.50
N LEU I 175 31.91 45.50 21.66
CA LEU I 175 32.79 44.66 22.45
C LEU I 175 34.14 44.35 21.80
N ASN I 176 34.10 44.09 20.50
CA ASN I 176 35.29 43.76 19.72
C ASN I 176 36.31 44.87 19.60
N SER I 177 35.84 46.10 19.48
CA SER I 177 36.74 47.21 19.34
C SER I 177 37.62 47.29 20.58
N PHE I 178 37.03 47.05 21.74
CA PHE I 178 37.82 47.11 22.97
C PHE I 178 38.86 46.00 22.97
N ALA I 179 38.46 44.81 22.53
CA ALA I 179 39.35 43.68 22.42
C ALA I 179 40.45 43.94 21.40
N SER I 180 40.12 44.63 20.31
CA SER I 180 41.04 44.96 19.21
C SER I 180 42.15 45.97 19.53
N MET I 181 42.03 46.64 20.66
CA MET I 181 43.00 47.65 21.12
C MET I 181 44.41 47.11 21.35
N HIS I 182 44.54 45.83 21.69
CA HIS I 182 45.84 45.24 21.94
C HIS I 182 46.70 45.43 20.69
N ARG I 183 46.12 45.24 19.52
CA ARG I 183 46.90 45.52 18.33
C ARG I 183 47.35 46.97 18.33
N PHE I 184 46.51 47.85 18.86
CA PHE I 184 46.84 49.27 18.89
C PHE I 184 48.06 49.49 19.77
N GLY I 185 48.16 48.71 20.84
CA GLY I 185 49.20 48.88 21.84
C GLY I 185 48.71 49.58 23.10
N PRO I 186 48.86 50.91 23.16
CA PRO I 186 48.43 51.81 24.23
C PRO I 186 46.91 51.95 24.34
N ILE I 187 46.44 52.39 25.51
CA ILE I 187 45.03 52.40 25.82
C ILE I 187 44.58 53.78 26.29
N PRO I 188 44.40 54.72 25.33
CA PRO I 188 43.80 56.04 25.59
C PRO I 188 42.36 55.96 26.07
N LEU I 189 41.97 56.88 26.96
CA LEU I 189 40.57 57.08 27.29
C LEU I 189 40.35 58.54 27.68
N GLY I 190 39.19 59.08 27.31
CA GLY I 190 38.87 60.45 27.63
C GLY I 190 38.70 60.64 29.11
N SER I 191 39.72 61.19 29.76
CA SER I 191 39.76 61.29 31.21
C SER I 191 39.52 59.93 31.84
N LEU I 192 40.20 58.92 31.29
CA LEU I 192 39.98 57.52 31.65
C LEU I 192 38.51 57.19 31.45
N GLY I 193 37.93 56.40 32.34
CA GLY I 193 36.53 56.02 32.19
C GLY I 193 35.70 56.22 33.43
N TRP I 194 36.31 56.83 34.44
CA TRP I 194 35.68 56.98 35.75
C TRP I 194 34.44 57.85 35.76
N LYS I 195 34.42 58.88 34.93
CA LYS I 195 33.27 59.78 34.87
C LYS I 195 32.00 59.11 34.31
N THR I 196 32.18 58.17 33.39
CA THR I 196 31.05 57.58 32.67
C THR I 196 30.81 56.13 33.00
N VAL I 197 29.56 55.70 32.76
CA VAL I 197 29.11 54.37 33.13
C VAL I 197 28.23 53.82 32.02
N LYS I 198 28.21 52.50 31.87
CA LYS I 198 27.39 51.86 30.86
C LYS I 198 26.70 50.61 31.37
N GLN I 199 25.62 50.22 30.70
CA GLN I 199 24.88 49.02 31.05
C GLN I 199 24.55 48.23 29.78
N PRO I 200 25.54 47.50 29.24
CA PRO I 200 25.52 46.84 27.93
C PRO I 200 24.48 45.74 27.82
N VAL I 201 23.89 45.58 26.65
CA VAL I 201 22.78 44.64 26.49
C VAL I 201 23.16 43.47 25.58
N TYR I 202 22.97 42.26 26.09
CA TYR I 202 23.26 41.06 25.32
C TYR I 202 22.32 40.92 24.13
N VAL I 203 22.85 40.50 23.00
CA VAL I 203 22.14 40.57 21.73
C VAL I 203 21.11 39.47 21.46
N VAL I 204 21.41 38.23 21.83
CA VAL I 204 20.44 37.15 21.63
C VAL I 204 19.16 37.43 22.42
N ASP I 205 19.33 38.08 23.57
CA ASP I 205 18.19 38.51 24.35
C ASP I 205 17.41 39.58 23.63
N VAL I 206 18.11 40.52 23.00
CA VAL I 206 17.42 41.57 22.26
C VAL I 206 16.64 40.98 21.10
N SER I 207 17.19 39.96 20.47
CA SER I 207 16.57 39.38 19.30
C SER I 207 15.34 38.59 19.69
N LYS I 208 15.49 37.70 20.67
CA LYS I 208 14.38 36.87 21.09
C LYS I 208 13.29 37.79 21.66
N GLY I 209 13.74 38.91 22.20
CA GLY I 209 12.83 39.91 22.71
C GLY I 209 12.07 40.59 21.59
N ILE I 210 12.73 40.81 20.46
CA ILE I 210 12.03 41.34 19.30
C ILE I 210 11.00 40.34 18.81
N VAL I 211 11.33 39.06 18.89
CA VAL I 211 10.41 38.05 18.43
C VAL I 211 9.16 38.05 19.29
N ASN I 212 9.36 37.97 20.61
CA ASN I 212 8.26 37.94 21.54
C ASN I 212 7.48 39.24 21.53
N ALA I 213 8.16 40.32 21.14
CA ALA I 213 7.50 41.60 20.94
C ALA I 213 6.57 41.56 19.74
N VAL I 214 6.99 40.86 18.69
CA VAL I 214 6.12 40.64 17.54
C VAL I 214 4.94 39.79 17.98
N LYS I 215 5.19 38.87 18.90
CA LYS I 215 4.17 37.94 19.34
C LYS I 215 3.15 38.60 20.28
N ASP I 216 3.48 39.76 20.83
CA ASP I 216 2.61 40.40 21.78
C ASP I 216 1.74 41.45 21.13
N PRO I 217 0.41 41.25 21.14
CA PRO I 217 -0.53 42.28 20.73
C PRO I 217 -0.39 43.56 21.55
N ASP I 218 -0.05 43.41 22.82
CA ASP I 218 -0.13 44.51 23.77
C ASP I 218 0.80 45.66 23.42
N ALA I 219 1.99 45.34 22.91
CA ALA I 219 2.91 46.36 22.48
C ALA I 219 2.41 47.04 21.21
N ASN I 220 2.60 48.35 21.12
CA ASN I 220 2.27 49.13 19.93
C ASN I 220 3.05 50.43 19.88
N GLY I 221 2.51 51.46 20.52
CA GLY I 221 3.17 52.74 20.54
C GLY I 221 4.22 52.73 21.62
N LYS I 222 4.33 51.60 22.30
CA LYS I 222 5.28 51.46 23.41
C LYS I 222 6.71 51.73 22.97
N SER I 223 7.42 52.49 23.77
CA SER I 223 8.80 52.87 23.47
C SER I 223 9.79 52.07 24.31
N PHE I 224 10.00 50.81 23.93
CA PHE I 224 10.83 49.91 24.71
C PHE I 224 12.28 50.34 24.74
N ALA I 225 12.89 50.24 25.92
CA ALA I 225 14.30 50.55 26.07
C ALA I 225 15.01 49.40 26.75
N PHE I 226 15.70 48.60 25.94
CA PHE I 226 16.43 47.45 26.45
C PHE I 226 17.65 47.87 27.22
N VAL I 227 17.93 47.12 28.29
CA VAL I 227 18.95 47.49 29.27
C VAL I 227 19.66 46.23 29.74
N GLY I 228 20.95 46.35 30.04
CA GLY I 228 21.70 45.22 30.55
C GLY I 228 21.42 44.96 32.02
N PRO I 229 21.80 43.75 32.49
CA PRO I 229 21.72 43.33 33.89
C PRO I 229 22.51 44.22 34.83
N SER I 230 23.62 44.77 34.34
CA SER I 230 24.58 45.40 35.24
C SER I 230 25.16 46.70 34.69
N ARG I 231 25.35 47.65 35.60
CA ARG I 231 25.68 49.02 35.22
C ARG I 231 27.15 49.35 35.51
N TYR I 232 28.04 48.70 34.79
CA TYR I 232 29.46 48.87 35.02
C TYR I 232 30.01 50.23 34.58
N LEU I 233 30.89 50.79 35.40
CA LEU I 233 31.63 51.99 35.04
C LEU I 233 32.57 51.65 33.90
N LEU I 234 32.80 52.59 32.98
CA LEU I 234 33.51 52.28 31.73
C LEU I 234 34.95 51.81 31.91
N PHE I 235 35.66 52.37 32.88
CA PHE I 235 37.07 52.07 33.04
C PHE I 235 37.26 50.64 33.56
N HIS I 236 36.50 50.27 34.57
CA HIS I 236 36.56 48.94 35.13
C HIS I 236 36.04 47.94 34.10
N LEU I 237 35.22 48.45 33.20
CA LEU I 237 34.71 47.67 32.09
C LEU I 237 35.84 47.29 31.14
N VAL I 238 36.68 48.26 30.77
CA VAL I 238 37.85 47.94 29.94
C VAL I 238 38.80 47.01 30.68
N LYS I 239 38.88 47.21 32.01
CA LYS I 239 39.69 46.33 32.83
C LYS I 239 39.26 44.92 32.62
N TYR I 240 37.94 44.71 32.61
CA TYR I 240 37.43 43.37 32.43
C TYR I 240 37.69 42.88 31.00
N ILE I 241 37.60 43.78 30.03
CA ILE I 241 37.76 43.35 28.63
C ILE I 241 39.15 42.77 28.39
N PHE I 242 40.18 43.43 28.89
CA PHE I 242 41.49 42.81 28.75
C PHE I 242 41.74 41.76 29.81
N ALA I 243 40.96 41.76 30.88
CA ALA I 243 41.11 40.76 31.92
C ALA I 243 40.74 39.41 31.35
N VAL I 244 39.81 39.42 30.40
CA VAL I 244 39.50 38.18 29.71
C VAL I 244 40.32 38.04 28.44
N ALA I 245 40.76 39.15 27.86
CA ALA I 245 41.64 39.05 26.70
C ALA I 245 43.07 38.67 27.12
N HIS I 246 43.33 38.80 28.42
CA HIS I 246 44.64 38.51 29.01
C HIS I 246 45.76 39.29 28.38
N ARG I 247 45.43 40.38 27.69
CA ARG I 247 46.46 41.21 27.06
C ARG I 247 46.94 42.28 28.01
N LEU I 248 48.14 42.80 27.74
CA LEU I 248 48.75 43.83 28.57
C LEU I 248 47.95 45.13 28.53
N PHE I 249 47.77 45.71 29.71
CA PHE I 249 46.84 46.81 29.88
C PHE I 249 47.54 48.06 30.39
N LEU I 250 47.59 49.09 29.55
CA LEU I 250 48.24 50.35 29.91
C LEU I 250 47.36 51.55 29.62
N PRO I 251 46.39 51.82 30.51
CA PRO I 251 45.46 52.94 30.40
C PRO I 251 46.17 54.29 30.50
N PHE I 252 45.67 55.30 29.80
CA PHE I 252 46.08 56.67 30.08
C PHE I 252 45.00 57.68 29.69
N PRO I 253 44.97 58.83 30.39
CA PRO I 253 44.07 59.93 30.06
C PRO I 253 44.37 60.55 28.70
N LEU I 254 43.35 61.06 28.04
CA LEU I 254 43.52 61.76 26.79
C LEU I 254 42.37 62.73 26.63
N PRO I 255 42.67 63.99 26.27
CA PRO I 255 41.60 64.98 26.16
C PRO I 255 40.59 64.56 25.09
N LEU I 256 39.32 64.87 25.31
CA LEU I 256 38.28 64.43 24.40
C LEU I 256 38.43 65.01 23.01
N PHE I 257 38.86 66.27 22.94
CA PHE I 257 39.06 66.86 21.64
C PHE I 257 40.31 66.24 21.01
N ALA I 258 41.35 66.04 21.81
CA ALA I 258 42.60 65.51 21.26
C ALA I 258 42.40 64.09 20.74
N TYR I 259 41.61 63.31 21.46
CA TYR I 259 41.24 61.98 21.01
C TYR I 259 40.38 62.10 19.76
N ARG I 260 39.58 63.15 19.73
CA ARG I 260 38.68 63.41 18.62
C ARG I 260 39.46 63.68 17.33
N TRP I 261 40.63 64.29 17.48
CA TRP I 261 41.46 64.58 16.32
C TRP I 261 42.05 63.32 15.71
N VAL I 262 42.52 62.41 16.55
CA VAL I 262 43.05 61.14 16.08
C VAL I 262 41.94 60.33 15.44
N ALA I 263 40.76 60.43 16.01
CA ALA I 263 39.61 59.76 15.42
C ALA I 263 39.34 60.35 14.04
N ARG I 264 39.55 61.65 13.91
CA ARG I 264 39.40 62.30 12.62
C ARG I 264 40.44 61.85 11.63
N VAL I 265 41.64 61.55 12.12
CA VAL I 265 42.68 61.01 11.26
C VAL I 265 42.25 59.64 10.75
N PHE I 266 41.55 58.89 11.61
CA PHE I 266 41.09 57.56 11.24
C PHE I 266 39.82 57.56 10.40
N GLU I 267 39.14 58.71 10.34
CA GLU I 267 37.94 58.82 9.50
C GLU I 267 38.24 59.10 8.03
N ILE I 268 39.51 59.35 7.74
CA ILE I 268 39.93 59.68 6.38
C ILE I 268 39.72 58.51 5.42
N SER I 269 39.85 57.29 5.93
CA SER I 269 39.77 56.10 5.08
C SER I 269 38.37 55.86 4.54
N PRO I 270 38.26 55.64 3.22
CA PRO I 270 37.06 55.01 2.68
C PRO I 270 36.88 53.64 3.31
N PHE I 271 38.00 53.01 3.62
CA PHE I 271 38.02 51.75 4.35
C PHE I 271 37.44 52.01 5.73
N GLU I 272 36.68 51.07 6.28
CA GLU I 272 36.01 51.32 7.55
C GLU I 272 36.99 51.44 8.71
N PRO I 273 36.91 52.56 9.44
CA PRO I 273 37.66 52.89 10.67
C PRO I 273 37.31 52.00 11.86
N TRP I 274 38.30 51.75 12.71
CA TRP I 274 38.04 51.17 14.03
C TRP I 274 37.65 52.25 15.01
N ILE I 275 37.89 53.51 14.63
CA ILE I 275 37.69 54.64 15.52
C ILE I 275 37.06 55.80 14.79
N THR I 276 36.06 56.43 15.41
CA THR I 276 35.39 57.55 14.77
C THR I 276 34.85 58.55 15.80
N ARG I 277 34.67 59.79 15.36
CA ARG I 277 34.27 60.88 16.23
C ARG I 277 32.87 60.66 16.79
N ASP I 278 32.08 59.84 16.10
CA ASP I 278 30.83 59.34 16.68
C ASP I 278 31.13 58.40 17.83
N LYS I 279 32.04 57.46 17.61
CA LYS I 279 32.37 56.43 18.59
C LYS I 279 32.90 57.03 19.86
N VAL I 280 33.64 58.12 19.72
CA VAL I 280 34.24 58.82 20.84
C VAL I 280 33.17 59.14 21.88
N GLU I 281 32.29 60.04 21.51
CA GLU I 281 31.24 60.47 22.41
C GLU I 281 30.23 59.38 22.71
N ARG I 282 29.99 58.49 21.75
CA ARG I 282 29.00 57.45 21.98
C ARG I 282 29.51 56.52 23.06
N MET I 283 30.82 56.46 23.20
CA MET I 283 31.41 55.80 24.36
C MET I 283 31.33 56.67 25.59
N HIS I 284 31.65 57.95 25.45
CA HIS I 284 31.74 58.80 26.61
C HIS I 284 30.39 59.14 27.21
N ILE I 285 29.33 58.97 26.43
CA ILE I 285 27.98 59.14 26.94
C ILE I 285 27.65 58.07 27.98
N THR I 286 27.01 58.48 29.07
CA THR I 286 26.51 57.54 30.07
C THR I 286 25.18 56.93 29.66
N ASP I 287 24.92 55.72 30.12
CA ASP I 287 23.62 55.10 29.88
C ASP I 287 22.60 55.59 30.90
N MET I 288 21.50 56.14 30.41
CA MET I 288 20.43 56.60 31.29
C MET I 288 19.78 55.43 32.03
N LYS I 289 19.59 55.57 33.34
CA LYS I 289 18.94 54.53 34.11
C LYS I 289 17.44 54.76 34.20
N LEU I 290 16.71 54.12 33.31
CA LEU I 290 15.26 54.27 33.24
C LEU I 290 14.51 53.09 33.83
N PRO I 291 13.66 53.36 34.84
CA PRO I 291 12.79 52.36 35.48
C PRO I 291 11.37 52.30 34.91
N HIS I 292 10.81 53.45 34.57
CA HIS I 292 9.41 53.59 34.18
C HIS I 292 9.02 52.81 32.91
N LEU I 293 9.96 52.68 31.98
CA LEU I 293 9.71 51.98 30.73
C LEU I 293 9.63 50.47 30.96
N PRO I 294 8.95 49.74 30.05
CA PRO I 294 8.63 48.33 30.31
C PRO I 294 9.85 47.45 30.49
N GLY I 295 9.74 46.47 31.38
CA GLY I 295 10.84 45.58 31.69
C GLY I 295 11.15 44.57 30.60
N LEU I 296 12.37 44.05 30.63
CA LEU I 296 12.77 42.99 29.72
C LEU I 296 12.01 41.70 30.02
N GLU I 297 11.63 41.52 31.26
CA GLU I 297 10.93 40.30 31.70
C GLU I 297 9.46 40.34 31.33
N ASP I 298 9.01 41.50 30.86
CA ASP I 298 7.65 41.65 30.36
C ASP I 298 7.48 40.77 29.15
N LEU I 299 8.59 40.56 28.44
CA LEU I 299 8.62 39.63 27.32
C LEU I 299 8.84 38.23 27.85
N GLY I 300 9.15 38.14 29.14
CA GLY I 300 9.37 36.86 29.79
C GLY I 300 10.80 36.37 29.68
N ILE I 301 11.64 37.14 29.02
CA ILE I 301 13.02 36.74 28.81
C ILE I 301 13.97 37.35 29.84
N GLN I 302 14.73 36.49 30.51
CA GLN I 302 15.65 36.91 31.56
C GLN I 302 16.88 37.62 30.99
N ALA I 303 17.38 38.62 31.69
CA ALA I 303 18.63 39.26 31.29
C ALA I 303 19.82 38.32 31.49
N THR I 304 20.74 38.29 30.54
CA THR I 304 21.92 37.44 30.63
C THR I 304 23.19 38.23 30.81
N PRO I 305 23.86 38.05 31.95
CA PRO I 305 25.05 38.83 32.32
C PRO I 305 26.20 38.63 31.36
N LEU I 306 26.95 39.70 31.14
CA LEU I 306 28.07 39.70 30.19
C LEU I 306 29.17 38.71 30.58
N GLU I 307 29.35 38.52 31.88
CA GLU I 307 30.38 37.61 32.38
C GLU I 307 30.07 36.18 31.98
N LEU I 308 28.79 35.89 31.78
CA LEU I 308 28.38 34.58 31.29
C LEU I 308 28.55 34.48 29.78
N LYS I 309 28.88 35.60 29.15
CA LYS I 309 28.91 35.68 27.70
C LYS I 309 30.25 36.14 27.11
N ALA I 310 31.13 36.67 27.94
CA ALA I 310 32.31 37.38 27.44
C ALA I 310 33.37 36.51 26.77
N ILE I 311 33.76 35.41 27.41
CA ILE I 311 34.95 34.69 26.96
C ILE I 311 34.79 34.10 25.56
N GLU I 312 33.59 33.67 25.21
CA GLU I 312 33.36 33.17 23.87
C GLU I 312 33.53 34.29 22.86
N VAL I 313 33.09 35.49 23.24
CA VAL I 313 33.21 36.62 22.36
C VAL I 313 34.67 37.03 22.20
N LEU I 314 35.47 36.78 23.24
CA LEU I 314 36.83 37.32 23.24
C LEU I 314 37.96 36.29 23.21
N ARG I 315 37.62 35.01 23.09
CA ARG I 315 38.66 33.98 23.04
C ARG I 315 39.56 34.13 21.82
N ARG I 316 39.02 34.65 20.73
CA ARG I 316 39.78 34.76 19.49
C ARG I 316 40.95 35.71 19.64
N HIS I 317 40.83 36.67 20.55
CA HIS I 317 41.89 37.64 20.76
C HIS I 317 42.94 37.20 21.75
N ARG I 318 42.54 36.40 22.74
CA ARG I 318 43.50 35.97 23.74
C ARG I 318 44.54 35.03 23.14
N THR I 319 45.77 35.19 23.58
CA THR I 319 46.91 34.48 23.02
C THR I 319 46.86 32.99 23.30
N TYR I 320 47.60 32.20 22.52
CA TYR I 320 47.55 30.75 22.64
C TYR I 320 47.90 30.32 24.04
N ARG I 321 48.74 31.10 24.70
CA ARG I 321 49.09 30.86 26.09
C ARG I 321 47.83 30.93 26.94
N TRP I 322 46.86 31.70 26.45
CA TRP I 322 45.62 31.89 27.19
C TRP I 322 44.41 31.36 26.44
N LEU I 323 44.56 31.10 25.15
CA LEU I 323 43.38 30.80 24.32
C LEU I 323 42.65 29.57 24.81
N SER I 324 43.40 28.61 25.33
CA SER I 324 42.79 27.49 26.04
C SER I 324 42.96 27.75 27.52
N ALA I 325 42.02 28.48 28.10
CA ALA I 325 42.05 28.76 29.53
C ALA I 325 40.66 28.71 30.13
N GLU I 326 40.62 28.39 31.42
CA GLU I 326 39.38 28.29 32.17
C GLU I 326 38.74 29.65 32.40
N ILE I 327 37.41 29.64 32.45
CA ILE I 327 36.60 30.85 32.40
C ILE I 327 36.45 31.56 33.74
N GLU I 328 36.35 30.77 34.80
CA GLU I 328 35.98 31.27 36.12
C GLU I 328 37.05 32.18 36.70
N ASP I 329 38.26 32.06 36.18
CA ASP I 329 39.45 32.59 36.83
C ASP I 329 39.73 34.09 36.59
N VAL I 330 39.03 34.71 35.65
CA VAL I 330 39.20 36.15 35.37
C VAL I 330 38.70 37.07 36.50
N LYS I 331 37.69 36.60 37.24
CA LYS I 331 37.02 37.37 38.29
C LYS I 331 36.25 38.57 37.73
N PRO I 332 34.96 38.68 38.08
CA PRO I 332 34.03 39.67 37.50
C PRO I 332 34.40 41.13 37.77
N ALA I 333 34.07 42.00 36.82
CA ALA I 333 34.30 43.44 36.94
C ALA I 333 33.40 44.06 37.99
N LYS I 334 33.89 45.10 38.66
CA LYS I 334 33.12 45.76 39.71
C LYS I 334 31.87 46.47 39.18
N THR I 335 30.76 46.30 39.89
CA THR I 335 29.50 46.92 39.54
C THR I 335 29.24 48.21 40.33
N VAL I 336 28.69 49.21 39.66
CA VAL I 336 28.38 50.48 40.32
C VAL I 336 27.25 50.32 41.34
N ASN I 337 26.35 49.37 41.11
CA ASN I 337 25.36 48.99 42.11
C ASN I 337 25.66 47.60 42.70
N LEU J 1 -60.28 -28.87 -43.15
CA LEU J 1 -59.28 -29.91 -43.32
C LEU J 1 -58.42 -30.09 -42.10
N GLN J 2 -57.72 -29.03 -41.73
CA GLN J 2 -56.73 -29.09 -40.66
C GLN J 2 -57.35 -29.34 -39.30
N HIS J 3 -56.60 -30.04 -38.45
CA HIS J 3 -57.03 -30.31 -37.08
C HIS J 3 -57.18 -29.00 -36.34
N HIS J 4 -56.38 -28.02 -36.76
CA HIS J 4 -56.31 -26.72 -36.14
C HIS J 4 -56.48 -25.60 -37.16
N ASP J 5 -57.30 -24.62 -36.81
CA ASP J 5 -57.61 -23.47 -37.67
C ASP J 5 -58.37 -22.46 -36.83
N TYR J 6 -57.83 -22.23 -35.64
CA TYR J 6 -58.54 -21.56 -34.55
C TYR J 6 -58.44 -20.04 -34.54
N SER J 7 -59.37 -19.40 -33.83
CA SER J 7 -59.33 -17.97 -33.60
C SER J 7 -58.18 -17.64 -32.65
N THR J 8 -57.70 -16.41 -32.75
CA THR J 8 -56.57 -15.96 -31.93
C THR J 8 -56.89 -16.01 -30.44
N TYR J 9 -58.17 -15.80 -30.10
CA TYR J 9 -58.61 -15.73 -28.71
C TYR J 9 -58.95 -17.10 -28.11
N THR J 10 -58.91 -18.14 -28.95
CA THR J 10 -59.59 -19.40 -28.67
C THR J 10 -59.14 -20.11 -27.39
N PHE J 11 -57.85 -20.07 -27.09
CA PHE J 11 -57.30 -20.94 -26.06
C PHE J 11 -57.81 -20.60 -24.66
N LEU J 12 -57.77 -19.32 -24.31
CA LEU J 12 -58.22 -18.89 -23.00
C LEU J 12 -59.71 -19.08 -22.83
N ASP J 13 -60.44 -19.07 -23.94
CA ASP J 13 -61.88 -19.29 -23.89
C ASP J 13 -62.17 -20.75 -23.63
N LEU J 14 -61.46 -21.64 -24.32
CA LEU J 14 -61.60 -23.07 -24.09
C LEU J 14 -61.18 -23.39 -22.68
N ASN J 15 -60.23 -22.62 -22.18
CA ASN J 15 -59.73 -22.73 -20.82
C ASN J 15 -60.82 -22.34 -19.84
N LEU J 16 -61.48 -21.23 -20.13
CA LEU J 16 -62.53 -20.69 -19.29
C LEU J 16 -63.76 -21.57 -19.24
N GLU J 17 -64.05 -22.26 -20.34
CA GLU J 17 -65.24 -23.11 -20.41
C GLU J 17 -65.14 -24.26 -19.41
N LEU J 18 -63.92 -24.71 -19.19
CA LEU J 18 -63.67 -25.86 -18.33
C LEU J 18 -63.43 -25.45 -16.89
N SER J 19 -63.50 -24.15 -16.63
CA SER J 19 -63.27 -23.62 -15.30
C SER J 19 -64.28 -24.15 -14.29
N LYS J 20 -65.49 -24.44 -14.75
CA LYS J 20 -66.50 -25.05 -13.90
C LYS J 20 -66.07 -26.45 -13.49
N PHE J 21 -65.30 -27.10 -14.34
CA PHE J 21 -64.82 -28.45 -14.08
C PHE J 21 -63.66 -28.47 -13.11
N ARG J 22 -63.03 -27.31 -12.91
CA ARG J 22 -61.88 -27.23 -12.02
C ARG J 22 -62.22 -27.49 -10.57
N MET J 23 -61.39 -28.29 -9.90
CA MET J 23 -61.41 -28.37 -8.45
C MET J 23 -60.77 -27.09 -7.92
N PRO J 24 -61.20 -26.63 -6.74
CA PRO J 24 -60.69 -25.37 -6.23
C PRO J 24 -59.18 -25.36 -6.00
N GLN J 25 -58.54 -24.24 -6.28
CA GLN J 25 -57.11 -24.09 -6.08
C GLN J 25 -56.78 -23.98 -4.60
N PRO J 26 -55.62 -24.52 -4.19
CA PRO J 26 -55.20 -24.30 -2.81
C PRO J 26 -54.95 -22.83 -2.51
N SER J 27 -55.26 -22.41 -1.29
CA SER J 27 -54.92 -21.08 -0.84
C SER J 27 -53.49 -21.08 -0.33
N SER J 28 -52.91 -22.27 -0.28
CA SER J 28 -51.60 -22.51 0.30
C SER J 28 -51.58 -22.02 1.74
N GLY J 29 -51.26 -20.74 1.92
CA GLY J 29 -51.21 -20.13 3.24
C GLY J 29 -51.02 -18.63 3.16
N ARG J 30 -49.77 -18.19 3.25
CA ARG J 30 -49.45 -16.78 3.05
C ARG J 30 -49.80 -16.40 1.62
N GLU J 31 -50.30 -15.18 1.45
CA GLU J 31 -50.84 -14.76 0.17
C GLU J 31 -50.42 -13.35 -0.21
N SER J 32 -50.33 -12.47 0.77
CA SER J 32 -50.03 -11.07 0.52
C SER J 32 -48.57 -10.74 0.82
N PRO J 33 -47.81 -10.37 -0.21
CA PRO J 33 -46.40 -10.02 -0.07
C PRO J 33 -46.20 -8.59 0.39
N LYS K 1 6.30 -5.36 37.03
CA LYS K 1 6.48 -4.13 36.28
C LYS K 1 7.91 -3.95 35.84
N LEU K 2 8.38 -4.80 34.92
CA LEU K 2 9.75 -4.68 34.46
C LEU K 2 9.77 -3.59 33.41
N ASP K 3 9.72 -2.34 33.87
CA ASP K 3 9.78 -1.18 32.98
C ASP K 3 11.13 -1.07 32.32
N ILE K 4 11.14 -0.77 31.02
CA ILE K 4 12.38 -0.56 30.31
C ILE K 4 12.31 0.83 29.72
N THR K 5 11.64 1.71 30.47
CA THR K 5 11.36 3.06 30.03
C THR K 5 12.65 3.84 29.79
N THR K 6 13.67 3.54 30.60
CA THR K 6 14.98 4.15 30.44
C THR K 6 15.89 3.28 29.57
N LEU K 7 15.66 1.97 29.62
CA LEU K 7 16.43 1.03 28.82
C LEU K 7 16.20 1.26 27.32
N THR K 8 14.99 1.70 26.98
CA THR K 8 14.68 2.19 25.64
C THR K 8 15.19 3.61 25.47
N GLY K 9 15.45 4.00 24.23
CA GLY K 9 15.95 5.34 23.96
C GLY K 9 14.88 6.39 23.79
N VAL K 10 13.63 5.99 23.91
CA VAL K 10 12.51 6.87 23.57
C VAL K 10 12.47 8.09 24.50
N PRO K 11 12.08 9.24 23.95
CA PRO K 11 11.88 10.45 24.76
C PRO K 11 10.76 10.22 25.77
N GLU K 12 10.90 10.82 26.94
CA GLU K 12 9.89 10.66 27.97
C GLU K 12 8.59 11.29 27.51
N GLU K 13 8.69 12.28 26.64
CA GLU K 13 7.51 13.02 26.21
C GLU K 13 6.53 12.12 25.47
N HIS K 14 7.05 11.22 24.65
CA HIS K 14 6.18 10.37 23.86
C HIS K 14 5.60 9.22 24.68
N ILE K 15 6.22 8.91 25.81
CA ILE K 15 5.68 7.86 26.66
C ILE K 15 4.67 8.44 27.65
N LYS K 16 4.83 9.72 28.00
CA LYS K 16 3.88 10.40 28.85
C LYS K 16 2.62 10.82 28.10
N THR K 17 2.81 11.42 26.93
CA THR K 17 1.73 12.11 26.24
C THR K 17 0.58 11.22 25.77
N ARG K 18 0.86 9.95 25.51
CA ARG K 18 -0.12 9.15 24.78
C ARG K 18 -0.24 7.72 25.24
N LYS K 19 -1.43 7.18 25.07
CA LYS K 19 -1.65 5.75 25.16
C LYS K 19 -1.65 5.15 23.76
N VAL K 20 -1.21 3.90 23.65
CA VAL K 20 -1.19 3.19 22.39
C VAL K 20 -2.49 2.41 22.25
N ARG K 21 -2.73 1.81 21.09
CA ARG K 21 -3.95 1.04 20.88
C ARG K 21 -3.69 -0.42 20.50
N ILE K 22 -3.97 -1.31 21.44
CA ILE K 22 -3.93 -2.74 21.18
C ILE K 22 -5.24 -3.18 20.55
N PHE K 23 -5.17 -3.95 19.46
CA PHE K 23 -6.41 -4.41 18.85
C PHE K 23 -6.20 -5.52 17.85
N VAL K 24 -7.31 -6.05 17.36
CA VAL K 24 -7.30 -7.00 16.27
C VAL K 24 -7.94 -6.36 15.02
N PRO K 25 -7.14 -6.20 13.95
CA PRO K 25 -7.56 -5.43 12.77
C PRO K 25 -8.79 -6.00 12.08
N ALA K 26 -9.65 -5.10 11.59
CA ALA K 26 -10.91 -5.47 10.96
C ALA K 26 -10.78 -5.95 9.51
N ARG K 27 -11.69 -6.81 9.10
CA ARG K 27 -11.79 -7.27 7.72
C ARG K 27 -12.26 -6.14 6.82
N ASN K 28 -11.80 -6.15 5.57
CA ASN K 28 -12.30 -5.19 4.60
C ASN K 28 -13.78 -5.40 4.37
N ASN K 29 -14.54 -4.31 4.37
CA ASN K 29 -15.92 -4.35 3.95
C ASN K 29 -16.02 -4.50 2.44
N MET K 30 -15.09 -3.88 1.73
CA MET K 30 -15.12 -3.84 0.28
C MET K 30 -14.58 -5.13 -0.32
N GLN K 31 -13.98 -5.96 0.52
CA GLN K 31 -13.38 -7.20 0.06
C GLN K 31 -13.76 -8.41 0.88
N SER K 32 -13.76 -9.56 0.21
CA SER K 32 -14.13 -10.83 0.80
C SER K 32 -13.19 -11.34 1.89
N GLY K 33 -11.91 -10.98 1.79
CA GLY K 33 -10.88 -11.63 2.60
C GLY K 33 -10.92 -11.45 4.11
N VAL K 34 -11.07 -12.57 4.81
CA VAL K 34 -11.08 -12.60 6.28
C VAL K 34 -9.63 -12.58 6.78
N ASN K 35 -8.71 -12.75 5.84
CA ASN K 35 -7.37 -13.19 6.15
C ASN K 35 -6.57 -12.29 7.08
N ASN K 36 -6.89 -11.00 7.11
CA ASN K 36 -6.15 -10.10 7.99
C ASN K 36 -6.75 -9.89 9.37
N THR K 37 -7.93 -10.45 9.62
CA THR K 37 -8.51 -10.38 10.96
C THR K 37 -7.63 -11.15 11.94
N LYS K 38 -7.02 -12.21 11.45
CA LYS K 38 -6.13 -13.03 12.25
C LYS K 38 -4.88 -12.21 12.55
N LYS K 39 -4.19 -12.57 13.62
CA LYS K 39 -2.98 -11.89 14.07
C LYS K 39 -3.27 -10.52 14.64
N TRP K 40 -3.03 -10.37 15.93
CA TRP K 40 -3.26 -9.12 16.64
C TRP K 40 -2.30 -8.06 16.14
N LYS K 41 -2.65 -6.80 16.33
CA LYS K 41 -1.68 -5.74 16.12
C LYS K 41 -1.95 -4.51 16.98
N MET K 42 -0.87 -3.79 17.26
CA MET K 42 -0.97 -2.60 18.08
C MET K 42 -0.45 -1.40 17.31
N GLU K 43 -1.14 -0.28 17.46
CA GLU K 43 -0.84 0.94 16.72
C GLU K 43 -1.05 2.18 17.58
N PHE K 44 -0.14 3.14 17.46
CA PHE K 44 -0.24 4.39 18.19
C PHE K 44 -1.30 5.30 17.60
N ASP K 45 -1.91 6.10 18.47
CA ASP K 45 -2.92 7.06 18.07
C ASP K 45 -2.38 8.18 17.17
N THR K 46 -3.14 8.49 16.13
CA THR K 46 -2.74 9.47 15.13
C THR K 46 -2.68 10.88 15.70
N ARG K 47 -1.73 11.69 15.24
CA ARG K 47 -1.73 13.11 15.57
C ARG K 47 -1.91 14.03 14.38
N GLU K 48 -2.10 15.30 14.69
CA GLU K 48 -2.32 16.34 13.70
C GLU K 48 -1.11 16.46 12.80
N ARG K 49 -1.36 16.66 11.51
CA ARG K 49 -0.26 16.84 10.58
C ARG K 49 -0.53 18.00 9.64
N TRP K 50 0.00 19.16 10.03
CA TRP K 50 -0.21 20.40 9.30
C TRP K 50 0.35 20.27 7.90
N GLU K 51 -0.26 20.97 6.96
CA GLU K 51 0.22 20.95 5.59
C GLU K 51 1.53 21.72 5.44
N ASN K 52 2.41 21.23 4.57
CA ASN K 52 3.61 21.94 4.20
C ASN K 52 3.27 23.22 3.46
N PRO K 53 3.80 24.36 3.91
CA PRO K 53 3.49 25.64 3.25
C PRO K 53 3.90 25.59 1.79
N LEU K 54 4.97 24.87 1.52
CA LEU K 54 5.41 24.64 0.16
C LEU K 54 4.88 23.30 -0.35
N MET K 55 4.45 23.28 -1.60
CA MET K 55 4.07 22.04 -2.28
C MET K 55 2.92 21.27 -1.64
N GLY K 56 2.36 21.76 -0.54
CA GLY K 56 1.12 21.21 -0.05
C GLY K 56 1.27 19.82 0.55
N TRP K 57 2.48 19.46 0.92
CA TRP K 57 2.75 18.15 1.49
C TRP K 57 2.26 17.98 2.91
N ALA K 58 2.09 16.72 3.31
CA ALA K 58 1.91 16.39 4.72
C ALA K 58 3.12 16.86 5.51
N SER K 59 2.92 17.33 6.73
CA SER K 59 4.04 17.71 7.58
C SER K 59 3.84 17.16 8.98
N THR K 60 4.22 15.90 9.14
CA THR K 60 3.92 15.12 10.33
C THR K 60 4.51 15.71 11.61
N ALA K 61 3.76 15.60 12.69
CA ALA K 61 4.25 15.96 14.01
C ALA K 61 5.03 14.81 14.62
N ASP K 62 4.32 13.91 15.31
CA ASP K 62 4.95 12.82 16.03
C ASP K 62 5.63 11.82 15.09
N PRO K 63 6.93 11.61 15.29
CA PRO K 63 7.75 10.72 14.47
C PRO K 63 7.27 9.28 14.48
N LEU K 64 6.74 8.84 15.62
CA LEU K 64 6.48 7.42 15.85
C LEU K 64 5.16 6.97 15.25
N SER K 65 4.45 7.92 14.63
CA SER K 65 3.06 7.75 14.27
C SER K 65 2.77 6.57 13.34
N ASN K 66 3.72 6.18 12.49
CA ASN K 66 3.47 5.13 11.53
C ASN K 66 3.75 3.71 12.04
N MET K 67 4.09 3.60 13.31
CA MET K 67 4.38 2.30 13.92
C MET K 67 3.21 1.32 13.88
N VAL K 68 3.54 0.05 13.69
CA VAL K 68 2.56 -1.04 13.65
C VAL K 68 3.20 -2.32 14.20
N LEU K 69 2.45 -3.14 14.94
CA LEU K 69 3.06 -4.34 15.51
C LEU K 69 2.16 -5.57 15.67
N THR K 70 2.44 -6.66 14.93
CA THR K 70 1.67 -7.90 15.07
C THR K 70 1.98 -8.65 16.37
N PHE K 71 1.01 -9.45 16.81
CA PHE K 71 1.12 -10.26 18.04
C PHE K 71 0.34 -11.55 17.90
N SER K 72 0.87 -12.65 18.43
CA SER K 72 0.18 -13.93 18.38
C SER K 72 -1.09 -13.95 19.23
N THR K 73 -1.07 -13.22 20.33
CA THR K 73 -2.21 -13.19 21.26
C THR K 73 -2.37 -11.81 21.87
N LYS K 74 -3.50 -11.61 22.54
CA LYS K 74 -3.81 -10.35 23.21
C LYS K 74 -2.96 -10.08 24.44
N GLU K 75 -2.75 -11.11 25.26
CA GLU K 75 -1.93 -10.98 26.46
C GLU K 75 -0.51 -10.65 26.08
N ASP K 76 -0.15 -11.07 24.88
CA ASP K 76 1.15 -10.81 24.31
C ASP K 76 1.34 -9.31 24.12
N ALA K 77 0.38 -8.68 23.47
CA ALA K 77 0.43 -7.24 23.23
C ALA K 77 0.35 -6.46 24.53
N VAL K 78 -0.48 -6.96 25.45
CA VAL K 78 -0.60 -6.31 26.75
C VAL K 78 0.74 -6.36 27.46
N SER K 79 1.42 -7.49 27.30
CA SER K 79 2.73 -7.69 27.91
C SER K 79 3.75 -6.77 27.28
N PHE K 80 3.58 -6.46 26.00
CA PHE K 80 4.53 -5.56 25.38
C PHE K 80 4.32 -4.15 25.90
N ALA K 81 3.08 -3.70 25.94
CA ALA K 81 2.81 -2.33 26.40
C ALA K 81 3.19 -2.17 27.86
N GLU K 82 3.10 -3.26 28.62
CA GLU K 82 3.54 -3.25 30.01
C GLU K 82 5.07 -3.20 30.13
N LYS K 83 5.76 -3.98 29.30
CA LYS K 83 7.22 -3.98 29.31
C LYS K 83 7.78 -2.63 28.91
N ASN K 84 7.06 -1.97 28.02
CA ASN K 84 7.55 -0.77 27.36
C ASN K 84 7.11 0.50 28.05
N GLY K 85 6.12 0.37 28.92
CA GLY K 85 5.64 1.46 29.75
C GLY K 85 4.54 2.35 29.20
N TRP K 86 4.13 2.14 27.94
CA TRP K 86 3.01 2.89 27.39
C TRP K 86 1.64 2.37 27.84
N SER K 87 0.70 3.30 27.97
CA SER K 87 -0.69 2.97 28.25
C SER K 87 -1.38 2.47 26.98
N TYR K 88 -2.45 1.70 27.14
CA TYR K 88 -3.06 0.98 26.03
C TYR K 88 -4.55 0.79 26.24
N ASP K 89 -5.24 0.31 25.21
CA ASP K 89 -6.64 -0.08 25.35
C ASP K 89 -6.95 -1.39 24.61
N ILE K 90 -7.23 -2.43 25.38
CA ILE K 90 -7.54 -3.75 24.84
C ILE K 90 -8.81 -3.71 24.00
N GLU K 91 -8.86 -4.50 22.94
CA GLU K 91 -10.09 -4.63 22.17
C GLU K 91 -10.34 -6.09 21.78
N GLU K 92 -11.62 -6.49 21.78
CA GLU K 92 -12.03 -7.86 21.53
C GLU K 92 -11.97 -8.29 20.07
N ARG K 93 -11.83 -9.60 19.85
CA ARG K 93 -11.90 -10.17 18.51
C ARG K 93 -13.33 -10.17 17.99
N LYS K 94 -13.49 -10.13 16.67
CA LYS K 94 -14.83 -10.06 16.09
C LYS K 94 -15.10 -11.09 15.01
N VAL K 95 -15.05 -12.37 15.35
CA VAL K 95 -15.47 -13.40 14.41
C VAL K 95 -16.99 -13.30 14.25
N PRO K 96 -17.46 -13.25 13.00
CA PRO K 96 -18.90 -13.19 12.73
C PRO K 96 -19.62 -14.42 13.26
N LYS K 97 -20.83 -14.25 13.79
CA LYS K 97 -21.59 -15.39 14.29
C LYS K 97 -22.07 -16.26 13.15
N PRO K 98 -22.08 -17.58 13.35
CA PRO K 98 -22.47 -18.51 12.28
C PRO K 98 -23.91 -18.29 11.87
N LYS K 99 -24.18 -18.48 10.59
CA LYS K 99 -25.54 -18.29 10.08
C LYS K 99 -25.99 -19.56 9.38
N SER K 100 -27.10 -20.12 9.83
CA SER K 100 -27.67 -21.27 9.14
C SER K 100 -28.13 -20.83 7.76
N LYS K 101 -27.84 -21.66 6.76
CA LYS K 101 -28.21 -21.37 5.39
C LYS K 101 -28.52 -22.64 4.63
N SER K 102 -29.41 -22.54 3.65
CA SER K 102 -29.78 -23.68 2.82
C SER K 102 -30.36 -23.18 1.52
N TYR K 103 -30.18 -23.95 0.45
CA TYR K 103 -30.63 -23.51 -0.86
C TYR K 103 -32.14 -23.39 -0.94
N GLY K 104 -32.85 -24.29 -0.27
CA GLY K 104 -34.30 -24.31 -0.33
C GLY K 104 -34.96 -23.32 0.59
N ALA K 105 -34.18 -22.80 1.54
CA ALA K 105 -34.71 -21.87 2.53
C ALA K 105 -35.20 -20.60 1.86
N ASN K 106 -34.63 -20.31 0.69
CA ASN K 106 -35.07 -19.20 -0.14
C ASN K 106 -36.49 -19.38 -0.62
N PHE K 107 -36.92 -20.63 -0.74
CA PHE K 107 -38.19 -20.92 -1.36
C PHE K 107 -39.31 -21.08 -0.35
N SER K 108 -40.19 -22.05 -0.61
CA SER K 108 -41.32 -22.37 0.26
C SER K 108 -42.34 -21.25 0.38
N TRP K 109 -43.57 -21.56 0.00
CA TRP K 109 -44.68 -20.61 0.01
C TRP K 109 -45.02 -20.09 1.39
N ASN K 110 -44.81 -20.94 2.39
CA ASN K 110 -45.19 -20.63 3.76
C ASN K 110 -44.18 -19.78 4.52
N LYS K 111 -42.90 -19.93 4.18
CA LYS K 111 -41.86 -19.29 4.97
C LYS K 111 -41.70 -17.80 4.66
N ARG K 112 -42.35 -17.35 3.59
CA ARG K 112 -42.32 -15.96 3.17
C ARG K 112 -40.87 -15.53 2.90
N THR K 113 -40.06 -16.49 2.48
CA THR K 113 -38.74 -16.18 1.95
C THR K 113 -38.89 -15.98 0.46
N ARG K 114 -39.25 -17.06 -0.22
CA ARG K 114 -39.74 -17.01 -1.60
C ARG K 114 -38.73 -16.46 -2.60
N VAL K 115 -38.19 -15.29 -2.31
CA VAL K 115 -37.38 -14.52 -3.26
C VAL K 115 -38.28 -14.26 -4.46
N SER K 116 -37.90 -14.73 -5.65
CA SER K 116 -38.72 -14.58 -6.85
C SER K 116 -38.09 -15.27 -8.06
N THR K 117 -38.06 -14.55 -9.17
CA THR K 117 -37.50 -15.07 -10.42
C THR K 117 -36.01 -15.38 -10.31
N LYS K 118 -35.59 -16.42 -11.00
CA LYS K 118 -34.20 -16.86 -10.96
C LYS K 118 -33.79 -17.52 -12.26
N ASN L 1 -24.40 -35.47 18.26
CA ASN L 1 -25.37 -34.59 17.62
C ASN L 1 -24.94 -34.23 16.21
N LEU L 2 -23.90 -33.41 16.13
CA LEU L 2 -23.40 -32.89 14.86
C LEU L 2 -22.86 -34.01 13.99
N ILE L 3 -23.13 -33.93 12.69
CA ILE L 3 -22.64 -34.94 11.74
C ILE L 3 -21.13 -34.81 11.57
N GLU L 4 -20.46 -35.94 11.35
CA GLU L 4 -19.03 -35.92 11.08
C GLU L 4 -18.74 -35.91 9.58
N VAL L 5 -17.88 -34.98 9.13
CA VAL L 5 -17.37 -35.00 7.75
C VAL L 5 -15.90 -34.57 7.75
N PHE L 6 -15.08 -35.16 6.89
CA PHE L 6 -13.65 -34.90 6.90
C PHE L 6 -13.20 -33.73 6.02
N VAL L 7 -12.66 -32.68 6.62
CA VAL L 7 -11.81 -31.76 5.86
C VAL L 7 -10.60 -32.56 5.48
N ASP L 8 -10.12 -32.38 4.25
CA ASP L 8 -8.99 -33.12 3.66
C ASP L 8 -8.53 -34.34 4.44
N GLY L 9 -8.05 -34.12 5.66
CA GLY L 9 -7.66 -35.20 6.56
C GLY L 9 -8.44 -35.16 7.86
N GLN L 10 -8.50 -33.99 8.50
CA GLN L 10 -9.13 -33.88 9.81
C GLN L 10 -10.62 -34.17 9.78
N SER L 11 -11.07 -34.95 10.75
CA SER L 11 -12.48 -35.16 10.99
C SER L 11 -13.11 -33.90 11.55
N VAL L 12 -14.35 -33.61 11.16
CA VAL L 12 -14.99 -32.39 11.62
C VAL L 12 -16.43 -32.63 12.11
N MET L 13 -16.72 -32.13 13.30
CA MET L 13 -18.05 -32.19 13.88
C MET L 13 -18.91 -31.08 13.29
N VAL L 14 -19.22 -31.22 12.01
CA VAL L 14 -19.97 -30.23 11.28
C VAL L 14 -21.46 -30.25 11.64
N GLU L 15 -22.09 -29.08 11.54
CA GLU L 15 -23.50 -28.88 11.86
C GLU L 15 -24.41 -29.69 10.92
N PRO L 16 -25.56 -30.17 11.41
CA PRO L 16 -26.51 -30.81 10.50
C PRO L 16 -27.03 -29.84 9.46
N GLY L 17 -27.26 -30.34 8.25
CA GLY L 17 -27.48 -29.47 7.11
C GLY L 17 -26.17 -28.80 6.73
N THR L 18 -26.22 -27.48 6.55
CA THR L 18 -25.09 -26.57 6.24
C THR L 18 -24.20 -26.97 5.05
N THR L 19 -23.75 -25.93 4.34
CA THR L 19 -23.00 -26.06 3.11
C THR L 19 -21.56 -26.50 3.34
N VAL L 20 -20.95 -27.07 2.30
CA VAL L 20 -19.53 -27.44 2.32
C VAL L 20 -18.67 -26.22 2.60
N LEU L 21 -19.17 -25.07 2.18
CA LEU L 21 -18.53 -23.80 2.42
C LEU L 21 -18.21 -23.59 3.90
N GLN L 22 -19.25 -23.67 4.73
CA GLN L 22 -19.06 -23.46 6.16
C GLN L 22 -18.23 -24.58 6.77
N ALA L 23 -18.25 -25.74 6.13
CA ALA L 23 -17.46 -26.86 6.60
C ALA L 23 -15.98 -26.58 6.47
N CYS L 24 -15.53 -26.21 5.27
CA CYS L 24 -14.13 -25.89 5.04
C CYS L 24 -13.75 -24.64 5.83
N GLU L 25 -14.72 -23.76 6.03
CA GLU L 25 -14.46 -22.52 6.73
C GLU L 25 -14.51 -22.68 8.24
N LYS L 26 -14.83 -23.87 8.72
CA LYS L 26 -14.67 -24.16 10.14
C LYS L 26 -13.22 -24.44 10.51
N VAL L 27 -12.51 -25.19 9.67
CA VAL L 27 -11.09 -25.46 9.92
C VAL L 27 -10.28 -24.23 9.54
N GLY L 28 -10.94 -23.30 8.86
CA GLY L 28 -10.32 -22.05 8.45
C GLY L 28 -10.01 -22.02 6.97
N MET L 29 -10.04 -23.17 6.30
CA MET L 29 -9.82 -23.20 4.86
C MET L 29 -10.90 -22.38 4.18
N GLN L 30 -10.54 -21.66 3.13
CA GLN L 30 -11.45 -20.69 2.56
C GLN L 30 -11.64 -20.89 1.06
N ILE L 31 -12.86 -21.19 0.67
CA ILE L 31 -13.21 -21.42 -0.73
C ILE L 31 -13.31 -20.10 -1.50
N PRO L 32 -12.74 -20.07 -2.70
CA PRO L 32 -12.91 -18.94 -3.63
C PRO L 32 -14.36 -18.76 -4.06
N ARG L 33 -14.77 -17.51 -4.25
CA ARG L 33 -16.18 -17.18 -4.42
C ARG L 33 -16.40 -15.86 -5.09
N PHE L 34 -17.64 -15.57 -5.43
CA PHE L 34 -18.02 -14.26 -5.96
C PHE L 34 -19.44 -13.94 -5.58
N CYS L 35 -20.36 -14.54 -6.32
CA CYS L 35 -21.80 -14.28 -6.22
C CYS L 35 -22.39 -14.62 -4.87
N TYR L 36 -21.85 -15.64 -4.21
CA TYR L 36 -22.29 -15.96 -2.87
C TYR L 36 -21.97 -14.81 -1.93
N HIS L 37 -22.78 -14.65 -0.89
CA HIS L 37 -22.42 -13.73 0.18
C HIS L 37 -22.84 -14.28 1.54
N GLU L 38 -22.05 -13.92 2.55
CA GLU L 38 -22.11 -14.53 3.88
C GLU L 38 -23.41 -14.27 4.62
N ARG L 39 -24.05 -13.14 4.35
CA ARG L 39 -25.31 -12.84 4.99
C ARG L 39 -26.37 -12.51 3.95
N LEU L 40 -26.23 -13.09 2.77
CA LEU L 40 -27.21 -12.90 1.71
C LEU L 40 -27.97 -14.20 1.51
N SER L 41 -27.78 -14.83 0.36
CA SER L 41 -28.43 -16.09 0.04
C SER L 41 -27.67 -16.80 -1.07
N VAL L 42 -27.63 -18.12 -0.97
CA VAL L 42 -26.93 -18.94 -1.94
C VAL L 42 -27.54 -18.82 -3.33
N ALA L 43 -26.69 -18.77 -4.35
CA ALA L 43 -27.13 -18.81 -5.73
C ALA L 43 -26.14 -19.60 -6.56
N GLY L 44 -26.65 -20.41 -7.48
CA GLY L 44 -25.81 -21.36 -8.19
C GLY L 44 -25.02 -20.77 -9.33
N ASN L 45 -25.32 -19.53 -9.68
CA ASN L 45 -24.61 -18.86 -10.76
C ASN L 45 -23.17 -18.61 -10.35
N CYS L 46 -22.26 -18.49 -11.31
CA CYS L 46 -20.86 -18.23 -11.01
C CYS L 46 -20.31 -19.27 -10.05
N ARG L 47 -20.05 -20.46 -10.58
CA ARG L 47 -19.62 -21.59 -9.77
C ARG L 47 -18.12 -21.58 -9.51
N MET L 48 -17.66 -20.64 -8.69
CA MET L 48 -16.25 -20.59 -8.29
C MET L 48 -16.03 -21.55 -7.13
N CYS L 49 -17.12 -22.10 -6.62
CA CYS L 49 -17.11 -22.92 -5.42
C CYS L 49 -16.75 -24.36 -5.71
N LEU L 50 -16.49 -24.67 -6.98
CA LEU L 50 -16.33 -26.06 -7.40
C LEU L 50 -15.20 -26.75 -6.66
N VAL L 51 -15.48 -27.95 -6.18
CA VAL L 51 -14.52 -28.82 -5.50
C VAL L 51 -14.98 -30.25 -5.72
N GLU L 52 -14.05 -31.20 -5.69
CA GLU L 52 -14.49 -32.60 -5.74
C GLU L 52 -14.41 -33.23 -4.35
N ILE L 53 -15.48 -33.95 -4.01
CA ILE L 53 -15.56 -34.76 -2.81
C ILE L 53 -14.63 -35.94 -3.04
N GLU L 54 -14.15 -36.56 -1.96
CA GLU L 54 -13.16 -37.61 -2.06
C GLU L 54 -13.62 -38.78 -2.94
N LYS L 55 -14.91 -39.06 -2.93
CA LYS L 55 -15.44 -40.10 -3.79
C LYS L 55 -16.23 -39.53 -4.95
N ALA L 56 -16.17 -38.21 -5.13
CA ALA L 56 -16.97 -37.57 -6.18
C ALA L 56 -16.46 -37.92 -7.57
N PRO L 57 -17.36 -38.45 -8.41
CA PRO L 57 -17.16 -38.63 -9.85
C PRO L 57 -16.88 -37.32 -10.55
N LYS L 58 -17.47 -36.24 -10.03
CA LYS L 58 -17.30 -34.90 -10.57
C LYS L 58 -17.56 -33.84 -9.51
N VAL L 59 -17.03 -32.63 -9.73
CA VAL L 59 -16.97 -31.60 -8.71
C VAL L 59 -18.32 -31.07 -8.24
N VAL L 60 -18.40 -30.80 -6.93
CA VAL L 60 -19.60 -30.24 -6.31
C VAL L 60 -19.47 -28.74 -6.07
N ALA L 61 -20.61 -28.09 -5.82
CA ALA L 61 -20.62 -26.68 -5.45
C ALA L 61 -20.48 -26.53 -3.94
N ALA L 62 -19.28 -26.19 -3.50
CA ALA L 62 -18.96 -26.17 -2.07
C ALA L 62 -19.75 -25.12 -1.30
N CYS L 63 -20.23 -24.10 -1.98
CA CYS L 63 -20.94 -23.05 -1.29
C CYS L 63 -22.39 -23.46 -1.02
N ALA L 64 -22.79 -24.60 -1.58
CA ALA L 64 -24.22 -24.95 -1.59
C ALA L 64 -24.52 -26.37 -1.14
N MET L 65 -23.73 -27.35 -1.53
CA MET L 65 -24.06 -28.73 -1.20
C MET L 65 -24.01 -28.90 0.31
N PRO L 66 -25.12 -29.35 0.91
CA PRO L 66 -25.15 -29.62 2.34
C PRO L 66 -24.18 -30.72 2.71
N VAL L 67 -23.56 -30.62 3.89
CA VAL L 67 -22.62 -31.65 4.30
C VAL L 67 -23.37 -32.90 4.73
N MET L 68 -22.71 -34.05 4.60
CA MET L 68 -23.24 -35.30 5.13
C MET L 68 -22.11 -36.26 5.42
N LYS L 69 -22.35 -37.17 6.36
CA LYS L 69 -21.31 -38.01 6.91
C LYS L 69 -20.67 -38.92 5.86
N GLY L 70 -19.38 -39.17 6.01
CA GLY L 70 -18.66 -40.07 5.13
C GLY L 70 -17.95 -39.38 3.98
N TRP L 71 -18.28 -38.11 3.75
CA TRP L 71 -17.58 -37.30 2.76
C TRP L 71 -16.21 -36.84 3.22
N ASN L 72 -15.32 -36.60 2.26
CA ASN L 72 -14.04 -36.00 2.56
C ASN L 72 -13.70 -35.01 1.45
N ILE L 73 -13.11 -33.89 1.85
CA ILE L 73 -12.98 -32.74 0.96
C ILE L 73 -11.55 -32.20 0.82
N LEU L 74 -10.89 -32.67 -0.21
CA LEU L 74 -9.54 -32.23 -0.54
C LEU L 74 -9.61 -30.92 -1.33
N THR L 75 -9.70 -29.81 -0.63
CA THR L 75 -9.79 -28.51 -1.28
C THR L 75 -8.54 -28.20 -2.09
N ASN L 76 -7.41 -28.73 -1.63
CA ASN L 76 -6.13 -28.48 -2.29
C ASN L 76 -5.91 -29.42 -3.48
N SER L 77 -6.83 -30.36 -3.66
CA SER L 77 -6.71 -31.36 -4.71
C SER L 77 -6.76 -30.74 -6.12
N GLU L 78 -6.06 -31.38 -7.04
CA GLU L 78 -5.80 -30.82 -8.36
C GLU L 78 -7.04 -30.50 -9.16
N LYS L 79 -8.04 -31.37 -9.07
CA LYS L 79 -9.23 -31.22 -9.89
C LYS L 79 -9.98 -29.95 -9.53
N SER L 80 -9.99 -29.62 -8.25
CA SER L 80 -10.65 -28.40 -7.79
C SER L 80 -9.95 -27.19 -8.36
N LYS L 81 -8.64 -27.30 -8.44
CA LYS L 81 -7.82 -26.23 -8.98
C LYS L 81 -8.08 -26.07 -10.47
N LYS L 82 -8.28 -27.19 -11.17
CA LYS L 82 -8.61 -27.15 -12.59
C LYS L 82 -9.96 -26.48 -12.77
N ALA L 83 -10.83 -26.69 -11.78
CA ALA L 83 -12.14 -26.08 -11.81
C ALA L 83 -12.05 -24.58 -11.67
N ARG L 84 -11.28 -24.12 -10.67
CA ARG L 84 -11.17 -22.70 -10.45
C ARG L 84 -10.53 -22.04 -11.65
N GLU L 85 -9.59 -22.74 -12.26
CA GLU L 85 -8.96 -22.28 -13.49
C GLU L 85 -10.03 -22.17 -14.56
N GLY L 86 -10.98 -23.09 -14.53
CA GLY L 86 -12.06 -23.06 -15.48
C GLY L 86 -12.92 -21.83 -15.29
N VAL L 87 -13.11 -21.41 -14.06
CA VAL L 87 -13.90 -20.21 -13.82
C VAL L 87 -13.16 -18.96 -14.29
N MET L 88 -11.92 -18.82 -13.80
CA MET L 88 -11.19 -17.59 -14.04
C MET L 88 -10.83 -17.39 -15.51
N GLU L 89 -10.64 -18.48 -16.25
CA GLU L 89 -10.34 -18.34 -17.68
C GLU L 89 -11.51 -17.69 -18.38
N PHE L 90 -12.69 -17.93 -17.85
CA PHE L 90 -13.90 -17.50 -18.51
C PHE L 90 -14.32 -16.11 -18.09
N LEU L 91 -14.17 -15.80 -16.81
CA LEU L 91 -14.58 -14.49 -16.35
C LEU L 91 -13.77 -13.42 -17.07
N LEU L 92 -12.50 -13.74 -17.34
CA LEU L 92 -11.59 -12.79 -17.95
C LEU L 92 -11.60 -12.88 -19.47
N ALA L 93 -12.36 -13.84 -20.00
CA ALA L 93 -12.41 -14.04 -21.44
C ALA L 93 -13.01 -12.82 -22.14
N ASN L 94 -13.81 -12.05 -21.41
CA ASN L 94 -14.43 -10.85 -21.97
C ASN L 94 -14.45 -9.62 -21.07
N HIS L 95 -13.68 -9.64 -19.98
CA HIS L 95 -13.69 -8.53 -19.04
C HIS L 95 -13.02 -7.30 -19.67
N PRO L 96 -13.49 -6.08 -19.33
CA PRO L 96 -12.83 -4.87 -19.81
C PRO L 96 -11.39 -4.70 -19.32
N LEU L 97 -10.54 -4.12 -20.18
CA LEU L 97 -9.14 -3.93 -19.88
C LEU L 97 -8.91 -2.66 -19.09
N ASP L 98 -9.69 -2.46 -18.05
CA ASP L 98 -9.62 -1.19 -17.35
C ASP L 98 -9.53 -1.34 -15.85
N CYS L 99 -8.48 -2.02 -15.41
CA CYS L 99 -8.07 -2.01 -14.01
C CYS L 99 -7.70 -0.62 -13.48
N PRO L 100 -6.86 0.08 -14.22
CA PRO L 100 -6.32 1.40 -13.85
C PRO L 100 -7.35 2.47 -13.67
N ILE L 101 -8.37 2.54 -14.52
CA ILE L 101 -9.38 3.59 -14.34
C ILE L 101 -10.54 3.19 -13.43
N CYS L 102 -10.48 1.96 -12.94
CA CYS L 102 -11.48 1.38 -12.06
C CYS L 102 -11.29 1.92 -10.65
N ASP L 103 -12.35 2.40 -9.99
CA ASP L 103 -12.17 2.85 -8.63
C ASP L 103 -12.04 1.62 -7.72
N GLN L 104 -12.59 0.49 -8.18
CA GLN L 104 -12.47 -0.76 -7.43
C GLN L 104 -11.22 -1.49 -7.89
N GLY L 105 -10.59 -0.96 -8.92
CA GLY L 105 -9.52 -1.66 -9.62
C GLY L 105 -8.24 -1.72 -8.81
N GLY L 106 -8.16 -0.92 -7.76
CA GLY L 106 -7.03 -0.96 -6.87
C GLY L 106 -7.20 -2.00 -5.78
N GLU L 107 -8.33 -2.70 -5.79
CA GLU L 107 -8.64 -3.61 -4.69
C GLU L 107 -9.72 -4.64 -5.02
N CYS L 108 -10.05 -4.76 -6.29
CA CYS L 108 -11.12 -5.67 -6.69
C CYS L 108 -10.84 -7.11 -6.34
N ASP L 109 -11.86 -7.78 -5.82
CA ASP L 109 -11.75 -9.16 -5.37
C ASP L 109 -11.42 -10.06 -6.56
N LEU L 110 -11.88 -9.66 -7.73
CA LEU L 110 -11.57 -10.39 -8.94
C LEU L 110 -10.09 -10.39 -9.17
N GLN L 111 -9.40 -9.33 -8.76
CA GLN L 111 -7.95 -9.28 -8.93
C GLN L 111 -7.22 -10.20 -8.00
N ASP L 112 -7.56 -10.15 -6.71
CA ASP L 112 -6.86 -10.95 -5.72
C ASP L 112 -7.00 -12.40 -6.09
N GLN L 113 -8.20 -12.76 -6.51
CA GLN L 113 -8.45 -14.15 -6.81
C GLN L 113 -7.98 -14.47 -8.23
N SER L 114 -7.72 -13.45 -9.03
CA SER L 114 -7.02 -13.65 -10.31
C SER L 114 -5.57 -13.98 -10.06
N MET L 115 -5.05 -13.52 -8.93
CA MET L 115 -3.69 -13.80 -8.55
C MET L 115 -3.62 -15.18 -7.93
N MET L 116 -4.61 -15.49 -7.09
CA MET L 116 -4.63 -16.78 -6.44
C MET L 116 -4.80 -17.90 -7.47
N PHE L 117 -5.54 -17.63 -8.55
CA PHE L 117 -5.94 -18.69 -9.48
C PHE L 117 -6.12 -18.22 -10.92
N GLY L 118 -6.08 -19.18 -11.83
CA GLY L 118 -6.25 -18.90 -13.25
C GLY L 118 -4.89 -18.74 -13.89
N ASN L 119 -4.76 -19.23 -15.12
CA ASN L 119 -3.49 -19.17 -15.82
C ASN L 119 -3.04 -17.72 -16.00
N ASP L 120 -1.74 -17.50 -15.90
CA ASP L 120 -1.19 -16.16 -16.00
C ASP L 120 -1.41 -15.53 -17.38
N ARG L 121 -1.38 -16.35 -18.43
CA ARG L 121 -1.60 -15.85 -19.78
C ARG L 121 -3.02 -16.11 -20.26
N SER L 122 -3.53 -15.22 -21.10
CA SER L 122 -4.85 -15.39 -21.69
C SER L 122 -4.75 -15.71 -23.17
N ARG L 123 -5.85 -16.19 -23.74
CA ARG L 123 -5.89 -16.64 -25.13
C ARG L 123 -7.07 -16.09 -25.91
N PHE L 124 -7.43 -14.84 -25.63
CA PHE L 124 -8.45 -14.14 -26.39
C PHE L 124 -7.94 -13.77 -27.77
N LEU L 125 -8.80 -13.82 -28.78
CA LEU L 125 -8.38 -13.46 -30.13
C LEU L 125 -9.42 -12.74 -30.97
N GLU L 126 -10.49 -12.22 -30.36
CA GLU L 126 -11.62 -11.72 -31.16
C GLU L 126 -12.07 -10.30 -30.79
N GLY L 127 -13.29 -10.19 -30.26
CA GLY L 127 -13.82 -8.91 -29.82
C GLY L 127 -14.76 -9.02 -28.63
N LYS L 128 -14.33 -8.55 -27.48
CA LYS L 128 -15.14 -8.61 -26.27
C LYS L 128 -16.37 -7.72 -26.39
N ARG L 129 -17.44 -8.11 -25.71
CA ARG L 129 -18.62 -7.26 -25.61
C ARG L 129 -18.40 -6.13 -24.61
N ALA L 130 -19.16 -5.05 -24.75
CA ALA L 130 -19.17 -3.98 -23.76
C ALA L 130 -20.51 -3.26 -23.73
N VAL L 131 -21.19 -3.33 -22.60
CA VAL L 131 -22.52 -2.74 -22.42
C VAL L 131 -22.44 -1.23 -22.22
N GLU L 132 -23.51 -0.51 -22.54
CA GLU L 132 -23.56 0.92 -22.28
C GLU L 132 -23.80 1.18 -20.79
N ASP L 133 -23.41 2.36 -20.33
CA ASP L 133 -23.66 2.76 -18.94
C ASP L 133 -25.16 2.92 -18.68
N LYS L 134 -25.55 2.73 -17.43
CA LYS L 134 -26.95 2.65 -17.06
C LYS L 134 -27.24 3.33 -15.73
N ASN L 135 -27.37 4.65 -15.72
CA ASN L 135 -27.47 5.40 -14.47
C ASN L 135 -28.68 4.98 -13.67
N ILE L 136 -28.49 4.87 -12.36
CA ILE L 136 -29.56 4.49 -11.46
C ILE L 136 -29.55 5.36 -10.20
N GLY L 137 -28.84 6.48 -10.26
CA GLY L 137 -28.80 7.37 -9.13
C GLY L 137 -27.63 8.34 -9.14
N PRO L 138 -27.86 9.56 -8.65
CA PRO L 138 -26.86 10.62 -8.56
C PRO L 138 -25.65 10.23 -7.72
N LEU L 139 -25.89 9.42 -6.70
CA LEU L 139 -24.87 9.12 -5.70
C LEU L 139 -24.33 7.70 -5.79
N VAL L 140 -24.71 6.99 -6.84
CA VAL L 140 -24.20 5.64 -7.08
C VAL L 140 -23.96 5.34 -8.56
N LYS L 141 -22.86 5.87 -9.08
CA LYS L 141 -22.50 5.71 -10.49
C LYS L 141 -22.24 4.24 -10.84
N THR L 142 -22.69 3.83 -12.01
CA THR L 142 -22.58 2.43 -12.38
C THR L 142 -21.96 2.24 -13.75
N ILE L 143 -20.67 1.93 -13.76
CA ILE L 143 -19.93 1.79 -15.01
C ILE L 143 -20.36 0.57 -15.80
N MET L 144 -20.86 -0.46 -15.12
CA MET L 144 -21.17 -1.73 -15.75
C MET L 144 -19.96 -2.21 -16.55
N THR L 145 -20.27 -2.97 -17.60
CA THR L 145 -19.25 -3.56 -18.47
C THR L 145 -18.58 -4.57 -17.57
N ARG L 146 -18.11 -4.05 -16.45
CA ARG L 146 -17.46 -4.73 -15.37
C ARG L 146 -18.27 -5.77 -14.59
N CYS L 147 -19.58 -5.57 -14.35
CA CYS L 147 -20.35 -6.54 -13.52
C CYS L 147 -20.26 -7.92 -14.11
N ILE L 148 -19.99 -8.88 -13.24
CA ILE L 148 -19.89 -10.27 -13.61
C ILE L 148 -21.19 -10.90 -13.20
N GLN L 149 -22.00 -11.16 -14.20
CA GLN L 149 -23.30 -11.75 -14.00
C GLN L 149 -23.53 -12.28 -12.60
N CYS L 150 -22.60 -12.07 -11.68
CA CYS L 150 -22.90 -12.46 -10.32
C CYS L 150 -24.04 -11.58 -9.85
N THR L 151 -24.94 -12.19 -9.10
CA THR L 151 -26.23 -11.59 -8.82
C THR L 151 -26.41 -11.24 -7.36
N ARG L 152 -25.30 -10.96 -6.69
CA ARG L 152 -25.33 -10.65 -5.27
C ARG L 152 -26.15 -9.38 -5.04
N CYS L 153 -26.06 -8.46 -6.00
CA CYS L 153 -26.70 -7.16 -5.87
C CYS L 153 -28.21 -7.17 -6.00
N ILE L 154 -28.78 -8.02 -6.84
CA ILE L 154 -30.23 -8.10 -6.91
C ILE L 154 -30.78 -8.76 -5.66
N ARG L 155 -30.09 -9.78 -5.17
CA ARG L 155 -30.53 -10.47 -3.98
C ARG L 155 -30.40 -9.55 -2.78
N PHE L 156 -29.47 -8.60 -2.82
CA PHE L 156 -29.51 -7.57 -1.79
C PHE L 156 -30.69 -6.66 -2.02
N ALA L 157 -30.80 -6.20 -3.26
CA ALA L 157 -31.70 -5.10 -3.59
C ALA L 157 -33.14 -5.50 -3.47
N SER L 158 -33.49 -6.61 -4.10
CA SER L 158 -34.88 -7.04 -4.14
C SER L 158 -35.36 -7.32 -2.74
N GLU L 159 -34.44 -7.73 -1.89
CA GLU L 159 -34.77 -8.13 -0.54
C GLU L 159 -34.65 -7.00 0.46
N ILE L 160 -33.47 -6.86 1.04
CA ILE L 160 -33.32 -6.02 2.23
C ILE L 160 -33.63 -4.55 1.94
N ALA L 161 -33.30 -4.08 0.75
CA ALA L 161 -33.66 -2.74 0.37
C ALA L 161 -35.17 -2.63 0.24
N GLY L 162 -35.79 -3.72 -0.21
CA GLY L 162 -37.23 -3.80 -0.37
C GLY L 162 -37.64 -3.31 -1.73
N VAL L 163 -36.77 -2.56 -2.38
CA VAL L 163 -37.05 -2.06 -3.72
C VAL L 163 -36.63 -3.10 -4.75
N ASP L 164 -37.34 -3.17 -5.85
CA ASP L 164 -37.14 -4.24 -6.81
C ASP L 164 -36.87 -3.70 -8.21
N ASP L 165 -36.55 -2.42 -8.32
CA ASP L 165 -36.34 -1.84 -9.64
C ASP L 165 -35.17 -2.54 -10.34
N LEU L 166 -34.20 -2.98 -9.54
CA LEU L 166 -33.02 -3.67 -10.06
C LEU L 166 -33.33 -5.11 -10.45
N GLY L 167 -32.60 -5.65 -11.41
CA GLY L 167 -32.79 -7.04 -11.78
C GLY L 167 -32.27 -7.45 -13.14
N THR L 168 -32.39 -8.75 -13.42
CA THR L 168 -31.92 -9.37 -14.65
C THR L 168 -32.69 -8.85 -15.85
N THR L 169 -32.06 -8.87 -17.02
CA THR L 169 -32.76 -8.49 -18.24
C THR L 169 -32.14 -9.20 -19.45
N GLY L 170 -32.90 -10.13 -20.03
CA GLY L 170 -32.44 -10.87 -21.20
C GLY L 170 -31.76 -12.20 -20.95
N ARG L 171 -31.45 -12.91 -22.03
CA ARG L 171 -30.86 -14.24 -21.96
C ARG L 171 -29.92 -14.51 -23.11
N GLY L 172 -29.09 -15.54 -22.96
CA GLY L 172 -28.08 -15.85 -23.93
C GLY L 172 -26.97 -14.82 -23.86
N ASN L 173 -26.24 -14.66 -24.96
CA ASN L 173 -25.24 -13.62 -25.04
C ASN L 173 -25.89 -12.26 -25.00
N ASP L 174 -25.15 -11.27 -24.49
CA ASP L 174 -25.64 -9.92 -24.31
C ASP L 174 -26.84 -9.89 -23.36
N MET L 175 -26.91 -10.88 -22.47
CA MET L 175 -27.82 -10.78 -21.36
C MET L 175 -27.24 -9.76 -20.40
N GLN L 176 -28.09 -9.07 -19.64
CA GLN L 176 -27.57 -8.07 -18.72
C GLN L 176 -28.44 -7.86 -17.50
N VAL L 177 -27.82 -7.49 -16.40
CA VAL L 177 -28.54 -7.24 -15.15
C VAL L 177 -28.90 -5.78 -15.05
N GLY L 178 -28.68 -5.03 -16.13
CA GLY L 178 -29.08 -3.65 -16.16
C GLY L 178 -30.57 -3.54 -15.92
N THR L 179 -30.96 -2.70 -14.98
CA THR L 179 -32.37 -2.59 -14.62
C THR L 179 -33.18 -2.03 -15.78
N TYR L 180 -34.43 -2.46 -15.86
CA TYR L 180 -35.32 -2.03 -16.90
C TYR L 180 -35.54 -0.53 -16.75
N ILE L 181 -35.81 0.14 -17.88
CA ILE L 181 -36.22 1.55 -17.97
C ILE L 181 -35.21 2.54 -17.39
N GLU L 182 -35.36 3.81 -17.75
CA GLU L 182 -34.49 4.89 -17.33
C GLU L 182 -34.52 5.14 -15.83
N LYS L 183 -35.65 4.82 -15.18
CA LYS L 183 -35.92 5.31 -13.83
C LYS L 183 -34.84 4.91 -12.82
N MET L 184 -34.46 5.86 -11.98
CA MET L 184 -33.42 5.62 -10.99
C MET L 184 -33.88 4.65 -9.91
N PHE L 185 -32.97 3.77 -9.50
CA PHE L 185 -33.14 3.07 -8.25
C PHE L 185 -33.03 4.07 -7.12
N MET L 186 -33.82 3.90 -6.08
CA MET L 186 -33.68 4.71 -4.89
C MET L 186 -33.99 3.87 -3.67
N SER L 187 -33.28 4.15 -2.59
CA SER L 187 -33.51 3.47 -1.33
C SER L 187 -32.84 4.24 -0.21
N GLU L 188 -33.25 3.98 1.03
CA GLU L 188 -32.64 4.65 2.16
C GLU L 188 -31.36 3.92 2.56
N LEU L 189 -31.15 2.76 1.94
CA LEU L 189 -29.86 2.07 2.00
C LEU L 189 -29.37 1.83 0.59
N SER L 190 -29.47 2.87 -0.23
CA SER L 190 -29.01 2.81 -1.61
C SER L 190 -27.50 2.63 -1.73
N GLY L 191 -26.75 3.20 -0.79
CA GLY L 191 -25.32 3.26 -0.92
C GLY L 191 -24.60 1.97 -0.62
N ASN L 192 -25.23 1.11 0.17
CA ASN L 192 -24.57 -0.10 0.62
C ASN L 192 -24.29 -1.07 -0.52
N ILE L 193 -25.04 -0.91 -1.60
CA ILE L 193 -24.84 -1.76 -2.77
C ILE L 193 -23.44 -1.57 -3.29
N ILE L 194 -22.88 -0.38 -3.08
CA ILE L 194 -21.56 -0.06 -3.58
C ILE L 194 -20.56 -1.02 -2.97
N ASP L 195 -20.73 -1.26 -1.67
CA ASP L 195 -19.81 -2.13 -0.96
C ASP L 195 -19.94 -3.54 -1.47
N ILE L 196 -21.15 -3.89 -1.88
CA ILE L 196 -21.46 -5.30 -2.07
C ILE L 196 -21.02 -5.71 -3.47
N CYS L 197 -20.65 -4.73 -4.29
CA CYS L 197 -20.21 -5.03 -5.63
C CYS L 197 -18.79 -5.54 -5.60
N PRO L 198 -18.58 -6.77 -6.09
CA PRO L 198 -17.26 -7.38 -6.18
C PRO L 198 -16.28 -6.57 -7.03
N VAL L 199 -16.79 -5.92 -8.06
CA VAL L 199 -15.95 -5.19 -9.00
C VAL L 199 -16.21 -3.69 -8.92
N GLY L 200 -15.84 -3.00 -9.99
CA GLY L 200 -16.02 -1.57 -10.10
C GLY L 200 -17.30 -1.18 -10.78
N ALA L 201 -18.20 -2.14 -10.93
CA ALA L 201 -19.47 -1.87 -11.58
C ALA L 201 -20.29 -0.82 -10.84
N LEU L 202 -20.19 -0.80 -9.51
CA LEU L 202 -21.05 0.08 -8.72
C LEU L 202 -20.27 1.14 -7.94
N THR L 203 -19.30 1.77 -8.59
CA THR L 203 -18.49 2.80 -7.94
C THR L 203 -19.32 4.02 -7.51
N SER L 204 -19.13 4.49 -6.29
CA SER L 204 -19.85 5.68 -5.85
C SER L 204 -19.37 6.90 -6.62
N LYS L 205 -20.30 7.71 -7.09
CA LYS L 205 -19.94 8.96 -7.74
C LYS L 205 -19.16 9.96 -6.87
N PRO L 206 -19.65 10.25 -5.65
CA PRO L 206 -18.93 11.27 -4.85
C PRO L 206 -17.46 10.94 -4.57
N TYR L 207 -17.16 9.67 -4.41
CA TYR L 207 -15.80 9.25 -4.08
C TYR L 207 -14.98 8.92 -5.33
N ALA L 208 -15.62 9.01 -6.49
CA ALA L 208 -14.98 8.55 -7.72
C ALA L 208 -13.70 9.30 -8.00
N PHE L 209 -12.67 8.53 -8.38
CA PHE L 209 -11.40 9.03 -8.90
C PHE L 209 -10.55 9.66 -7.80
N THR L 210 -11.16 9.84 -6.64
CA THR L 210 -10.57 10.61 -5.57
C THR L 210 -9.29 9.99 -4.99
N ALA L 211 -9.24 8.66 -4.96
CA ALA L 211 -8.20 8.00 -4.19
C ALA L 211 -7.98 6.54 -4.57
N ARG L 212 -6.94 5.97 -3.97
CA ARG L 212 -6.61 4.57 -4.18
C ARG L 212 -6.44 3.89 -2.81
N PRO L 213 -6.96 2.66 -2.68
CA PRO L 213 -7.09 2.08 -1.34
C PRO L 213 -5.82 1.94 -0.51
N TRP L 214 -4.71 1.60 -1.15
CA TRP L 214 -3.51 1.26 -0.40
C TRP L 214 -2.95 2.45 0.34
N GLU L 215 -3.10 3.62 -0.25
CA GLU L 215 -2.57 4.84 0.32
C GLU L 215 -3.23 5.19 1.64
N THR L 216 -4.52 4.88 1.73
CA THR L 216 -5.34 5.29 2.85
C THR L 216 -5.02 4.61 4.18
N ARG L 217 -4.96 5.41 5.24
CA ARG L 217 -5.04 4.91 6.60
C ARG L 217 -6.49 4.63 6.95
N LYS L 218 -6.71 3.73 7.90
CA LYS L 218 -8.05 3.25 8.21
C LYS L 218 -8.46 3.51 9.65
N THR L 219 -8.44 4.76 10.07
CA THR L 219 -8.73 5.08 11.47
C THR L 219 -10.16 4.68 11.83
N GLU L 220 -10.33 4.06 12.98
CA GLU L 220 -11.62 3.47 13.33
C GLU L 220 -12.34 4.23 14.45
N SER L 221 -13.66 4.11 14.47
CA SER L 221 -14.49 4.63 15.57
C SER L 221 -15.94 4.21 15.40
N ILE L 222 -16.84 5.17 15.63
CA ILE L 222 -18.28 4.99 15.43
C ILE L 222 -18.89 6.31 14.96
N ASP L 223 -19.91 6.23 14.11
CA ASP L 223 -20.62 7.43 13.68
C ASP L 223 -21.65 7.88 14.72
N VAL L 224 -21.99 9.16 14.72
CA VAL L 224 -23.09 9.65 15.53
C VAL L 224 -24.20 10.23 14.67
N MET L 225 -24.10 10.02 13.37
CA MET L 225 -25.13 10.51 12.45
C MET L 225 -26.47 9.85 12.72
N ASP L 226 -26.43 8.58 13.13
CA ASP L 226 -27.62 7.89 13.64
C ASP L 226 -27.46 7.69 15.14
N ALA L 227 -28.57 7.46 15.83
CA ALA L 227 -28.52 7.07 17.22
C ALA L 227 -28.24 5.58 17.29
N VAL L 228 -28.24 4.94 16.13
CA VAL L 228 -28.01 3.51 16.01
C VAL L 228 -26.62 3.17 16.55
N GLY L 229 -25.71 4.14 16.47
CA GLY L 229 -24.37 3.98 17.00
C GLY L 229 -23.56 2.99 16.20
N SER L 230 -23.75 2.97 14.89
CA SER L 230 -23.04 2.04 14.02
C SER L 230 -21.51 2.24 14.02
N ASN L 231 -20.79 1.13 14.06
CA ASN L 231 -19.34 1.13 14.12
C ASN L 231 -18.74 1.41 12.73
N ILE L 232 -17.56 2.03 12.69
CA ILE L 232 -16.96 2.42 11.41
C ILE L 232 -15.44 2.26 11.28
N VAL L 233 -15.04 1.79 10.10
CA VAL L 233 -13.66 1.83 9.62
C VAL L 233 -13.51 2.94 8.58
N VAL L 234 -12.71 3.95 8.90
CA VAL L 234 -12.66 5.15 8.09
C VAL L 234 -11.36 5.27 7.30
N SER L 235 -11.48 5.29 5.97
CA SER L 235 -10.33 5.42 5.09
C SER L 235 -9.96 6.89 4.89
N THR L 236 -9.21 7.43 5.83
CA THR L 236 -8.63 8.77 5.71
C THR L 236 -7.33 8.71 4.93
N ARG L 237 -6.91 9.82 4.35
CA ARG L 237 -5.60 9.88 3.73
C ARG L 237 -5.05 11.30 3.78
N THR L 238 -3.76 11.42 4.09
CA THR L 238 -3.05 12.71 4.07
C THR L 238 -3.72 13.79 4.91
N GLY L 239 -4.35 13.40 6.00
CA GLY L 239 -5.03 14.37 6.86
C GLY L 239 -6.37 14.74 6.28
N GLU L 240 -6.82 13.99 5.29
CA GLU L 240 -8.10 14.20 4.65
C GLU L 240 -8.91 12.92 4.75
N VAL L 241 -10.21 13.04 4.94
CA VAL L 241 -11.07 11.86 5.01
C VAL L 241 -11.50 11.48 3.62
N MET L 242 -10.98 10.36 3.11
CA MET L 242 -11.27 9.98 1.74
C MET L 242 -12.60 9.28 1.63
N ARG L 243 -12.86 8.33 2.52
CA ARG L 243 -14.16 7.67 2.49
C ARG L 243 -14.51 7.02 3.81
N ILE L 244 -15.79 6.77 4.00
CA ILE L 244 -16.29 6.07 5.17
C ILE L 244 -16.66 4.64 4.83
N LEU L 245 -16.30 3.69 5.68
CA LEU L 245 -16.84 2.35 5.55
C LEU L 245 -17.39 1.89 6.89
N PRO L 246 -18.45 1.07 6.83
CA PRO L 246 -18.98 0.48 8.06
C PRO L 246 -17.98 -0.46 8.69
N ARG L 247 -17.96 -0.49 10.02
CA ARG L 247 -17.27 -1.56 10.72
C ARG L 247 -18.32 -2.49 11.29
N MET L 248 -18.28 -3.74 10.85
CA MET L 248 -19.32 -4.70 11.14
C MET L 248 -19.47 -5.03 12.63
N HIS L 249 -20.71 -5.23 13.05
CA HIS L 249 -21.02 -5.67 14.40
C HIS L 249 -22.45 -6.19 14.45
N GLU L 250 -22.61 -7.45 14.82
CA GLU L 250 -23.90 -8.13 14.77
C GLU L 250 -24.93 -7.49 15.70
N ASP L 251 -24.46 -6.95 16.82
CA ASP L 251 -25.33 -6.27 17.76
C ASP L 251 -25.90 -5.01 17.16
N ILE L 252 -25.18 -4.44 16.20
CA ILE L 252 -25.61 -3.19 15.58
C ILE L 252 -25.69 -3.38 14.06
N ASN L 253 -24.76 -2.79 13.32
CA ASN L 253 -24.94 -2.64 11.87
C ASN L 253 -24.98 -3.94 11.09
N GLU L 254 -24.26 -4.93 11.59
CA GLU L 254 -24.04 -6.16 10.84
C GLU L 254 -23.58 -5.79 9.44
N GLU L 255 -22.65 -4.86 9.38
CA GLU L 255 -21.96 -4.47 8.15
C GLU L 255 -22.92 -3.93 7.08
N TRP L 256 -23.86 -3.09 7.50
CA TRP L 256 -24.74 -2.41 6.55
C TRP L 256 -25.18 -1.06 7.09
N ILE L 257 -24.26 -0.10 7.07
CA ILE L 257 -24.50 1.21 7.67
C ILE L 257 -25.45 2.03 6.79
N SER L 258 -26.03 3.07 7.38
CA SER L 258 -26.91 4.00 6.66
C SER L 258 -26.24 4.65 5.46
N ASP L 259 -27.00 4.74 4.38
CA ASP L 259 -26.55 5.44 3.19
C ASP L 259 -26.41 6.92 3.48
N LYS L 260 -27.15 7.42 4.45
CA LYS L 260 -27.03 8.84 4.78
C LYS L 260 -25.74 9.10 5.53
N THR L 261 -25.37 8.21 6.44
CA THR L 261 -24.10 8.34 7.15
C THR L 261 -22.93 8.15 6.21
N ARG L 262 -23.14 7.29 5.22
CA ARG L 262 -22.05 6.89 4.32
C ARG L 262 -21.50 8.05 3.52
N PHE L 263 -22.33 9.03 3.21
CA PHE L 263 -21.85 10.16 2.44
C PHE L 263 -21.81 11.43 3.28
N ALA L 264 -21.90 11.25 4.60
CA ALA L 264 -21.89 12.36 5.52
C ALA L 264 -20.55 13.10 5.56
N TYR L 265 -19.46 12.39 5.29
CA TYR L 265 -18.12 12.91 5.51
C TYR L 265 -17.86 14.20 4.74
N ASP L 266 -18.49 14.30 3.57
CA ASP L 266 -18.29 15.42 2.67
C ASP L 266 -18.68 16.72 3.36
N GLY L 267 -19.64 16.63 4.28
CA GLY L 267 -20.16 17.83 4.91
C GLY L 267 -19.16 18.42 5.88
N LEU L 268 -18.22 17.61 6.33
CA LEU L 268 -17.15 18.11 7.18
C LEU L 268 -16.31 19.10 6.39
N LYS L 269 -16.27 18.89 5.09
CA LYS L 269 -15.46 19.71 4.20
C LYS L 269 -16.10 21.06 3.89
N ARG L 270 -17.37 21.24 4.24
CA ARG L 270 -17.99 22.54 3.98
C ARG L 270 -17.60 23.46 5.13
N GLN L 271 -18.33 24.56 5.30
CA GLN L 271 -17.93 25.65 6.17
C GLN L 271 -17.78 25.19 7.60
N ARG L 272 -16.79 25.78 8.28
CA ARG L 272 -16.39 25.30 9.60
C ARG L 272 -16.07 26.46 10.51
N LEU L 273 -16.40 26.33 11.78
CA LEU L 273 -15.96 27.32 12.76
C LEU L 273 -14.44 27.24 12.87
N THR L 274 -13.77 28.01 12.02
CA THR L 274 -12.32 27.99 11.94
C THR L 274 -11.67 28.91 12.96
N GLU L 275 -12.21 30.12 13.12
CA GLU L 275 -11.63 31.07 14.05
C GLU L 275 -12.68 31.66 14.98
N PRO L 276 -12.26 32.06 16.19
CA PRO L 276 -13.16 32.74 17.13
C PRO L 276 -13.65 34.06 16.56
N MET L 277 -14.89 34.41 16.87
CA MET L 277 -15.57 35.51 16.21
C MET L 277 -16.39 36.36 17.17
N VAL L 278 -15.71 37.25 17.89
CA VAL L 278 -16.39 38.07 18.89
C VAL L 278 -17.06 39.28 18.28
N ARG L 279 -18.31 39.55 18.65
CA ARG L 279 -19.00 40.73 18.16
C ARG L 279 -18.27 41.98 18.61
N ASN L 280 -18.23 42.98 17.74
CA ASN L 280 -17.61 44.24 18.08
C ASN L 280 -18.62 45.22 18.64
N GLU L 281 -18.20 46.47 18.76
CA GLU L 281 -19.07 47.54 19.21
C GLU L 281 -20.21 47.74 18.22
N LYS L 282 -19.95 47.39 16.96
CA LYS L 282 -20.95 47.47 15.92
C LYS L 282 -21.92 46.31 16.02
N GLY L 283 -21.60 45.35 16.88
CA GLY L 283 -22.42 44.17 17.05
C GLY L 283 -22.08 43.13 16.02
N LEU L 284 -21.11 43.44 15.17
CA LEU L 284 -20.60 42.50 14.18
C LEU L 284 -19.45 41.69 14.74
N LEU L 285 -19.42 40.40 14.43
CA LEU L 285 -18.33 39.56 14.89
C LEU L 285 -17.06 39.79 14.06
N THR L 286 -15.92 39.58 14.69
CA THR L 286 -14.62 39.69 14.05
C THR L 286 -13.73 38.57 14.56
N TYR L 287 -12.72 38.22 13.77
CA TYR L 287 -11.78 37.19 14.15
C TYR L 287 -11.03 37.61 15.40
N THR L 288 -10.89 36.68 16.35
CA THR L 288 -10.36 37.00 17.66
C THR L 288 -9.53 35.87 18.25
N SER L 289 -8.51 36.25 19.01
CA SER L 289 -7.70 35.30 19.75
C SER L 289 -8.49 34.75 20.93
N TRP L 290 -8.15 33.54 21.36
CA TRP L 290 -8.84 32.91 22.47
C TRP L 290 -8.76 33.71 23.75
N GLU L 291 -7.67 34.44 23.96
CA GLU L 291 -7.53 35.15 25.21
C GLU L 291 -8.66 36.16 25.33
N ASP L 292 -9.04 36.74 24.19
CA ASP L 292 -10.07 37.77 24.16
C ASP L 292 -11.44 37.21 24.52
N ALA L 293 -11.93 36.30 23.69
CA ALA L 293 -13.26 35.74 23.85
C ALA L 293 -13.39 34.96 25.14
N LEU L 294 -12.31 34.29 25.54
CA LEU L 294 -12.39 33.41 26.68
C LEU L 294 -12.27 34.22 27.97
N SER L 295 -11.46 35.28 27.95
CA SER L 295 -11.45 36.19 29.10
C SER L 295 -12.78 36.90 29.20
N ARG L 296 -13.45 37.10 28.07
CA ARG L 296 -14.74 37.78 28.08
C ARG L 296 -15.83 36.92 28.68
N VAL L 297 -15.92 35.68 28.21
CA VAL L 297 -16.91 34.77 28.76
C VAL L 297 -16.54 34.45 30.21
N ALA L 298 -15.26 34.55 30.52
CA ALA L 298 -14.82 34.48 31.91
C ALA L 298 -15.31 35.68 32.69
N GLY L 299 -15.50 36.81 32.00
CA GLY L 299 -16.04 38.00 32.62
C GLY L 299 -17.54 37.97 32.77
N MET L 300 -18.20 37.17 31.95
CA MET L 300 -19.65 37.03 32.04
C MET L 300 -20.08 35.96 33.05
N LEU L 301 -19.39 34.82 33.03
CA LEU L 301 -19.87 33.66 33.78
C LEU L 301 -19.50 33.71 35.26
N GLN L 302 -18.67 34.66 35.65
CA GLN L 302 -18.44 34.90 37.07
C GLN L 302 -19.55 35.78 37.66
N SER L 303 -20.34 36.38 36.77
CA SER L 303 -21.38 37.32 37.19
C SER L 303 -22.69 36.65 37.58
N PHE L 304 -23.06 35.61 36.85
CA PHE L 304 -24.41 35.05 36.95
C PHE L 304 -24.42 33.61 37.45
N GLN L 305 -23.77 33.36 38.58
CA GLN L 305 -23.72 32.01 39.12
C GLN L 305 -25.09 31.53 39.54
N GLY L 306 -25.32 30.21 39.46
CA GLY L 306 -26.58 29.65 39.85
C GLY L 306 -27.68 29.94 38.84
N LYS L 307 -28.55 30.87 39.21
CA LYS L 307 -29.66 31.24 38.34
C LYS L 307 -29.21 32.09 37.17
N ASP L 308 -30.14 32.38 36.27
CA ASP L 308 -29.94 33.31 35.16
C ASP L 308 -28.84 32.85 34.23
N VAL L 309 -28.62 31.54 34.14
CA VAL L 309 -27.75 30.95 33.15
C VAL L 309 -28.29 29.58 32.75
N ALA L 310 -27.99 29.16 31.54
CA ALA L 310 -28.44 27.87 31.04
C ALA L 310 -27.50 27.37 29.94
N ALA L 311 -27.69 26.13 29.53
CA ALA L 311 -26.77 25.52 28.58
C ALA L 311 -27.50 24.67 27.56
N ILE L 312 -27.47 25.10 26.30
CA ILE L 312 -28.18 24.40 25.23
C ILE L 312 -27.37 23.24 24.67
N ALA L 313 -27.60 22.04 25.21
CA ALA L 313 -26.93 20.85 24.70
C ALA L 313 -27.39 20.52 23.29
N GLY L 314 -26.48 20.04 22.45
CA GLY L 314 -26.81 19.62 21.10
C GLY L 314 -27.20 18.16 20.95
N GLY L 315 -27.54 17.75 19.73
CA GLY L 315 -27.89 16.37 19.45
C GLY L 315 -26.73 15.44 19.13
N LEU L 316 -25.62 16.01 18.67
CA LEU L 316 -24.44 15.23 18.28
C LEU L 316 -23.34 15.35 19.32
N VAL L 317 -23.55 16.21 20.30
CA VAL L 317 -22.49 16.60 21.21
C VAL L 317 -21.99 15.44 22.09
N ASP L 318 -20.67 15.43 22.31
CA ASP L 318 -20.02 14.46 23.17
C ASP L 318 -20.39 14.60 24.64
N ALA L 319 -20.47 13.49 25.35
CA ALA L 319 -20.87 13.49 26.75
C ALA L 319 -19.88 14.24 27.64
N GLU L 320 -18.61 14.20 27.27
CA GLU L 320 -17.57 14.80 28.11
C GLU L 320 -17.73 16.31 28.30
N ALA L 321 -18.06 17.01 27.22
CA ALA L 321 -18.23 18.45 27.30
C ALA L 321 -19.40 18.76 28.22
N LEU L 322 -20.40 17.89 28.18
CA LEU L 322 -21.54 18.01 29.06
C LEU L 322 -21.10 17.80 30.50
N VAL L 323 -20.14 16.90 30.68
CA VAL L 323 -19.67 16.58 32.01
C VAL L 323 -18.96 17.79 32.60
N ALA L 324 -18.01 18.33 31.85
CA ALA L 324 -17.25 19.47 32.31
C ALA L 324 -18.11 20.72 32.47
N LEU L 325 -19.10 20.88 31.60
CA LEU L 325 -19.92 22.08 31.63
C LEU L 325 -20.90 22.03 32.78
N LYS L 326 -21.51 20.88 33.00
CA LYS L 326 -22.33 20.73 34.18
C LYS L 326 -21.50 20.88 35.44
N ASP L 327 -20.25 20.44 35.40
CA ASP L 327 -19.38 20.61 36.56
C ASP L 327 -19.10 22.08 36.80
N LEU L 328 -19.00 22.83 35.71
CA LEU L 328 -18.90 24.29 35.79
C LEU L 328 -20.12 24.87 36.45
N LEU L 329 -21.27 24.29 36.12
CA LEU L 329 -22.52 24.77 36.67
C LEU L 329 -22.69 24.25 38.09
N ASN L 330 -21.87 23.28 38.46
CA ASN L 330 -21.87 22.77 39.82
C ASN L 330 -21.15 23.76 40.69
N ARG L 331 -19.99 24.20 40.22
CA ARG L 331 -19.15 25.10 41.01
C ARG L 331 -19.89 26.39 41.33
N VAL L 332 -20.73 26.82 40.40
CA VAL L 332 -21.56 28.01 40.59
C VAL L 332 -22.98 27.65 41.02
N ASP L 333 -23.20 26.34 41.15
CA ASP L 333 -24.50 25.79 41.53
C ASP L 333 -25.61 26.25 40.56
N SER L 334 -25.27 26.25 39.27
CA SER L 334 -26.24 26.56 38.22
C SER L 334 -26.95 25.30 37.75
N ASP L 335 -28.10 25.03 38.35
CA ASP L 335 -28.79 23.76 38.16
C ASP L 335 -29.26 23.49 36.72
N THR L 336 -29.40 24.55 35.92
CA THR L 336 -29.93 24.42 34.58
C THR L 336 -29.09 23.49 33.70
N LEU L 337 -29.77 22.61 32.96
CA LEU L 337 -29.12 21.56 32.18
C LEU L 337 -29.91 21.16 30.93
N CYS L 338 -30.47 22.15 30.24
CA CYS L 338 -31.37 21.89 29.12
C CYS L 338 -30.68 21.20 27.94
N THR L 339 -31.47 20.42 27.20
CA THR L 339 -30.97 19.59 26.13
C THR L 339 -31.99 19.62 25.00
N GLU L 340 -31.55 19.42 23.75
CA GLU L 340 -32.41 19.56 22.57
C GLU L 340 -33.80 18.97 22.70
N GLU L 341 -33.96 17.70 22.36
CA GLU L 341 -35.26 17.06 22.53
C GLU L 341 -35.62 16.98 24.00
N VAL L 342 -36.87 17.31 24.31
CA VAL L 342 -37.39 17.08 25.65
C VAL L 342 -37.75 15.62 25.79
N PHE L 343 -37.66 15.10 27.01
CA PHE L 343 -38.15 13.75 27.28
C PHE L 343 -39.01 13.75 28.54
N PRO L 344 -40.27 13.33 28.41
CA PRO L 344 -41.22 13.34 29.53
C PRO L 344 -40.77 12.42 30.66
N THR L 345 -41.04 12.83 31.90
CA THR L 345 -40.60 12.07 33.06
C THR L 345 -41.65 12.03 34.16
N ALA L 346 -42.73 11.30 33.92
CA ALA L 346 -43.72 11.07 34.97
C ALA L 346 -43.12 10.15 36.02
N GLY L 347 -42.98 10.65 37.24
CA GLY L 347 -42.29 9.92 38.28
C GLY L 347 -40.78 10.00 38.08
N ALA L 348 -40.37 10.92 37.20
CA ALA L 348 -38.96 11.12 36.83
C ALA L 348 -38.34 9.84 36.26
N GLY L 349 -38.38 9.71 34.94
CA GLY L 349 -37.87 8.52 34.28
C GLY L 349 -36.38 8.54 34.00
N THR L 350 -35.73 9.65 34.33
CA THR L 350 -34.29 9.77 34.16
C THR L 350 -33.53 8.81 35.08
N ASP L 351 -34.10 8.55 36.25
CA ASP L 351 -33.44 7.76 37.29
C ASP L 351 -33.24 6.30 36.92
N LEU L 352 -34.24 5.71 36.27
CA LEU L 352 -34.24 4.28 36.03
C LEU L 352 -33.39 3.92 34.83
N ARG L 353 -33.00 4.93 34.06
CA ARG L 353 -32.15 4.74 32.88
C ARG L 353 -32.77 3.78 31.87
N SER L 354 -33.34 2.68 32.35
CA SER L 354 -33.98 1.67 31.53
C SER L 354 -35.16 2.24 30.76
N ASN L 355 -35.76 3.30 31.31
CA ASN L 355 -36.97 3.88 30.74
C ASN L 355 -36.83 4.25 29.26
N TYR L 356 -35.79 5.03 28.97
CA TYR L 356 -35.56 5.47 27.61
C TYR L 356 -34.77 4.48 26.79
N LEU L 357 -34.19 3.48 27.43
CA LEU L 357 -33.40 2.50 26.72
C LEU L 357 -34.25 1.59 25.84
N LEU L 358 -33.74 1.28 24.66
CA LEU L 358 -34.32 0.20 23.88
C LEU L 358 -33.85 -1.08 24.56
N ASN L 359 -34.58 -1.50 25.59
CA ASN L 359 -34.10 -2.51 26.51
C ASN L 359 -33.77 -3.82 25.83
N THR L 360 -34.49 -4.10 24.74
CA THR L 360 -34.14 -5.23 23.89
C THR L 360 -33.15 -4.77 22.82
N THR L 361 -32.10 -5.55 22.62
CA THR L 361 -31.10 -5.25 21.60
C THR L 361 -31.64 -5.49 20.21
N ILE L 362 -31.04 -4.84 19.23
CA ILE L 362 -31.39 -5.10 17.84
C ILE L 362 -31.11 -6.55 17.51
N ALA L 363 -30.07 -7.10 18.16
CA ALA L 363 -29.81 -8.53 18.08
C ALA L 363 -30.91 -9.32 18.76
N GLY L 364 -31.55 -8.71 19.76
CA GLY L 364 -32.59 -9.38 20.52
C GLY L 364 -33.95 -9.38 19.85
N VAL L 365 -34.10 -8.54 18.83
CA VAL L 365 -35.36 -8.44 18.10
C VAL L 365 -35.70 -9.73 17.35
N GLU L 366 -34.68 -10.42 16.86
CA GLU L 366 -34.88 -11.59 16.03
C GLU L 366 -35.55 -12.74 16.78
N GLU L 367 -35.35 -12.82 18.09
CA GLU L 367 -35.94 -13.88 18.89
C GLU L 367 -37.40 -13.60 19.25
N ALA L 368 -37.81 -12.35 19.09
CA ALA L 368 -39.19 -11.97 19.41
C ALA L 368 -40.13 -12.73 18.50
N ASP L 369 -41.27 -13.18 19.04
CA ASP L 369 -42.23 -13.90 18.22
C ASP L 369 -43.33 -12.94 17.79
N VAL L 370 -43.36 -11.77 18.42
CA VAL L 370 -44.28 -10.72 18.01
C VAL L 370 -43.76 -9.33 18.35
N VAL L 371 -43.95 -8.39 17.42
CA VAL L 371 -43.39 -7.06 17.53
C VAL L 371 -44.41 -6.00 17.13
N LEU L 372 -44.45 -4.92 17.89
CA LEU L 372 -45.34 -3.80 17.60
C LEU L 372 -44.55 -2.50 17.60
N LEU L 373 -45.03 -1.52 16.82
CA LEU L 373 -44.38 -0.20 16.76
C LEU L 373 -45.40 0.92 16.93
N VAL L 374 -44.95 2.05 17.46
CA VAL L 374 -45.81 3.19 17.72
C VAL L 374 -45.22 4.50 17.20
N GLY L 375 -45.87 5.08 16.20
CA GLY L 375 -45.50 6.40 15.73
C GLY L 375 -44.55 6.41 14.56
N THR L 376 -43.37 6.99 14.79
CA THR L 376 -42.38 7.17 13.72
C THR L 376 -41.88 5.85 13.15
N ASN L 377 -41.77 5.77 11.83
CA ASN L 377 -41.23 4.59 11.18
C ASN L 377 -39.76 4.41 11.50
N PRO L 378 -39.35 3.18 11.78
CA PRO L 378 -37.97 2.90 12.21
C PRO L 378 -36.93 3.32 11.20
N ARG L 379 -37.26 3.24 9.91
CA ARG L 379 -36.27 3.48 8.88
C ARG L 379 -35.76 4.91 8.81
N PHE L 380 -36.57 5.89 9.17
CA PHE L 380 -36.12 7.28 9.09
C PHE L 380 -35.39 7.70 10.35
N GLU L 381 -35.24 6.77 11.27
CA GLU L 381 -34.43 6.98 12.45
C GLU L 381 -33.34 5.92 12.52
N ALA L 382 -33.71 4.69 12.24
CA ALA L 382 -32.78 3.57 12.23
C ALA L 382 -32.95 2.66 11.01
N PRO L 383 -32.46 3.09 9.82
CA PRO L 383 -32.64 2.30 8.59
C PRO L 383 -32.07 0.90 8.74
N LEU L 384 -31.00 0.81 9.51
CA LEU L 384 -30.36 -0.46 9.80
C LEU L 384 -31.37 -1.36 10.47
N PHE L 385 -32.02 -0.82 11.49
CA PHE L 385 -32.99 -1.56 12.27
C PHE L 385 -34.20 -1.93 11.44
N ASN L 386 -34.54 -1.07 10.48
CA ASN L 386 -35.61 -1.38 9.53
C ASN L 386 -35.23 -2.58 8.69
N ALA L 387 -33.96 -2.65 8.32
CA ALA L 387 -33.47 -3.80 7.59
C ALA L 387 -33.50 -5.04 8.45
N ARG L 388 -33.28 -4.85 9.76
CA ARG L 388 -33.36 -5.95 10.71
C ARG L 388 -34.78 -6.48 10.76
N ILE L 389 -35.72 -5.55 10.65
CA ILE L 389 -37.14 -5.88 10.69
C ILE L 389 -37.53 -6.68 9.47
N ARG L 390 -37.20 -6.15 8.29
CA ARG L 390 -37.54 -6.83 7.05
C ARG L 390 -36.83 -8.16 6.95
N LYS L 391 -35.65 -8.26 7.55
CA LYS L 391 -34.92 -9.50 7.55
C LYS L 391 -35.65 -10.54 8.40
N SER L 392 -36.14 -10.10 9.55
CA SER L 392 -36.91 -10.99 10.40
C SER L 392 -38.19 -11.41 9.71
N TRP L 393 -38.75 -10.47 8.95
CA TRP L 393 -39.96 -10.68 8.17
C TRP L 393 -39.74 -11.69 7.06
N LEU L 394 -38.51 -11.71 6.55
CA LEU L 394 -38.11 -12.68 5.54
C LEU L 394 -37.67 -13.99 6.18
N HIS L 395 -37.55 -13.99 7.50
CA HIS L 395 -37.07 -15.17 8.20
C HIS L 395 -38.00 -15.59 9.33
N ASN L 396 -37.93 -14.85 10.42
CA ASN L 396 -38.53 -15.25 11.69
C ASN L 396 -40.06 -15.28 11.67
N ASP L 397 -40.67 -14.57 10.73
CA ASP L 397 -42.11 -14.57 10.53
C ASP L 397 -42.90 -14.11 11.76
N LEU L 398 -43.23 -12.83 11.80
CA LEU L 398 -44.04 -12.31 12.91
C LEU L 398 -44.77 -11.05 12.48
N LYS L 399 -45.87 -10.76 13.16
CA LYS L 399 -46.67 -9.57 12.86
C LYS L 399 -46.00 -8.29 13.33
N VAL L 400 -46.18 -7.23 12.52
CA VAL L 400 -45.82 -5.88 12.90
C VAL L 400 -46.88 -4.95 12.33
N ALA L 401 -47.21 -3.87 13.02
CA ALA L 401 -48.21 -2.95 12.52
C ALA L 401 -47.97 -1.53 13.03
N LEU L 402 -48.16 -0.56 12.15
CA LEU L 402 -47.96 0.83 12.51
C LEU L 402 -49.11 1.46 13.27
N ILE L 403 -48.78 2.47 14.07
CA ILE L 403 -49.76 3.22 14.84
C ILE L 403 -49.57 4.73 14.66
N GLY L 404 -50.63 5.40 14.22
CA GLY L 404 -50.62 6.84 14.03
C GLY L 404 -50.37 7.25 12.59
N SER L 405 -49.80 6.35 11.80
CA SER L 405 -49.64 6.60 10.38
C SER L 405 -49.37 5.31 9.63
N PRO L 406 -49.75 5.27 8.35
CA PRO L 406 -49.40 4.15 7.48
C PRO L 406 -48.19 4.46 6.60
N VAL L 407 -47.06 4.84 7.21
CA VAL L 407 -45.88 5.24 6.45
C VAL L 407 -45.32 4.07 5.64
N ASP L 408 -44.76 4.36 4.47
CA ASP L 408 -44.41 3.36 3.48
C ASP L 408 -43.19 2.50 3.86
N LEU L 409 -43.39 1.59 4.80
CA LEU L 409 -42.37 0.60 5.14
C LEU L 409 -42.31 -0.52 4.09
N THR L 410 -41.13 -1.10 3.93
CA THR L 410 -40.91 -2.13 2.91
C THR L 410 -41.69 -3.42 3.17
N TYR L 411 -41.95 -3.71 4.44
CA TYR L 411 -42.61 -4.95 4.84
C TYR L 411 -44.09 -4.74 5.15
N THR L 412 -44.87 -5.81 5.10
CA THR L 412 -46.30 -5.74 5.40
C THR L 412 -46.56 -5.40 6.86
N TYR L 413 -47.52 -4.50 7.08
CA TYR L 413 -47.90 -4.11 8.43
C TYR L 413 -49.39 -3.78 8.46
N ASP L 414 -50.06 -4.14 9.54
CA ASP L 414 -51.48 -3.87 9.67
C ASP L 414 -51.73 -2.38 9.81
N HIS L 415 -52.73 -1.86 9.11
CA HIS L 415 -53.11 -0.46 9.28
C HIS L 415 -53.84 -0.26 10.61
N LEU L 416 -53.59 0.87 11.25
CA LEU L 416 -54.30 1.26 12.46
C LEU L 416 -54.47 2.77 12.49
N GLY L 417 -55.53 3.21 13.18
CA GLY L 417 -55.92 4.61 13.16
C GLY L 417 -55.00 5.55 13.92
N ASP L 418 -55.40 5.95 15.12
CA ASP L 418 -54.64 6.93 15.87
C ASP L 418 -54.69 6.62 17.37
N SER L 419 -53.86 7.33 18.13
CA SER L 419 -53.58 7.02 19.52
C SER L 419 -54.75 6.97 20.53
N PRO L 420 -55.63 7.98 20.55
CA PRO L 420 -56.54 8.07 21.70
C PRO L 420 -57.39 6.83 21.89
N LYS L 421 -57.76 6.19 20.78
CA LYS L 421 -58.60 5.03 20.82
C LYS L 421 -57.75 3.77 20.94
N ILE L 422 -56.77 3.66 20.06
CA ILE L 422 -55.98 2.44 19.94
C ILE L 422 -55.23 2.11 21.21
N LEU L 423 -54.68 3.13 21.85
CA LEU L 423 -53.85 2.91 23.04
C LEU L 423 -54.67 2.38 24.20
N GLN L 424 -55.93 2.78 24.26
CA GLN L 424 -56.81 2.39 25.34
C GLN L 424 -57.48 1.06 25.05
N ASP L 425 -57.84 0.86 23.79
CA ASP L 425 -58.43 -0.39 23.35
C ASP L 425 -57.43 -1.53 23.48
N ILE L 426 -56.15 -1.20 23.33
CA ILE L 426 -55.09 -2.18 23.53
C ILE L 426 -54.72 -2.29 24.99
N ALA L 427 -54.71 -1.16 25.70
CA ALA L 427 -54.43 -1.17 27.13
C ALA L 427 -55.49 -1.98 27.85
N SER L 428 -56.73 -1.83 27.40
CA SER L 428 -57.83 -2.67 27.88
C SER L 428 -57.67 -4.11 27.42
N GLY L 429 -57.05 -4.27 26.26
CA GLY L 429 -56.94 -5.58 25.63
C GLY L 429 -58.19 -5.90 24.81
N SER L 430 -59.13 -4.96 24.81
CA SER L 430 -60.36 -5.11 24.03
C SER L 430 -60.10 -5.15 22.54
N HIS L 431 -59.06 -4.43 22.11
CA HIS L 431 -58.75 -4.32 20.69
C HIS L 431 -58.29 -5.69 20.18
N PRO L 432 -58.85 -6.15 19.06
CA PRO L 432 -58.56 -7.49 18.53
C PRO L 432 -57.08 -7.67 18.27
N PHE L 433 -56.45 -6.58 17.87
CA PHE L 433 -55.03 -6.57 17.62
C PHE L 433 -54.31 -6.83 18.94
N SER L 434 -54.82 -6.23 20.02
CA SER L 434 -54.29 -6.49 21.35
C SER L 434 -54.58 -7.93 21.78
N GLN L 435 -55.67 -8.48 21.27
CA GLN L 435 -55.97 -9.88 21.51
C GLN L 435 -54.90 -10.75 20.87
N VAL L 436 -54.42 -10.30 19.71
CA VAL L 436 -53.27 -10.93 19.08
C VAL L 436 -52.00 -10.73 19.91
N LEU L 437 -51.93 -9.59 20.59
CA LEU L 437 -50.80 -9.34 21.49
C LEU L 437 -50.80 -10.31 22.66
N LYS L 438 -51.98 -10.67 23.16
CA LYS L 438 -52.05 -11.69 24.20
C LYS L 438 -51.75 -13.04 23.60
N GLU L 439 -52.14 -13.22 22.35
CA GLU L 439 -52.01 -14.51 21.67
C GLU L 439 -50.57 -14.95 21.52
N ALA L 440 -49.67 -14.00 21.30
CA ALA L 440 -48.28 -14.34 20.99
C ALA L 440 -47.32 -13.98 22.13
N LYS L 441 -46.33 -14.84 22.32
CA LYS L 441 -45.30 -14.65 23.34
C LYS L 441 -44.08 -13.94 22.78
N LYS L 442 -43.16 -13.60 23.68
CA LYS L 442 -42.00 -12.76 23.37
C LYS L 442 -42.42 -11.47 22.69
N PRO L 443 -43.19 -10.64 23.42
CA PRO L 443 -43.68 -9.35 22.93
C PRO L 443 -42.57 -8.35 22.72
N MET L 444 -42.74 -7.42 21.79
CA MET L 444 -41.91 -6.23 21.80
C MET L 444 -42.78 -5.00 21.50
N VAL L 445 -42.50 -3.91 22.21
CA VAL L 445 -43.32 -2.71 22.10
C VAL L 445 -42.48 -1.47 21.81
N VAL L 446 -42.46 -1.06 20.54
CA VAL L 446 -41.65 0.05 20.08
C VAL L 446 -42.39 1.38 20.13
N LEU L 447 -41.66 2.45 20.40
CA LEU L 447 -42.18 3.81 20.29
C LEU L 447 -41.21 4.71 19.55
N GLY L 448 -41.71 5.46 18.57
CA GLY L 448 -40.93 6.52 17.96
C GLY L 448 -40.65 7.58 19.01
N SER L 449 -39.36 7.89 19.21
CA SER L 449 -38.94 8.80 20.26
C SER L 449 -39.42 10.22 19.99
N SER L 450 -39.76 10.49 18.73
CA SER L 450 -40.36 11.75 18.35
C SER L 450 -41.73 11.93 19.01
N ALA L 451 -42.37 10.81 19.31
CA ALA L 451 -43.69 10.86 19.93
C ALA L 451 -43.61 11.07 21.45
N LEU L 452 -42.41 10.94 22.00
CA LEU L 452 -42.19 11.21 23.42
C LEU L 452 -42.48 12.66 23.76
N GLN L 453 -42.25 13.54 22.78
CA GLN L 453 -42.60 14.94 22.92
C GLN L 453 -44.10 15.06 22.82
N ARG L 454 -44.61 15.37 21.63
CA ARG L 454 -46.03 15.28 21.33
C ARG L 454 -46.86 16.15 22.30
N ASN L 455 -46.22 17.17 22.85
CA ASN L 455 -46.83 18.06 23.83
C ASN L 455 -47.46 17.29 24.99
N ASP L 456 -48.54 16.57 24.70
CA ASP L 456 -49.12 15.65 25.68
C ASP L 456 -48.75 14.21 25.33
N GLY L 457 -47.47 14.01 25.02
CA GLY L 457 -47.00 12.68 24.68
C GLY L 457 -46.82 11.85 25.92
N ALA L 458 -46.87 12.49 27.08
CA ALA L 458 -46.81 11.79 28.34
C ALA L 458 -47.99 10.85 28.44
N ALA L 459 -49.08 11.23 27.78
CA ALA L 459 -50.26 10.39 27.71
C ALA L 459 -49.93 9.09 27.00
N ILE L 460 -49.23 9.22 25.87
CA ILE L 460 -48.82 8.04 25.11
C ILE L 460 -47.81 7.25 25.92
N LEU L 461 -47.07 7.92 26.78
CA LEU L 461 -46.10 7.27 27.63
C LEU L 461 -46.77 6.36 28.67
N ALA L 462 -47.71 6.93 29.42
CA ALA L 462 -48.43 6.15 30.41
C ALA L 462 -49.26 5.07 29.74
N ALA L 463 -49.75 5.38 28.55
CA ALA L 463 -50.56 4.45 27.80
C ALA L 463 -49.75 3.23 27.39
N VAL L 464 -48.59 3.48 26.78
CA VAL L 464 -47.76 2.39 26.33
C VAL L 464 -47.15 1.61 27.50
N SER L 465 -46.92 2.29 28.61
CA SER L 465 -46.40 1.60 29.80
C SER L 465 -47.47 0.65 30.32
N SER L 466 -48.71 1.13 30.28
CA SER L 466 -49.85 0.32 30.65
C SER L 466 -50.02 -0.84 29.68
N ILE L 467 -49.68 -0.61 28.42
CA ILE L 467 -49.81 -1.64 27.40
C ILE L 467 -48.82 -2.75 27.64
N ALA L 468 -47.55 -2.38 27.85
CA ALA L 468 -46.50 -3.36 28.07
C ALA L 468 -46.73 -4.11 29.38
N GLN L 469 -47.20 -3.39 30.39
CA GLN L 469 -47.54 -4.06 31.63
C GLN L 469 -48.70 -5.02 31.43
N LYS L 470 -49.63 -4.64 30.56
CA LYS L 470 -50.79 -5.46 30.28
C LYS L 470 -50.41 -6.72 29.54
N ILE L 471 -49.44 -6.60 28.64
CA ILE L 471 -48.97 -7.75 27.91
C ILE L 471 -48.16 -8.64 28.85
N ARG L 472 -47.55 -8.03 29.86
CA ARG L 472 -46.94 -8.84 30.92
C ARG L 472 -48.03 -9.58 31.68
N MET L 473 -49.18 -8.94 31.82
CA MET L 473 -50.33 -9.56 32.47
C MET L 473 -50.86 -10.72 31.63
N THR L 474 -50.66 -10.61 30.31
CA THR L 474 -51.06 -11.69 29.40
C THR L 474 -50.19 -12.90 29.65
N SER L 475 -49.01 -12.65 30.23
CA SER L 475 -48.03 -13.68 30.55
C SER L 475 -47.60 -14.47 29.33
N GLY L 476 -46.85 -15.53 29.57
CA GLY L 476 -46.21 -16.30 28.52
C GLY L 476 -44.86 -15.66 28.26
N VAL L 477 -44.70 -14.45 28.78
CA VAL L 477 -43.45 -13.72 28.74
C VAL L 477 -42.48 -14.39 29.73
N THR L 478 -41.21 -14.43 29.38
CA THR L 478 -40.19 -14.92 30.30
C THR L 478 -40.11 -13.99 31.51
N GLY L 479 -40.40 -12.72 31.26
CA GLY L 479 -40.48 -11.70 32.29
C GLY L 479 -39.20 -10.91 32.42
N ASP L 480 -38.10 -11.50 31.94
CA ASP L 480 -36.83 -10.80 31.87
C ASP L 480 -36.69 -10.19 30.49
N TRP L 481 -37.76 -10.34 29.71
CA TRP L 481 -37.78 -9.95 28.31
C TRP L 481 -37.51 -8.47 28.11
N LYS L 482 -37.86 -7.69 29.12
CA LYS L 482 -37.77 -6.22 29.04
C LYS L 482 -38.50 -5.72 27.81
N VAL L 483 -39.81 -5.96 27.79
CA VAL L 483 -40.65 -5.69 26.64
C VAL L 483 -40.68 -4.20 26.34
N MET L 484 -40.57 -3.39 27.39
CA MET L 484 -40.69 -1.95 27.27
C MET L 484 -39.41 -1.35 26.68
N ASN L 485 -39.52 -0.73 25.52
CA ASN L 485 -38.36 -0.13 24.85
C ASN L 485 -38.75 0.87 23.75
N ILE L 486 -37.82 1.77 23.41
CA ILE L 486 -38.09 2.82 22.43
C ILE L 486 -36.87 3.08 21.53
N LEU L 487 -37.12 3.61 20.35
CA LEU L 487 -36.03 3.95 19.42
C LEU L 487 -35.68 5.44 19.43
N HIS L 488 -34.62 5.80 20.14
CA HIS L 488 -34.06 7.15 20.08
C HIS L 488 -33.44 7.44 18.73
N ARG L 489 -33.60 8.68 18.26
CA ARG L 489 -32.95 9.11 17.04
C ARG L 489 -31.79 10.05 17.33
N ILE L 490 -31.67 10.46 18.58
CA ILE L 490 -30.64 11.42 18.97
C ILE L 490 -29.37 10.73 19.46
N ALA L 491 -28.23 11.29 19.10
CA ALA L 491 -26.94 10.73 19.46
C ALA L 491 -26.42 11.20 20.83
N SER L 492 -27.09 12.16 21.44
CA SER L 492 -26.56 12.78 22.67
C SER L 492 -27.44 12.66 23.92
N GLN L 493 -28.76 12.68 23.75
CA GLN L 493 -29.67 12.70 24.90
C GLN L 493 -29.52 11.45 25.76
N VAL L 494 -29.20 10.33 25.13
CA VAL L 494 -29.13 9.06 25.85
C VAL L 494 -28.03 9.03 26.91
N ALA L 495 -26.91 9.69 26.62
CA ALA L 495 -25.79 9.74 27.56
C ALA L 495 -26.06 10.78 28.64
N ALA L 496 -26.66 11.90 28.23
CA ALA L 496 -27.01 12.96 29.16
C ALA L 496 -28.02 12.43 30.17
N LEU L 497 -28.83 11.48 29.72
CA LEU L 497 -29.79 10.82 30.60
C LEU L 497 -29.17 9.65 31.36
N ASP L 498 -28.09 9.08 30.83
CA ASP L 498 -27.31 8.16 31.66
C ASP L 498 -26.72 8.96 32.80
N LEU L 499 -26.44 10.24 32.56
CA LEU L 499 -26.00 11.13 33.61
C LEU L 499 -27.20 11.85 34.22
N GLY L 500 -28.36 11.69 33.61
CA GLY L 500 -29.62 12.09 34.20
C GLY L 500 -29.69 13.57 34.48
N TYR L 501 -29.09 14.38 33.61
CA TYR L 501 -28.98 15.81 33.87
C TYR L 501 -30.32 16.45 34.19
N LYS L 502 -31.28 16.18 33.32
CA LYS L 502 -32.60 16.77 33.41
C LYS L 502 -33.43 16.05 32.34
N PRO L 503 -34.77 16.11 32.46
CA PRO L 503 -35.61 15.62 31.36
C PRO L 503 -35.29 16.35 30.06
N GLY L 504 -34.86 17.61 30.18
CA GLY L 504 -34.52 18.39 29.01
C GLY L 504 -35.67 19.28 28.61
N VAL L 505 -36.63 19.42 29.51
CA VAL L 505 -37.82 20.22 29.26
C VAL L 505 -37.45 21.66 28.93
N GLU L 506 -38.06 22.18 27.86
CA GLU L 506 -37.72 23.50 27.35
C GLU L 506 -38.58 24.59 27.98
N ALA L 507 -39.46 24.19 28.89
CA ALA L 507 -40.34 25.14 29.58
C ALA L 507 -39.49 26.09 30.40
N ILE L 508 -38.26 25.65 30.65
CA ILE L 508 -37.27 26.44 31.35
C ILE L 508 -36.92 27.74 30.59
N ARG L 509 -37.16 27.78 29.29
CA ARG L 509 -36.72 28.93 28.49
C ARG L 509 -37.43 30.21 28.97
N LYS L 510 -36.97 30.70 30.12
CA LYS L 510 -37.62 31.81 30.78
C LYS L 510 -36.73 33.04 30.80
N ASN L 511 -36.10 33.29 31.94
CA ASN L 511 -35.28 34.49 32.12
C ASN L 511 -33.78 34.41 31.80
N PRO L 512 -33.16 33.21 31.80
CA PRO L 512 -31.69 33.25 31.93
C PRO L 512 -30.94 33.93 30.80
N PRO L 513 -30.20 35.00 31.13
CA PRO L 513 -29.20 35.62 30.26
C PRO L 513 -27.99 34.71 30.06
N LYS L 514 -27.29 34.88 28.94
CA LYS L 514 -25.97 34.30 28.75
C LYS L 514 -26.01 32.78 28.71
N VAL L 515 -27.03 32.23 28.06
CA VAL L 515 -27.07 30.80 27.85
C VAL L 515 -25.93 30.41 26.92
N LEU L 516 -25.33 29.26 27.19
CA LEU L 516 -24.26 28.73 26.36
C LEU L 516 -24.79 27.78 25.30
N PHE L 517 -24.25 27.87 24.09
CA PHE L 517 -24.67 26.98 23.01
C PHE L 517 -23.72 25.82 22.79
N LEU L 518 -24.22 24.60 23.04
CA LEU L 518 -23.56 23.40 22.58
C LEU L 518 -24.27 22.93 21.32
N LEU L 519 -23.59 23.06 20.18
CA LEU L 519 -24.17 22.82 18.85
C LEU L 519 -25.26 23.84 18.53
N GLY L 520 -26.44 23.67 19.13
CA GLY L 520 -27.54 24.61 18.91
C GLY L 520 -28.02 24.59 17.48
N ALA L 521 -28.03 23.39 16.88
CA ALA L 521 -28.30 23.24 15.45
C ALA L 521 -29.73 23.62 15.03
N ASP L 522 -30.70 23.49 15.92
CA ASP L 522 -32.07 23.82 15.53
C ASP L 522 -32.45 25.27 15.82
N GLY L 523 -33.23 25.85 14.91
CA GLY L 523 -33.80 27.18 15.10
C GLY L 523 -35.10 27.11 15.84
N GLY L 524 -35.53 25.90 16.17
CA GLY L 524 -36.85 25.68 16.74
C GLY L 524 -36.93 25.80 18.25
N CYS L 525 -36.36 24.82 18.95
CA CYS L 525 -36.56 24.68 20.38
C CYS L 525 -36.08 25.90 21.18
N ILE L 526 -35.07 26.59 20.65
CA ILE L 526 -34.53 27.77 21.32
C ILE L 526 -34.23 28.90 20.33
N THR L 527 -34.43 30.13 20.78
CA THR L 527 -34.15 31.35 20.01
C THR L 527 -33.98 32.54 20.97
N ARG L 528 -33.62 33.71 20.44
CA ARG L 528 -33.19 34.82 21.30
C ARG L 528 -34.33 35.68 21.86
N GLN L 529 -35.55 35.17 21.77
CA GLN L 529 -36.69 35.80 22.45
C GLN L 529 -36.73 35.46 23.92
N ASP L 530 -35.87 34.53 24.35
CA ASP L 530 -35.83 34.13 25.75
C ASP L 530 -35.43 35.28 26.67
N LEU L 531 -34.54 36.15 26.19
CA LEU L 531 -34.18 37.33 26.94
C LEU L 531 -34.29 38.55 26.04
N PRO L 532 -35.31 39.37 26.27
CA PRO L 532 -35.53 40.60 25.50
C PRO L 532 -34.35 41.56 25.60
N LYS L 533 -33.70 41.57 26.75
CA LYS L 533 -32.58 42.48 26.99
C LYS L 533 -31.34 42.01 26.24
N ASP L 534 -30.40 41.39 26.94
CA ASP L 534 -29.16 40.94 26.33
C ASP L 534 -29.36 39.80 25.36
N CYS L 535 -28.65 39.88 24.24
CA CYS L 535 -28.62 38.80 23.27
C CYS L 535 -27.28 38.09 23.35
N PHE L 536 -26.56 38.32 24.45
CA PHE L 536 -25.24 37.72 24.63
C PHE L 536 -25.38 36.25 24.94
N ILE L 537 -24.84 35.42 24.05
CA ILE L 537 -25.05 33.98 24.08
C ILE L 537 -23.86 33.25 23.45
N ILE L 538 -23.13 32.51 24.29
CA ILE L 538 -21.89 31.86 23.86
C ILE L 538 -22.18 30.60 23.03
N TYR L 539 -21.26 30.22 22.15
CA TYR L 539 -21.48 29.16 21.17
C TYR L 539 -20.24 28.29 20.98
N GLN L 540 -20.41 26.97 20.83
CA GLN L 540 -19.28 26.10 20.50
C GLN L 540 -19.70 24.91 19.64
N GLY L 541 -20.20 25.21 18.45
CA GLY L 541 -20.45 24.20 17.44
C GLY L 541 -19.26 24.13 16.52
N HIS L 542 -19.44 23.56 15.33
CA HIS L 542 -18.35 23.49 14.37
C HIS L 542 -18.76 24.00 12.98
N HIS L 543 -19.89 23.52 12.46
CA HIS L 543 -20.53 24.19 11.33
C HIS L 543 -21.29 25.41 11.81
N GLY L 544 -21.40 26.43 10.96
CA GLY L 544 -22.00 27.68 11.35
C GLY L 544 -23.51 27.75 11.18
N ASP L 545 -24.11 26.64 10.74
CA ASP L 545 -25.54 26.62 10.44
C ASP L 545 -26.41 26.93 11.64
N VAL L 546 -27.40 27.80 11.39
CA VAL L 546 -28.46 28.12 12.34
C VAL L 546 -27.98 28.74 13.64
N GLY L 547 -27.37 27.93 14.51
CA GLY L 547 -27.08 28.41 15.85
C GLY L 547 -26.01 29.47 15.94
N ALA L 548 -24.98 29.37 15.12
CA ALA L 548 -23.85 30.27 15.20
C ALA L 548 -24.16 31.76 15.02
N PRO L 549 -24.88 32.13 13.93
CA PRO L 549 -25.12 33.57 13.74
C PRO L 549 -25.86 34.23 14.89
N ILE L 550 -26.78 33.50 15.50
CA ILE L 550 -27.60 34.04 16.58
C ILE L 550 -26.71 34.36 17.77
N ALA L 551 -25.70 33.53 17.94
CA ALA L 551 -24.78 33.63 19.05
C ALA L 551 -23.77 34.75 18.89
N ASP L 552 -23.21 35.20 19.99
CA ASP L 552 -22.15 36.18 19.96
C ASP L 552 -20.96 35.74 20.83
N VAL L 553 -19.76 36.22 20.49
CA VAL L 553 -18.50 35.74 21.07
C VAL L 553 -18.41 34.24 20.82
N ILE L 554 -18.30 33.90 19.53
CA ILE L 554 -18.28 32.51 19.08
C ILE L 554 -16.98 31.79 19.45
N LEU L 555 -17.10 30.54 19.86
CA LEU L 555 -15.96 29.71 20.24
C LEU L 555 -15.92 28.41 19.43
N PRO L 556 -15.10 28.36 18.38
CA PRO L 556 -15.00 27.21 17.47
C PRO L 556 -14.50 25.92 18.13
N GLY L 557 -15.02 24.78 17.69
CA GLY L 557 -14.66 23.50 18.27
C GLY L 557 -14.67 22.32 17.32
N ALA L 558 -14.19 21.18 17.81
CA ALA L 558 -13.87 20.03 16.98
C ALA L 558 -15.07 19.26 16.44
N ALA L 559 -14.86 18.61 15.30
CA ALA L 559 -15.78 17.61 14.79
C ALA L 559 -15.52 16.28 15.49
N TYR L 560 -16.40 15.31 15.27
CA TYR L 560 -16.42 14.09 16.06
C TYR L 560 -15.22 13.16 15.84
N THR L 561 -14.81 12.93 14.60
CA THR L 561 -13.68 12.01 14.33
C THR L 561 -12.40 12.52 14.94
N GLU L 562 -12.30 13.84 15.04
CA GLU L 562 -11.09 14.50 15.48
C GLU L 562 -10.85 14.31 16.97
N LYS L 563 -11.89 14.52 17.75
CA LYS L 563 -11.84 14.31 19.19
C LYS L 563 -11.91 12.82 19.52
N SER L 564 -11.41 12.43 20.69
CA SER L 564 -11.54 11.05 21.14
C SER L 564 -12.72 10.90 22.12
N ALA L 565 -13.57 11.92 22.15
CA ALA L 565 -14.70 11.96 23.07
C ALA L 565 -15.75 10.86 22.78
N THR L 566 -16.33 10.31 23.84
CA THR L 566 -17.18 9.12 23.73
C THR L 566 -18.63 9.37 23.33
N TYR L 567 -19.29 8.31 22.86
CA TYR L 567 -20.71 8.35 22.60
C TYR L 567 -21.44 7.07 23.00
N VAL L 568 -22.64 7.25 23.55
CA VAL L 568 -23.48 6.15 24.03
C VAL L 568 -24.57 5.74 23.03
N ASN L 569 -24.60 4.45 22.72
CA ASN L 569 -25.65 3.90 21.85
C ASN L 569 -26.97 3.82 22.60
N THR L 570 -28.07 3.83 21.87
CA THR L 570 -29.40 3.84 22.50
C THR L 570 -29.67 2.59 23.32
N GLU L 571 -28.96 1.51 23.00
CA GLU L 571 -29.09 0.27 23.74
C GLU L 571 -28.33 0.35 25.05
N GLY L 572 -27.76 1.52 25.31
CA GLY L 572 -26.99 1.75 26.51
C GLY L 572 -25.53 1.41 26.30
N ARG L 573 -25.21 0.95 25.11
CA ARG L 573 -23.83 0.63 24.78
C ARG L 573 -22.99 1.90 24.80
N ALA L 574 -21.82 1.82 25.41
CA ALA L 574 -20.89 2.94 25.44
C ALA L 574 -19.75 2.67 24.48
N GLN L 575 -19.35 3.69 23.74
CA GLN L 575 -18.30 3.52 22.75
C GLN L 575 -17.67 4.86 22.38
N GLN L 576 -16.40 5.01 22.72
CA GLN L 576 -15.71 6.26 22.50
C GLN L 576 -15.35 6.47 21.05
N THR L 577 -15.33 7.73 20.64
CA THR L 577 -14.77 8.08 19.35
C THR L 577 -13.26 8.04 19.47
N LYS L 578 -12.57 7.80 18.37
CA LYS L 578 -11.12 7.89 18.33
C LYS L 578 -10.72 9.03 17.41
N VAL L 579 -9.49 9.52 17.59
CA VAL L 579 -8.96 10.63 16.80
C VAL L 579 -8.72 10.24 15.33
N ALA L 580 -8.98 11.18 14.42
CA ALA L 580 -8.63 10.99 13.03
C ALA L 580 -7.81 12.18 12.52
N VAL L 581 -8.41 13.01 11.67
CA VAL L 581 -7.64 14.02 10.96
C VAL L 581 -7.37 15.28 11.79
N THR L 582 -7.91 15.34 13.00
CA THR L 582 -7.75 16.47 13.92
C THR L 582 -8.40 17.75 13.37
N PRO L 583 -8.79 18.66 14.27
CA PRO L 583 -9.53 19.85 13.84
C PRO L 583 -8.73 20.71 12.87
N PRO L 584 -9.41 21.30 11.89
CA PRO L 584 -8.82 21.98 10.73
C PRO L 584 -7.91 23.16 11.06
N GLY L 585 -8.19 23.89 12.13
CA GLY L 585 -7.43 25.09 12.42
C GLY L 585 -7.40 25.46 13.88
N LEU L 586 -8.12 26.51 14.24
CA LEU L 586 -8.15 26.95 15.63
C LEU L 586 -9.18 26.14 16.41
N ALA L 587 -9.88 25.26 15.74
CA ALA L 587 -10.76 24.33 16.42
C ALA L 587 -9.93 23.41 17.32
N ARG L 588 -10.46 23.10 18.51
CA ARG L 588 -9.77 22.23 19.46
C ARG L 588 -10.72 21.23 20.09
N GLU L 589 -10.23 20.46 21.05
CA GLU L 589 -11.07 19.51 21.74
C GLU L 589 -12.18 20.28 22.46
N ASP L 590 -13.39 19.74 22.41
CA ASP L 590 -14.57 20.48 22.81
C ASP L 590 -14.54 20.88 24.27
N TRP L 591 -14.36 19.91 25.17
CA TRP L 591 -14.46 20.18 26.59
C TRP L 591 -13.25 20.90 27.11
N LYS L 592 -12.19 20.91 26.31
CA LYS L 592 -10.96 21.54 26.75
C LYS L 592 -11.18 23.04 26.93
N ILE L 593 -11.98 23.64 26.06
CA ILE L 593 -12.30 25.05 26.19
C ILE L 593 -13.04 25.28 27.48
N ILE L 594 -13.85 24.31 27.86
CA ILE L 594 -14.61 24.39 29.09
C ILE L 594 -13.68 24.34 30.29
N ARG L 595 -12.67 23.47 30.21
CA ARG L 595 -11.75 23.34 31.33
C ARG L 595 -10.87 24.59 31.40
N ALA L 596 -10.72 25.25 30.26
CA ALA L 596 -9.97 26.50 30.19
C ALA L 596 -10.74 27.66 30.80
N LEU L 597 -12.02 27.74 30.45
CA LEU L 597 -12.90 28.78 30.98
C LEU L 597 -13.04 28.61 32.48
N SER L 598 -13.21 27.37 32.91
CA SER L 598 -13.27 27.08 34.33
C SER L 598 -11.95 27.38 35.00
N GLU L 599 -10.85 27.17 34.27
CA GLU L 599 -9.54 27.44 34.81
C GLU L 599 -9.34 28.95 34.97
N ILE L 600 -10.00 29.73 34.13
CA ILE L 600 -9.95 31.18 34.25
C ILE L 600 -11.02 31.64 35.23
N ALA L 601 -12.03 30.80 35.43
CA ALA L 601 -13.19 31.17 36.23
C ALA L 601 -12.87 31.09 37.71
N GLY L 602 -11.69 30.58 38.05
CA GLY L 602 -11.30 30.44 39.43
C GLY L 602 -11.87 29.17 40.00
N MET L 603 -12.31 28.28 39.12
CA MET L 603 -12.87 27.00 39.54
C MET L 603 -12.34 25.87 38.66
N THR L 604 -11.03 25.72 38.64
CA THR L 604 -10.37 24.76 37.76
C THR L 604 -10.76 23.32 38.08
N LEU L 605 -10.94 22.53 37.02
CA LEU L 605 -11.31 21.12 37.13
C LEU L 605 -10.14 20.27 37.57
N PRO L 606 -10.35 19.41 38.58
CA PRO L 606 -9.28 18.59 39.16
C PRO L 606 -8.59 17.66 38.16
N TYR L 607 -9.35 17.10 37.21
CA TYR L 607 -8.76 16.21 36.22
C TYR L 607 -8.08 17.01 35.12
N ASP L 608 -7.09 16.43 34.47
CA ASP L 608 -6.37 17.13 33.41
C ASP L 608 -6.58 16.46 32.06
N THR L 609 -6.10 15.24 31.92
CA THR L 609 -6.19 14.52 30.65
C THR L 609 -7.61 14.06 30.39
N LEU L 610 -7.92 13.83 29.12
CA LEU L 610 -9.20 13.24 28.72
C LEU L 610 -9.34 11.87 29.36
N ASP L 611 -8.22 11.19 29.55
CA ASP L 611 -8.26 9.93 30.24
C ASP L 611 -8.69 10.15 31.70
N GLN L 612 -8.33 11.31 32.25
CA GLN L 612 -8.74 11.63 33.62
C GLN L 612 -10.18 12.11 33.73
N VAL L 613 -10.73 12.74 32.70
CA VAL L 613 -12.16 13.03 32.75
C VAL L 613 -12.90 11.71 32.65
N ARG L 614 -12.31 10.76 31.89
CA ARG L 614 -12.88 9.43 31.85
C ARG L 614 -12.78 8.80 33.23
N ASN L 615 -11.72 9.16 33.96
CA ASN L 615 -11.59 8.71 35.33
C ASN L 615 -12.71 9.32 36.19
N ARG L 616 -13.11 10.55 35.88
CA ARG L 616 -14.21 11.16 36.61
C ARG L 616 -15.54 10.47 36.28
N LEU L 617 -15.64 9.93 35.07
CA LEU L 617 -16.91 9.30 34.68
C LEU L 617 -17.23 8.09 35.53
N GLU L 618 -16.21 7.41 36.04
CA GLU L 618 -16.44 6.31 36.96
C GLU L 618 -16.97 6.78 38.31
N GLU L 619 -16.65 8.02 38.69
CA GLU L 619 -17.09 8.51 39.99
C GLU L 619 -18.42 9.23 39.85
N VAL L 620 -19.05 9.10 38.70
CA VAL L 620 -20.38 9.68 38.55
C VAL L 620 -21.33 8.86 37.66
N SER L 621 -20.90 8.48 36.47
CA SER L 621 -21.83 7.90 35.50
C SER L 621 -22.50 6.62 36.00
N PRO L 622 -21.75 5.63 36.51
CA PRO L 622 -20.32 5.34 36.37
C PRO L 622 -20.07 4.48 35.14
N ASN L 623 -21.05 4.40 34.25
CA ASN L 623 -21.01 3.51 33.10
C ASN L 623 -20.23 3.94 31.87
N LEU L 624 -19.83 5.22 31.78
CA LEU L 624 -19.05 5.67 30.62
C LEU L 624 -17.65 5.08 30.57
N VAL L 625 -17.12 4.69 31.72
CA VAL L 625 -15.82 4.04 31.75
C VAL L 625 -15.85 2.65 31.13
N ARG L 626 -17.01 2.01 31.16
CA ARG L 626 -17.14 0.68 30.57
C ARG L 626 -17.85 0.76 29.22
N TYR L 627 -17.34 0.02 28.26
CA TYR L 627 -17.72 0.20 26.86
C TYR L 627 -18.77 -0.79 26.40
N ASP L 628 -18.38 -2.06 26.32
CA ASP L 628 -19.20 -3.07 25.69
C ASP L 628 -20.24 -3.63 26.66
N ASP L 629 -20.29 -3.06 27.87
CA ASP L 629 -21.21 -3.52 28.91
C ASP L 629 -22.61 -2.94 28.76
N ILE L 630 -23.39 -3.51 27.85
CA ILE L 630 -24.81 -3.16 27.70
C ILE L 630 -25.62 -3.60 28.93
N GLU L 631 -25.19 -4.69 29.55
CA GLU L 631 -25.92 -5.31 30.65
C GLU L 631 -25.84 -4.57 31.99
N GLY L 632 -26.85 -4.80 32.82
CA GLY L 632 -26.95 -4.21 34.14
C GLY L 632 -28.06 -4.90 34.93
N ALA L 633 -28.33 -4.40 36.13
CA ALA L 633 -29.30 -4.99 37.05
C ALA L 633 -30.74 -4.94 36.56
N ASN L 634 -31.09 -3.92 35.78
CA ASN L 634 -32.45 -3.77 35.21
C ASN L 634 -33.56 -3.71 36.26
N TYR L 635 -34.13 -2.53 36.42
CA TYR L 635 -34.93 -2.19 37.59
C TYR L 635 -36.34 -2.78 37.63
N PHE L 636 -36.81 -3.30 36.50
CA PHE L 636 -38.07 -4.04 36.41
C PHE L 636 -39.31 -3.14 36.60
N GLN L 637 -40.40 -3.50 35.94
CA GLN L 637 -41.56 -2.60 35.79
C GLN L 637 -42.34 -2.38 37.08
N GLN L 638 -42.04 -3.17 38.10
CA GLN L 638 -42.69 -3.02 39.40
C GLN L 638 -42.57 -1.59 39.90
N ALA L 639 -41.38 -1.20 40.33
CA ALA L 639 -41.14 0.14 40.86
C ALA L 639 -41.33 1.21 39.79
N ASN L 640 -41.12 0.83 38.54
CA ASN L 640 -41.23 1.75 37.41
C ASN L 640 -42.64 2.28 37.23
N GLU L 641 -43.58 1.34 37.13
CA GLU L 641 -44.95 1.64 36.73
C GLU L 641 -45.70 2.47 37.75
N LEU L 642 -45.32 2.33 39.02
CA LEU L 642 -46.14 2.84 40.10
C LEU L 642 -46.30 4.35 40.10
N SER L 643 -45.27 5.07 39.69
CA SER L 643 -45.37 6.52 39.61
C SER L 643 -45.92 6.96 38.26
N LYS L 644 -45.91 6.05 37.30
CA LYS L 644 -46.47 6.34 35.98
C LYS L 644 -47.99 6.52 36.04
N LEU L 645 -48.63 5.80 36.94
CA LEU L 645 -50.07 5.80 37.07
C LEU L 645 -50.53 6.91 38.02
N VAL L 646 -49.58 7.59 38.64
CA VAL L 646 -49.89 8.67 39.56
C VAL L 646 -49.71 10.00 38.81
N ASN L 647 -50.45 10.15 37.72
CA ASN L 647 -50.38 11.33 36.88
C ASN L 647 -51.47 11.31 35.82
N GLN L 648 -51.22 10.53 34.77
CA GLN L 648 -52.12 10.39 33.62
C GLN L 648 -52.28 11.69 32.83
N GLN L 649 -52.32 11.55 31.51
CA GLN L 649 -52.50 12.70 30.63
C GLN L 649 -53.47 12.38 29.51
N LEU L 650 -54.13 13.42 29.01
CA LEU L 650 -55.06 13.24 27.90
C LEU L 650 -54.36 12.87 26.61
N LEU L 651 -54.93 11.90 25.90
CA LEU L 651 -54.45 11.48 24.59
C LEU L 651 -54.99 12.46 23.55
N ALA L 652 -54.35 12.55 22.39
CA ALA L 652 -54.83 13.53 21.41
C ALA L 652 -54.62 13.13 19.96
N ASP L 653 -54.91 14.07 19.07
CA ASP L 653 -54.66 13.93 17.64
C ASP L 653 -53.84 15.12 17.15
N PRO L 654 -53.02 14.92 16.11
CA PRO L 654 -52.71 13.63 15.47
C PRO L 654 -51.35 13.07 15.87
N LEU L 655 -50.94 12.00 15.20
CA LEU L 655 -49.72 11.27 15.54
C LEU L 655 -48.91 10.99 14.27
N VAL L 656 -48.01 11.91 13.93
CA VAL L 656 -47.27 11.83 12.67
C VAL L 656 -45.76 11.82 12.89
N PRO L 657 -45.05 10.92 12.19
CA PRO L 657 -43.58 10.91 12.21
C PRO L 657 -43.01 12.20 11.67
N PRO L 658 -41.91 12.69 12.25
CA PRO L 658 -41.25 13.92 11.82
C PRO L 658 -40.79 13.89 10.36
N GLN L 659 -40.35 12.72 9.90
CA GLN L 659 -39.62 12.62 8.64
C GLN L 659 -40.50 12.35 7.42
N LEU L 660 -41.71 11.86 7.65
CA LEU L 660 -42.68 11.66 6.58
C LEU L 660 -42.15 10.75 5.47
N THR L 661 -41.38 11.34 4.57
CA THR L 661 -40.91 10.63 3.37
C THR L 661 -39.42 10.79 3.11
N ILE L 662 -38.94 10.15 2.05
CA ILE L 662 -37.53 10.08 1.71
C ILE L 662 -36.92 11.45 1.45
N LYS L 663 -37.68 12.30 0.77
CA LYS L 663 -37.17 13.58 0.32
C LYS L 663 -36.84 14.49 1.49
N ASP L 664 -37.53 14.30 2.60
CA ASP L 664 -37.29 15.09 3.79
C ASP L 664 -36.17 14.53 4.65
N PHE L 665 -35.67 13.36 4.29
CA PHE L 665 -34.72 12.66 5.14
C PHE L 665 -33.28 13.16 4.99
N TYR L 666 -33.02 13.99 3.99
CA TYR L 666 -31.65 14.36 3.66
C TYR L 666 -31.06 15.51 4.45
N MET L 667 -31.84 16.20 5.27
CA MET L 667 -31.31 17.35 5.99
C MET L 667 -31.69 17.35 7.46
N THR L 668 -30.79 16.85 8.31
CA THR L 668 -31.05 16.81 9.75
C THR L 668 -30.03 17.60 10.55
N ASP L 669 -28.85 17.02 10.80
CA ASP L 669 -27.84 17.73 11.57
C ASP L 669 -26.97 18.61 10.67
N SER L 670 -26.08 19.37 11.29
CA SER L 670 -25.32 20.38 10.57
C SER L 670 -24.45 19.80 9.47
N ILE L 671 -23.95 18.58 9.66
CA ILE L 671 -23.19 17.95 8.60
C ILE L 671 -24.11 17.45 7.49
N SER L 672 -25.20 16.79 7.87
CA SER L 672 -26.17 16.32 6.89
C SER L 672 -26.79 17.49 6.18
N ARG L 673 -26.92 18.59 6.91
CA ARG L 673 -27.48 19.80 6.34
C ARG L 673 -26.52 20.43 5.33
N ALA L 674 -25.28 20.61 5.77
CA ALA L 674 -24.30 21.31 4.97
C ALA L 674 -23.67 20.44 3.89
N SER L 675 -23.83 19.13 3.98
CA SER L 675 -23.20 18.26 3.01
C SER L 675 -23.75 18.53 1.62
N GLN L 676 -22.85 18.66 0.64
CA GLN L 676 -23.25 18.99 -0.72
C GLN L 676 -23.90 17.82 -1.40
N THR L 677 -23.48 16.61 -1.04
CA THR L 677 -24.03 15.42 -1.64
C THR L 677 -25.50 15.32 -1.23
N MET L 678 -25.82 15.87 -0.06
CA MET L 678 -27.19 15.87 0.42
C MET L 678 -28.04 16.83 -0.38
N ALA L 679 -27.46 17.96 -0.76
CA ALA L 679 -28.20 18.93 -1.55
C ALA L 679 -28.45 18.39 -2.95
N LYS L 680 -27.42 17.78 -3.53
CA LYS L 680 -27.57 17.21 -4.85
C LYS L 680 -28.58 16.06 -4.82
N CYS L 681 -28.59 15.33 -3.71
CA CYS L 681 -29.42 14.15 -3.62
C CYS L 681 -30.88 14.55 -3.39
N VAL L 682 -31.09 15.57 -2.55
CA VAL L 682 -32.46 16.05 -2.32
C VAL L 682 -32.99 16.71 -3.58
N LYS L 683 -32.15 17.40 -4.32
CA LYS L 683 -32.61 17.96 -5.58
C LYS L 683 -32.87 16.85 -6.59
N ALA L 684 -32.18 15.73 -6.43
CA ALA L 684 -32.43 14.58 -7.29
C ALA L 684 -33.80 13.97 -6.99
N VAL L 685 -34.09 13.75 -5.71
CA VAL L 685 -35.36 13.16 -5.34
C VAL L 685 -36.53 14.12 -5.60
N THR L 686 -36.25 15.42 -5.61
CA THR L 686 -37.26 16.38 -6.06
C THR L 686 -37.44 16.22 -7.57
N GLU L 687 -36.63 16.94 -8.33
CA GLU L 687 -36.62 16.82 -9.78
C GLU L 687 -35.20 16.89 -10.31
N GLU M 1 55.84 14.14 -45.70
CA GLU M 1 55.65 13.75 -44.32
C GLU M 1 55.32 14.93 -43.42
N LEU M 2 56.35 15.52 -42.81
CA LEU M 2 56.13 16.66 -41.92
C LEU M 2 55.61 17.86 -42.70
N VAL M 3 56.03 17.99 -43.94
CA VAL M 3 55.57 19.05 -44.82
C VAL M 3 54.07 18.87 -45.05
N GLN M 4 53.64 17.62 -45.11
CA GLN M 4 52.22 17.32 -45.28
C GLN M 4 51.42 17.80 -44.08
N VAL M 5 52.00 17.68 -42.90
CA VAL M 5 51.30 18.07 -41.68
C VAL M 5 51.25 19.59 -41.58
N LEU M 6 52.35 20.24 -41.96
CA LEU M 6 52.39 21.69 -41.95
C LEU M 6 51.35 22.20 -42.93
N LYS M 7 51.20 21.45 -44.03
CA LYS M 7 50.17 21.72 -45.01
C LYS M 7 48.78 21.52 -44.42
N ARG M 8 48.64 20.54 -43.53
CA ARG M 8 47.36 20.35 -42.86
C ARG M 8 47.03 21.57 -42.03
N GLY M 9 48.06 22.13 -41.41
CA GLY M 9 47.88 23.27 -40.55
C GLY M 9 47.46 24.48 -41.35
N LEU M 10 48.19 24.75 -42.43
CA LEU M 10 47.84 25.88 -43.28
C LEU M 10 46.46 25.69 -43.88
N GLN M 11 46.14 24.44 -44.18
CA GLN M 11 44.85 24.11 -44.78
C GLN M 11 43.70 24.36 -43.83
N GLN M 12 43.90 24.10 -42.54
CA GLN M 12 42.83 24.40 -41.59
C GLN M 12 42.85 25.88 -41.20
N ILE M 13 43.95 26.56 -41.50
CA ILE M 13 43.97 28.00 -41.32
C ILE M 13 43.07 28.63 -42.37
N THR M 14 43.31 28.24 -43.62
CA THR M 14 42.63 28.83 -44.76
C THR M 14 41.31 28.13 -45.06
N GLY M 15 41.05 27.01 -44.39
CA GLY M 15 39.83 26.26 -44.60
C GLY M 15 38.66 26.79 -43.80
N HIS M 16 38.92 27.78 -42.96
CA HIS M 16 37.88 28.38 -42.14
C HIS M 16 38.35 29.68 -41.52
N GLY M 17 37.55 30.73 -41.68
CA GLY M 17 37.79 31.99 -40.99
C GLY M 17 38.80 32.86 -41.71
N GLY M 18 39.35 32.34 -42.80
CA GLY M 18 40.29 33.08 -43.61
C GLY M 18 41.47 33.65 -42.82
N LEU M 19 41.21 34.74 -42.12
CA LEU M 19 42.26 35.47 -41.41
C LEU M 19 41.77 35.89 -40.03
N ARG M 20 41.03 36.98 -39.97
CA ARG M 20 40.52 37.51 -38.70
C ARG M 20 39.44 36.64 -38.07
N GLY M 21 38.76 35.84 -38.88
CA GLY M 21 37.70 34.99 -38.38
C GLY M 21 38.23 33.77 -37.65
N TYR M 22 39.38 33.29 -38.10
CA TYR M 22 39.99 32.10 -37.51
C TYR M 22 40.40 32.30 -36.06
N LEU M 23 40.97 33.46 -35.77
CA LEU M 23 41.40 33.75 -34.41
C LEU M 23 40.21 33.81 -33.48
N ARG M 24 39.10 34.30 -34.00
CA ARG M 24 37.90 34.46 -33.19
C ARG M 24 37.22 33.13 -32.94
N VAL M 25 37.10 32.31 -33.99
CA VAL M 25 36.47 31.02 -33.83
C VAL M 25 37.35 30.16 -32.93
N PHE M 26 38.65 30.39 -32.99
CA PHE M 26 39.58 29.64 -32.14
C PHE M 26 39.57 30.07 -30.68
N PHE M 27 39.37 31.37 -30.42
CA PHE M 27 39.24 31.80 -29.02
C PHE M 27 37.84 31.61 -28.53
N ARG M 28 36.94 31.14 -29.40
CA ARG M 28 35.63 30.78 -28.93
C ARG M 28 35.55 29.28 -28.72
N THR M 29 35.62 28.51 -29.80
CA THR M 29 35.85 27.08 -29.69
C THR M 29 37.35 26.84 -29.74
N ASN M 30 37.90 26.24 -28.69
CA ASN M 30 39.33 26.08 -28.61
C ASN M 30 39.85 25.06 -29.61
N ASP M 31 38.94 24.26 -30.14
CA ASP M 31 39.22 23.41 -31.29
C ASP M 31 39.52 24.27 -32.52
N ALA M 32 40.34 23.76 -33.43
CA ALA M 32 40.71 24.50 -34.62
C ALA M 32 40.49 23.71 -35.89
N LYS M 33 39.50 22.81 -35.87
CA LYS M 33 39.22 21.98 -37.03
C LYS M 33 38.67 22.78 -38.20
N VAL M 34 38.87 22.24 -39.40
CA VAL M 34 38.19 22.78 -40.58
C VAL M 34 36.70 22.63 -40.34
N GLY M 35 35.94 23.66 -40.70
CA GLY M 35 34.49 23.58 -40.55
C GLY M 35 33.92 22.62 -41.58
N THR M 36 34.32 21.36 -41.48
CA THR M 36 33.90 20.35 -42.44
C THR M 36 32.40 20.18 -42.38
N LEU M 37 31.77 20.17 -43.55
CA LEU M 37 30.32 20.02 -43.68
C LEU M 37 29.61 21.11 -42.88
N VAL M 38 28.27 21.07 -42.79
CA VAL M 38 27.55 22.08 -42.03
C VAL M 38 26.30 21.48 -41.39
N GLY M 39 25.87 22.01 -40.25
CA GLY M 39 24.60 21.64 -39.66
C GLY M 39 23.45 22.54 -40.11
N GLU M 40 22.29 22.38 -39.49
CA GLU M 40 21.12 23.19 -39.82
C GLU M 40 21.08 24.54 -39.12
N ASP M 41 22.06 24.81 -38.26
CA ASP M 41 22.23 26.09 -37.56
C ASP M 41 20.99 26.97 -37.41
N LYS M 42 19.99 26.48 -36.71
CA LYS M 42 18.72 27.19 -36.59
C LYS M 42 18.87 28.53 -35.91
N TYR M 43 19.80 28.60 -34.96
CA TYR M 43 20.07 29.84 -34.24
C TYR M 43 21.53 30.21 -34.45
N GLY M 44 22.07 29.75 -35.57
CA GLY M 44 23.46 29.98 -35.93
C GLY M 44 24.35 28.89 -35.35
N ASN M 45 23.76 28.00 -34.57
CA ASN M 45 24.54 26.94 -33.98
C ASN M 45 24.87 25.84 -35.01
N LYS M 46 25.85 26.14 -35.84
CA LYS M 46 26.27 25.25 -36.90
C LYS M 46 26.80 23.95 -36.31
N TYR M 47 26.45 22.85 -36.94
CA TYR M 47 26.71 21.53 -36.40
C TYR M 47 27.65 20.74 -37.30
N TYR M 48 28.92 21.08 -37.29
CA TYR M 48 29.86 20.54 -38.27
C TYR M 48 30.06 19.03 -38.15
N GLU M 49 30.23 18.38 -39.30
CA GLU M 49 30.29 16.93 -39.37
C GLU M 49 31.61 16.44 -39.94
N ASP M 50 32.14 15.35 -39.37
CA ASP M 50 33.35 14.69 -39.87
C ASP M 50 33.54 13.31 -39.23
N ASN M 51 34.35 12.45 -39.84
CA ASN M 51 34.46 11.07 -39.37
C ASN M 51 35.86 10.58 -39.05
N LYS M 52 36.86 11.18 -39.69
CA LYS M 52 38.24 10.73 -39.53
C LYS M 52 38.69 10.87 -38.08
N GLN M 53 38.13 11.87 -37.41
CA GLN M 53 38.40 12.09 -35.99
C GLN M 53 37.87 10.92 -35.19
N PHE M 54 38.56 10.58 -34.10
CA PHE M 54 38.24 9.40 -33.33
C PHE M 54 36.89 9.56 -32.69
N PHE M 55 36.30 8.42 -32.34
CA PHE M 55 34.92 8.38 -31.88
C PHE M 55 34.66 9.25 -30.66
N GLY M 56 33.51 9.92 -30.66
CA GLY M 56 33.14 10.85 -29.63
C GLY M 56 33.43 12.30 -30.00
N ARG M 57 34.34 12.50 -30.95
CA ARG M 57 34.75 13.83 -31.35
C ARG M 57 34.28 14.15 -32.77
N HIS M 58 33.59 13.19 -33.39
CA HIS M 58 33.20 13.29 -34.79
C HIS M 58 32.01 14.21 -35.06
N ARG M 59 31.32 14.64 -34.02
CA ARG M 59 30.23 15.58 -34.17
C ARG M 59 30.41 16.78 -33.24
N TRP M 60 30.19 18.00 -33.75
CA TRP M 60 30.44 19.19 -32.94
C TRP M 60 29.72 20.47 -33.39
N VAL M 61 29.72 21.48 -32.52
CA VAL M 61 28.85 22.64 -32.66
C VAL M 61 29.47 23.98 -32.25
N VAL M 62 29.20 25.03 -33.03
CA VAL M 62 29.61 26.39 -32.68
C VAL M 62 28.38 27.29 -32.53
N TYR M 63 28.14 27.80 -31.34
CA TYR M 63 26.82 28.28 -30.93
C TYR M 63 26.29 29.64 -31.40
N THR M 64 27.14 30.47 -32.00
CA THR M 64 26.80 31.87 -32.28
C THR M 64 26.24 32.60 -31.06
N THR M 65 25.43 33.63 -31.29
CA THR M 65 25.27 34.65 -30.27
C THR M 65 23.82 35.08 -30.06
N GLU M 66 23.51 35.54 -28.85
CA GLU M 66 22.16 35.94 -28.40
C GLU M 66 21.07 34.92 -28.57
N MET M 67 21.28 33.69 -28.10
CA MET M 67 20.19 32.74 -28.17
C MET M 67 19.04 33.20 -27.28
N ASN M 68 17.81 33.00 -27.74
CA ASN M 68 16.61 33.46 -27.06
C ASN M 68 16.64 34.94 -26.74
N GLY M 69 17.15 35.70 -27.70
CA GLY M 69 17.10 37.15 -27.64
C GLY M 69 17.80 37.71 -26.44
N LYS M 70 18.84 36.99 -26.00
CA LYS M 70 19.51 37.35 -24.77
C LYS M 70 20.87 36.68 -24.70
N ASN M 71 21.75 37.24 -23.88
CA ASN M 71 23.10 36.73 -23.67
C ASN M 71 23.95 36.83 -24.91
N THR M 72 25.08 36.16 -24.91
CA THR M 72 26.11 36.40 -25.90
C THR M 72 27.10 35.23 -25.91
N PHE M 73 28.00 35.18 -26.88
CA PHE M 73 29.17 34.32 -26.79
C PHE M 73 30.05 34.91 -25.69
N TRP M 74 30.96 34.11 -25.15
CA TRP M 74 31.54 34.32 -23.82
C TRP M 74 30.46 34.18 -22.76
N ASP M 75 29.59 33.20 -22.97
CA ASP M 75 28.60 32.77 -21.98
C ASP M 75 27.92 31.50 -22.52
N VAL M 76 28.54 30.87 -23.50
CA VAL M 76 27.97 29.69 -24.14
C VAL M 76 27.94 28.54 -23.16
N ASP M 77 27.01 27.62 -23.35
CA ASP M 77 26.88 26.48 -22.46
C ASP M 77 26.03 25.40 -23.06
N GLY M 78 25.60 24.46 -22.23
CA GLY M 78 24.70 23.41 -22.66
C GLY M 78 23.31 23.99 -22.70
N SER M 79 22.35 23.18 -23.12
CA SER M 79 20.96 23.59 -23.28
C SER M 79 20.76 24.57 -24.43
N MET M 80 21.85 25.07 -25.00
CA MET M 80 21.74 25.91 -26.18
C MET M 80 21.26 25.12 -27.38
N VAL M 81 21.50 23.82 -27.39
CA VAL M 81 21.05 22.98 -28.50
C VAL M 81 19.56 22.65 -28.45
N PRO M 82 18.89 22.68 -29.61
CA PRO M 82 17.54 22.15 -29.83
C PRO M 82 17.48 20.64 -29.65
N PRO M 83 16.34 20.13 -29.15
CA PRO M 83 16.15 18.73 -28.78
C PRO M 83 16.42 17.71 -29.89
N GLU M 84 16.13 18.04 -31.14
CA GLU M 84 16.45 17.10 -32.21
C GLU M 84 17.97 17.00 -32.37
N TRP M 85 18.62 18.15 -32.46
CA TRP M 85 20.06 18.17 -32.57
C TRP M 85 20.68 17.74 -31.26
N HIS M 86 19.94 17.95 -30.18
CA HIS M 86 20.34 17.43 -28.89
C HIS M 86 20.41 15.93 -28.95
N ARG M 87 19.51 15.31 -29.69
CA ARG M 87 19.66 13.88 -29.92
C ARG M 87 20.84 13.61 -30.84
N TRP M 88 21.16 14.56 -31.70
CA TRP M 88 22.20 14.28 -32.68
C TRP M 88 23.65 14.34 -32.16
N LEU M 89 23.97 15.30 -31.30
CA LEU M 89 25.32 15.33 -30.74
C LEU M 89 25.63 14.11 -29.91
N HIS M 90 24.62 13.58 -29.23
CA HIS M 90 24.83 12.44 -28.35
C HIS M 90 24.91 11.15 -29.15
N SER M 91 24.70 11.29 -30.45
CA SER M 91 24.80 10.19 -31.40
C SER M 91 23.89 9.02 -31.01
N MET M 92 22.71 9.35 -30.51
CA MET M 92 21.65 8.37 -30.37
C MET M 92 21.17 7.99 -31.76
N THR M 93 21.38 8.90 -32.70
CA THR M 93 20.93 8.73 -34.07
C THR M 93 22.04 9.05 -35.06
N ASP M 94 22.38 8.09 -35.90
CA ASP M 94 23.41 8.33 -36.91
C ASP M 94 22.99 9.42 -37.89
N ASP M 95 21.70 9.56 -38.09
CA ASP M 95 21.16 10.45 -39.10
C ASP M 95 20.78 11.81 -38.51
N PRO M 96 21.36 12.89 -39.06
CA PRO M 96 20.97 14.22 -38.59
C PRO M 96 19.50 14.49 -38.90
N PRO M 97 18.83 15.29 -38.06
CA PRO M 97 17.38 15.54 -38.17
C PRO M 97 17.00 16.16 -39.50
N THR M 98 17.93 16.88 -40.13
CA THR M 98 17.78 17.31 -41.51
C THR M 98 17.04 16.29 -42.35
N THR M 99 17.62 15.10 -42.47
CA THR M 99 17.03 14.04 -43.27
C THR M 99 15.70 13.54 -42.72
N LYS M 100 15.56 13.55 -41.40
CA LYS M 100 14.34 13.03 -40.78
C LYS M 100 13.76 14.00 -39.75
N PRO M 101 13.14 15.09 -40.22
CA PRO M 101 12.53 16.06 -39.31
C PRO M 101 11.39 15.44 -38.52
N LEU M 102 11.23 15.87 -37.28
CA LEU M 102 10.38 15.17 -36.32
C LEU M 102 8.92 15.63 -36.43
N THR M 103 8.07 15.15 -35.54
CA THR M 103 6.62 15.24 -35.70
C THR M 103 6.08 16.67 -35.75
N ALA M 104 6.73 17.57 -35.02
CA ALA M 104 6.31 18.97 -34.97
C ALA M 104 4.85 19.16 -34.56
N ARG M 105 4.46 18.57 -33.43
CA ARG M 105 3.11 18.72 -32.91
C ARG M 105 2.85 20.13 -32.40
N LYS M 106 1.57 20.49 -32.34
CA LYS M 106 1.16 21.87 -32.09
C LYS M 106 1.59 22.42 -30.73
N PHE M 107 1.62 21.59 -29.70
CA PHE M 107 1.87 22.10 -28.35
C PHE M 107 3.34 22.21 -27.94
N ILE M 108 4.26 21.67 -28.75
CA ILE M 108 5.69 21.75 -28.38
C ILE M 108 6.26 23.15 -28.61
N TRP M 109 7.26 23.50 -27.81
CA TRP M 109 7.87 24.83 -27.89
C TRP M 109 8.75 24.97 -29.12
N THR M 110 8.97 26.20 -29.55
CA THR M 110 9.72 26.45 -30.79
C THR M 110 11.07 27.16 -30.60
N ASN M 111 11.09 28.25 -29.82
CA ASN M 111 12.32 28.98 -29.61
C ASN M 111 13.39 28.22 -28.84
N HIS M 112 12.92 27.31 -27.97
CA HIS M 112 13.78 26.60 -27.03
C HIS M 112 14.54 27.57 -26.12
N LYS M 113 14.04 27.74 -24.90
CA LYS M 113 14.52 28.80 -24.01
C LYS M 113 15.77 28.48 -23.17
N PHE M 114 16.28 27.25 -23.27
CA PHE M 114 17.38 26.71 -22.44
C PHE M 114 17.25 26.97 -20.93
N ASN M 115 18.20 26.42 -20.17
CA ASN M 115 18.13 26.50 -18.71
C ASN M 115 18.25 27.93 -18.22
N VAL M 116 17.44 28.27 -17.23
CA VAL M 116 17.40 29.62 -16.70
C VAL M 116 17.14 29.58 -15.20
N THR M 117 18.20 29.43 -14.42
CA THR M 117 18.07 29.33 -12.97
C THR M 117 18.16 30.69 -12.31
N GLY M 118 19.02 31.55 -12.85
CA GLY M 118 19.09 32.94 -12.44
C GLY M 118 18.19 33.76 -13.31
N THR M 119 18.31 35.08 -13.25
CA THR M 119 17.49 36.02 -14.04
C THR M 119 16.01 35.93 -13.66
N PRO M 120 15.20 36.93 -14.02
CA PRO M 120 13.81 36.95 -13.54
C PRO M 120 12.99 35.72 -13.89
N GLU M 121 13.21 35.14 -15.06
CA GLU M 121 12.64 33.84 -15.36
C GLU M 121 13.27 32.86 -14.40
N GLN M 122 12.45 32.02 -13.78
CA GLN M 122 12.92 31.21 -12.66
C GLN M 122 11.79 30.33 -12.18
N TYR M 123 12.01 29.02 -12.18
CA TYR M 123 10.94 28.14 -11.78
C TYR M 123 10.57 28.39 -10.33
N VAL M 124 9.28 28.38 -10.05
CA VAL M 124 8.80 28.44 -8.69
C VAL M 124 7.85 27.28 -8.39
N PRO M 125 8.28 26.35 -7.54
CA PRO M 125 7.35 25.36 -7.02
C PRO M 125 6.30 26.03 -6.15
N TYR M 126 5.08 25.50 -6.14
CA TYR M 126 4.04 26.08 -5.30
C TYR M 126 2.91 25.11 -5.00
N SER M 127 2.08 25.50 -4.04
CA SER M 127 0.94 24.68 -3.65
C SER M 127 0.01 24.50 -4.82
N THR M 128 -0.56 23.31 -4.94
CA THR M 128 -1.46 23.01 -6.05
C THR M 128 -2.68 22.29 -5.47
N THR M 129 -3.76 22.23 -6.25
CA THR M 129 -5.06 21.70 -5.79
C THR M 129 -5.61 22.57 -4.67
N ARG M 130 -6.63 23.34 -5.01
CA ARG M 130 -7.09 24.43 -4.17
C ARG M 130 -7.71 24.00 -2.84
N LYS M 131 -7.36 24.75 -1.80
CA LYS M 131 -8.09 24.78 -0.53
C LYS M 131 -8.28 23.45 0.18
N LYS M 132 -9.09 23.52 1.24
CA LYS M 132 -9.58 22.35 1.96
C LYS M 132 -10.96 22.59 2.51
N ILE M 133 -10.99 22.97 3.80
CA ILE M 133 -12.22 23.01 4.58
C ILE M 133 -13.21 24.11 4.22
N GLN M 134 -12.75 25.16 3.56
CA GLN M 134 -13.57 26.34 3.31
C GLN M 134 -14.10 26.91 4.63
N GLU M 135 -13.35 27.81 5.24
CA GLU M 135 -13.73 28.35 6.55
C GLU M 135 -15.06 29.08 6.50
N TRP M 136 -15.81 28.99 7.60
CA TRP M 136 -17.20 29.45 7.65
C TRP M 136 -17.34 30.93 7.36
N ILE M 137 -18.41 31.28 6.66
CA ILE M 137 -18.65 32.65 6.26
C ILE M 137 -19.19 33.45 7.43
N PRO M 138 -18.49 34.53 7.82
CA PRO M 138 -19.00 35.46 8.82
C PRO M 138 -20.27 36.17 8.37
N PRO M 139 -21.21 36.42 9.29
CA PRO M 139 -22.39 37.23 8.96
C PRO M 139 -21.99 38.67 8.62
N SER M 140 -22.70 39.28 7.69
CA SER M 140 -22.47 40.69 7.36
C SER M 140 -23.47 41.58 8.08
N THR M 141 -24.60 40.99 8.44
CA THR M 141 -25.67 41.72 9.12
C THR M 141 -25.35 42.02 10.58
N PRO M 142 -25.55 43.28 10.99
CA PRO M 142 -25.47 43.65 12.41
C PRO M 142 -26.54 42.93 13.21
N TYR M 143 -26.24 42.61 14.47
CA TYR M 143 -27.22 42.02 15.38
C TYR M 143 -27.65 40.63 14.92
N GLY N 1 -31.69 -6.69 -31.43
CA GLY N 1 -32.52 -6.95 -30.27
C GLY N 1 -31.73 -6.80 -28.99
N ALA N 2 -30.68 -6.00 -29.03
CA ALA N 2 -29.81 -5.78 -27.89
C ALA N 2 -30.41 -4.76 -26.92
N LEU N 3 -31.50 -4.13 -27.32
CA LEU N 3 -32.10 -3.06 -26.54
C LEU N 3 -32.99 -3.61 -25.44
N PHE N 4 -32.45 -4.52 -24.64
CA PHE N 4 -33.18 -5.12 -23.52
C PHE N 4 -33.58 -4.07 -22.49
N VAL N 5 -32.76 -3.05 -22.35
CA VAL N 5 -32.91 -2.08 -21.27
C VAL N 5 -34.19 -1.25 -21.34
N HIS N 6 -34.63 -0.96 -22.57
CA HIS N 6 -35.72 -0.02 -22.80
C HIS N 6 -35.44 1.30 -22.10
N ARG N 7 -34.19 1.75 -22.20
CA ARG N 7 -33.80 3.05 -21.65
C ARG N 7 -34.54 4.15 -22.40
N ASP N 8 -34.80 3.87 -23.67
CA ASP N 8 -35.53 4.78 -24.54
C ASP N 8 -36.97 4.96 -24.11
N THR N 9 -37.52 6.14 -24.37
CA THR N 9 -38.92 6.41 -24.14
C THR N 9 -39.52 7.06 -25.39
N PRO N 10 -39.77 6.24 -26.42
CA PRO N 10 -40.43 6.71 -27.65
C PRO N 10 -41.85 7.19 -27.37
N GLU N 11 -42.29 8.18 -28.13
CA GLU N 11 -43.61 8.78 -27.96
C GLU N 11 -44.69 7.75 -28.28
N ASN N 12 -44.28 6.68 -28.96
CA ASN N 12 -45.20 5.59 -29.27
C ASN N 12 -45.75 4.92 -28.01
N ASN N 13 -44.95 4.85 -26.96
CA ASN N 13 -45.45 4.39 -25.67
C ASN N 13 -44.69 4.93 -24.45
N PRO N 14 -44.82 6.24 -24.19
CA PRO N 14 -44.29 6.74 -22.92
C PRO N 14 -45.28 6.43 -21.79
N ASP N 15 -46.39 7.18 -21.77
CA ASP N 15 -47.47 6.93 -20.85
C ASP N 15 -48.78 6.84 -21.62
N THR N 16 -48.71 6.29 -22.82
CA THR N 16 -49.89 6.10 -23.65
C THR N 16 -50.83 5.11 -22.97
N PRO N 17 -52.10 5.50 -22.79
CA PRO N 17 -53.10 4.69 -22.09
C PRO N 17 -53.38 3.36 -22.79
N PHE N 18 -53.64 2.33 -22.00
CA PHE N 18 -53.98 1.03 -22.55
C PHE N 18 -54.81 0.22 -21.56
N ASP N 19 -55.76 -0.55 -22.06
CA ASP N 19 -56.64 -1.32 -21.19
C ASP N 19 -57.17 -2.59 -21.86
N PHE N 20 -57.28 -3.64 -21.06
CA PHE N 20 -57.83 -4.91 -21.50
C PHE N 20 -59.35 -4.83 -21.62
N THR N 21 -59.90 -5.64 -22.52
CA THR N 21 -61.33 -5.79 -22.63
C THR N 21 -61.84 -6.57 -21.42
N PRO N 22 -63.10 -6.37 -21.05
CA PRO N 22 -63.66 -7.09 -19.88
C PRO N 22 -63.58 -8.60 -20.03
N GLU N 23 -63.71 -9.07 -21.27
CA GLU N 23 -63.61 -10.50 -21.54
C GLU N 23 -62.23 -10.97 -21.16
N ASN N 24 -61.25 -10.11 -21.42
CA ASN N 24 -59.88 -10.43 -21.07
C ASN N 24 -59.70 -10.49 -19.57
N TYR N 25 -60.42 -9.63 -18.85
CA TYR N 25 -60.40 -9.68 -17.40
C TYR N 25 -60.97 -11.00 -16.91
N LYS N 26 -62.01 -11.45 -17.60
CA LYS N 26 -62.62 -12.72 -17.24
C LYS N 26 -61.65 -13.86 -17.53
N ARG N 27 -60.89 -13.73 -18.59
CA ARG N 27 -59.99 -14.80 -18.99
C ARG N 27 -58.84 -14.92 -18.00
N ILE N 28 -58.22 -13.78 -17.69
CA ILE N 28 -57.08 -13.78 -16.77
C ILE N 28 -57.53 -14.17 -15.38
N GLU N 29 -58.76 -13.80 -15.02
CA GLU N 29 -59.32 -14.26 -13.75
C GLU N 29 -59.52 -15.77 -13.78
N ALA N 30 -59.87 -16.30 -14.94
CA ALA N 30 -60.01 -17.75 -15.10
C ALA N 30 -58.67 -18.42 -14.92
N ILE N 31 -57.63 -17.70 -15.35
CA ILE N 31 -56.27 -18.18 -15.20
C ILE N 31 -55.88 -18.17 -13.73
N VAL N 32 -56.37 -17.18 -13.00
CA VAL N 32 -56.14 -17.12 -11.56
C VAL N 32 -56.85 -18.31 -10.92
N LYS N 33 -57.97 -18.69 -11.51
CA LYS N 33 -58.70 -19.87 -11.08
C LYS N 33 -57.92 -21.13 -11.46
N ASN N 34 -57.05 -21.02 -12.44
CA ASN N 34 -56.23 -22.16 -12.85
C ASN N 34 -55.09 -22.47 -11.88
N TYR N 35 -54.75 -21.50 -11.05
CA TYR N 35 -53.53 -21.56 -10.24
C TYR N 35 -53.78 -21.24 -8.77
N PRO N 36 -52.95 -21.79 -7.87
CA PRO N 36 -53.19 -21.66 -6.43
C PRO N 36 -53.20 -20.21 -5.94
N GLU N 37 -54.06 -19.96 -4.96
CA GLU N 37 -54.38 -18.60 -4.53
C GLU N 37 -53.19 -17.86 -3.92
N GLY N 38 -52.23 -18.60 -3.39
CA GLY N 38 -51.14 -17.96 -2.69
C GLY N 38 -50.15 -17.26 -3.61
N HIS N 39 -50.22 -17.58 -4.89
CA HIS N 39 -49.27 -17.02 -5.85
C HIS N 39 -49.92 -16.71 -7.18
N LYS N 40 -50.26 -15.45 -7.36
CA LYS N 40 -50.86 -14.95 -8.60
C LYS N 40 -49.86 -15.08 -9.75
N ALA N 41 -48.58 -15.15 -9.39
CA ALA N 41 -47.48 -14.99 -10.33
C ALA N 41 -47.46 -16.04 -11.41
N ALA N 42 -48.07 -17.19 -11.15
CA ALA N 42 -48.11 -18.26 -12.14
C ALA N 42 -48.84 -17.77 -13.39
N ALA N 43 -49.75 -16.83 -13.17
CA ALA N 43 -50.55 -16.26 -14.23
C ALA N 43 -49.83 -15.19 -15.03
N VAL N 44 -48.67 -14.76 -14.57
CA VAL N 44 -47.99 -13.63 -15.21
C VAL N 44 -47.70 -13.89 -16.69
N LEU N 45 -47.08 -15.02 -17.00
CA LEU N 45 -46.72 -15.32 -18.38
C LEU N 45 -47.92 -15.33 -19.31
N PRO N 46 -49.00 -16.07 -18.96
CA PRO N 46 -50.14 -16.07 -19.89
C PRO N 46 -50.76 -14.70 -20.18
N VAL N 47 -50.81 -13.82 -19.19
CA VAL N 47 -51.49 -12.55 -19.36
C VAL N 47 -50.79 -11.73 -20.43
N LEU N 48 -49.47 -11.84 -20.43
CA LEU N 48 -48.64 -11.11 -21.37
C LEU N 48 -48.94 -11.56 -22.79
N ASP N 49 -49.32 -12.82 -22.93
CA ASP N 49 -49.71 -13.30 -24.25
C ASP N 49 -50.99 -12.59 -24.63
N LEU N 50 -51.95 -12.59 -23.70
CA LEU N 50 -53.24 -12.00 -23.97
C LEU N 50 -53.11 -10.50 -24.21
N ALA N 51 -52.22 -9.87 -23.45
CA ALA N 51 -51.98 -8.44 -23.60
C ALA N 51 -51.44 -8.17 -24.98
N GLN N 52 -50.67 -9.13 -25.49
CA GLN N 52 -50.13 -9.02 -26.84
C GLN N 52 -51.14 -9.53 -27.84
N ARG N 53 -52.00 -10.45 -27.40
CA ARG N 53 -52.98 -11.03 -28.30
C ARG N 53 -53.97 -9.97 -28.75
N GLN N 54 -54.21 -9.01 -27.87
CA GLN N 54 -55.01 -7.83 -28.18
C GLN N 54 -54.27 -6.92 -29.17
N ASN N 55 -52.94 -7.00 -29.18
CA ASN N 55 -52.14 -6.03 -29.91
C ASN N 55 -51.23 -6.62 -30.97
N GLY N 56 -50.57 -7.72 -30.64
CA GLY N 56 -49.48 -8.23 -31.44
C GLY N 56 -48.18 -7.55 -31.07
N TRP N 57 -48.27 -6.69 -30.05
CA TRP N 57 -47.12 -5.94 -29.55
C TRP N 57 -47.36 -5.47 -28.13
N LEU N 58 -46.29 -5.32 -27.35
CA LEU N 58 -46.45 -4.98 -25.94
C LEU N 58 -45.84 -3.64 -25.57
N PRO N 59 -46.70 -2.61 -25.45
CA PRO N 59 -46.32 -1.30 -24.93
C PRO N 59 -45.94 -1.40 -23.46
N ILE N 60 -45.07 -0.52 -23.00
CA ILE N 60 -44.69 -0.54 -21.59
C ILE N 60 -45.93 -0.33 -20.74
N SER N 61 -46.91 0.39 -21.30
CA SER N 61 -48.16 0.62 -20.60
C SER N 61 -48.85 -0.69 -20.33
N ALA N 62 -48.72 -1.64 -21.26
CA ALA N 62 -49.26 -2.96 -21.04
C ALA N 62 -48.49 -3.66 -19.92
N MET N 63 -47.20 -3.35 -19.81
CA MET N 63 -46.37 -4.02 -18.82
C MET N 63 -46.70 -3.59 -17.40
N ASN N 64 -46.69 -2.30 -17.15
CA ASN N 64 -47.02 -1.83 -15.81
C ASN N 64 -48.51 -2.01 -15.52
N LYS N 65 -49.33 -2.04 -16.58
CA LYS N 65 -50.75 -2.37 -16.39
C LYS N 65 -50.92 -3.78 -15.86
N VAL N 66 -50.27 -4.75 -16.52
CA VAL N 66 -50.36 -6.14 -16.07
C VAL N 66 -49.75 -6.27 -14.69
N ALA N 67 -48.72 -5.47 -14.41
CA ALA N 67 -48.12 -5.46 -13.09
C ALA N 67 -49.13 -5.01 -12.06
N GLU N 68 -49.99 -4.07 -12.46
CA GLU N 68 -51.10 -3.64 -11.63
C GLU N 68 -52.11 -4.76 -11.46
N VAL N 69 -52.26 -5.57 -12.50
CA VAL N 69 -53.30 -6.58 -12.53
C VAL N 69 -53.05 -7.71 -11.54
N LEU N 70 -51.84 -8.25 -11.55
CA LEU N 70 -51.54 -9.37 -10.69
C LEU N 70 -50.96 -8.89 -9.36
N GLN N 71 -50.89 -7.58 -9.21
CA GLN N 71 -50.40 -6.95 -7.98
C GLN N 71 -48.99 -7.39 -7.61
N VAL N 72 -48.12 -7.43 -8.60
CA VAL N 72 -46.73 -7.81 -8.39
C VAL N 72 -45.85 -6.71 -8.94
N PRO N 73 -44.61 -6.58 -8.41
CA PRO N 73 -43.78 -5.47 -8.88
C PRO N 73 -43.50 -5.56 -10.37
N PRO N 74 -43.45 -4.41 -11.03
CA PRO N 74 -43.36 -4.29 -12.49
C PRO N 74 -42.14 -4.98 -13.04
N MET N 75 -41.08 -5.01 -12.24
CA MET N 75 -39.81 -5.55 -12.68
C MET N 75 -39.94 -7.04 -13.00
N ARG N 76 -40.88 -7.71 -12.35
CA ARG N 76 -41.19 -9.09 -12.68
C ARG N 76 -41.64 -9.18 -14.11
N VAL N 77 -42.61 -8.34 -14.44
CA VAL N 77 -43.22 -8.34 -15.75
C VAL N 77 -42.19 -7.94 -16.78
N TYR N 78 -41.26 -7.08 -16.39
CA TYR N 78 -40.24 -6.62 -17.31
C TYR N 78 -39.28 -7.76 -17.60
N GLU N 79 -38.85 -8.44 -16.54
CA GLU N 79 -37.89 -9.53 -16.67
C GLU N 79 -38.47 -10.69 -17.45
N VAL N 80 -39.77 -10.92 -17.29
CA VAL N 80 -40.39 -12.07 -17.94
C VAL N 80 -40.72 -11.73 -19.38
N ALA N 81 -41.19 -10.51 -19.62
CA ALA N 81 -41.47 -10.09 -20.97
C ALA N 81 -40.18 -10.09 -21.77
N THR N 82 -39.09 -9.81 -21.06
CA THR N 82 -37.79 -9.67 -21.70
C THR N 82 -37.09 -11.00 -21.96
N PHE N 83 -37.08 -11.86 -20.95
CA PHE N 83 -36.39 -13.14 -21.03
C PHE N 83 -36.99 -14.02 -22.10
N TYR N 84 -38.28 -13.84 -22.35
CA TYR N 84 -39.01 -14.72 -23.25
C TYR N 84 -39.27 -14.05 -24.59
N THR N 85 -38.62 -14.56 -25.63
CA THR N 85 -38.53 -13.90 -26.94
C THR N 85 -39.83 -13.77 -27.72
N MET N 86 -40.77 -14.67 -27.50
CA MET N 86 -41.98 -14.70 -28.32
C MET N 86 -42.80 -13.42 -28.17
N TYR N 87 -42.69 -12.80 -27.00
CA TYR N 87 -43.27 -11.48 -26.80
C TYR N 87 -42.56 -10.48 -27.70
N ASN N 88 -43.31 -9.58 -28.32
CA ASN N 88 -42.72 -8.64 -29.26
C ASN N 88 -42.74 -7.20 -28.75
N ARG N 89 -41.57 -6.69 -28.41
CA ARG N 89 -41.43 -5.37 -27.83
C ARG N 89 -41.18 -4.28 -28.88
N LYS N 90 -41.19 -4.68 -30.15
CA LYS N 90 -41.16 -3.74 -31.26
C LYS N 90 -42.38 -3.97 -32.14
N PRO N 91 -43.10 -2.90 -32.48
CA PRO N 91 -44.36 -3.09 -33.22
C PRO N 91 -44.11 -3.72 -34.58
N VAL N 92 -45.03 -4.55 -35.03
CA VAL N 92 -44.80 -5.40 -36.20
C VAL N 92 -45.84 -5.21 -37.29
N GLY N 93 -45.62 -5.86 -38.43
CA GLY N 93 -46.52 -5.81 -39.55
C GLY N 93 -47.66 -6.80 -39.36
N LYS N 94 -48.55 -6.88 -40.35
CA LYS N 94 -49.73 -7.73 -40.22
C LYS N 94 -49.33 -9.20 -40.09
N TYR N 95 -48.22 -9.58 -40.71
CA TYR N 95 -47.70 -10.93 -40.55
C TYR N 95 -46.33 -10.94 -39.89
N HIS N 96 -46.04 -12.05 -39.22
CA HIS N 96 -44.80 -12.21 -38.49
C HIS N 96 -44.07 -13.47 -38.95
N ILE N 97 -43.58 -13.45 -40.19
CA ILE N 97 -42.89 -14.60 -40.74
C ILE N 97 -41.66 -14.88 -39.91
N GLN N 98 -41.44 -16.14 -39.57
CA GLN N 98 -40.34 -16.51 -38.70
C GLN N 98 -39.68 -17.82 -39.18
N VAL N 99 -39.28 -17.83 -40.44
CA VAL N 99 -38.74 -19.03 -41.07
C VAL N 99 -37.51 -19.56 -40.33
N CYS N 100 -37.48 -20.86 -40.12
CA CYS N 100 -36.33 -21.52 -39.53
C CYS N 100 -35.19 -21.64 -40.53
N THR N 101 -33.96 -21.59 -40.02
CA THR N 101 -32.79 -21.77 -40.87
C THR N 101 -31.86 -22.75 -40.12
N THR N 102 -32.43 -23.42 -39.14
CA THR N 102 -31.69 -24.36 -38.30
C THR N 102 -31.24 -25.56 -39.13
N THR N 103 -30.17 -26.21 -38.69
CA THR N 103 -29.46 -27.21 -39.47
C THR N 103 -30.32 -28.33 -40.07
N PRO N 104 -31.27 -28.91 -39.30
CA PRO N 104 -32.08 -29.92 -40.00
C PRO N 104 -32.79 -29.35 -41.22
N CYS N 105 -33.17 -28.08 -41.16
CA CYS N 105 -33.79 -27.41 -42.30
C CYS N 105 -32.75 -26.78 -43.22
N MET N 106 -31.58 -26.50 -42.66
CA MET N 106 -30.49 -25.94 -43.45
C MET N 106 -29.95 -26.95 -44.46
N LEU N 107 -29.90 -28.21 -44.06
CA LEU N 107 -29.53 -29.28 -44.98
C LEU N 107 -30.60 -29.38 -46.05
N ARG N 108 -31.81 -29.05 -45.64
CA ARG N 108 -32.96 -29.05 -46.52
C ARG N 108 -33.02 -27.72 -47.24
N ASN N 109 -31.93 -26.95 -47.12
CA ASN N 109 -31.73 -25.73 -47.87
C ASN N 109 -32.82 -24.71 -47.55
N SER N 110 -33.06 -24.55 -46.26
CA SER N 110 -34.02 -23.55 -45.78
C SER N 110 -33.52 -22.16 -46.17
N ASP N 111 -32.21 -22.03 -46.30
CA ASP N 111 -31.62 -20.75 -46.63
C ASP N 111 -32.16 -20.29 -47.98
N SER N 112 -32.38 -21.24 -48.89
CA SER N 112 -32.96 -20.92 -50.18
C SER N 112 -34.36 -20.39 -50.00
N ILE N 113 -35.06 -20.90 -48.99
CA ILE N 113 -36.39 -20.40 -48.65
C ILE N 113 -36.24 -18.94 -48.25
N LEU N 114 -35.14 -18.64 -47.56
CA LEU N 114 -34.91 -17.27 -47.11
C LEU N 114 -34.63 -16.32 -48.27
N GLU N 115 -33.72 -16.70 -49.17
CA GLU N 115 -33.45 -15.81 -50.30
C GLU N 115 -34.70 -15.69 -51.15
N ALA N 116 -35.52 -16.73 -51.16
CA ALA N 116 -36.75 -16.67 -51.92
C ALA N 116 -37.67 -15.61 -51.32
N ILE N 117 -37.78 -15.61 -50.00
CA ILE N 117 -38.64 -14.65 -49.31
C ILE N 117 -38.13 -13.23 -49.53
N GLN N 118 -36.80 -13.07 -49.56
CA GLN N 118 -36.24 -11.74 -49.76
C GLN N 118 -36.45 -11.26 -51.19
N LYS N 119 -36.16 -12.11 -52.15
CA LYS N 119 -36.29 -11.75 -53.55
C LYS N 119 -37.73 -11.45 -53.87
N LYS N 120 -38.65 -12.12 -53.18
CA LYS N 120 -40.05 -11.83 -53.36
C LYS N 120 -40.42 -10.49 -52.74
N LEU N 121 -39.97 -10.26 -51.51
CA LEU N 121 -40.38 -9.07 -50.80
C LEU N 121 -39.45 -7.87 -51.00
N GLY N 122 -38.15 -8.12 -51.10
CA GLY N 122 -37.19 -7.05 -51.21
C GLY N 122 -36.80 -6.53 -49.83
N ILE N 123 -37.41 -7.11 -48.81
CA ILE N 123 -37.08 -6.82 -47.43
C ILE N 123 -35.67 -7.28 -47.06
N LYS N 124 -34.95 -6.51 -46.25
CA LYS N 124 -33.67 -6.97 -45.73
C LYS N 124 -33.91 -7.85 -44.50
N VAL N 125 -34.51 -9.00 -44.75
CA VAL N 125 -34.85 -9.99 -43.73
C VAL N 125 -35.64 -9.37 -42.58
N GLY N 126 -34.96 -8.90 -41.55
CA GLY N 126 -35.63 -8.55 -40.31
C GLY N 126 -36.39 -7.24 -40.32
N GLU N 127 -36.08 -6.38 -41.28
CA GLU N 127 -36.69 -5.05 -41.31
C GLU N 127 -38.18 -5.14 -41.62
N THR N 128 -38.98 -4.30 -40.99
CA THR N 128 -40.39 -4.22 -41.33
C THR N 128 -40.53 -3.60 -42.72
N THR N 129 -41.45 -4.14 -43.50
CA THR N 129 -41.76 -3.57 -44.80
C THR N 129 -42.44 -2.22 -44.61
N PRO N 130 -42.24 -1.29 -45.55
CA PRO N 130 -42.98 -0.02 -45.53
C PRO N 130 -44.47 -0.30 -45.58
N ASP N 131 -44.80 -1.41 -46.22
CA ASP N 131 -46.17 -1.88 -46.39
C ASP N 131 -46.80 -2.22 -45.03
N LYS N 132 -45.97 -2.35 -44.00
CA LYS N 132 -46.43 -2.61 -42.63
C LYS N 132 -47.17 -3.91 -42.52
N LEU N 133 -46.68 -4.94 -43.21
CA LEU N 133 -47.33 -6.22 -43.22
C LEU N 133 -46.35 -7.35 -42.94
N PHE N 134 -45.47 -7.59 -43.91
CA PHE N 134 -44.45 -8.62 -43.76
C PHE N 134 -43.39 -8.21 -42.76
N THR N 135 -42.96 -9.16 -41.93
CA THR N 135 -41.82 -8.97 -41.04
C THR N 135 -41.03 -10.27 -40.99
N LEU N 136 -40.24 -10.50 -42.03
CA LEU N 136 -39.43 -11.71 -42.14
C LEU N 136 -38.38 -11.78 -41.03
N ILE N 137 -38.10 -12.99 -40.55
CA ILE N 137 -37.00 -13.18 -39.62
C ILE N 137 -36.56 -14.64 -39.58
N GLU N 138 -35.25 -14.86 -39.48
CA GLU N 138 -34.71 -16.18 -39.23
C GLU N 138 -34.99 -16.58 -37.79
N VAL N 139 -35.23 -17.88 -37.56
CA VAL N 139 -35.51 -18.37 -36.22
C VAL N 139 -34.90 -19.77 -36.03
N GLU N 140 -34.52 -20.07 -34.80
CA GLU N 140 -33.97 -21.38 -34.44
C GLU N 140 -35.03 -22.47 -34.49
N CYS N 141 -34.57 -23.71 -34.66
CA CYS N 141 -35.38 -24.92 -34.70
C CYS N 141 -36.73 -24.86 -34.00
N LEU N 142 -37.79 -24.97 -34.78
CA LEU N 142 -39.15 -24.98 -34.25
C LEU N 142 -39.57 -26.39 -33.86
N GLY N 143 -38.70 -27.36 -34.09
CA GLY N 143 -38.99 -28.73 -33.68
C GLY N 143 -39.82 -29.55 -34.64
N ALA N 144 -39.92 -29.11 -35.88
CA ALA N 144 -40.54 -29.94 -36.93
C ALA N 144 -39.45 -30.45 -37.85
N CYS N 145 -38.36 -30.92 -37.24
CA CYS N 145 -37.13 -31.25 -37.96
C CYS N 145 -37.28 -32.38 -38.97
N VAL N 146 -38.18 -33.31 -38.68
CA VAL N 146 -38.32 -34.53 -39.46
C VAL N 146 -38.68 -34.25 -40.91
N ASN N 147 -39.42 -33.17 -41.13
CA ASN N 147 -39.91 -32.88 -42.46
C ASN N 147 -38.90 -32.11 -43.32
N ALA N 148 -38.98 -30.79 -43.23
CA ALA N 148 -38.41 -29.93 -44.26
C ALA N 148 -38.32 -28.49 -43.74
N PRO N 149 -37.86 -27.54 -44.59
CA PRO N 149 -37.97 -26.17 -44.09
C PRO N 149 -39.41 -25.77 -43.84
N MET N 150 -39.64 -24.99 -42.79
CA MET N 150 -40.98 -24.60 -42.43
C MET N 150 -41.06 -23.10 -42.23
N VAL N 151 -42.24 -22.55 -42.52
CA VAL N 151 -42.44 -21.12 -42.40
C VAL N 151 -43.68 -20.89 -41.55
N GLN N 152 -43.49 -20.81 -40.23
CA GLN N 152 -44.62 -20.68 -39.32
C GLN N 152 -45.10 -19.23 -39.26
N ILE N 153 -46.04 -18.89 -40.15
CA ILE N 153 -46.58 -17.55 -40.21
C ILE N 153 -47.73 -17.40 -39.23
N ASN N 154 -47.46 -16.73 -38.11
CA ASN N 154 -48.47 -16.49 -37.09
C ASN N 154 -49.12 -17.78 -36.63
N ASP N 155 -48.27 -18.75 -36.28
CA ASP N 155 -48.69 -20.10 -35.87
C ASP N 155 -49.46 -20.83 -36.97
N ASN N 156 -49.15 -20.51 -38.23
CA ASN N 156 -49.64 -21.29 -39.34
C ASN N 156 -48.52 -22.14 -39.92
N TYR N 157 -48.38 -23.35 -39.40
CA TYR N 157 -47.30 -24.25 -39.80
C TYR N 157 -47.40 -24.57 -41.29
N TYR N 158 -46.26 -24.48 -41.98
CA TYR N 158 -46.17 -24.74 -43.41
C TYR N 158 -44.89 -25.50 -43.65
N GLU N 159 -44.88 -26.45 -44.58
CA GLU N 159 -43.68 -27.25 -44.82
C GLU N 159 -43.55 -27.68 -46.28
N ASP N 160 -42.38 -28.19 -46.65
CA ASP N 160 -42.06 -28.60 -48.02
C ASP N 160 -42.21 -27.48 -49.05
N LEU N 161 -42.13 -26.24 -48.62
CA LEU N 161 -42.32 -25.15 -49.56
C LEU N 161 -41.19 -25.11 -50.58
N THR N 162 -41.56 -24.93 -51.85
CA THR N 162 -40.60 -24.58 -52.88
C THR N 162 -40.64 -23.07 -53.01
N ALA N 163 -39.66 -22.50 -53.70
CA ALA N 163 -39.64 -21.06 -53.88
C ALA N 163 -40.88 -20.61 -54.64
N LYS N 164 -41.34 -21.43 -55.57
CA LYS N 164 -42.61 -21.18 -56.23
C LYS N 164 -43.77 -21.36 -55.26
N ASP N 165 -43.64 -22.33 -54.37
CA ASP N 165 -44.66 -22.54 -53.35
C ASP N 165 -44.65 -21.33 -52.42
N ILE N 166 -43.49 -20.74 -52.22
CA ILE N 166 -43.39 -19.50 -51.46
C ILE N 166 -44.05 -18.36 -52.22
N GLU N 167 -43.98 -18.42 -53.55
CA GLU N 167 -44.67 -17.44 -54.37
C GLU N 167 -46.16 -17.56 -54.10
N GLU N 168 -46.59 -18.82 -53.96
CA GLU N 168 -47.98 -19.10 -53.67
C GLU N 168 -48.39 -18.62 -52.29
N ILE N 169 -47.49 -18.76 -51.33
CA ILE N 169 -47.80 -18.36 -49.97
C ILE N 169 -47.90 -16.86 -49.87
N ILE N 170 -46.91 -16.15 -50.40
CA ILE N 170 -46.88 -14.70 -50.31
C ILE N 170 -48.03 -14.08 -51.10
N ASP N 171 -48.27 -14.59 -52.30
CA ASP N 171 -49.36 -14.06 -53.10
C ASP N 171 -50.71 -14.37 -52.44
N GLU N 172 -50.81 -15.52 -51.79
CA GLU N 172 -52.04 -15.88 -51.10
C GLU N 172 -52.23 -15.02 -49.86
N LEU N 173 -51.14 -14.53 -49.29
CA LEU N 173 -51.21 -13.68 -48.10
C LEU N 173 -51.95 -12.40 -48.40
N LYS N 174 -51.85 -11.95 -49.64
CA LYS N 174 -52.61 -10.80 -50.10
C LYS N 174 -53.97 -11.22 -50.66
N ALA N 175 -54.16 -12.52 -50.85
CA ALA N 175 -55.35 -13.04 -51.51
C ALA N 175 -56.43 -13.56 -50.55
N GLY N 176 -56.02 -14.02 -49.37
CA GLY N 176 -56.98 -14.57 -48.42
C GLY N 176 -56.35 -15.53 -47.42
N LYS N 177 -57.18 -16.16 -46.60
CA LYS N 177 -56.68 -17.10 -45.60
C LYS N 177 -56.06 -18.32 -46.27
N ILE N 178 -55.04 -18.86 -45.63
CA ILE N 178 -54.23 -19.93 -46.21
C ILE N 178 -54.51 -21.25 -45.49
N PRO N 179 -54.57 -22.36 -46.24
CA PRO N 179 -54.65 -23.66 -45.57
C PRO N 179 -53.38 -23.89 -44.75
N LYS N 180 -53.51 -24.57 -43.62
CA LYS N 180 -52.41 -24.62 -42.65
C LYS N 180 -52.05 -26.06 -42.24
N PRO N 181 -51.43 -26.79 -43.17
CA PRO N 181 -51.18 -28.22 -43.00
C PRO N 181 -49.80 -28.55 -42.45
N GLY N 182 -49.33 -29.72 -42.86
CA GLY N 182 -47.95 -30.12 -42.65
C GLY N 182 -47.23 -29.87 -43.95
N PRO N 183 -46.67 -30.94 -44.54
CA PRO N 183 -45.99 -30.82 -45.83
C PRO N 183 -46.92 -30.34 -46.94
N ARG N 184 -46.41 -29.49 -47.84
CA ARG N 184 -47.24 -28.91 -48.88
C ARG N 184 -46.98 -29.60 -50.22
N SER N 185 -45.98 -30.47 -50.27
CA SER N 185 -45.64 -31.16 -51.51
C SER N 185 -46.78 -32.06 -51.98
N GLY N 186 -47.57 -32.56 -51.02
CA GLY N 186 -48.67 -33.47 -51.34
C GLY N 186 -48.90 -34.42 -50.19
N ARG N 187 -47.84 -34.67 -49.42
CA ARG N 187 -47.93 -35.49 -48.22
C ARG N 187 -48.68 -34.73 -47.13
N PHE N 188 -49.28 -35.45 -46.19
CA PHE N 188 -49.97 -34.83 -45.08
C PHE N 188 -49.90 -35.70 -43.84
N SER N 189 -50.05 -35.07 -42.68
CA SER N 189 -49.86 -35.73 -41.40
C SER N 189 -48.50 -36.42 -41.30
N CYS N 190 -47.47 -35.74 -41.80
CA CYS N 190 -46.07 -36.17 -41.66
C CYS N 190 -45.77 -37.48 -42.40
N GLU N 191 -46.81 -38.10 -42.97
CA GLU N 191 -46.67 -39.41 -43.58
C GLU N 191 -45.86 -39.33 -44.87
N PRO N 192 -44.77 -40.10 -44.96
CA PRO N 192 -44.03 -40.22 -46.22
C PRO N 192 -44.88 -40.83 -47.33
N ALA N 193 -44.71 -40.36 -48.55
CA ALA N 193 -45.43 -40.91 -49.69
C ALA N 193 -44.71 -42.10 -50.29
N GLY N 194 -43.49 -42.35 -49.84
CA GLY N 194 -42.63 -43.33 -50.46
C GLY N 194 -42.83 -44.78 -50.05
N GLY N 195 -43.60 -45.01 -49.00
CA GLY N 195 -43.78 -46.36 -48.50
C GLY N 195 -44.85 -46.49 -47.42
N LEU N 196 -44.90 -45.50 -46.53
CA LEU N 196 -45.86 -45.48 -45.42
C LEU N 196 -45.80 -46.81 -44.68
N THR N 197 -44.59 -47.20 -44.31
CA THR N 197 -44.37 -48.42 -43.55
C THR N 197 -44.86 -48.28 -42.11
N SER N 198 -44.02 -48.61 -41.13
CA SER N 198 -44.35 -48.44 -39.73
C SER N 198 -45.60 -49.21 -39.35
N LEU N 199 -46.57 -48.51 -38.79
CA LEU N 199 -47.87 -49.11 -38.51
C LEU N 199 -48.55 -49.49 -39.82
N THR N 200 -49.17 -50.67 -39.84
CA THR N 200 -49.77 -51.20 -41.07
C THR N 200 -51.17 -51.73 -40.82
N GLU N 201 -51.41 -52.20 -39.60
CA GLU N 201 -52.71 -52.76 -39.25
C GLU N 201 -53.61 -51.69 -38.62
N PRO N 202 -54.76 -51.43 -39.26
CA PRO N 202 -55.82 -50.51 -38.80
C PRO N 202 -56.49 -50.76 -37.43
N PRO N 203 -56.66 -52.02 -36.97
CA PRO N 203 -57.60 -52.17 -35.84
C PRO N 203 -57.21 -51.48 -34.53
N LYS N 204 -56.22 -52.02 -33.84
CA LYS N 204 -55.94 -51.66 -32.45
C LYS N 204 -57.21 -51.79 -31.63
N GLY N 205 -57.66 -53.02 -31.45
CA GLY N 205 -58.81 -53.28 -30.61
C GLY N 205 -58.40 -53.16 -29.16
N PRO N 206 -59.37 -52.95 -28.27
CA PRO N 206 -59.08 -52.94 -26.84
C PRO N 206 -58.84 -54.37 -26.34
N GLY N 207 -57.76 -54.99 -26.82
CA GLY N 207 -57.45 -56.34 -26.44
C GLY N 207 -56.07 -56.46 -25.85
N PHE N 208 -55.70 -57.69 -25.51
CA PHE N 208 -54.35 -58.04 -25.06
C PHE N 208 -54.03 -57.45 -23.68
N GLY N 209 -54.91 -56.59 -23.18
CA GLY N 209 -54.63 -55.80 -22.01
C GLY N 209 -55.05 -56.46 -20.71
N VAL N 210 -55.42 -57.73 -20.80
CA VAL N 210 -55.97 -58.45 -19.66
C VAL N 210 -55.01 -58.59 -18.47
N GLN N 211 -53.72 -58.59 -18.75
CA GLN N 211 -52.64 -58.86 -17.78
C GLN N 211 -52.92 -60.02 -16.81
N ALA N 212 -54.00 -59.92 -16.04
CA ALA N 212 -54.34 -60.96 -15.08
C ALA N 212 -54.97 -62.16 -15.76
N THR O 1 7.03 -28.10 -14.52
CA THR O 1 7.60 -28.54 -13.26
C THR O 1 9.13 -28.49 -13.28
N ARG O 2 9.68 -27.88 -14.32
CA ARG O 2 11.14 -27.83 -14.47
C ARG O 2 11.68 -26.53 -15.06
N PRO O 3 11.14 -26.05 -16.21
CA PRO O 3 11.77 -24.88 -16.84
C PRO O 3 11.84 -23.68 -15.93
N THR O 4 10.83 -23.53 -15.09
CA THR O 4 10.81 -22.45 -14.11
C THR O 4 11.24 -22.97 -12.75
N VAL O 5 10.83 -24.20 -12.43
CA VAL O 5 11.09 -24.78 -11.12
C VAL O 5 12.57 -25.09 -10.92
N ARG O 6 13.07 -24.83 -9.73
CA ARG O 6 14.43 -25.22 -9.36
C ARG O 6 14.44 -26.64 -8.83
N PRO O 7 15.28 -27.52 -9.40
CA PRO O 7 15.28 -28.94 -9.04
C PRO O 7 15.62 -29.19 -7.58
N ARG O 8 14.98 -30.18 -6.98
CA ARG O 8 15.19 -30.50 -5.57
C ARG O 8 16.35 -31.49 -5.39
N ASN O 9 17.40 -31.05 -4.69
CA ASN O 9 18.57 -31.90 -4.43
C ASN O 9 18.40 -32.79 -3.21
N ASP O 10 17.85 -33.97 -3.43
CA ASP O 10 17.57 -34.89 -2.36
C ASP O 10 18.84 -35.43 -1.69
N VAL O 11 19.90 -35.61 -2.47
CA VAL O 11 21.12 -36.27 -1.97
C VAL O 11 21.74 -35.55 -0.79
N ALA O 12 22.00 -34.26 -0.98
CA ALA O 12 22.63 -33.45 0.06
C ALA O 12 21.71 -33.34 1.26
N HIS O 13 20.40 -33.36 0.99
CA HIS O 13 19.42 -33.32 2.07
C HIS O 13 19.52 -34.59 2.91
N LYS O 14 19.83 -35.69 2.25
CA LYS O 14 19.97 -36.97 2.94
C LYS O 14 21.19 -36.96 3.82
N GLN O 15 22.30 -36.52 3.22
CA GLN O 15 23.55 -36.51 3.96
C GLN O 15 23.51 -35.53 5.13
N LEU O 16 23.01 -34.33 4.87
CA LEU O 16 22.89 -33.34 5.94
C LEU O 16 21.94 -33.83 7.01
N SER O 17 20.91 -34.55 6.61
CA SER O 17 19.97 -35.05 7.59
C SER O 17 20.69 -36.02 8.51
N ALA O 18 21.35 -37.01 7.91
CA ALA O 18 21.97 -38.07 8.69
C ALA O 18 23.02 -37.52 9.64
N PHE O 19 23.78 -36.55 9.14
CA PHE O 19 24.71 -35.85 9.99
C PHE O 19 23.97 -35.08 11.07
N GLY O 20 22.74 -34.69 10.77
CA GLY O 20 21.96 -33.91 11.71
C GLY O 20 21.54 -34.74 12.90
N GLU O 21 21.11 -35.97 12.65
CA GLU O 21 20.85 -36.88 13.76
C GLU O 21 22.15 -37.19 14.48
N TYR O 22 23.24 -37.19 13.72
CA TYR O 22 24.54 -37.49 14.29
C TYR O 22 24.87 -36.46 15.38
N VAL O 23 24.73 -35.20 15.02
CA VAL O 23 24.94 -34.11 15.97
C VAL O 23 23.89 -34.14 17.08
N ALA O 24 22.69 -34.60 16.73
CA ALA O 24 21.60 -34.69 17.69
C ALA O 24 22.00 -35.64 18.80
N GLU O 25 22.75 -36.66 18.41
CA GLU O 25 23.33 -37.59 19.35
C GLU O 25 24.33 -36.86 20.20
N ILE O 26 25.24 -36.19 19.52
CA ILE O 26 26.46 -35.71 20.17
C ILE O 26 26.25 -34.68 21.29
N LEU O 27 25.30 -33.77 21.13
CA LEU O 27 25.06 -32.77 22.16
C LEU O 27 23.59 -32.68 22.50
N PRO O 28 23.07 -33.72 23.17
CA PRO O 28 21.66 -33.74 23.54
C PRO O 28 21.28 -32.57 24.43
N LYS O 29 22.25 -32.09 25.21
CA LYS O 29 22.00 -31.10 26.26
C LYS O 29 21.52 -29.73 25.77
N TYR O 30 21.87 -29.34 24.53
CA TYR O 30 21.50 -28.03 24.01
C TYR O 30 20.82 -28.12 22.66
N VAL O 31 21.30 -29.02 21.81
CA VAL O 31 20.73 -29.24 20.49
C VAL O 31 19.27 -29.63 20.61
N GLN O 32 18.41 -29.03 19.78
CA GLN O 32 17.01 -29.42 19.75
C GLN O 32 16.59 -29.80 18.34
N GLN O 33 15.93 -28.88 17.64
CA GLN O 33 15.41 -29.21 16.32
C GLN O 33 16.54 -29.49 15.35
N VAL O 34 16.27 -30.37 14.39
CA VAL O 34 17.23 -30.64 13.33
C VAL O 34 16.52 -30.39 12.00
N GLN O 35 16.25 -29.11 11.72
CA GLN O 35 15.51 -28.70 10.53
C GLN O 35 16.31 -28.97 9.26
N VAL O 36 15.68 -29.49 8.21
CA VAL O 36 16.41 -29.79 6.99
C VAL O 36 15.55 -29.56 5.75
N SER O 37 15.57 -28.35 5.21
CA SER O 37 14.74 -28.01 4.05
C SER O 37 15.33 -28.48 2.72
N CYS O 38 14.55 -28.33 1.67
CA CYS O 38 14.92 -28.80 0.34
C CYS O 38 15.88 -27.84 -0.34
N PHE O 39 16.20 -26.75 0.36
CA PHE O 39 17.23 -25.81 -0.08
C PHE O 39 18.60 -26.36 0.23
N ASN O 40 18.62 -27.54 0.84
CA ASN O 40 19.82 -28.17 1.33
C ASN O 40 20.38 -27.36 2.49
N GLU O 41 19.48 -26.79 3.29
CA GLU O 41 19.88 -25.89 4.36
C GLU O 41 19.48 -26.39 5.74
N LEU O 42 20.45 -26.96 6.47
CA LEU O 42 20.23 -27.47 7.82
C LEU O 42 20.20 -26.40 8.90
N GLU O 43 19.41 -26.64 9.96
CA GLU O 43 19.34 -25.71 11.08
C GLU O 43 19.17 -26.42 12.43
N VAL O 44 19.65 -25.78 13.49
CA VAL O 44 19.69 -26.36 14.84
C VAL O 44 19.50 -25.31 15.95
N CYS O 45 18.79 -25.70 17.01
CA CYS O 45 18.60 -24.87 18.19
C CYS O 45 19.83 -24.85 19.09
N ILE O 46 19.96 -23.81 19.92
CA ILE O 46 20.79 -23.87 21.13
C ILE O 46 20.13 -23.04 22.24
N HIS O 47 20.17 -23.55 23.47
CA HIS O 47 19.79 -22.73 24.60
C HIS O 47 20.88 -21.69 24.85
N PRO O 48 20.50 -20.45 25.15
CA PRO O 48 21.50 -19.38 25.33
C PRO O 48 22.54 -19.65 26.42
N ASP O 49 22.13 -20.32 27.49
CA ASP O 49 23.09 -20.70 28.53
C ASP O 49 24.08 -21.68 27.95
N GLY O 50 23.72 -22.29 26.82
CA GLY O 50 24.60 -23.18 26.09
C GLY O 50 25.31 -22.59 24.89
N VAL O 51 25.41 -21.26 24.79
CA VAL O 51 26.08 -20.65 23.64
C VAL O 51 27.53 -21.12 23.47
N ILE O 52 28.43 -20.77 24.38
CA ILE O 52 29.85 -21.08 24.23
C ILE O 52 30.19 -22.58 24.09
N PRO O 53 29.73 -23.42 25.04
CA PRO O 53 30.19 -24.81 24.99
C PRO O 53 29.85 -25.53 23.68
N VAL O 54 28.74 -25.18 23.08
CA VAL O 54 28.40 -25.76 21.80
C VAL O 54 29.34 -25.25 20.73
N LEU O 55 29.46 -23.93 20.66
CA LEU O 55 30.17 -23.29 19.57
C LEU O 55 31.62 -23.69 19.50
N THR O 56 32.25 -23.83 20.65
CA THR O 56 33.64 -24.24 20.68
C THR O 56 33.75 -25.61 20.05
N PHE O 57 32.81 -26.47 20.43
CA PHE O 57 32.82 -27.83 19.92
C PHE O 57 32.72 -27.80 18.42
N LEU O 58 31.99 -26.82 17.93
CA LEU O 58 31.73 -26.75 16.51
C LEU O 58 33.02 -26.51 15.76
N ARG O 59 33.90 -25.69 16.33
CA ARG O 59 35.12 -25.34 15.62
C ARG O 59 36.01 -26.56 15.47
N ASP O 60 35.84 -27.50 16.38
CA ASP O 60 36.71 -28.67 16.45
C ASP O 60 36.13 -29.87 15.74
N HIS O 61 36.99 -30.62 15.06
CA HIS O 61 36.54 -31.67 14.15
C HIS O 61 35.82 -32.81 14.83
N THR O 62 34.75 -33.25 14.18
CA THR O 62 34.04 -34.47 14.51
C THR O 62 33.83 -35.18 13.19
N ASN O 63 33.08 -34.51 12.32
CA ASN O 63 33.10 -34.76 10.89
C ASN O 63 32.79 -33.45 10.18
N ALA O 64 32.90 -32.37 10.94
CA ALA O 64 32.65 -31.04 10.43
C ALA O 64 33.35 -30.00 11.29
N GLN O 65 34.35 -29.39 10.69
CA GLN O 65 35.16 -28.37 11.32
C GLN O 65 34.46 -27.04 11.08
N PHE O 66 33.62 -26.61 12.01
CA PHE O 66 32.81 -25.42 11.75
C PHE O 66 33.65 -24.17 11.90
N LYS O 67 34.63 -24.06 11.01
CA LYS O 67 35.57 -22.96 10.98
C LYS O 67 34.88 -21.70 10.48
N SER O 68 35.37 -20.55 10.92
CA SER O 68 34.90 -19.26 10.42
C SER O 68 33.44 -18.96 10.71
N LEU O 69 33.21 -18.21 11.78
CA LEU O 69 31.90 -17.64 12.05
C LEU O 69 31.63 -16.65 10.93
N VAL O 70 31.00 -17.09 9.86
CA VAL O 70 30.68 -16.17 8.79
C VAL O 70 29.69 -15.11 9.27
N ASP O 71 28.71 -15.49 10.10
CA ASP O 71 27.74 -14.52 10.61
C ASP O 71 27.02 -14.85 11.90
N LEU O 72 26.74 -13.78 12.63
CA LEU O 72 25.91 -13.78 13.83
C LEU O 72 24.68 -12.97 13.48
N THR O 73 23.90 -13.46 12.50
CA THR O 73 22.74 -12.71 12.02
C THR O 73 21.65 -12.62 13.08
N ALA O 74 21.02 -11.46 13.23
CA ALA O 74 20.14 -11.21 14.35
C ALA O 74 18.76 -10.72 13.94
N VAL O 75 17.73 -11.21 14.65
CA VAL O 75 16.33 -10.90 14.35
C VAL O 75 15.56 -10.62 15.65
N ASP O 76 14.67 -9.63 15.62
CA ASP O 76 13.88 -9.29 16.79
C ASP O 76 12.39 -9.46 16.52
N VAL O 77 11.74 -10.36 17.26
CA VAL O 77 10.30 -10.53 17.17
C VAL O 77 9.63 -10.21 18.50
N PRO O 78 8.96 -9.06 18.58
CA PRO O 78 8.37 -8.47 19.80
C PRO O 78 7.33 -9.37 20.48
N THR O 79 6.65 -10.19 19.70
CA THR O 79 5.61 -11.07 20.21
C THR O 79 6.14 -12.01 21.28
N ARG O 80 7.16 -12.79 20.90
CA ARG O 80 7.74 -13.76 21.81
C ARG O 80 8.42 -13.01 22.95
N GLN O 81 8.33 -13.51 24.17
CA GLN O 81 9.06 -12.88 25.28
C GLN O 81 10.55 -13.00 25.06
N ASN O 82 10.96 -14.11 24.45
CA ASN O 82 12.32 -14.31 24.02
C ASN O 82 12.47 -13.67 22.65
N ARG O 83 12.28 -12.35 22.62
CA ARG O 83 12.07 -11.62 21.39
C ARG O 83 13.25 -11.74 20.43
N PHE O 84 14.44 -11.82 20.99
CA PHE O 84 15.67 -11.90 20.21
C PHE O 84 15.90 -13.30 19.66
N GLU O 85 16.53 -13.38 18.50
CA GLU O 85 16.72 -14.64 17.83
C GLU O 85 18.08 -14.66 17.17
N ILE O 86 19.12 -14.61 17.99
CA ILE O 86 20.50 -14.62 17.49
C ILE O 86 20.82 -15.91 16.77
N VAL O 87 21.43 -15.77 15.60
CA VAL O 87 21.64 -16.89 14.69
C VAL O 87 23.09 -17.01 14.34
N TYR O 88 23.63 -18.22 14.42
CA TYR O 88 24.99 -18.47 14.02
C TYR O 88 25.03 -19.22 12.69
N ASN O 89 25.21 -18.47 11.62
CA ASN O 89 25.49 -19.08 10.32
C ASN O 89 26.85 -19.69 10.40
N LEU O 90 27.05 -20.84 9.80
CA LEU O 90 28.36 -21.48 9.84
C LEU O 90 28.65 -22.31 8.61
N LEU O 91 29.93 -22.62 8.43
CA LEU O 91 30.46 -23.21 7.22
C LEU O 91 31.66 -24.08 7.53
N SER O 92 31.50 -25.40 7.48
CA SER O 92 32.65 -26.26 7.67
C SER O 92 33.35 -26.40 6.34
N LEU O 93 34.50 -25.73 6.26
CA LEU O 93 35.23 -25.60 5.02
C LEU O 93 35.72 -26.92 4.47
N ARG O 94 36.14 -27.82 5.37
CA ARG O 94 36.72 -29.09 4.95
C ARG O 94 35.64 -29.91 4.28
N PHE O 95 34.42 -29.73 4.75
CA PHE O 95 33.32 -30.53 4.29
C PHE O 95 32.38 -29.70 3.44
N ASN O 96 32.77 -28.44 3.21
CA ASN O 96 32.03 -27.55 2.33
C ASN O 96 30.58 -27.44 2.76
N SER O 97 30.34 -27.67 4.04
CA SER O 97 28.97 -27.72 4.54
C SER O 97 28.53 -26.39 5.09
N ARG O 98 27.23 -26.18 5.16
CA ARG O 98 26.69 -24.97 5.73
C ARG O 98 25.53 -25.27 6.65
N ILE O 99 25.41 -24.47 7.71
CA ILE O 99 24.48 -24.78 8.79
C ILE O 99 24.00 -23.50 9.44
N ARG O 100 22.80 -23.51 10.01
CA ARG O 100 22.33 -22.34 10.73
C ARG O 100 21.83 -22.68 12.12
N VAL O 101 22.54 -22.17 13.11
CA VAL O 101 22.33 -22.62 14.48
C VAL O 101 21.95 -21.45 15.38
N LYS O 102 20.67 -21.33 15.73
CA LYS O 102 20.26 -20.10 16.41
C LYS O 102 19.78 -20.28 17.84
N THR O 103 19.42 -19.17 18.47
CA THR O 103 19.04 -19.14 19.89
C THR O 103 17.93 -18.16 20.16
N TYR O 104 17.87 -17.68 21.41
CA TYR O 104 16.92 -16.66 21.83
C TYR O 104 17.40 -16.01 23.12
N THR O 105 17.02 -14.75 23.34
CA THR O 105 17.32 -14.05 24.60
C THR O 105 16.33 -12.96 24.97
N ASP O 106 16.24 -12.68 26.27
CA ASP O 106 15.47 -11.56 26.80
C ASP O 106 16.34 -10.33 26.92
N GLU O 107 15.72 -9.22 27.26
CA GLU O 107 16.40 -7.92 27.30
C GLU O 107 17.52 -7.82 28.33
N LEU O 108 17.42 -8.57 29.43
CA LEU O 108 18.45 -8.51 30.46
C LEU O 108 19.21 -9.83 30.63
N THR O 109 19.14 -10.71 29.65
CA THR O 109 19.91 -11.94 29.72
C THR O 109 21.28 -11.73 29.10
N PRO O 110 22.34 -11.87 29.91
CA PRO O 110 23.71 -11.73 29.39
C PRO O 110 24.14 -12.95 28.57
N ILE O 111 23.71 -13.01 27.32
CA ILE O 111 24.04 -14.13 26.46
C ILE O 111 25.56 -14.22 26.28
N GLU O 112 26.05 -15.44 26.19
CA GLU O 112 27.48 -15.70 26.12
C GLU O 112 28.13 -15.11 24.87
N SER O 113 29.32 -14.54 25.06
CA SER O 113 30.07 -13.94 23.97
C SER O 113 31.12 -14.90 23.42
N ALA O 114 31.06 -15.15 22.11
CA ALA O 114 31.96 -16.07 21.46
C ALA O 114 33.24 -15.34 21.06
N VAL O 115 33.46 -14.19 21.69
CA VAL O 115 34.61 -13.36 21.39
C VAL O 115 35.90 -14.10 21.64
N SER O 116 35.93 -14.88 22.71
CA SER O 116 37.10 -15.71 23.01
C SER O 116 37.24 -16.81 21.99
N VAL O 117 36.12 -17.24 21.43
CA VAL O 117 36.07 -18.43 20.62
C VAL O 117 36.28 -18.14 19.15
N PHE O 118 35.77 -16.99 18.71
CA PHE O 118 35.86 -16.60 17.31
C PHE O 118 36.52 -15.25 17.07
N LYS O 119 36.34 -14.32 18.00
CA LYS O 119 36.93 -12.98 17.90
C LYS O 119 36.38 -12.18 16.72
N ALA O 120 35.79 -12.89 15.75
CA ALA O 120 35.12 -12.25 14.63
C ALA O 120 33.95 -11.45 15.17
N ALA O 121 33.46 -11.88 16.33
CA ALA O 121 32.35 -11.22 16.99
C ALA O 121 32.85 -10.17 17.97
N ASN O 122 33.85 -9.40 17.57
CA ASN O 122 34.17 -8.18 18.31
C ASN O 122 33.26 -7.05 17.88
N TRP O 123 32.57 -7.23 16.76
CA TRP O 123 31.74 -6.19 16.20
C TRP O 123 30.31 -6.67 15.99
N TYR O 124 30.15 -7.93 15.63
CA TYR O 124 28.84 -8.56 15.59
C TYR O 124 28.29 -8.33 16.97
N GLU O 125 29.22 -8.41 17.91
CA GLU O 125 29.09 -7.87 19.24
C GLU O 125 28.39 -6.52 19.23
N ARG O 126 29.20 -5.48 19.05
CA ARG O 126 28.82 -4.12 19.34
C ARG O 126 27.71 -3.57 18.46
N GLU O 127 27.56 -4.11 17.25
CA GLU O 127 26.39 -3.78 16.45
C GLU O 127 25.13 -4.29 17.11
N ILE O 128 25.16 -5.58 17.41
CA ILE O 128 23.99 -6.26 17.93
C ILE O 128 23.81 -5.94 19.39
N TRP O 129 24.84 -5.39 20.02
CA TRP O 129 24.63 -4.65 21.25
C TRP O 129 23.87 -3.37 21.00
N ASP O 130 24.39 -2.57 20.08
CA ASP O 130 23.95 -1.19 19.95
C ASP O 130 22.58 -1.09 19.33
N MET O 131 22.38 -1.82 18.24
CA MET O 131 21.11 -1.75 17.51
C MET O 131 20.02 -2.25 18.41
N PHE O 132 20.38 -3.13 19.31
CA PHE O 132 19.42 -3.80 20.16
C PHE O 132 19.69 -3.39 21.59
N GLY O 133 20.35 -4.27 22.30
CA GLY O 133 20.61 -4.08 23.71
C GLY O 133 20.92 -5.45 24.24
N VAL O 134 21.27 -6.34 23.32
CA VAL O 134 21.58 -7.71 23.66
C VAL O 134 22.91 -7.70 24.40
N PHE O 135 22.83 -7.58 25.73
CA PHE O 135 24.03 -7.53 26.55
C PHE O 135 24.82 -8.82 26.39
N PHE O 136 26.14 -8.70 26.45
CA PHE O 136 27.02 -9.82 26.12
C PHE O 136 27.94 -10.18 27.27
N ALA O 137 28.37 -11.43 27.27
CA ALA O 137 29.05 -12.04 28.42
C ALA O 137 30.21 -11.20 28.92
N ASN O 138 31.33 -11.26 28.22
CA ASN O 138 32.51 -10.50 28.61
C ASN O 138 33.31 -10.05 27.40
N HIS O 139 33.18 -8.78 27.06
CA HIS O 139 33.83 -8.25 25.86
C HIS O 139 34.76 -7.11 26.25
N PRO O 140 35.87 -6.95 25.51
CA PRO O 140 36.83 -5.91 25.89
C PRO O 140 36.23 -4.50 25.93
N ASP O 141 35.28 -4.22 25.04
CA ASP O 141 34.58 -2.94 25.07
C ASP O 141 33.21 -3.01 24.41
N LEU O 142 32.22 -2.45 25.08
CA LEU O 142 30.85 -2.46 24.57
C LEU O 142 30.49 -1.11 23.97
N ARG O 143 31.50 -0.33 23.61
CA ARG O 143 31.26 0.94 22.97
C ARG O 143 30.55 0.70 21.64
N ARG O 144 29.63 1.60 21.33
CA ARG O 144 28.75 1.51 20.18
C ARG O 144 29.46 1.55 18.83
N ILE O 145 29.02 0.73 17.90
CA ILE O 145 29.42 0.88 16.51
C ILE O 145 28.34 1.71 15.84
N LEU O 146 28.65 2.30 14.69
CA LEU O 146 27.64 2.89 13.81
C LEU O 146 26.94 4.13 14.37
N THR O 147 26.21 3.99 15.47
CA THR O 147 25.33 5.07 15.87
C THR O 147 25.97 6.18 16.71
N ASP O 148 26.64 7.11 16.04
CA ASP O 148 26.86 8.44 16.61
C ASP O 148 27.56 8.39 17.98
N TYR O 149 27.33 9.40 18.80
CA TYR O 149 28.00 9.56 20.10
C TYR O 149 27.02 9.61 21.27
N GLY O 150 26.24 10.69 21.34
CA GLY O 150 25.29 10.88 22.41
C GLY O 150 24.00 10.15 22.14
N PHE O 151 23.94 9.48 20.99
CA PHE O 151 22.73 8.84 20.50
C PHE O 151 22.22 7.81 21.49
N GLU O 152 20.91 7.85 21.77
CA GLU O 152 20.33 7.04 22.83
C GLU O 152 19.58 5.81 22.31
N GLY O 153 19.19 5.86 21.06
CA GLY O 153 18.24 4.89 20.54
C GLY O 153 18.82 3.52 20.26
N HIS O 154 17.92 2.58 19.99
CA HIS O 154 18.33 1.25 19.57
C HIS O 154 17.53 0.81 18.34
N PRO O 155 17.82 1.41 17.18
CA PRO O 155 17.12 1.03 15.96
C PRO O 155 17.41 -0.42 15.60
N PHE O 156 16.43 -1.09 15.02
CA PHE O 156 16.45 -2.53 14.69
C PHE O 156 15.89 -3.28 15.88
N ARG O 157 15.25 -2.53 16.77
CA ARG O 157 14.49 -3.12 17.85
C ARG O 157 13.09 -3.43 17.30
N LYS O 158 12.88 -3.06 16.04
CA LYS O 158 11.55 -3.05 15.42
C LYS O 158 10.63 -2.30 16.33
N ASP O 159 11.11 -1.16 16.79
CA ASP O 159 10.41 -0.31 17.72
C ASP O 159 10.90 1.11 17.49
N PHE O 160 10.02 2.07 17.76
CA PHE O 160 10.17 3.51 17.50
C PHE O 160 10.60 3.84 16.05
N PRO O 161 10.21 5.03 15.56
CA PRO O 161 10.05 5.25 14.13
C PRO O 161 11.31 5.11 13.29
N LEU O 162 11.14 4.71 12.04
CA LEU O 162 12.25 4.57 11.12
C LEU O 162 13.02 5.86 10.97
N SER O 163 12.35 7.00 11.07
CA SER O 163 13.10 8.24 11.10
C SER O 163 13.84 8.37 12.42
N GLY O 164 13.33 7.73 13.45
CA GLY O 164 13.86 7.90 14.79
C GLY O 164 13.29 9.17 15.37
N TYR O 165 13.64 9.48 16.62
CA TYR O 165 13.19 10.72 17.25
C TYR O 165 14.15 11.86 16.97
N VAL O 166 15.30 11.52 16.41
CA VAL O 166 16.40 12.46 16.35
C VAL O 166 16.66 12.94 14.94
N GLU O 167 16.83 14.25 14.79
CA GLU O 167 17.17 14.83 13.50
C GLU O 167 17.97 16.11 13.73
N LEU O 168 19.28 15.96 13.62
CA LEU O 168 20.27 17.00 13.85
C LEU O 168 20.43 17.99 12.70
N ARG O 169 20.81 19.23 13.01
CA ARG O 169 21.08 20.25 12.02
C ARG O 169 22.00 21.30 12.61
N TYR O 170 22.84 21.92 11.79
CA TYR O 170 23.68 22.99 12.28
C TYR O 170 22.84 24.16 12.74
N ASP O 171 23.22 24.81 13.83
CA ASP O 171 22.47 25.99 14.24
C ASP O 171 23.38 27.19 14.47
N ASP O 172 22.79 28.36 14.21
CA ASP O 172 23.50 29.63 14.10
C ASP O 172 24.21 30.05 15.37
N GLU O 173 23.46 30.70 16.26
CA GLU O 173 24.06 31.43 17.38
C GLU O 173 24.78 30.51 18.35
N VAL O 174 24.44 29.23 18.32
CA VAL O 174 25.17 28.24 19.10
C VAL O 174 26.43 27.83 18.34
N LYS O 175 26.51 28.27 17.09
CA LYS O 175 27.65 27.97 16.20
C LYS O 175 27.93 26.49 16.05
N ARG O 176 26.89 25.67 16.10
CA ARG O 176 27.17 24.25 16.13
C ARG O 176 26.02 23.32 15.78
N VAL O 177 26.36 22.14 15.31
CA VAL O 177 25.35 21.13 15.00
C VAL O 177 24.63 20.70 16.26
N VAL O 178 23.30 20.61 16.17
CA VAL O 178 22.47 20.27 17.32
C VAL O 178 21.36 19.32 16.92
N ALA O 179 21.11 18.29 17.73
CA ALA O 179 20.01 17.38 17.49
C ALA O 179 18.67 18.06 17.76
N GLU O 180 17.68 17.76 16.92
CA GLU O 180 16.36 18.38 17.04
C GLU O 180 15.22 17.39 16.79
N PRO O 181 14.01 17.71 17.29
CA PRO O 181 12.82 16.89 17.04
C PRO O 181 12.49 16.80 15.56
N VAL O 182 11.98 15.64 15.13
CA VAL O 182 12.03 15.23 13.74
C VAL O 182 11.38 16.20 12.73
N GLU O 183 10.06 16.36 12.78
CA GLU O 183 9.35 17.20 11.81
C GLU O 183 9.57 16.81 10.35
N LEU O 184 9.42 15.53 10.02
CA LEU O 184 9.52 15.12 8.63
C LEU O 184 8.52 15.85 7.76
N ALA O 185 8.96 16.32 6.60
CA ALA O 185 8.03 16.77 5.58
C ALA O 185 7.49 15.56 4.85
N GLN O 186 6.28 15.67 4.32
CA GLN O 186 5.66 14.66 3.48
C GLN O 186 5.44 13.29 4.15
N GLU O 187 6.29 12.91 5.09
CA GLU O 187 6.11 11.66 5.86
C GLU O 187 6.18 10.40 5.00
N PHE O 188 6.75 9.35 5.57
CA PHE O 188 6.83 8.08 4.88
C PHE O 188 5.42 7.54 4.68
N ARG O 189 4.91 7.71 3.47
CA ARG O 189 3.52 7.41 3.18
C ARG O 189 3.34 5.92 3.02
N LYS O 190 3.29 5.21 4.14
CA LYS O 190 3.38 3.76 4.11
C LYS O 190 2.17 3.11 3.44
N PHE O 191 2.44 2.12 2.59
CA PHE O 191 1.37 1.41 1.91
C PHE O 191 1.17 0.06 2.58
N ASP O 192 -0.07 -0.22 2.96
CA ASP O 192 -0.40 -1.55 3.47
C ASP O 192 -0.78 -2.44 2.30
N LEU O 193 0.20 -3.21 1.83
CA LEU O 193 0.02 -4.01 0.63
C LEU O 193 -0.31 -5.45 0.98
N ASN O 194 -0.65 -5.66 2.25
CA ASN O 194 -1.01 -6.99 2.74
C ASN O 194 -2.22 -7.53 2.01
N SER O 195 -2.19 -8.82 1.67
CA SER O 195 -3.27 -9.40 0.88
C SER O 195 -4.12 -10.36 1.70
N PRO O 196 -5.38 -9.98 1.94
CA PRO O 196 -6.39 -10.95 2.37
C PRO O 196 -6.62 -11.99 1.28
N TRP O 197 -6.92 -13.21 1.68
CA TRP O 197 -6.96 -14.42 0.83
C TRP O 197 -5.59 -15.06 0.70
N GLU O 198 -5.36 -16.11 1.49
CA GLU O 198 -4.09 -16.81 1.51
C GLU O 198 -3.79 -17.49 0.19
N ALA O 199 -2.55 -17.34 -0.28
CA ALA O 199 -2.12 -17.97 -1.53
C ALA O 199 -1.46 -19.32 -1.29
N PHE O 200 -1.20 -19.62 -0.03
CA PHE O 200 -0.44 -20.83 0.32
C PHE O 200 -1.12 -21.63 1.41
N PRO O 201 -2.12 -22.42 1.01
CA PRO O 201 -2.86 -23.30 1.93
C PRO O 201 -1.92 -24.29 2.61
N VAL O 202 -0.84 -24.67 1.92
CA VAL O 202 0.08 -25.69 2.42
C VAL O 202 0.70 -25.26 3.73
N TYR O 203 0.89 -23.95 3.88
CA TYR O 203 1.40 -23.38 5.11
C TYR O 203 0.26 -23.18 6.08
N ARG O 204 -0.10 -21.92 6.33
CA ARG O 204 -1.33 -21.59 7.06
C ARG O 204 -1.36 -22.12 8.49
N GLN O 205 -1.10 -21.25 9.45
CA GLN O 205 -1.24 -21.62 10.86
C GLN O 205 -2.71 -21.83 11.21
N PRO O 206 -3.02 -22.97 11.83
CA PRO O 206 -4.41 -23.31 12.16
C PRO O 206 -5.05 -22.32 13.14
N PRO O 207 -6.34 -22.03 12.95
CA PRO O 207 -7.09 -21.13 13.84
C PRO O 207 -7.10 -21.63 15.28
N GLU O 208 -7.13 -22.95 15.43
CA GLU O 208 -7.09 -23.61 16.74
C GLU O 208 -8.08 -23.01 17.73
N ASN P 1 52.85 9.11 23.99
CA ASN P 1 52.41 8.96 22.61
C ASN P 1 51.46 10.09 22.19
N ILE P 2 51.19 10.16 20.89
CA ILE P 2 50.42 11.24 20.31
C ILE P 2 49.14 10.71 19.68
N THR P 3 48.01 11.03 20.30
CA THR P 3 46.71 10.64 19.77
C THR P 3 46.38 11.40 18.49
N LEU P 4 45.85 10.69 17.49
CA LEU P 4 45.57 11.27 16.18
C LEU P 4 44.43 10.62 15.40
N ASN P 5 43.38 11.39 15.20
CA ASN P 5 42.35 11.05 14.21
C ASN P 5 42.87 11.18 12.80
N PHE P 6 42.51 10.25 11.93
CA PHE P 6 42.93 10.36 10.54
C PHE P 6 41.86 10.91 9.66
N GLY P 7 41.28 10.06 8.82
CA GLY P 7 40.31 10.54 7.86
C GLY P 7 39.05 11.05 8.53
N PRO P 8 37.94 11.14 7.78
CA PRO P 8 37.65 10.83 6.38
C PRO P 8 38.49 11.58 5.36
N GLN P 9 38.92 12.78 5.73
CA GLN P 9 39.35 13.79 4.78
C GLN P 9 40.53 13.37 3.89
N HIS P 10 41.38 12.47 4.37
CA HIS P 10 42.50 12.02 3.57
C HIS P 10 41.98 11.32 2.31
N PRO P 11 42.63 11.58 1.17
CA PRO P 11 42.36 10.78 -0.03
C PRO P 11 42.63 9.31 0.24
N ALA P 12 43.61 9.05 1.09
CA ALA P 12 43.93 7.69 1.52
C ALA P 12 42.82 7.09 2.37
N ALA P 13 42.08 7.96 3.06
CA ALA P 13 41.02 7.51 3.95
C ALA P 13 39.75 7.15 3.19
N HIS P 14 39.73 7.49 1.90
CA HIS P 14 38.59 7.24 1.03
C HIS P 14 37.30 7.84 1.56
N GLY P 15 37.42 8.90 2.35
CA GLY P 15 36.27 9.66 2.77
C GLY P 15 35.41 8.91 3.77
N VAL P 16 35.94 7.83 4.30
CA VAL P 16 35.13 7.01 5.20
C VAL P 16 35.82 6.71 6.53
N LEU P 17 36.99 6.09 6.50
CA LEU P 17 37.62 5.69 7.76
C LEU P 17 37.98 6.84 8.67
N ARG P 18 37.81 6.59 9.96
CA ARG P 18 38.48 7.39 10.96
C ARG P 18 39.17 6.40 11.88
N LEU P 19 40.32 5.92 11.43
CA LEU P 19 41.09 5.01 12.26
C LEU P 19 42.11 5.82 13.04
N VAL P 20 41.75 6.16 14.27
CA VAL P 20 42.63 6.94 15.14
C VAL P 20 43.83 6.09 15.54
N MET P 21 45.01 6.71 15.56
CA MET P 21 46.20 6.04 16.07
C MET P 21 46.83 6.82 17.21
N GLU P 22 47.27 6.13 18.24
CA GLU P 22 48.08 6.77 19.26
C GLU P 22 49.54 6.57 18.95
N LEU P 23 50.03 7.29 17.95
CA LEU P 23 51.36 7.05 17.39
C LEU P 23 52.48 7.28 18.38
N SER P 24 53.58 6.55 18.24
CA SER P 24 54.80 6.90 18.97
C SER P 24 55.56 7.93 18.15
N GLY P 25 56.78 7.59 17.75
CA GLY P 25 57.54 8.49 16.89
C GLY P 25 56.92 8.54 15.53
N GLU P 26 56.46 7.39 15.07
CA GLU P 26 55.83 7.23 13.78
C GLU P 26 55.40 5.78 13.66
N MET P 27 56.04 4.93 14.47
CA MET P 27 55.54 3.58 14.67
C MET P 27 54.25 3.63 15.46
N VAL P 28 53.29 2.81 15.04
CA VAL P 28 51.97 2.80 15.63
C VAL P 28 51.95 2.01 16.93
N ARG P 29 51.04 2.39 17.83
CA ARG P 29 50.71 1.54 18.96
C ARG P 29 49.23 1.23 18.87
N LYS P 30 48.39 2.10 19.43
CA LYS P 30 46.96 1.99 19.27
C LYS P 30 46.58 2.44 17.85
N CYS P 31 45.55 1.83 17.30
CA CYS P 31 45.20 2.05 15.90
C CYS P 31 43.78 1.61 15.61
N ASP P 32 42.81 2.18 16.31
CA ASP P 32 41.43 1.71 16.18
C ASP P 32 40.73 2.27 14.95
N PRO P 33 40.13 1.39 14.13
CA PRO P 33 39.35 1.77 12.95
C PRO P 33 37.89 2.09 13.26
N HIS P 34 37.56 3.34 13.60
CA HIS P 34 36.15 3.67 13.78
C HIS P 34 35.41 3.61 12.47
N ILE P 35 34.11 3.34 12.55
CA ILE P 35 33.27 3.22 11.37
C ILE P 35 31.86 3.67 11.77
N GLY P 36 30.95 3.74 10.81
CA GLY P 36 29.64 4.32 11.05
C GLY P 36 29.58 5.74 10.57
N LEU P 37 30.59 6.12 9.81
CA LEU P 37 30.60 7.41 9.11
C LEU P 37 29.84 7.31 7.80
N LEU P 38 29.50 6.08 7.39
CA LEU P 38 28.75 5.87 6.16
C LEU P 38 27.47 5.08 6.40
N HIS P 39 27.43 4.33 7.49
CA HIS P 39 26.25 3.56 7.92
C HIS P 39 24.91 4.12 7.48
N ARG P 40 24.40 3.64 6.35
CA ARG P 40 23.14 4.12 5.82
C ARG P 40 21.94 3.39 6.40
N GLY P 41 22.20 2.36 7.20
CA GLY P 41 21.14 1.73 7.97
C GLY P 41 20.07 1.09 7.10
N THR P 42 20.48 0.54 5.97
CA THR P 42 19.53 0.10 4.97
C THR P 42 18.74 -1.10 5.45
N GLU P 43 19.15 -1.73 6.56
CA GLU P 43 18.46 -2.93 7.03
C GLU P 43 17.00 -2.71 7.41
N LYS P 44 16.65 -1.51 7.89
CA LYS P 44 15.26 -1.25 8.21
C LYS P 44 14.57 -0.73 6.96
N LEU P 45 15.32 -0.05 6.11
CA LEU P 45 14.82 0.49 4.86
C LEU P 45 14.48 -0.58 3.85
N ILE P 46 15.06 -1.75 4.03
CA ILE P 46 14.73 -2.87 3.18
C ILE P 46 13.40 -3.43 3.66
N GLU P 47 13.21 -3.41 4.98
CA GLU P 47 12.04 -4.04 5.59
C GLU P 47 10.70 -3.47 5.14
N TYR P 48 10.64 -2.18 4.86
CA TYR P 48 9.36 -1.60 4.49
C TYR P 48 9.20 -1.44 3.00
N LYS P 49 9.70 -2.39 2.23
CA LYS P 49 9.63 -2.23 0.78
C LYS P 49 9.38 -3.55 0.08
N THR P 50 8.63 -3.48 -1.02
CA THR P 50 8.33 -4.68 -1.78
C THR P 50 9.61 -5.21 -2.36
N TYR P 51 9.68 -6.52 -2.56
CA TYR P 51 10.93 -7.14 -2.93
C TYR P 51 11.48 -6.63 -4.25
N LEU P 52 10.63 -6.16 -5.15
CA LEU P 52 11.18 -5.52 -6.34
C LEU P 52 11.84 -4.19 -5.99
N GLN P 53 11.33 -3.51 -4.96
CA GLN P 53 11.90 -2.25 -4.51
C GLN P 53 13.26 -2.36 -3.83
N ALA P 54 13.56 -3.53 -3.29
CA ALA P 54 14.81 -3.73 -2.59
C ALA P 54 15.97 -3.68 -3.55
N LEU P 55 15.70 -3.97 -4.81
CA LEU P 55 16.74 -4.19 -5.81
C LEU P 55 17.77 -3.06 -5.95
N PRO P 56 17.34 -1.78 -5.99
CA PRO P 56 18.36 -0.73 -6.07
C PRO P 56 19.38 -0.76 -4.96
N TYR P 57 18.99 -1.17 -3.75
CA TYR P 57 19.87 -1.09 -2.61
C TYR P 57 21.24 -1.71 -2.82
N PHE P 58 21.32 -2.70 -3.69
CA PHE P 58 22.56 -3.42 -3.82
C PHE P 58 23.52 -2.77 -4.81
N ASP P 59 22.99 -1.96 -5.72
CA ASP P 59 23.86 -1.12 -6.50
C ASP P 59 24.45 -0.07 -5.58
N ARG P 60 23.73 0.17 -4.49
CA ARG P 60 24.08 1.24 -3.59
C ARG P 60 25.13 0.84 -2.55
N LEU P 61 25.51 -0.43 -2.52
CA LEU P 61 26.51 -0.88 -1.54
C LEU P 61 27.88 -1.12 -2.17
N ASP P 62 27.93 -1.96 -3.20
CA ASP P 62 29.13 -2.08 -4.01
C ASP P 62 29.07 -1.05 -5.11
N TYR P 63 29.77 0.05 -4.90
CA TYR P 63 29.70 1.16 -5.82
C TYR P 63 30.18 0.77 -7.19
N VAL P 64 31.14 -0.13 -7.24
CA VAL P 64 31.85 -0.38 -8.48
C VAL P 64 31.22 -1.50 -9.27
N SER P 65 31.49 -2.74 -8.88
CA SER P 65 30.79 -3.86 -9.50
C SER P 65 29.35 -3.70 -9.07
N MET P 66 28.43 -3.99 -9.98
CA MET P 66 27.05 -3.70 -9.73
C MET P 66 26.14 -4.88 -10.04
N MET P 67 26.32 -5.46 -11.21
CA MET P 67 25.44 -6.50 -11.69
C MET P 67 25.54 -7.68 -10.72
N CYS P 68 26.73 -7.88 -10.16
CA CYS P 68 26.98 -8.99 -9.25
C CYS P 68 26.18 -8.89 -7.98
N ASN P 69 25.90 -7.67 -7.56
CA ASN P 69 25.12 -7.46 -6.35
C ASN P 69 23.67 -7.90 -6.56
N GLU P 70 23.14 -7.44 -7.67
CA GLU P 70 21.78 -7.76 -8.04
C GLU P 70 21.62 -9.24 -8.30
N GLN P 71 22.65 -9.86 -8.86
CA GLN P 71 22.63 -11.30 -9.07
C GLN P 71 22.65 -11.99 -7.72
N ALA P 72 23.32 -11.35 -6.78
CA ALA P 72 23.38 -11.84 -5.42
C ALA P 72 22.00 -11.77 -4.79
N TYR P 73 21.15 -10.91 -5.33
CA TYR P 73 19.78 -10.85 -4.82
C TYR P 73 18.83 -11.75 -5.58
N SER P 74 19.01 -11.87 -6.88
CA SER P 74 18.14 -12.70 -7.69
C SER P 74 18.29 -14.18 -7.34
N LEU P 75 19.51 -14.58 -6.98
CA LEU P 75 19.68 -15.96 -6.58
C LEU P 75 18.92 -16.22 -5.29
N ALA P 76 19.12 -15.33 -4.34
CA ALA P 76 18.53 -15.48 -3.01
C ALA P 76 17.02 -15.32 -2.99
N VAL P 77 16.47 -14.61 -3.96
CA VAL P 77 15.02 -14.52 -4.04
C VAL P 77 14.45 -15.70 -4.81
N GLU P 78 15.10 -16.08 -5.91
CA GLU P 78 14.62 -17.23 -6.65
C GLU P 78 14.70 -18.53 -5.88
N LYS P 79 15.57 -18.60 -4.88
CA LYS P 79 15.61 -19.80 -4.06
C LYS P 79 14.26 -19.99 -3.40
N LEU P 80 13.81 -18.97 -2.67
CA LEU P 80 12.56 -19.09 -1.94
C LEU P 80 11.35 -19.23 -2.87
N LEU P 81 11.45 -18.69 -4.08
CA LEU P 81 10.39 -18.87 -5.06
C LEU P 81 10.64 -20.10 -5.92
N ASN P 82 11.76 -20.77 -5.67
CA ASN P 82 12.11 -21.99 -6.40
C ASN P 82 12.13 -21.80 -7.90
N ILE P 83 12.42 -20.59 -8.35
CA ILE P 83 12.33 -20.31 -9.77
C ILE P 83 13.69 -20.42 -10.46
N ARG P 84 13.71 -21.15 -11.57
CA ARG P 84 14.92 -21.32 -12.37
C ARG P 84 14.80 -20.58 -13.69
N PRO P 85 15.67 -19.58 -13.90
CA PRO P 85 15.69 -18.65 -15.04
C PRO P 85 15.99 -19.31 -16.38
N PRO P 86 15.53 -18.67 -17.47
CA PRO P 86 15.99 -19.06 -18.80
C PRO P 86 17.48 -18.85 -18.92
N PRO P 87 18.16 -19.75 -19.65
CA PRO P 87 19.63 -19.81 -19.71
C PRO P 87 20.30 -18.52 -20.18
N ARG P 88 19.66 -17.82 -21.10
CA ARG P 88 20.25 -16.62 -21.68
C ARG P 88 20.49 -15.58 -20.62
N ALA P 89 19.58 -15.54 -19.66
CA ALA P 89 19.68 -14.60 -18.56
C ALA P 89 20.89 -14.88 -17.72
N GLN P 90 21.24 -16.15 -17.60
CA GLN P 90 22.37 -16.56 -16.78
C GLN P 90 23.67 -16.34 -17.52
N TRP P 91 23.66 -16.56 -18.83
CA TRP P 91 24.82 -16.21 -19.61
C TRP P 91 25.08 -14.71 -19.56
N ILE P 92 23.99 -13.94 -19.51
CA ILE P 92 24.13 -12.50 -19.35
C ILE P 92 24.66 -12.15 -17.98
N ARG P 93 24.10 -12.76 -16.94
CA ARG P 93 24.52 -12.44 -15.59
C ARG P 93 25.98 -12.76 -15.38
N VAL P 94 26.47 -13.80 -16.04
CA VAL P 94 27.89 -14.08 -15.99
C VAL P 94 28.66 -13.06 -16.80
N LEU P 95 28.11 -12.68 -17.95
CA LEU P 95 28.85 -11.78 -18.83
C LEU P 95 29.09 -10.43 -18.16
N PHE P 96 28.03 -9.83 -17.65
CA PHE P 96 28.16 -8.56 -16.95
C PHE P 96 28.59 -8.72 -15.51
N GLY P 97 28.54 -9.94 -14.99
CA GLY P 97 29.11 -10.16 -13.67
C GLY P 97 30.61 -10.04 -13.79
N GLU P 98 31.13 -10.57 -14.90
CA GLU P 98 32.54 -10.48 -15.17
C GLU P 98 32.98 -9.10 -15.64
N ILE P 99 32.18 -8.43 -16.45
CA ILE P 99 32.56 -7.07 -16.77
C ILE P 99 32.52 -6.20 -15.52
N THR P 100 31.57 -6.45 -14.63
CA THR P 100 31.63 -5.74 -13.35
C THR P 100 32.90 -6.09 -12.60
N ARG P 101 33.36 -7.32 -12.78
CA ARG P 101 34.58 -7.72 -12.09
C ARG P 101 35.78 -6.96 -12.68
N LEU P 102 35.77 -6.72 -13.99
CA LEU P 102 36.83 -5.92 -14.60
C LEU P 102 36.81 -4.50 -14.05
N LEU P 103 35.62 -3.93 -13.92
CA LEU P 103 35.55 -2.60 -13.36
C LEU P 103 36.05 -2.57 -11.94
N ASN P 104 35.71 -3.59 -11.16
CA ASN P 104 36.09 -3.57 -9.76
C ASN P 104 37.59 -3.73 -9.58
N HIS P 105 38.19 -4.64 -10.31
CA HIS P 105 39.63 -4.81 -10.16
C HIS P 105 40.42 -3.68 -10.78
N ILE P 106 39.94 -3.08 -11.87
CA ILE P 106 40.62 -1.90 -12.38
C ILE P 106 40.58 -0.80 -11.34
N MET P 107 39.44 -0.69 -10.66
CA MET P 107 39.31 0.28 -9.59
C MET P 107 40.37 0.04 -8.53
N ALA P 108 40.40 -1.17 -7.99
CA ALA P 108 41.29 -1.46 -6.86
C ALA P 108 42.75 -1.30 -7.24
N VAL P 109 43.10 -1.75 -8.44
CA VAL P 109 44.46 -1.63 -8.92
C VAL P 109 44.88 -0.19 -8.99
N THR P 110 44.17 0.60 -9.78
CA THR P 110 44.62 1.96 -10.02
C THR P 110 44.58 2.82 -8.76
N THR P 111 43.62 2.60 -7.88
CA THR P 111 43.61 3.38 -6.66
C THR P 111 44.74 2.99 -5.73
N HIS P 112 45.01 1.69 -5.65
CA HIS P 112 46.10 1.23 -4.82
C HIS P 112 47.39 1.82 -5.36
N ALA P 113 47.46 1.95 -6.68
CA ALA P 113 48.59 2.64 -7.28
C ALA P 113 48.62 4.10 -6.89
N LEU P 114 47.45 4.73 -6.75
CA LEU P 114 47.46 6.13 -6.37
C LEU P 114 47.98 6.34 -4.98
N ASP P 115 47.68 5.44 -4.06
CA ASP P 115 48.23 5.64 -2.72
C ASP P 115 49.73 5.41 -2.74
N LEU P 116 50.18 4.65 -3.73
CA LEU P 116 51.60 4.44 -3.91
C LEU P 116 52.15 5.54 -4.81
N GLY P 117 51.28 6.47 -5.21
CA GLY P 117 51.72 7.65 -5.94
C GLY P 117 52.00 7.44 -7.41
N ALA P 118 51.57 6.31 -7.95
CA ALA P 118 51.82 5.99 -9.34
C ALA P 118 51.11 6.89 -10.34
N MET P 119 50.01 7.51 -9.92
CA MET P 119 49.29 8.47 -10.77
C MET P 119 48.84 7.91 -12.12
N THR P 120 49.78 7.61 -12.99
CA THR P 120 49.46 7.33 -14.39
C THR P 120 48.48 6.21 -14.73
N PRO P 121 48.61 5.03 -14.11
CA PRO P 121 47.71 3.97 -14.59
C PRO P 121 46.27 4.39 -14.48
N PHE P 122 45.97 5.15 -13.44
CA PHE P 122 44.66 5.71 -13.23
C PHE P 122 44.12 6.27 -14.54
N PHE P 123 44.85 7.22 -15.09
CA PHE P 123 44.42 7.87 -16.30
C PHE P 123 44.58 6.98 -17.50
N TRP P 124 45.37 5.93 -17.38
CA TRP P 124 45.51 5.02 -18.49
C TRP P 124 44.36 4.05 -18.57
N LEU P 125 43.57 3.96 -17.51
CA LEU P 125 42.57 2.90 -17.46
C LEU P 125 41.16 3.39 -17.21
N PHE P 126 40.97 4.54 -16.58
CA PHE P 126 39.60 5.02 -16.54
C PHE P 126 39.15 5.38 -17.92
N GLU P 127 40.09 5.63 -18.81
CA GLU P 127 39.75 5.82 -20.20
C GLU P 127 39.01 4.58 -20.69
N GLU P 128 39.34 3.45 -20.08
CA GLU P 128 38.59 2.22 -20.31
C GLU P 128 37.30 2.09 -19.50
N ARG P 129 37.29 2.48 -18.23
CA ARG P 129 36.04 2.33 -17.50
C ARG P 129 34.95 3.23 -18.04
N GLU P 130 35.26 4.34 -18.70
CA GLU P 130 34.18 4.97 -19.45
C GLU P 130 33.75 4.11 -20.62
N LYS P 131 34.70 3.37 -21.19
CA LYS P 131 34.36 2.53 -22.32
C LYS P 131 33.37 1.45 -21.90
N MET P 132 33.44 1.04 -20.64
CA MET P 132 32.47 0.05 -20.15
C MET P 132 31.16 0.69 -19.67
N PHE P 133 31.26 1.87 -19.09
CA PHE P 133 30.03 2.55 -18.70
C PHE P 133 29.19 2.92 -19.90
N GLU P 134 29.84 3.07 -21.04
CA GLU P 134 29.08 3.24 -22.26
C GLU P 134 28.20 2.01 -22.50
N PHE P 135 28.68 0.85 -22.08
CA PHE P 135 27.92 -0.37 -22.27
C PHE P 135 26.80 -0.54 -21.27
N TYR P 136 27.07 -0.30 -19.99
CA TYR P 136 25.95 -0.44 -19.07
C TYR P 136 24.90 0.58 -19.41
N GLU P 137 25.34 1.71 -19.94
CA GLU P 137 24.38 2.67 -20.45
C GLU P 137 23.62 2.15 -21.67
N ARG P 138 24.29 1.39 -22.52
CA ARG P 138 23.61 0.84 -23.69
C ARG P 138 22.61 -0.24 -23.30
N VAL P 139 22.77 -0.85 -22.14
CA VAL P 139 21.81 -1.88 -21.74
C VAL P 139 20.87 -1.48 -20.60
N SER P 140 21.01 -0.28 -20.07
CA SER P 140 20.22 0.09 -18.90
C SER P 140 19.74 1.52 -18.90
N GLY P 141 20.42 2.36 -19.69
CA GLY P 141 20.09 3.76 -19.76
C GLY P 141 20.77 4.53 -18.66
N ALA P 142 21.51 3.82 -17.81
CA ALA P 142 22.28 4.45 -16.76
C ALA P 142 23.72 4.00 -16.83
N ARG P 143 24.64 4.94 -16.70
CA ARG P 143 26.06 4.65 -16.78
C ARG P 143 26.47 3.74 -15.67
N MET P 144 25.77 3.84 -14.55
CA MET P 144 26.11 3.06 -13.38
C MET P 144 24.83 2.91 -12.58
N HIS P 145 24.83 2.03 -11.60
CA HIS P 145 23.63 1.69 -10.85
C HIS P 145 22.54 1.18 -11.77
N ALA P 146 22.95 0.45 -12.79
CA ALA P 146 22.03 -0.22 -13.68
C ALA P 146 21.27 -1.28 -12.92
N ALA P 147 19.96 -1.38 -13.17
CA ALA P 147 19.11 -2.32 -12.46
C ALA P 147 18.82 -3.57 -13.30
N TYR P 148 19.67 -3.78 -14.30
CA TYR P 148 19.44 -4.72 -15.39
C TYR P 148 19.35 -6.17 -14.95
N ILE P 149 19.95 -6.51 -13.81
CA ILE P 149 19.75 -7.84 -13.24
C ILE P 149 18.67 -7.86 -12.17
N ARG P 150 17.72 -8.77 -12.33
CA ARG P 150 16.49 -8.78 -11.55
C ARG P 150 16.16 -10.17 -11.01
N PRO P 151 15.33 -10.25 -9.95
CA PRO P 151 14.96 -11.55 -9.38
C PRO P 151 14.32 -12.48 -10.40
N GLY P 152 13.56 -11.94 -11.35
CA GLY P 152 13.05 -12.77 -12.41
C GLY P 152 14.12 -13.03 -13.45
N GLY P 153 15.22 -12.30 -13.32
CA GLY P 153 16.28 -12.37 -14.29
C GLY P 153 16.73 -10.98 -14.71
N VAL P 154 16.12 -10.47 -15.78
CA VAL P 154 16.61 -9.28 -16.44
C VAL P 154 15.47 -8.40 -16.92
N HIS P 155 15.63 -7.09 -16.85
CA HIS P 155 14.63 -6.17 -17.37
C HIS P 155 14.35 -6.28 -18.85
N GLN P 156 15.37 -6.59 -19.64
CA GLN P 156 15.29 -6.29 -21.05
C GLN P 156 16.35 -7.00 -21.86
N ASP P 157 16.06 -7.24 -23.13
CA ASP P 157 16.97 -7.91 -24.04
C ASP P 157 18.10 -6.98 -24.49
N LEU P 158 19.23 -7.59 -24.84
CA LEU P 158 20.41 -6.86 -25.32
C LEU P 158 20.17 -6.26 -26.70
N PRO P 159 20.57 -5.00 -26.88
CA PRO P 159 20.52 -4.31 -28.16
C PRO P 159 21.42 -4.99 -29.16
N LEU P 160 21.07 -4.99 -30.44
CA LEU P 160 21.86 -5.73 -31.42
C LEU P 160 23.28 -5.23 -31.56
N GLY P 161 23.52 -3.97 -31.25
CA GLY P 161 24.80 -3.37 -31.55
C GLY P 161 25.99 -3.83 -30.73
N LEU P 162 25.73 -4.30 -29.51
CA LEU P 162 26.80 -4.60 -28.57
C LEU P 162 27.76 -5.66 -29.04
N MET P 163 27.20 -6.71 -29.63
CA MET P 163 27.87 -7.99 -29.72
C MET P 163 29.16 -7.88 -30.49
N ASP P 164 29.23 -6.85 -31.32
CA ASP P 164 30.42 -6.61 -32.11
C ASP P 164 31.39 -5.75 -31.32
N ASP P 165 30.94 -4.60 -30.87
CA ASP P 165 31.84 -3.63 -30.29
C ASP P 165 32.47 -4.15 -29.02
N ILE P 166 31.73 -4.95 -28.26
CA ILE P 166 32.30 -5.51 -27.06
C ILE P 166 33.48 -6.38 -27.41
N TYR P 167 33.35 -7.12 -28.51
CA TYR P 167 34.46 -7.92 -28.94
C TYR P 167 35.60 -7.00 -29.30
N GLN P 168 35.26 -5.91 -29.97
CA GLN P 168 36.25 -4.95 -30.39
C GLN P 168 36.90 -4.42 -29.14
N PHE P 169 36.07 -4.26 -28.11
CA PHE P 169 36.53 -3.69 -26.87
C PHE P 169 37.59 -4.53 -26.24
N SER P 170 37.48 -5.84 -26.41
CA SER P 170 38.42 -6.73 -25.75
C SER P 170 39.40 -7.25 -26.79
N LYS P 171 39.31 -6.69 -28.00
CA LYS P 171 40.27 -6.99 -29.04
C LYS P 171 41.66 -6.43 -28.73
N ASN P 172 41.70 -5.41 -27.89
CA ASN P 172 42.90 -4.62 -27.71
C ASN P 172 43.33 -4.54 -26.25
N PHE P 173 42.39 -4.87 -25.37
CA PHE P 173 42.56 -4.67 -23.94
C PHE P 173 43.75 -5.37 -23.32
N SER P 174 44.09 -6.53 -23.87
CA SER P 174 45.19 -7.31 -23.32
C SER P 174 46.46 -6.51 -23.40
N LEU P 175 46.58 -5.72 -24.46
CA LEU P 175 47.71 -4.83 -24.60
C LEU P 175 47.70 -3.77 -23.53
N ARG P 176 46.51 -3.30 -23.19
CA ARG P 176 46.43 -2.28 -22.19
C ARG P 176 46.88 -2.84 -20.87
N LEU P 177 46.63 -4.12 -20.62
CA LEU P 177 47.23 -4.70 -19.43
C LEU P 177 48.73 -4.93 -19.60
N ASP P 178 49.18 -5.07 -20.85
CA ASP P 178 50.61 -5.22 -21.09
C ASP P 178 51.33 -3.96 -20.66
N GLU P 179 50.68 -2.83 -20.86
CA GLU P 179 51.30 -1.57 -20.51
C GLU P 179 51.54 -1.50 -19.01
N LEU P 180 50.63 -2.06 -18.21
CA LEU P 180 50.91 -2.24 -16.80
C LEU P 180 51.97 -3.29 -16.54
N GLU P 181 52.04 -4.28 -17.41
CA GLU P 181 53.01 -5.35 -17.25
C GLU P 181 54.39 -4.74 -17.29
N GLU P 182 54.50 -3.65 -18.04
CA GLU P 182 55.76 -2.95 -18.15
C GLU P 182 55.96 -1.96 -17.02
N LEU P 183 54.99 -1.84 -16.12
CA LEU P 183 55.18 -1.03 -14.93
C LEU P 183 55.28 -1.86 -13.68
N LEU P 184 54.28 -1.71 -12.80
CA LEU P 184 54.42 -2.07 -11.40
C LEU P 184 54.80 -3.53 -11.24
N THR P 185 54.38 -4.34 -12.19
CA THR P 185 54.57 -5.78 -12.13
C THR P 185 56.05 -6.14 -12.06
N ASN P 186 56.84 -5.33 -12.76
CA ASN P 186 58.27 -5.55 -12.86
C ASN P 186 59.06 -4.52 -12.07
N ASN P 187 58.41 -3.39 -11.80
CA ASN P 187 59.08 -2.21 -11.27
C ASN P 187 59.65 -2.40 -9.88
N ARG P 188 60.80 -1.78 -9.65
CA ARG P 188 61.58 -1.97 -8.45
C ARG P 188 61.02 -1.33 -7.21
N ILE P 189 60.57 -0.09 -7.36
CA ILE P 189 60.07 0.67 -6.22
C ILE P 189 58.88 -0.05 -5.66
N TRP P 190 58.04 -0.52 -6.58
CA TRP P 190 56.78 -1.15 -6.19
C TRP P 190 56.95 -2.35 -5.30
N ARG P 191 57.93 -3.19 -5.60
CA ARG P 191 58.09 -4.37 -4.77
C ARG P 191 58.40 -3.95 -3.35
N ASN P 192 59.29 -3.00 -3.18
CA ASN P 192 59.67 -2.59 -1.83
C ASN P 192 58.51 -2.05 -1.01
N ARG P 193 57.65 -1.29 -1.65
CA ARG P 193 56.51 -0.73 -0.95
C ARG P 193 55.59 -1.82 -0.44
N THR P 194 55.38 -2.85 -1.24
CA THR P 194 54.46 -3.93 -0.90
C THR P 194 55.01 -5.30 -0.45
N ILE P 195 56.27 -5.60 -0.71
CA ILE P 195 56.78 -6.92 -0.34
C ILE P 195 56.83 -7.13 1.17
N ASP P 196 56.42 -8.32 1.60
CA ASP P 196 56.44 -8.70 3.01
C ASP P 196 55.71 -7.74 3.93
N ILE P 197 54.56 -7.25 3.50
CA ILE P 197 53.78 -6.33 4.30
C ILE P 197 52.38 -6.88 4.55
N GLY P 198 51.96 -6.85 5.80
CA GLY P 198 50.66 -7.36 6.18
C GLY P 198 50.48 -8.82 5.88
N VAL P 199 51.53 -9.61 6.06
CA VAL P 199 51.43 -11.04 5.82
C VAL P 199 50.46 -11.61 6.84
N VAL P 200 49.59 -12.51 6.41
CA VAL P 200 48.62 -13.11 7.31
C VAL P 200 48.65 -14.64 7.33
N THR P 201 48.78 -15.21 8.52
CA THR P 201 48.80 -16.66 8.66
C THR P 201 47.43 -17.21 8.31
N ALA P 202 47.41 -18.38 7.70
CA ALA P 202 46.18 -19.01 7.27
C ALA P 202 45.09 -19.12 8.35
N GLU P 203 45.45 -19.42 9.59
CA GLU P 203 44.46 -19.55 10.65
C GLU P 203 43.66 -18.29 11.02
N GLU P 204 44.33 -17.14 11.14
CA GLU P 204 43.64 -15.90 11.46
C GLU P 204 42.60 -15.62 10.39
N ALA P 205 42.94 -16.03 9.17
CA ALA P 205 42.04 -15.83 8.06
C ALA P 205 40.83 -16.72 8.20
N LEU P 206 41.07 -17.98 8.50
CA LEU P 206 39.98 -18.92 8.67
C LEU P 206 39.17 -18.60 9.91
N ASN P 207 39.76 -17.87 10.85
CA ASN P 207 39.03 -17.49 12.05
C ASN P 207 38.09 -16.34 11.76
N TYR P 208 38.62 -15.31 11.11
CA TYR P 208 37.87 -14.10 10.87
C TYR P 208 36.93 -14.29 9.70
N GLY P 209 37.08 -15.41 9.00
CA GLY P 209 36.26 -15.66 7.83
C GLY P 209 36.71 -14.93 6.59
N PHE P 210 38.01 -14.68 6.46
CA PHE P 210 38.52 -14.05 5.25
C PHE P 210 38.16 -14.93 4.08
N SER P 211 37.95 -14.29 2.93
CA SER P 211 37.50 -14.97 1.74
C SER P 211 38.01 -14.29 0.49
N GLY P 212 37.84 -14.95 -0.65
CA GLY P 212 38.27 -14.38 -1.91
C GLY P 212 39.78 -14.39 -2.03
N VAL P 213 40.32 -13.43 -2.80
CA VAL P 213 41.75 -13.35 -3.06
C VAL P 213 42.50 -13.12 -1.77
N MET P 214 41.84 -12.49 -0.80
CA MET P 214 42.43 -12.32 0.52
C MET P 214 42.78 -13.63 1.21
N LEU P 215 42.07 -14.71 0.88
CA LEU P 215 42.54 -16.04 1.24
C LEU P 215 43.57 -16.54 0.25
N ARG P 216 43.26 -16.36 -1.02
CA ARG P 216 44.07 -16.93 -2.09
C ARG P 216 45.48 -16.37 -2.13
N GLY P 217 45.67 -15.18 -1.56
CA GLY P 217 47.00 -14.62 -1.49
C GLY P 217 47.89 -15.29 -0.46
N SER P 218 47.31 -15.72 0.65
CA SER P 218 48.09 -16.30 1.73
C SER P 218 48.12 -17.82 1.63
N GLY P 219 47.57 -18.34 0.54
CA GLY P 219 47.67 -19.75 0.24
C GLY P 219 46.45 -20.61 0.52
N ILE P 220 45.52 -20.14 1.35
CA ILE P 220 44.28 -20.87 1.52
C ILE P 220 43.57 -20.87 0.16
N GLN P 221 43.06 -22.02 -0.26
CA GLN P 221 42.55 -22.14 -1.62
C GLN P 221 41.04 -22.06 -1.71
N TRP P 222 40.40 -21.66 -0.61
CA TRP P 222 38.94 -21.62 -0.56
C TRP P 222 38.36 -20.65 -1.59
N ASP P 223 37.30 -21.08 -2.27
CA ASP P 223 36.75 -20.33 -3.41
C ASP P 223 35.24 -20.53 -3.47
N LEU P 224 34.52 -19.56 -4.03
CA LEU P 224 33.08 -19.68 -4.14
C LEU P 224 32.58 -19.94 -5.55
N ARG P 225 33.49 -20.19 -6.49
CA ARG P 225 33.07 -20.58 -7.82
C ARG P 225 33.11 -22.08 -7.92
N LYS P 226 34.31 -22.61 -8.08
CA LYS P 226 34.48 -24.03 -8.36
C LYS P 226 33.94 -24.90 -7.26
N THR P 227 33.93 -24.41 -6.03
CA THR P 227 33.31 -25.17 -4.96
C THR P 227 31.79 -25.26 -5.14
N GLN P 228 31.17 -24.16 -5.54
CA GLN P 228 29.73 -24.11 -5.78
C GLN P 228 29.38 -23.39 -7.07
N PRO P 229 29.62 -24.01 -8.23
CA PRO P 229 29.34 -23.29 -9.47
C PRO P 229 27.87 -22.91 -9.59
N TYR P 230 27.44 -21.88 -8.86
CA TYR P 230 26.01 -21.60 -8.73
C TYR P 230 25.33 -21.23 -10.04
N ASP P 231 26.09 -20.76 -11.02
CA ASP P 231 25.51 -20.54 -12.33
C ASP P 231 26.24 -21.25 -13.43
N VAL P 232 26.54 -20.50 -14.48
CA VAL P 232 27.10 -21.05 -15.70
C VAL P 232 28.59 -21.29 -15.49
N TYR P 233 29.09 -20.95 -14.30
CA TYR P 233 30.51 -21.10 -13.98
C TYR P 233 30.92 -22.55 -14.17
N ASP P 234 29.96 -23.44 -13.95
CA ASP P 234 30.17 -24.86 -14.15
C ASP P 234 30.49 -25.20 -15.59
N GLN P 235 29.94 -24.43 -16.52
CA GLN P 235 30.19 -24.62 -17.93
C GLN P 235 31.42 -23.83 -18.39
N VAL P 236 31.66 -22.72 -17.72
CA VAL P 236 32.74 -21.80 -18.06
C VAL P 236 34.14 -22.35 -17.72
N GLU P 237 35.11 -22.10 -18.60
CA GLU P 237 36.51 -22.40 -18.27
C GLU P 237 37.26 -21.21 -17.72
N PHE P 238 37.97 -21.44 -16.63
CA PHE P 238 38.84 -20.45 -16.01
C PHE P 238 39.73 -21.12 -14.99
N ASP P 239 40.73 -20.41 -14.47
CA ASP P 239 41.59 -20.99 -13.44
C ASP P 239 42.00 -19.98 -12.38
N VAL P 240 42.01 -20.44 -11.13
CA VAL P 240 42.06 -19.57 -9.97
C VAL P 240 43.47 -19.28 -9.45
N PRO P 241 43.83 -18.00 -9.36
CA PRO P 241 45.10 -17.60 -8.72
C PRO P 241 45.17 -17.98 -7.25
N VAL P 242 46.36 -18.35 -6.79
CA VAL P 242 46.63 -18.51 -5.38
C VAL P 242 47.96 -17.85 -5.08
N GLY P 243 48.01 -17.09 -3.99
CA GLY P 243 49.24 -16.43 -3.60
C GLY P 243 50.16 -17.39 -2.89
N SER P 244 51.39 -16.94 -2.65
CA SER P 244 52.36 -17.74 -1.92
C SER P 244 52.69 -17.08 -0.59
N ARG P 245 53.41 -15.97 -0.65
CA ARG P 245 53.89 -15.31 0.55
C ARG P 245 52.79 -14.71 1.41
N GLY P 246 51.67 -14.34 0.80
CA GLY P 246 50.69 -13.52 1.49
C GLY P 246 51.09 -12.06 1.35
N ASP P 247 52.12 -11.83 0.54
CA ASP P 247 52.54 -10.49 0.18
C ASP P 247 51.41 -9.77 -0.53
N CYS P 248 51.34 -8.47 -0.35
CA CYS P 248 50.40 -7.70 -1.13
C CYS P 248 50.75 -7.85 -2.59
N TYR P 249 52.02 -8.11 -2.85
CA TYR P 249 52.49 -8.33 -4.20
C TYR P 249 51.78 -9.57 -4.75
N ASP P 250 51.57 -10.55 -3.88
CA ASP P 250 50.87 -11.76 -4.28
C ASP P 250 49.44 -11.45 -4.67
N ARG P 251 48.73 -10.77 -3.77
CA ARG P 251 47.32 -10.52 -3.96
C ARG P 251 47.15 -9.72 -5.24
N TYR P 252 48.11 -8.83 -5.47
CA TYR P 252 48.15 -8.02 -6.65
C TYR P 252 48.18 -8.89 -7.86
N LEU P 253 49.17 -9.77 -7.91
CA LEU P 253 49.35 -10.57 -9.09
C LEU P 253 48.15 -11.45 -9.30
N CYS P 254 47.50 -11.83 -8.21
CA CYS P 254 46.28 -12.60 -8.32
C CYS P 254 45.25 -11.77 -9.05
N ARG P 255 45.04 -10.53 -8.61
CA ARG P 255 43.97 -9.74 -9.21
C ARG P 255 44.25 -9.53 -10.67
N VAL P 256 45.52 -9.40 -11.01
CA VAL P 256 45.87 -9.25 -12.41
C VAL P 256 45.51 -10.54 -13.13
N GLU P 257 45.71 -11.67 -12.46
CA GLU P 257 45.37 -12.92 -13.08
C GLU P 257 43.87 -13.08 -13.27
N GLU P 258 43.07 -12.63 -12.30
CA GLU P 258 41.63 -12.72 -12.42
C GLU P 258 41.16 -11.85 -13.55
N MET P 259 41.87 -10.74 -13.75
CA MET P 259 41.50 -9.87 -14.86
C MET P 259 41.76 -10.62 -16.16
N ARG P 260 42.85 -11.39 -16.16
CA ARG P 260 43.12 -12.23 -17.31
C ARG P 260 42.05 -13.29 -17.45
N GLN P 261 41.49 -13.65 -16.32
CA GLN P 261 40.60 -14.80 -16.22
C GLN P 261 39.26 -14.42 -16.80
N SER P 262 38.83 -13.20 -16.52
CA SER P 262 37.66 -12.63 -17.14
C SER P 262 37.92 -12.39 -18.62
N LEU P 263 39.16 -12.11 -18.98
CA LEU P 263 39.50 -12.09 -20.39
C LEU P 263 39.28 -13.44 -21.03
N ARG P 264 39.42 -14.49 -20.22
CA ARG P 264 39.16 -15.84 -20.70
C ARG P 264 37.66 -16.14 -20.78
N ILE P 265 36.95 -15.84 -19.70
CA ILE P 265 35.54 -16.15 -19.56
C ILE P 265 34.67 -15.40 -20.56
N ILE P 266 34.82 -14.08 -20.57
CA ILE P 266 33.94 -13.23 -21.34
C ILE P 266 34.03 -13.61 -22.81
N ALA P 267 35.19 -14.12 -23.20
CA ALA P 267 35.33 -14.68 -24.53
C ALA P 267 34.29 -15.78 -24.73
N GLN P 268 34.25 -16.74 -23.81
CA GLN P 268 33.33 -17.86 -23.92
C GLN P 268 31.86 -17.47 -23.76
N CYS P 269 31.56 -16.51 -22.90
CA CYS P 269 30.18 -16.04 -22.76
C CYS P 269 29.72 -15.34 -24.02
N LEU P 270 30.65 -14.67 -24.70
CA LEU P 270 30.35 -14.15 -26.01
C LEU P 270 30.16 -15.31 -26.96
N ASN P 271 30.84 -16.41 -26.66
CA ASN P 271 30.80 -17.57 -27.53
C ASN P 271 29.55 -18.41 -27.38
N LYS P 272 28.76 -18.18 -26.32
CA LYS P 272 27.71 -19.11 -25.95
C LYS P 272 26.43 -18.51 -25.35
N MET P 273 25.76 -17.61 -26.05
CA MET P 273 24.43 -17.21 -25.58
C MET P 273 23.30 -17.73 -26.44
N PRO P 274 22.45 -18.59 -25.86
CA PRO P 274 21.22 -19.09 -26.45
C PRO P 274 20.22 -17.98 -26.70
N PRO P 275 19.45 -18.10 -27.80
CA PRO P 275 18.18 -17.39 -27.91
C PRO P 275 17.19 -17.90 -26.86
N GLY P 276 16.31 -17.03 -26.39
CA GLY P 276 15.26 -17.42 -25.46
C GLY P 276 14.80 -16.23 -24.68
N GLU P 277 13.76 -16.39 -23.86
CA GLU P 277 13.32 -15.32 -22.99
C GLU P 277 14.46 -15.02 -22.08
N ILE P 278 14.57 -13.76 -21.67
CA ILE P 278 15.57 -13.42 -20.66
C ILE P 278 14.79 -13.24 -19.36
N LYS P 279 13.54 -13.69 -19.39
CA LYS P 279 12.69 -13.63 -18.21
C LYS P 279 11.87 -14.89 -18.02
N VAL P 280 11.43 -15.09 -16.79
CA VAL P 280 10.60 -16.22 -16.42
C VAL P 280 9.24 -16.13 -17.12
N ASP P 281 8.68 -17.27 -17.49
CA ASP P 281 7.39 -17.31 -18.17
C ASP P 281 6.26 -16.73 -17.33
N ASP P 282 6.35 -16.92 -16.03
CA ASP P 282 5.25 -16.56 -15.14
C ASP P 282 4.99 -15.08 -15.14
N ALA P 283 3.73 -14.71 -15.24
CA ALA P 283 3.36 -13.31 -15.09
C ALA P 283 3.08 -13.02 -13.63
N LYS P 284 3.13 -14.04 -12.79
CA LYS P 284 2.93 -13.86 -11.36
C LYS P 284 4.25 -13.52 -10.67
N VAL P 285 5.32 -13.47 -11.46
CA VAL P 285 6.60 -12.97 -10.99
C VAL P 285 7.21 -12.02 -12.01
N SER P 286 7.24 -12.46 -13.27
CA SER P 286 7.84 -11.66 -14.33
C SER P 286 6.81 -10.97 -15.21
N PRO P 287 6.81 -9.63 -15.23
CA PRO P 287 5.85 -8.78 -15.95
C PRO P 287 5.87 -8.91 -17.48
N PRO P 288 4.67 -8.81 -18.10
CA PRO P 288 4.35 -8.91 -19.52
C PRO P 288 4.95 -7.82 -20.39
N LYS P 289 5.21 -8.12 -21.65
CA LYS P 289 5.63 -7.12 -22.61
C LYS P 289 4.55 -6.07 -22.76
N ARG P 290 4.96 -4.85 -23.08
CA ARG P 290 4.01 -3.76 -23.22
C ARG P 290 3.03 -4.08 -24.34
N ALA P 291 3.48 -4.84 -25.33
CA ALA P 291 2.62 -5.23 -26.44
C ALA P 291 1.49 -6.17 -26.03
N GLU P 292 1.75 -7.03 -25.04
CA GLU P 292 0.78 -8.03 -24.63
C GLU P 292 -0.13 -7.54 -23.51
N MET P 293 0.43 -6.72 -22.61
CA MET P 293 -0.33 -6.22 -21.48
C MET P 293 -1.44 -5.31 -21.97
N LYS P 294 -1.26 -4.71 -23.13
CA LYS P 294 -2.20 -3.73 -23.64
C LYS P 294 -3.29 -4.34 -24.51
N THR P 295 -3.37 -5.67 -24.53
CA THR P 295 -4.50 -6.36 -25.14
C THR P 295 -5.03 -7.47 -24.22
N SER P 296 -4.20 -8.46 -23.95
CA SER P 296 -4.61 -9.54 -23.06
C SER P 296 -4.89 -9.03 -21.66
N MET P 297 -5.96 -9.50 -21.05
CA MET P 297 -6.38 -8.97 -19.76
C MET P 297 -5.51 -9.43 -18.60
N GLU P 298 -5.27 -10.73 -18.51
CA GLU P 298 -4.58 -11.30 -17.36
C GLU P 298 -3.17 -10.77 -17.24
N SER P 299 -2.57 -10.50 -18.39
CA SER P 299 -1.24 -9.93 -18.42
C SER P 299 -1.27 -8.57 -17.76
N LEU P 300 -2.29 -7.77 -18.11
CA LEU P 300 -2.42 -6.45 -17.52
C LEU P 300 -2.77 -6.52 -16.04
N ILE P 301 -3.48 -7.58 -15.65
CA ILE P 301 -3.90 -7.72 -14.27
C ILE P 301 -2.70 -7.97 -13.39
N HIS P 302 -1.96 -9.01 -13.73
CA HIS P 302 -0.77 -9.35 -12.96
C HIS P 302 0.29 -8.27 -13.10
N HIS P 303 0.31 -7.61 -14.25
CA HIS P 303 1.14 -6.43 -14.43
C HIS P 303 0.79 -5.45 -13.34
N PHE P 304 -0.49 -5.19 -13.19
CA PHE P 304 -0.94 -4.23 -12.22
C PHE P 304 -0.57 -4.66 -10.83
N LYS P 305 -0.54 -5.97 -10.60
CA LYS P 305 -0.29 -6.45 -9.24
C LYS P 305 1.18 -6.45 -8.83
N LEU P 306 2.05 -6.91 -9.72
CA LEU P 306 3.47 -6.96 -9.40
C LEU P 306 4.01 -5.55 -9.23
N TYR P 307 3.43 -4.61 -9.95
CA TYR P 307 3.83 -3.22 -9.84
C TYR P 307 3.11 -2.52 -8.70
N THR P 308 2.26 -3.22 -7.97
CA THR P 308 1.59 -2.58 -6.83
C THR P 308 1.79 -3.29 -5.50
N GLU P 309 1.68 -4.61 -5.47
CA GLU P 309 2.00 -5.33 -4.24
C GLU P 309 3.03 -6.40 -4.49
N GLY P 310 3.14 -6.84 -5.74
CA GLY P 310 4.21 -7.72 -6.14
C GLY P 310 4.00 -9.18 -5.82
N TYR P 311 4.96 -10.00 -6.21
CA TYR P 311 4.97 -11.42 -5.93
C TYR P 311 5.07 -11.66 -4.44
N GLN P 312 4.56 -12.79 -3.98
CA GLN P 312 4.71 -13.14 -2.58
C GLN P 312 5.56 -14.37 -2.37
N VAL P 313 6.67 -14.17 -1.68
CA VAL P 313 7.56 -15.24 -1.31
C VAL P 313 6.85 -16.13 -0.29
N PRO P 314 6.98 -17.46 -0.42
CA PRO P 314 6.53 -18.26 0.72
C PRO P 314 7.37 -17.93 1.94
N PRO P 315 6.77 -17.94 3.13
CA PRO P 315 7.44 -17.47 4.35
C PRO P 315 8.69 -18.26 4.68
N GLY P 316 9.70 -17.57 5.19
CA GLY P 316 11.00 -18.16 5.47
C GLY P 316 12.10 -17.14 5.66
N ALA P 317 13.05 -17.46 6.53
CA ALA P 317 14.25 -16.65 6.73
C ALA P 317 15.46 -17.47 6.35
N THR P 318 16.32 -16.92 5.50
CA THR P 318 17.43 -17.70 4.95
C THR P 318 18.68 -16.85 4.78
N TYR P 319 19.77 -17.51 4.43
CA TYR P 319 21.06 -16.86 4.27
C TYR P 319 21.75 -17.39 3.02
N THR P 320 22.35 -16.52 2.23
CA THR P 320 23.15 -17.00 1.10
C THR P 320 24.43 -16.20 0.91
N ALA P 321 25.51 -16.95 0.76
CA ALA P 321 26.83 -16.43 0.43
C ALA P 321 26.94 -16.09 -1.04
N ILE P 322 27.79 -15.11 -1.37
CA ILE P 322 28.03 -14.76 -2.77
C ILE P 322 29.52 -14.61 -3.12
N GLU P 323 29.86 -15.05 -4.33
CA GLU P 323 31.22 -14.95 -4.86
C GLU P 323 31.47 -13.55 -5.37
N ALA P 324 31.50 -12.60 -4.46
CA ALA P 324 31.92 -11.25 -4.82
C ALA P 324 33.41 -11.32 -5.07
N PRO P 325 33.92 -10.49 -5.99
CA PRO P 325 35.36 -10.46 -6.19
C PRO P 325 36.08 -10.10 -4.90
N LYS P 326 35.41 -9.30 -4.08
CA LYS P 326 35.95 -8.90 -2.78
C LYS P 326 35.83 -9.98 -1.71
N GLY P 327 35.00 -11.00 -1.95
CA GLY P 327 34.87 -12.08 -1.00
C GLY P 327 33.47 -12.65 -0.89
N GLU P 328 33.19 -13.33 0.21
CA GLU P 328 31.85 -13.83 0.48
C GLU P 328 30.92 -12.66 0.72
N PHE P 329 29.73 -12.71 0.14
CA PHE P 329 28.78 -11.62 0.32
C PHE P 329 27.53 -12.10 1.02
N GLY P 330 26.99 -11.27 1.89
CA GLY P 330 25.91 -11.69 2.76
C GLY P 330 24.53 -11.34 2.27
N VAL P 331 23.70 -12.35 2.06
CA VAL P 331 22.29 -12.11 1.81
C VAL P 331 21.46 -12.82 2.90
N TYR P 332 21.23 -12.14 4.01
CA TYR P 332 20.43 -12.73 5.07
C TYR P 332 19.01 -12.19 5.06
N LEU P 333 18.16 -12.85 4.29
CA LEU P 333 16.71 -12.58 4.26
C LEU P 333 16.01 -13.05 5.51
N VAL P 334 14.98 -12.30 5.90
CA VAL P 334 13.97 -12.75 6.84
C VAL P 334 12.62 -12.31 6.33
N SER P 335 11.86 -13.27 5.80
CA SER P 335 10.63 -12.97 5.10
C SER P 335 9.43 -13.65 5.76
N ASP P 336 8.38 -12.90 6.05
CA ASP P 336 7.17 -13.48 6.63
C ASP P 336 6.29 -14.08 5.56
N GLY P 337 6.71 -13.91 4.32
CA GLY P 337 5.95 -14.37 3.18
C GLY P 337 5.25 -13.23 2.50
N SER P 338 5.10 -12.12 3.23
CA SER P 338 4.63 -10.89 2.64
C SER P 338 5.75 -10.32 1.80
N SER P 339 5.40 -9.53 0.78
CA SER P 339 6.40 -8.97 -0.13
C SER P 339 7.40 -8.11 0.61
N ARG P 340 6.97 -7.52 1.71
CA ARG P 340 7.89 -6.87 2.62
C ARG P 340 8.76 -7.90 3.33
N PRO P 341 10.08 -7.72 3.31
CA PRO P 341 10.94 -8.52 4.19
C PRO P 341 10.66 -8.21 5.65
N TYR P 342 10.82 -9.20 6.54
CA TYR P 342 10.71 -8.91 7.96
C TYR P 342 12.01 -8.31 8.47
N ARG P 343 13.12 -8.70 7.84
CA ARG P 343 14.45 -8.32 8.28
C ARG P 343 15.41 -8.66 7.14
N CYS P 344 16.58 -8.03 7.07
CA CYS P 344 17.53 -8.40 6.03
C CYS P 344 18.95 -7.92 6.31
N LYS P 345 19.74 -8.73 6.99
CA LYS P 345 21.14 -8.38 7.24
C LYS P 345 21.99 -8.65 6.00
N ILE P 346 23.04 -7.87 5.81
CA ILE P 346 23.88 -7.99 4.63
C ILE P 346 25.36 -8.00 5.03
N LYS P 347 25.95 -9.19 5.08
CA LYS P 347 27.37 -9.28 5.38
C LYS P 347 28.24 -8.84 4.23
N ALA P 348 28.98 -7.75 4.45
CA ALA P 348 29.97 -7.29 3.50
C ALA P 348 31.26 -8.07 3.64
N PRO P 349 31.85 -8.50 2.52
CA PRO P 349 33.12 -9.22 2.58
C PRO P 349 34.18 -8.39 3.26
N GLY P 350 34.10 -7.09 3.08
CA GLY P 350 35.11 -6.20 3.60
C GLY P 350 34.95 -5.98 5.10
N PHE P 351 33.84 -6.43 5.64
CA PHE P 351 33.59 -6.23 7.06
C PHE P 351 34.59 -7.02 7.89
N ALA P 352 34.78 -8.28 7.52
CA ALA P 352 35.75 -9.12 8.19
C ALA P 352 37.18 -8.62 7.97
N HIS P 353 37.45 -8.08 6.78
CA HIS P 353 38.79 -7.62 6.49
C HIS P 353 39.11 -6.44 7.39
N LEU P 354 38.21 -5.47 7.45
CA LEU P 354 38.41 -4.34 8.35
C LEU P 354 38.43 -4.74 9.79
N ALA P 355 37.73 -5.82 10.13
CA ALA P 355 37.84 -6.33 11.48
C ALA P 355 39.26 -6.82 11.71
N GLY P 356 39.89 -7.35 10.65
CA GLY P 356 41.22 -7.91 10.77
C GLY P 356 42.39 -6.96 10.58
N LEU P 357 42.10 -5.74 10.14
CA LEU P 357 43.19 -4.82 9.80
C LEU P 357 44.08 -4.45 10.98
N ASP P 358 43.48 -4.26 12.15
CA ASP P 358 44.26 -3.78 13.28
C ASP P 358 45.27 -4.82 13.72
N LYS P 359 44.97 -6.09 13.46
CA LYS P 359 45.93 -7.15 13.72
C LYS P 359 47.16 -6.96 12.85
N MET P 360 46.94 -6.46 11.63
CA MET P 360 48.02 -6.22 10.68
C MET P 360 48.62 -4.82 10.82
N SER P 361 48.04 -4.01 11.69
CA SER P 361 48.41 -2.61 11.81
C SER P 361 49.59 -2.42 12.74
N LYS P 362 49.40 -2.84 13.97
CA LYS P 362 50.34 -2.58 15.04
C LYS P 362 51.69 -3.19 14.71
N GLY P 363 52.75 -2.46 15.01
CA GLY P 363 54.08 -2.91 14.66
C GLY P 363 54.44 -2.63 13.22
N HIS P 364 53.64 -1.78 12.57
CA HIS P 364 54.00 -1.33 11.23
C HIS P 364 53.90 0.19 11.11
N MET P 365 54.81 0.75 10.33
CA MET P 365 54.89 2.19 10.12
C MET P 365 53.79 2.63 9.17
N LEU P 366 53.42 3.90 9.25
CA LEU P 366 52.15 4.40 8.70
C LEU P 366 51.94 4.10 7.22
N ALA P 367 53.04 4.11 6.46
CA ALA P 367 52.96 3.79 5.04
C ALA P 367 52.51 2.36 4.84
N ASP P 368 52.87 1.50 5.79
CA ASP P 368 52.42 0.12 5.75
C ASP P 368 50.91 0.08 5.86
N VAL P 369 50.37 0.94 6.73
CA VAL P 369 48.95 1.00 6.95
C VAL P 369 48.22 1.49 5.70
N VAL P 370 48.79 2.50 5.05
CA VAL P 370 48.18 3.01 3.83
C VAL P 370 48.24 1.92 2.76
N ALA P 371 49.28 1.12 2.80
CA ALA P 371 49.36 0.00 1.88
C ALA P 371 48.24 -0.99 2.15
N ILE P 372 47.92 -1.17 3.43
CA ILE P 372 47.01 -2.25 3.82
C ILE P 372 45.57 -2.06 3.34
N ILE P 373 45.06 -0.83 3.38
CA ILE P 373 43.68 -0.61 2.98
C ILE P 373 43.53 -0.96 1.51
N GLY P 374 44.55 -0.68 0.73
CA GLY P 374 44.50 -1.00 -0.67
C GLY P 374 44.78 -2.46 -0.89
N THR P 375 45.36 -3.12 0.11
CA THR P 375 45.60 -4.55 -0.01
C THR P 375 44.29 -5.32 -0.15
N GLN P 376 43.26 -4.83 0.53
CA GLN P 376 42.06 -5.63 0.75
C GLN P 376 40.83 -5.27 -0.10
N ASP P 377 41.02 -4.44 -1.12
CA ASP P 377 39.94 -4.12 -2.06
C ASP P 377 38.72 -3.49 -1.41
N ILE P 378 38.91 -2.80 -0.30
CA ILE P 378 37.77 -2.37 0.49
C ILE P 378 37.11 -1.10 0.01
N VAL P 379 35.95 -1.25 -0.63
CA VAL P 379 35.02 -0.14 -0.81
C VAL P 379 34.16 -0.06 0.43
N PHE P 380 34.19 1.08 1.10
CA PHE P 380 33.65 1.16 2.44
C PHE P 380 32.13 1.23 2.46
N GLY P 381 31.54 1.40 1.30
CA GLY P 381 30.10 1.51 1.24
C GLY P 381 29.40 0.28 1.79
N GLU P 382 29.86 -0.88 1.34
CA GLU P 382 29.25 -2.13 1.77
C GLU P 382 29.45 -2.38 3.25
N VAL P 383 30.56 -1.88 3.80
CA VAL P 383 31.00 -2.34 5.10
C VAL P 383 30.15 -1.83 6.26
N ASP P 384 29.95 -0.52 6.34
CA ASP P 384 28.92 -0.01 7.24
C ASP P 384 27.71 0.35 6.37
N ARG P 385 26.52 0.10 6.90
CA ARG P 385 25.35 0.01 6.05
C ARG P 385 24.06 0.08 6.85
N GLY Q 1 -4.22 32.31 -23.72
CA GLY Q 1 -5.28 33.15 -23.19
C GLY Q 1 -5.86 32.60 -21.90
N VAL Q 2 -4.97 32.21 -20.98
CA VAL Q 2 -5.38 31.71 -19.68
C VAL Q 2 -6.13 32.80 -18.93
N ARG Q 3 -7.20 32.43 -18.23
CA ARG Q 3 -7.97 33.40 -17.46
C ARG Q 3 -7.07 34.07 -16.43
N VAL Q 4 -7.19 35.38 -16.34
CA VAL Q 4 -6.28 36.16 -15.52
C VAL Q 4 -6.84 36.42 -14.14
N SER Q 5 -6.01 36.26 -13.13
CA SER Q 5 -6.38 36.51 -11.75
C SER Q 5 -6.49 38.00 -11.48
N PRO Q 6 -7.24 38.38 -10.44
CA PRO Q 6 -7.37 39.80 -10.08
C PRO Q 6 -6.01 40.43 -9.79
N THR Q 7 -5.10 39.64 -9.24
CA THR Q 7 -3.72 40.07 -9.05
C THR Q 7 -3.00 40.24 -10.38
N GLY Q 8 -3.56 39.63 -11.42
CA GLY Q 8 -3.03 39.72 -12.76
C GLY Q 8 -2.24 38.51 -13.25
N GLU Q 9 -1.77 37.69 -12.32
CA GLU Q 9 -1.06 36.48 -12.72
C GLU Q 9 -2.04 35.42 -13.23
N LYS Q 10 -1.62 34.61 -14.19
CA LYS Q 10 -2.49 33.61 -14.79
C LYS Q 10 -2.79 32.47 -13.84
N VAL Q 11 -4.02 31.98 -13.85
CA VAL Q 11 -4.40 30.82 -13.04
C VAL Q 11 -3.88 29.52 -13.64
N THR Q 12 -3.71 28.51 -12.79
CA THR Q 12 -3.28 27.19 -13.25
C THR Q 12 -4.41 26.50 -14.01
N HIS Q 13 -4.05 25.55 -14.87
CA HIS Q 13 -5.05 24.83 -15.64
C HIS Q 13 -6.02 24.11 -14.73
N THR Q 14 -5.53 23.74 -13.55
CA THR Q 14 -6.41 23.44 -12.44
C THR Q 14 -6.55 24.71 -11.61
N GLY Q 15 -7.63 25.45 -11.84
CA GLY Q 15 -7.78 26.76 -11.25
C GLY Q 15 -7.71 26.77 -9.74
N GLN Q 16 -6.92 27.70 -9.19
CA GLN Q 16 -6.60 27.69 -7.77
C GLN Q 16 -5.84 28.92 -7.30
N VAL Q 17 -5.93 30.02 -8.05
CA VAL Q 17 -5.04 31.16 -7.81
C VAL Q 17 -5.22 31.73 -6.40
N TYR Q 18 -4.14 32.26 -5.85
CA TYR Q 18 -4.12 32.74 -4.47
C TYR Q 18 -4.96 33.99 -4.25
N ASP Q 19 -5.47 34.12 -3.05
CA ASP Q 19 -6.31 35.25 -2.65
C ASP Q 19 -5.51 36.53 -2.58
N ASP Q 20 -6.18 37.66 -2.74
CA ASP Q 20 -5.52 38.95 -2.62
C ASP Q 20 -4.94 39.12 -1.23
N LYS Q 21 -5.62 38.55 -0.24
CA LYS Q 21 -5.14 38.53 1.13
C LYS Q 21 -3.86 37.73 1.26
N ASP Q 22 -3.70 36.73 0.40
CA ASP Q 22 -2.66 35.73 0.56
C ASP Q 22 -1.27 36.35 0.50
N TYR Q 23 -0.53 36.18 1.59
CA TYR Q 23 0.85 36.61 1.66
C TYR Q 23 1.73 35.74 0.78
N ARG Q 24 1.30 34.50 0.55
CA ARG Q 24 2.13 33.50 -0.11
C ARG Q 24 2.47 33.92 -1.52
N ARG Q 25 1.64 34.81 -2.05
CA ARG Q 25 1.76 35.34 -3.40
C ARG Q 25 3.13 36.01 -3.57
N ILE Q 26 3.70 36.41 -2.43
CA ILE Q 26 4.98 37.08 -2.40
C ILE Q 26 6.06 36.22 -3.06
N ARG Q 27 5.89 34.91 -3.06
CA ARG Q 27 6.93 34.06 -3.62
C ARG Q 27 7.13 34.37 -5.08
N PHE Q 28 6.08 34.75 -5.78
CA PHE Q 28 6.20 34.88 -7.22
C PHE Q 28 6.90 36.18 -7.57
N VAL Q 29 6.97 37.08 -6.60
CA VAL Q 29 7.55 38.39 -6.83
C VAL Q 29 9.03 38.28 -7.15
N GLY Q 30 9.46 39.01 -8.17
CA GLY Q 30 10.86 38.98 -8.57
C GLY Q 30 11.13 37.77 -9.43
N ARG Q 31 10.08 37.00 -9.69
CA ARG Q 31 10.21 35.74 -10.41
C ARG Q 31 9.00 35.58 -11.31
N GLN Q 32 8.87 34.40 -11.91
CA GLN Q 32 7.72 34.16 -12.76
C GLN Q 32 7.01 32.87 -12.39
N LYS Q 33 5.73 33.00 -12.02
CA LYS Q 33 4.87 31.84 -11.88
C LYS Q 33 4.75 31.20 -13.23
N GLU Q 34 4.73 29.88 -13.27
CA GLU Q 34 4.65 29.21 -14.56
C GLU Q 34 3.40 28.35 -14.66
N VAL Q 35 2.66 28.55 -15.76
CA VAL Q 35 1.48 27.76 -16.07
C VAL Q 35 1.45 27.45 -17.55
N ASN Q 36 1.04 26.22 -17.88
CA ASN Q 36 1.09 25.73 -19.25
C ASN Q 36 0.14 26.46 -20.18
N GLU Q 37 0.63 26.82 -21.36
CA GLU Q 37 -0.19 27.53 -22.34
C GLU Q 37 -1.23 26.62 -22.96
N ASN Q 38 -0.89 25.34 -23.09
CA ASN Q 38 -1.72 24.40 -23.82
C ASN Q 38 -2.61 23.56 -22.94
N PHE Q 39 -3.75 24.11 -22.51
CA PHE Q 39 -4.66 23.29 -21.71
C PHE Q 39 -5.14 22.13 -22.56
N ALA Q 40 -5.14 20.94 -21.97
CA ALA Q 40 -5.60 19.75 -22.66
C ALA Q 40 -7.12 19.80 -22.89
N ILE Q 41 -7.81 20.55 -22.04
CA ILE Q 41 -9.26 20.57 -22.04
C ILE Q 41 -9.83 21.02 -23.37
N ASP Q 42 -9.30 22.12 -23.89
CA ASP Q 42 -9.77 22.66 -25.15
C ASP Q 42 -9.49 21.69 -26.28
N LEU Q 43 -8.36 21.01 -26.14
CA LEU Q 43 -7.86 20.10 -27.17
C LEU Q 43 -8.66 18.82 -27.18
N ILE Q 44 -9.39 18.56 -26.09
CA ILE Q 44 -10.26 17.39 -26.05
C ILE Q 44 -11.37 17.51 -27.07
N ALA Q 45 -12.10 18.61 -26.99
CA ALA Q 45 -13.27 18.82 -27.83
C ALA Q 45 -12.91 19.47 -29.15
N GLU Q 46 -11.66 19.90 -29.28
CA GLU Q 46 -11.21 20.52 -30.52
C GLU Q 46 -11.31 19.55 -31.69
N GLN Q 47 -11.09 18.26 -31.40
CA GLN Q 47 -11.04 17.24 -32.44
C GLN Q 47 -12.43 16.94 -32.98
N PRO Q 48 -12.50 16.62 -34.29
CA PRO Q 48 -13.74 16.10 -34.88
C PRO Q 48 -14.14 14.77 -34.24
N VAL Q 49 -15.44 14.53 -34.09
CA VAL Q 49 -15.91 13.27 -33.55
C VAL Q 49 -15.93 12.19 -34.62
N SER Q 50 -15.16 11.14 -34.41
CA SER Q 50 -15.13 10.02 -35.36
C SER Q 50 -16.44 9.25 -35.32
N GLU Q 51 -16.89 8.81 -36.48
CA GLU Q 51 -18.14 8.06 -36.55
C GLU Q 51 -18.04 6.87 -37.47
N VAL Q 52 -18.62 5.75 -37.03
CA VAL Q 52 -18.60 4.53 -37.82
C VAL Q 52 -19.99 3.90 -37.77
N GLU Q 53 -20.44 3.40 -38.92
CA GLU Q 53 -21.82 2.93 -39.04
C GLU Q 53 -22.05 1.62 -38.30
N THR Q 54 -20.96 0.98 -37.88
CA THR Q 54 -21.03 -0.32 -37.23
C THR Q 54 -21.70 -0.28 -35.86
N ARG Q 55 -20.94 -0.56 -34.81
CA ARG Q 55 -21.49 -0.71 -33.48
C ARG Q 55 -20.40 -0.57 -32.42
N VAL Q 56 -19.99 -1.70 -31.83
CA VAL Q 56 -18.89 -1.70 -30.87
C VAL Q 56 -17.58 -1.44 -31.59
N ILE Q 57 -16.70 -0.66 -30.97
CA ILE Q 57 -15.44 -0.29 -31.59
C ILE Q 57 -14.27 -0.53 -30.65
N ALA Q 58 -13.05 -0.39 -31.14
CA ALA Q 58 -11.87 -0.67 -30.32
C ALA Q 58 -10.77 0.38 -30.48
N CYS Q 59 -10.77 1.37 -29.60
CA CYS Q 59 -9.72 2.38 -29.62
C CYS Q 59 -8.44 1.85 -28.97
N ASP Q 60 -7.31 2.36 -29.44
CA ASP Q 60 -6.01 1.94 -28.94
C ASP Q 60 -5.14 3.15 -28.63
N GLY Q 61 -5.66 4.33 -28.90
CA GLY Q 61 -4.95 5.56 -28.63
C GLY Q 61 -3.91 5.89 -29.67
N GLY Q 62 -3.94 5.16 -30.79
CA GLY Q 62 -2.96 5.38 -31.84
C GLY Q 62 -1.60 4.86 -31.44
N GLY Q 63 -1.09 3.89 -32.18
CA GLY Q 63 0.19 3.30 -31.87
C GLY Q 63 0.01 2.03 -31.07
N GLY Q 64 0.28 0.90 -31.70
CA GLY Q 64 0.21 -0.38 -31.01
C GLY Q 64 1.27 -0.44 -29.94
N ALA Q 65 0.82 -0.61 -28.69
CA ALA Q 65 1.70 -0.57 -27.52
C ALA Q 65 2.46 0.75 -27.45
N LEU Q 66 1.91 1.79 -28.04
CA LEU Q 66 2.45 3.14 -27.89
C LEU Q 66 1.42 4.02 -27.19
N GLY Q 67 0.37 3.39 -26.67
CA GLY Q 67 -0.70 4.13 -26.05
C GLY Q 67 -1.46 3.32 -25.03
N HIS Q 68 -2.72 3.70 -24.81
CA HIS Q 68 -3.53 3.10 -23.77
C HIS Q 68 -3.91 1.67 -24.16
N PRO Q 69 -4.26 0.85 -23.16
CA PRO Q 69 -4.63 -0.54 -23.44
C PRO Q 69 -5.85 -0.57 -24.33
N LYS Q 70 -5.93 -1.59 -25.17
CA LYS Q 70 -7.02 -1.69 -26.15
C LYS Q 70 -8.35 -1.62 -25.43
N VAL Q 71 -9.30 -0.85 -25.96
CA VAL Q 71 -10.53 -0.67 -25.24
C VAL Q 71 -11.74 -0.68 -26.16
N TYR Q 72 -12.78 -1.37 -25.74
CA TYR Q 72 -13.97 -1.56 -26.55
C TYR Q 72 -15.07 -0.58 -26.21
N ILE Q 73 -15.21 0.47 -27.01
CA ILE Q 73 -16.23 1.47 -26.79
C ILE Q 73 -17.56 1.04 -27.38
N ASN Q 74 -18.59 1.06 -26.54
CA ASN Q 74 -19.96 0.80 -26.96
C ASN Q 74 -20.59 2.04 -27.59
N LEU Q 75 -21.55 1.84 -28.48
CA LEU Q 75 -22.30 2.95 -29.04
C LEU Q 75 -23.79 2.67 -29.01
N ASP Q 76 -24.26 2.13 -27.89
CA ASP Q 76 -25.66 1.73 -27.77
C ASP Q 76 -26.62 2.92 -27.88
N LYS Q 77 -26.15 4.09 -27.46
CA LYS Q 77 -27.00 5.27 -27.44
C LYS Q 77 -26.51 6.31 -28.44
N GLU Q 78 -27.30 6.56 -29.47
CA GLU Q 78 -26.95 7.55 -30.47
C GLU Q 78 -27.21 8.96 -29.96
N THR Q 79 -27.88 9.05 -28.82
CA THR Q 79 -28.18 10.34 -28.22
C THR Q 79 -26.93 10.99 -27.65
N LYS Q 80 -25.87 10.21 -27.51
CA LYS Q 80 -24.61 10.71 -26.97
C LYS Q 80 -23.41 10.16 -27.73
N THR Q 81 -22.31 10.91 -27.67
CA THR Q 81 -21.04 10.47 -28.22
C THR Q 81 -20.35 9.44 -27.32
N GLY Q 82 -19.51 8.60 -27.91
CA GLY Q 82 -18.76 7.62 -27.15
C GLY Q 82 -17.34 8.07 -26.83
N THR Q 83 -17.21 8.90 -25.80
CA THR Q 83 -15.90 9.35 -25.33
C THR Q 83 -15.07 8.20 -24.77
N CYS Q 84 -13.80 8.13 -25.15
CA CYS Q 84 -12.91 7.09 -24.65
C CYS Q 84 -12.66 7.26 -23.17
N GLY Q 85 -12.43 6.17 -22.46
CA GLY Q 85 -12.10 6.25 -21.05
C GLY Q 85 -10.65 6.67 -20.90
N TYR Q 86 -9.92 6.57 -22.01
CA TYR Q 86 -8.51 6.93 -22.03
C TYR Q 86 -8.25 8.13 -22.92
N CYS Q 87 -8.48 7.97 -24.23
CA CYS Q 87 -8.16 9.03 -25.16
C CYS Q 87 -8.94 10.29 -24.85
N GLY Q 88 -10.15 10.11 -24.35
CA GLY Q 88 -11.00 11.22 -24.01
C GLY Q 88 -11.69 11.74 -25.25
N LEU Q 89 -11.44 11.11 -26.39
CA LEU Q 89 -12.00 11.58 -27.65
C LEU Q 89 -13.28 10.81 -27.96
N GLN Q 90 -14.24 11.52 -28.53
CA GLN Q 90 -15.58 10.98 -28.76
C GLN Q 90 -15.70 10.04 -29.94
N PHE Q 91 -16.72 9.20 -29.88
CA PHE Q 91 -17.13 8.36 -30.99
C PHE Q 91 -18.65 8.35 -31.13
N ARG Q 92 -19.14 7.96 -32.30
CA ARG Q 92 -20.57 7.81 -32.51
C ARG Q 92 -20.82 6.85 -33.67
N GLN Q 93 -21.99 6.24 -33.71
CA GLN Q 93 -22.37 5.48 -34.89
C GLN Q 93 -23.32 6.25 -35.81
N HIS Q 94 -22.77 6.86 -36.85
CA HIS Q 94 -23.60 7.50 -37.87
C HIS Q 94 -24.25 6.41 -38.69
N HIS Q 95 -25.40 6.70 -39.28
CA HIS Q 95 -26.11 5.71 -40.07
C HIS Q 95 -26.78 6.33 -41.29
N LYS R 1 10.10 -11.85 -38.84
CA LYS R 1 11.53 -12.12 -38.85
C LYS R 1 12.09 -12.24 -37.45
N GLN R 2 12.12 -13.47 -36.92
CA GLN R 2 12.73 -13.72 -35.64
C GLN R 2 14.22 -13.45 -35.64
N ASP R 3 14.71 -12.74 -34.63
CA ASP R 3 16.14 -12.56 -34.40
C ASP R 3 16.41 -11.97 -33.03
N MET R 4 17.68 -11.89 -32.69
CA MET R 4 18.19 -11.20 -31.51
C MET R 4 19.70 -11.26 -31.69
N PRO R 5 20.50 -10.98 -30.65
CA PRO R 5 21.89 -11.22 -31.05
C PRO R 5 22.61 -12.37 -30.34
N PRO R 6 22.50 -13.60 -30.88
CA PRO R 6 23.44 -14.70 -30.62
C PRO R 6 24.78 -14.42 -31.31
N PRO R 7 25.86 -15.11 -30.93
CA PRO R 7 27.17 -14.72 -31.47
C PRO R 7 27.26 -14.84 -32.98
N GLY R 8 27.95 -13.90 -33.62
CA GLY R 8 28.08 -13.88 -35.06
C GLY R 8 29.30 -14.63 -35.57
N GLY R 9 30.18 -15.03 -34.66
CA GLY R 9 31.40 -15.73 -35.02
C GLY R 9 32.47 -15.64 -33.95
N TYR R 10 32.99 -14.42 -33.75
CA TYR R 10 33.99 -14.14 -32.72
C TYR R 10 35.32 -14.85 -32.91
N GLY R 11 36.33 -14.06 -33.28
CA GLY R 11 37.67 -14.55 -33.47
C GLY R 11 38.46 -14.66 -32.18
N PRO R 12 39.69 -15.14 -32.26
CA PRO R 12 40.56 -15.41 -31.11
C PRO R 12 40.92 -14.18 -30.29
N ILE R 13 41.05 -14.34 -28.98
CA ILE R 13 41.63 -13.30 -28.12
C ILE R 13 42.63 -13.92 -27.16
N ASP R 14 43.64 -13.15 -26.79
CA ASP R 14 44.69 -13.67 -25.92
C ASP R 14 44.71 -13.03 -24.55
N TYR R 15 44.20 -13.76 -23.57
CA TYR R 15 44.29 -13.37 -22.17
C TYR R 15 45.74 -13.45 -21.69
N LYS R 16 46.55 -14.26 -22.37
CA LYS R 16 47.97 -14.40 -22.04
C LYS R 16 48.75 -13.13 -22.31
N ARG R 17 49.62 -12.78 -21.37
CA ARG R 17 50.49 -11.62 -21.51
C ARG R 17 51.74 -11.90 -22.32
N ASN R 18 52.29 -10.86 -22.92
CA ASN R 18 53.62 -10.93 -23.48
C ASN R 18 54.45 -9.75 -22.99
N LEU R 19 55.66 -10.05 -22.55
CA LEU R 19 56.58 -9.03 -22.04
C LEU R 19 57.94 -9.23 -22.67
N PRO R 20 58.12 -8.71 -23.89
CA PRO R 20 59.35 -8.97 -24.65
C PRO R 20 60.59 -8.46 -23.94
N ARG R 21 61.68 -9.21 -24.00
CA ARG R 21 62.97 -8.69 -23.58
C ARG R 21 63.45 -7.73 -24.63
N ARG R 22 62.92 -7.90 -25.85
CA ARG R 22 63.29 -7.09 -27.01
C ARG R 22 64.77 -7.33 -27.29
#